data_5SXU
#
_entry.id   5SXU
#
_cell.length_a   105.903
_cell.length_b   266.791
_cell.length_c   111.109
_cell.angle_alpha   90.00
_cell.angle_beta   107.13
_cell.angle_gamma   90.00
#
_symmetry.space_group_name_H-M   'P 1 21 1'
#
loop_
_entity.id
_entity.type
_entity.pdbx_description
1 polymer 'Gamma-aminobutyric-acid receptor subunit beta-1'
2 non-polymer 2-BROMOETHANOL
3 non-polymer 3-AMINOPROPANE
4 non-polymer '2-(N-MORPHOLINO)-ETHANESULFONIC ACID'
5 non-polymer 'CHLORIDE ION'
6 water water
#
_entity_poly.entity_id   1
_entity_poly.type   'polypeptide(L)'
_entity_poly.pdbx_seq_one_letter_code
;APADNAADARPVDVSVSIFINKIYGVNTLEQTYKVDGYIVAQWTGKPRKTPGDKPLIVENTQIERWINNGLWVPALEFIN
VVGSPDTGNKRLMLFPDGRVIYNARFLGSFSNDMDFRLFPFDRQQFVLELEPFSYNNQQLRFSDIQVYTENIDNEEIDEW
WIRGKASTHISDIRYDHLSSVQPNQNEFSRITVRIDAVRNPSYYLWSFILPLGLIIAASWSVFWLESFSERLQTSFTLML
TVVAYAFYTSNILPRLPYTTVIDQMIIAGYGSIFAAILLIIFAHHRQANGVEDDLLIQRCRLAFPLGFLAIGCVLVIRGI
TL
;
_entity_poly.pdbx_strand_id   A,B,C,D,E,F,G,H,I,J
#
loop_
_chem_comp.id
_chem_comp.type
_chem_comp.name
_chem_comp.formula
3CN non-polymer 3-AMINOPROPANE 'C3 H9 N'
BRJ non-polymer 2-BROMOETHANOL 'C2 H5 Br O'
CL non-polymer 'CHLORIDE ION' 'Cl -1'
MES non-polymer '2-(N-MORPHOLINO)-ETHANESULFONIC ACID' 'C6 H13 N O4 S'
#
# COMPACT_ATOMS: atom_id res chain seq x y z
N ARG A 10 57.36 23.83 3.83
CA ARG A 10 57.38 22.47 3.30
C ARG A 10 56.25 21.54 3.76
N PRO A 11 55.69 21.75 4.96
CA PRO A 11 54.69 20.74 5.32
C PRO A 11 53.43 20.78 4.46
N VAL A 12 52.80 19.63 4.25
CA VAL A 12 51.57 19.57 3.47
C VAL A 12 50.39 20.02 4.32
N ASP A 13 49.55 20.89 3.77
CA ASP A 13 48.31 21.27 4.46
C ASP A 13 47.20 20.32 4.02
N VAL A 14 46.59 19.65 4.98
CA VAL A 14 45.48 18.73 4.71
C VAL A 14 44.23 19.27 5.37
N SER A 15 43.17 19.47 4.59
CA SER A 15 41.89 19.91 5.12
C SER A 15 40.93 18.75 5.27
N VAL A 16 40.39 18.58 6.49
CA VAL A 16 39.55 17.43 6.81
C VAL A 16 38.10 17.84 7.07
N SER A 17 37.16 17.07 6.53
CA SER A 17 35.75 17.17 6.91
C SER A 17 35.21 15.80 7.27
N ILE A 18 34.58 15.71 8.43
CA ILE A 18 34.00 14.45 8.91
C ILE A 18 32.50 14.57 9.09
N PHE A 19 31.76 13.85 8.25
CA PHE A 19 30.31 13.76 8.37
C PHE A 19 29.94 12.59 9.26
N ILE A 20 29.09 12.84 10.26
CA ILE A 20 28.69 11.80 11.22
C ILE A 20 27.22 11.46 11.01
N ASN A 21 26.94 10.21 10.65
CA ASN A 21 25.58 9.76 10.39
C ASN A 21 24.87 9.17 11.61
N LYS A 22 25.60 8.38 12.38
CA LYS A 22 24.98 7.56 13.40
C LYS A 22 26.00 7.25 14.47
N ILE A 23 25.65 7.53 15.72
CA ILE A 23 26.42 7.06 16.86
C ILE A 23 25.52 6.08 17.58
N TYR A 24 25.95 4.82 17.65
CA TYR A 24 25.09 3.78 18.21
C TYR A 24 25.93 2.67 18.81
N GLY A 25 25.25 1.68 19.38
CA GLY A 25 25.92 0.45 19.81
C GLY A 25 26.94 0.71 20.90
N VAL A 26 26.60 1.63 21.82
CA VAL A 26 27.48 1.89 22.95
C VAL A 26 27.64 0.61 23.75
N ASN A 27 28.89 0.20 23.98
CA ASN A 27 29.20 -0.95 24.82
C ASN A 27 29.84 -0.49 26.12
N THR A 28 29.10 -0.66 27.21
CA THR A 28 29.51 -0.14 28.50
C THR A 28 30.79 -0.73 29.04
N LEU A 29 30.92 -2.05 28.97
CA LEU A 29 32.03 -2.71 29.63
C LEU A 29 33.34 -2.46 28.91
N GLU A 30 33.29 -2.48 27.58
CA GLU A 30 34.46 -2.22 26.76
C GLU A 30 34.75 -0.73 26.65
N GLN A 31 33.76 0.08 27.03
CA GLN A 31 33.82 1.53 26.92
C GLN A 31 34.07 1.92 25.47
N THR A 32 33.11 1.60 24.61
CA THR A 32 33.23 1.85 23.18
C THR A 32 31.87 2.20 22.58
N TYR A 33 31.88 2.66 21.34
CA TYR A 33 30.67 3.01 20.63
C TYR A 33 30.92 2.95 19.12
N LYS A 34 29.85 2.81 18.36
CA LYS A 34 29.95 2.61 16.92
C LYS A 34 29.61 3.92 16.23
N VAL A 35 30.35 4.26 15.18
CA VAL A 35 30.17 5.51 14.47
C VAL A 35 30.17 5.27 12.97
N ASP A 36 29.12 5.74 12.31
CA ASP A 36 29.01 5.62 10.87
C ASP A 36 29.08 7.01 10.26
N GLY A 37 29.88 7.16 9.20
CA GLY A 37 30.05 8.48 8.61
C GLY A 37 30.92 8.51 7.37
N TYR A 38 31.12 9.72 6.85
CA TYR A 38 32.05 9.94 5.76
C TYR A 38 33.24 10.75 6.25
N ILE A 39 34.35 10.63 5.54
CA ILE A 39 35.54 11.42 5.83
C ILE A 39 36.05 12.00 4.53
N VAL A 40 36.43 13.26 4.58
CA VAL A 40 36.92 13.96 3.40
C VAL A 40 38.24 14.64 3.74
N ALA A 41 39.22 14.47 2.87
CA ALA A 41 40.52 15.09 3.05
C ALA A 41 40.93 15.77 1.76
N GLN A 42 41.39 17.01 1.88
CA GLN A 42 41.82 17.78 0.74
C GLN A 42 43.23 18.29 0.99
N TRP A 43 44.07 18.20 -0.04
CA TRP A 43 45.41 18.75 0.01
C TRP A 43 45.77 18.98 -1.44
N THR A 44 46.74 19.85 -1.68
CA THR A 44 47.07 20.25 -3.04
C THR A 44 48.53 19.94 -3.38
N GLY A 45 48.77 19.49 -4.60
CA GLY A 45 50.11 19.09 -5.02
C GLY A 45 50.47 19.56 -6.42
N LYS A 46 51.53 18.97 -6.98
CA LYS A 46 51.92 19.26 -8.37
C LYS A 46 50.73 19.12 -9.35
N PRO A 47 50.47 20.18 -10.14
CA PRO A 47 49.38 20.14 -11.12
C PRO A 47 49.48 18.98 -12.09
N ARG A 48 48.39 18.75 -12.83
CA ARG A 48 48.17 17.45 -13.46
C ARG A 48 47.34 17.51 -14.74
N LYS A 49 47.63 16.57 -15.63
CA LYS A 49 46.88 16.38 -16.86
C LYS A 49 45.70 15.45 -16.66
N THR A 50 44.51 15.98 -16.87
CA THR A 50 43.28 15.22 -16.72
C THR A 50 42.63 15.12 -18.10
N PRO A 51 41.75 14.12 -18.32
CA PRO A 51 40.93 14.16 -19.53
C PRO A 51 40.01 15.39 -19.51
N GLY A 52 40.01 16.18 -20.58
CA GLY A 52 39.44 17.51 -20.50
C GLY A 52 40.23 18.31 -19.47
N ASP A 53 39.80 19.53 -19.15
CA ASP A 53 40.37 20.22 -17.98
C ASP A 53 39.37 20.07 -16.84
N LYS A 54 38.55 19.02 -16.96
CA LYS A 54 37.58 18.63 -15.96
C LYS A 54 38.24 17.66 -14.98
N PRO A 55 37.82 17.69 -13.70
CA PRO A 55 38.52 16.88 -12.71
C PRO A 55 38.35 15.39 -12.99
N LEU A 56 39.21 14.56 -12.42
CA LEU A 56 39.13 13.14 -12.66
C LEU A 56 38.65 12.49 -11.39
N ILE A 57 37.64 11.64 -11.52
CA ILE A 57 37.08 10.95 -10.38
C ILE A 57 37.57 9.52 -10.48
N VAL A 58 38.03 9.00 -9.35
CA VAL A 58 38.63 7.69 -9.31
C VAL A 58 38.00 6.94 -8.15
N GLU A 59 37.32 5.84 -8.46
CA GLU A 59 36.52 5.15 -7.46
C GLU A 59 37.15 3.83 -7.05
N ASN A 60 37.17 3.61 -5.74
CA ASN A 60 37.52 2.33 -5.12
C ASN A 60 38.77 1.62 -5.68
N THR A 61 38.58 0.53 -6.42
CA THR A 61 39.70 -0.35 -6.77
C THR A 61 40.80 0.35 -7.54
N GLN A 62 40.45 1.42 -8.24
CA GLN A 62 41.39 2.09 -9.12
C GLN A 62 42.37 2.98 -8.36
N ILE A 63 41.99 3.40 -7.15
CA ILE A 63 42.87 4.23 -6.34
C ILE A 63 44.18 3.49 -6.13
N GLU A 64 44.10 2.18 -5.97
CA GLU A 64 45.27 1.33 -5.78
C GLU A 64 46.22 1.47 -6.94
N ARG A 65 45.66 1.49 -8.14
CA ARG A 65 46.44 1.64 -9.35
C ARG A 65 47.15 2.99 -9.41
N TRP A 66 46.45 4.06 -9.03
CA TRP A 66 47.06 5.39 -9.01
C TRP A 66 48.17 5.49 -7.97
N ILE A 67 48.00 4.77 -6.86
CA ILE A 67 48.97 4.78 -5.78
C ILE A 67 50.22 4.02 -6.18
N ASN A 68 50.06 3.01 -7.04
CA ASN A 68 51.18 2.22 -7.51
C ASN A 68 52.09 3.03 -8.42
N ASN A 69 51.49 3.97 -9.14
CA ASN A 69 52.24 4.87 -9.99
C ASN A 69 52.69 6.11 -9.22
N GLY A 70 52.60 6.02 -7.90
CA GLY A 70 53.19 7.01 -7.02
C GLY A 70 52.32 8.22 -6.78
N LEU A 71 51.00 8.04 -6.79
CA LEU A 71 50.13 9.10 -6.32
C LEU A 71 50.21 9.05 -4.81
N TRP A 72 50.48 10.20 -4.21
CA TRP A 72 50.65 10.31 -2.76
C TRP A 72 49.29 10.38 -2.09
N VAL A 73 48.97 9.34 -1.33
CA VAL A 73 47.75 9.32 -0.54
C VAL A 73 48.09 8.95 0.90
N PRO A 74 48.13 9.95 1.79
CA PRO A 74 48.60 9.69 3.15
C PRO A 74 47.65 8.78 3.92
N ALA A 75 48.10 8.32 5.08
CA ALA A 75 47.38 7.34 5.86
C ALA A 75 46.08 7.89 6.46
N LEU A 76 46.24 8.63 7.54
CA LEU A 76 45.14 9.09 8.39
C LEU A 76 44.54 7.90 9.11
N GLU A 77 44.84 7.82 10.40
CA GLU A 77 44.43 6.72 11.25
C GLU A 77 43.53 7.26 12.33
N PHE A 78 42.46 6.53 12.64
CA PHE A 78 41.67 6.86 13.81
C PHE A 78 42.39 6.33 15.05
N ILE A 79 43.02 7.23 15.80
CA ILE A 79 43.83 6.86 16.97
C ILE A 79 43.06 5.99 17.95
N ASN A 80 41.78 6.32 18.16
CA ASN A 80 41.00 5.72 19.22
C ASN A 80 39.96 4.72 18.70
N VAL A 81 40.19 4.22 17.49
CA VAL A 81 39.37 3.16 16.94
C VAL A 81 39.76 1.85 17.62
N VAL A 82 38.89 0.85 17.53
CA VAL A 82 39.18 -0.47 18.05
C VAL A 82 39.07 -1.47 16.91
N GLY A 83 40.21 -1.73 16.28
CA GLY A 83 40.29 -2.59 15.11
C GLY A 83 40.04 -1.81 13.84
N SER A 84 40.61 -2.27 12.74
CA SER A 84 40.49 -1.57 11.46
C SER A 84 39.01 -1.43 11.10
N PRO A 85 38.57 -0.19 10.85
CA PRO A 85 37.15 0.08 10.59
C PRO A 85 36.67 -0.49 9.27
N ASP A 86 35.36 -0.68 9.13
CA ASP A 86 34.78 -1.14 7.88
C ASP A 86 34.69 0.07 6.95
N THR A 87 35.49 0.05 5.90
CA THR A 87 35.49 1.15 4.93
C THR A 87 34.65 0.78 3.72
N GLY A 88 33.67 1.62 3.43
CA GLY A 88 32.81 1.43 2.28
C GLY A 88 33.51 1.91 1.04
N ASN A 89 32.86 2.80 0.30
CA ASN A 89 33.44 3.28 -0.93
C ASN A 89 34.49 4.34 -0.67
N LYS A 90 35.51 4.33 -1.52
CA LYS A 90 36.60 5.30 -1.51
C LYS A 90 36.52 6.07 -2.80
N ARG A 91 36.95 7.33 -2.77
CA ARG A 91 36.94 8.14 -3.96
C ARG A 91 38.11 9.11 -3.97
N LEU A 92 38.76 9.21 -5.12
CA LEU A 92 39.71 10.28 -5.39
C LEU A 92 39.14 11.20 -6.44
N MET A 93 39.11 12.49 -6.14
CA MET A 93 38.86 13.51 -7.14
C MET A 93 40.17 14.23 -7.43
N LEU A 94 40.69 14.00 -8.63
CA LEU A 94 41.95 14.61 -9.05
C LEU A 94 41.67 15.81 -9.90
N PHE A 95 41.99 16.98 -9.37
CA PHE A 95 41.81 18.22 -10.10
C PHE A 95 43.07 18.49 -10.91
N PRO A 96 42.91 19.20 -12.03
CA PRO A 96 44.03 19.46 -12.95
C PRO A 96 44.97 20.52 -12.40
N ASP A 97 44.41 21.44 -11.62
CA ASP A 97 45.16 22.55 -11.05
C ASP A 97 45.93 22.17 -9.79
N GLY A 98 46.28 20.89 -9.67
CA GLY A 98 47.09 20.42 -8.55
C GLY A 98 46.32 19.69 -7.46
N ARG A 99 45.13 20.15 -7.12
CA ARG A 99 44.54 19.70 -5.87
C ARG A 99 43.88 18.32 -5.98
N VAL A 100 43.53 17.79 -4.82
CA VAL A 100 43.26 16.37 -4.64
C VAL A 100 42.31 16.17 -3.47
N ILE A 101 41.26 15.39 -3.68
CA ILE A 101 40.30 15.10 -2.62
C ILE A 101 40.04 13.62 -2.45
N TYR A 102 40.21 13.16 -1.21
CA TYR A 102 39.90 11.78 -0.84
C TYR A 102 38.62 11.75 -0.02
N ASN A 103 37.66 11.01 -0.52
CA ASN A 103 36.35 10.89 0.09
C ASN A 103 36.01 9.44 0.28
N ALA A 104 35.76 9.05 1.53
CA ALA A 104 35.45 7.65 1.81
C ALA A 104 34.45 7.51 2.94
N ARG A 105 33.65 6.45 2.87
CA ARG A 105 32.71 6.14 3.93
C ARG A 105 33.35 5.15 4.91
N PHE A 106 32.98 5.27 6.18
CA PHE A 106 33.59 4.44 7.21
C PHE A 106 32.61 4.09 8.33
N LEU A 107 32.76 2.88 8.86
CA LEU A 107 32.05 2.44 10.06
C LEU A 107 33.09 1.88 11.01
N GLY A 108 33.10 2.39 12.24
CA GLY A 108 34.13 2.00 13.18
C GLY A 108 33.65 1.89 14.61
N SER A 109 34.41 1.14 15.41
CA SER A 109 34.15 1.01 16.83
C SER A 109 35.22 1.84 17.51
N PHE A 110 34.78 2.86 18.24
CA PHE A 110 35.70 3.84 18.80
C PHE A 110 35.71 3.74 20.31
N SER A 111 36.86 4.07 20.90
CA SER A 111 37.04 3.93 22.33
C SER A 111 37.23 5.29 22.96
N ASN A 112 36.58 5.46 24.10
CA ASN A 112 36.80 6.63 24.93
C ASN A 112 36.51 6.25 26.37
N ASP A 113 36.95 7.08 27.30
CA ASP A 113 36.65 6.86 28.70
C ASP A 113 35.18 7.09 28.95
N MET A 114 34.55 6.22 29.73
CA MET A 114 33.12 6.34 29.99
C MET A 114 32.78 5.98 31.44
N ASP A 115 32.23 6.98 32.12
CA ASP A 115 31.84 6.88 33.52
C ASP A 115 30.32 6.72 33.61
N PHE A 116 29.88 5.53 34.01
CA PHE A 116 28.46 5.18 34.00
C PHE A 116 27.89 5.16 35.42
N ARG A 117 28.53 5.88 36.33
CA ARG A 117 28.17 5.82 37.73
C ARG A 117 26.88 6.57 38.05
N LEU A 118 26.67 7.69 37.35
CA LEU A 118 25.47 8.50 37.52
C LEU A 118 24.29 7.98 36.69
N PHE A 119 24.45 6.76 36.18
CA PHE A 119 23.42 6.08 35.43
C PHE A 119 22.10 6.00 36.21
N PRO A 120 20.95 6.18 35.51
CA PRO A 120 20.76 6.42 34.08
C PRO A 120 20.76 7.89 33.73
N PHE A 121 21.42 8.68 34.56
CA PHE A 121 21.46 10.13 34.42
C PHE A 121 22.87 10.58 34.08
N ASP A 122 23.56 9.73 33.32
CA ASP A 122 24.95 9.97 33.00
C ASP A 122 25.07 10.77 31.72
N ARG A 123 26.17 11.49 31.62
CA ARG A 123 26.50 12.27 30.43
C ARG A 123 27.76 11.63 29.88
N GLN A 124 27.86 11.55 28.56
CA GLN A 124 29.05 10.98 27.94
C GLN A 124 29.48 11.89 26.81
N GLN A 125 30.72 11.71 26.35
CA GLN A 125 31.13 12.37 25.12
C GLN A 125 31.81 11.41 24.16
N PHE A 126 31.21 11.32 22.99
CA PHE A 126 31.71 10.51 21.90
C PHE A 126 32.83 11.24 21.19
N VAL A 127 33.90 10.51 20.90
CA VAL A 127 35.14 11.12 20.44
C VAL A 127 35.74 10.39 19.25
N LEU A 128 36.24 11.19 18.31
CA LEU A 128 37.09 10.72 17.24
C LEU A 128 38.45 11.40 17.38
N GLU A 129 39.51 10.64 17.15
CA GLU A 129 40.85 11.21 17.11
C GLU A 129 41.51 10.73 15.85
N LEU A 130 42.03 11.67 15.07
CA LEU A 130 42.51 11.40 13.73
C LEU A 130 43.92 11.95 13.60
N GLU A 131 44.81 11.16 13.02
CA GLU A 131 46.23 11.50 13.01
C GLU A 131 46.92 10.82 11.85
N PRO A 132 47.88 11.51 11.22
CA PRO A 132 48.58 10.83 10.13
C PRO A 132 49.39 9.69 10.70
N PHE A 133 49.52 8.61 9.96
CA PHE A 133 50.09 7.39 10.51
C PHE A 133 51.60 7.43 10.46
N SER A 134 52.14 8.08 9.43
CA SER A 134 53.56 8.00 9.13
C SER A 134 54.25 9.36 9.07
N TYR A 135 53.50 10.38 8.68
CA TYR A 135 54.06 11.69 8.38
C TYR A 135 53.86 12.63 9.58
N ASN A 136 54.95 13.23 10.07
CA ASN A 136 54.86 14.12 11.24
C ASN A 136 54.34 15.52 10.88
N ASN A 137 54.30 16.43 11.84
CA ASN A 137 53.67 17.73 11.62
C ASN A 137 54.47 18.64 10.71
N GLN A 138 55.73 18.31 10.49
CA GLN A 138 56.58 19.04 9.55
C GLN A 138 56.50 18.48 8.12
N GLN A 139 55.85 17.33 7.96
CA GLN A 139 55.62 16.76 6.63
C GLN A 139 54.14 16.85 6.23
N LEU A 140 53.25 16.57 7.18
CA LEU A 140 51.81 16.61 6.93
C LEU A 140 51.08 17.28 8.08
N ARG A 141 50.29 18.30 7.73
CA ARG A 141 49.65 19.16 8.72
C ARG A 141 48.15 19.27 8.45
N PHE A 142 47.34 19.12 9.49
CA PHE A 142 45.90 19.35 9.38
C PHE A 142 45.64 20.85 9.41
N SER A 143 45.23 21.41 8.28
CA SER A 143 44.99 22.85 8.17
C SER A 143 43.76 23.28 8.95
N ASP A 144 42.64 22.57 8.76
CA ASP A 144 41.40 22.90 9.44
C ASP A 144 40.43 21.72 9.42
N ILE A 145 39.51 21.69 10.39
CA ILE A 145 38.59 20.57 10.56
C ILE A 145 37.14 21.01 10.65
N GLN A 146 36.34 20.54 9.70
CA GLN A 146 34.89 20.67 9.77
C GLN A 146 34.27 19.36 10.23
N VAL A 147 33.23 19.46 11.05
CA VAL A 147 32.47 18.29 11.48
C VAL A 147 31.00 18.58 11.25
N TYR A 148 30.30 17.67 10.59
CA TYR A 148 28.89 17.88 10.26
C TYR A 148 28.00 16.76 10.79
N THR A 149 26.94 17.16 11.46
CA THR A 149 25.97 16.24 12.05
C THR A 149 24.54 16.54 11.62
N GLU A 150 23.67 15.55 11.77
CA GLU A 150 22.26 15.67 11.41
C GLU A 150 21.44 16.37 12.50
N ASN A 151 20.24 16.80 12.12
CA ASN A 151 19.29 17.40 13.06
C ASN A 151 18.27 16.38 13.54
N ILE A 152 18.38 16.03 14.81
CA ILE A 152 17.57 14.98 15.40
C ILE A 152 16.20 15.56 15.74
N ASP A 153 15.17 15.11 15.02
CA ASP A 153 13.85 15.70 15.14
C ASP A 153 12.97 14.86 16.07
N ASN A 154 13.01 13.54 15.88
CA ASN A 154 12.24 12.63 16.73
C ASN A 154 13.18 12.09 17.81
N GLU A 155 13.11 12.66 19.01
CA GLU A 155 14.16 12.45 20.00
C GLU A 155 14.02 11.18 20.86
N GLU A 156 12.79 10.76 21.18
CA GLU A 156 12.61 9.56 21.99
C GLU A 156 12.95 8.30 21.20
N ILE A 157 12.61 8.29 19.91
CA ILE A 157 13.05 7.24 18.99
C ILE A 157 14.49 6.84 19.32
N ASP A 158 15.32 7.85 19.58
CA ASP A 158 16.73 7.64 19.90
C ASP A 158 16.99 7.33 21.38
N GLU A 159 17.94 6.44 21.62
CA GLU A 159 18.39 6.05 22.95
C GLU A 159 19.16 7.17 23.65
N TRP A 160 19.95 7.89 22.87
CA TRP A 160 20.75 9.00 23.38
C TRP A 160 20.28 10.32 22.77
N TRP A 161 20.38 11.37 23.56
CA TRP A 161 20.08 12.72 23.09
C TRP A 161 21.36 13.51 22.89
N ILE A 162 21.65 13.87 21.65
CA ILE A 162 22.87 14.61 21.35
C ILE A 162 22.68 16.09 21.67
N ARG A 163 23.33 16.54 22.74
CA ARG A 163 23.17 17.90 23.23
C ARG A 163 24.34 18.85 22.95
N GLY A 164 24.28 19.45 21.77
CA GLY A 164 25.28 20.40 21.27
C GLY A 164 25.62 20.08 19.84
N LYS A 165 26.16 21.04 19.11
CA LYS A 165 26.78 20.73 17.84
C LYS A 165 28.21 20.29 18.20
N ALA A 166 28.91 19.65 17.27
CA ALA A 166 30.16 18.97 17.61
C ALA A 166 31.33 19.94 17.88
N SER A 167 32.10 19.63 18.92
CA SER A 167 33.33 20.34 19.24
C SER A 167 34.53 19.73 18.52
N THR A 168 35.38 20.58 17.94
CA THR A 168 36.57 20.11 17.24
C THR A 168 37.82 20.82 17.75
N HIS A 169 38.98 20.24 17.48
CA HIS A 169 40.23 20.73 18.03
C HIS A 169 41.44 20.09 17.35
N ILE A 170 42.14 20.86 16.52
CA ILE A 170 43.43 20.42 16.00
C ILE A 170 44.49 20.72 17.04
N SER A 171 45.48 19.83 17.14
CA SER A 171 46.52 19.96 18.16
C SER A 171 47.76 19.17 17.74
N ASP A 172 48.76 19.15 18.62
CA ASP A 172 50.04 18.50 18.33
C ASP A 172 50.47 17.55 19.45
N ILE A 173 50.87 16.35 19.05
CA ILE A 173 51.25 15.27 19.95
C ILE A 173 52.74 14.96 19.95
N ARG A 174 53.32 14.97 21.14
CA ARG A 174 54.74 14.68 21.29
C ARG A 174 54.94 13.20 21.60
N TYR A 175 55.66 12.52 20.72
CA TYR A 175 55.99 11.11 20.92
C TYR A 175 57.42 10.98 21.43
N ASP A 176 57.53 10.37 22.60
CA ASP A 176 58.74 10.33 23.42
C ASP A 176 59.83 9.42 22.90
N HIS A 177 59.47 8.51 22.00
CA HIS A 177 60.38 7.50 21.49
C HIS A 177 60.60 7.58 19.98
N LEU A 178 61.89 7.50 19.63
CA LEU A 178 62.41 7.95 18.35
C LEU A 178 63.54 7.05 17.83
N SER A 179 63.62 6.91 16.50
CA SER A 179 64.68 6.14 15.83
C SER A 179 65.29 6.95 14.69
N SER A 180 64.63 8.06 14.35
CA SER A 180 65.15 9.04 13.42
C SER A 180 65.95 10.01 14.27
N VAL A 181 67.07 10.54 13.76
CA VAL A 181 67.84 11.49 14.55
C VAL A 181 67.08 12.85 14.60
N GLN A 182 67.77 13.99 14.56
CA GLN A 182 67.12 15.30 14.72
C GLN A 182 65.85 15.37 15.58
N PRO A 183 65.99 15.41 16.91
CA PRO A 183 64.77 15.31 17.73
C PRO A 183 63.84 16.53 17.63
N ASN A 184 63.24 16.72 16.45
CA ASN A 184 62.09 17.61 16.22
C ASN A 184 61.23 17.02 15.09
N GLN A 185 61.45 15.73 14.86
CA GLN A 185 60.70 14.93 13.89
C GLN A 185 59.75 14.00 14.64
N ASN A 186 59.33 14.40 15.84
CA ASN A 186 58.52 13.53 16.68
C ASN A 186 57.15 14.09 17.07
N GLU A 187 56.66 15.10 16.36
CA GLU A 187 55.34 15.66 16.67
C GLU A 187 54.37 15.49 15.50
N PHE A 188 53.14 15.12 15.83
CA PHE A 188 52.12 14.80 14.84
C PHE A 188 50.87 15.66 14.97
N SER A 189 50.33 16.07 13.84
CA SER A 189 49.10 16.84 13.78
C SER A 189 47.91 15.92 14.10
N ARG A 190 47.06 16.34 15.01
CA ARG A 190 45.91 15.52 15.39
C ARG A 190 44.61 16.31 15.48
N ILE A 191 43.68 15.97 14.60
CA ILE A 191 42.30 16.37 14.77
C ILE A 191 41.71 15.60 15.94
N THR A 192 40.87 16.29 16.71
CA THR A 192 40.22 15.69 17.86
C THR A 192 38.82 16.26 17.89
N VAL A 193 37.83 15.37 17.97
CA VAL A 193 36.43 15.76 17.87
C VAL A 193 35.66 15.22 19.06
N ARG A 194 34.75 16.05 19.56
CA ARG A 194 33.96 15.70 20.73
C ARG A 194 32.49 15.96 20.47
N ILE A 195 31.66 15.10 21.04
CA ILE A 195 30.21 15.21 20.90
C ILE A 195 29.59 14.80 22.22
N ASP A 196 28.92 15.74 22.88
CA ASP A 196 28.37 15.44 24.20
C ASP A 196 26.94 14.93 24.05
N ALA A 197 26.53 14.10 25.00
CA ALA A 197 25.20 13.49 24.94
C ALA A 197 24.79 12.93 26.29
N VAL A 198 23.48 12.74 26.44
CA VAL A 198 22.90 12.26 27.68
C VAL A 198 21.92 11.13 27.38
N ARG A 199 21.73 10.26 28.37
CA ARG A 199 20.91 9.07 28.20
C ARG A 199 19.45 9.45 28.39
N ASN A 200 18.58 8.87 27.57
CA ASN A 200 17.13 9.05 27.70
C ASN A 200 16.64 8.35 28.96
N PRO A 201 16.43 9.10 30.06
CA PRO A 201 16.20 8.38 31.33
C PRO A 201 14.76 7.88 31.44
N SER A 202 13.99 8.00 30.35
CA SER A 202 12.58 7.67 30.35
C SER A 202 12.32 6.25 30.83
N TYR A 203 12.69 5.26 30.02
CA TYR A 203 12.43 3.86 30.33
C TYR A 203 12.84 3.50 31.76
N TYR A 204 13.96 4.04 32.21
CA TYR A 204 14.54 3.61 33.48
C TYR A 204 13.82 4.14 34.72
N LEU A 205 13.18 5.29 34.59
CA LEU A 205 12.42 5.82 35.70
C LEU A 205 11.14 5.01 35.87
N TRP A 206 10.40 4.90 34.76
CA TRP A 206 9.08 4.31 34.77
C TRP A 206 9.01 2.79 34.97
N SER A 207 10.06 2.06 34.58
CA SER A 207 10.02 0.58 34.63
C SER A 207 10.92 -0.03 35.71
N PHE A 208 11.86 0.74 36.25
CA PHE A 208 12.71 0.29 37.36
C PHE A 208 12.64 1.16 38.61
N ILE A 209 13.06 2.42 38.50
CA ILE A 209 13.15 3.30 39.66
C ILE A 209 11.82 3.36 40.40
N LEU A 210 10.76 3.59 39.66
CA LEU A 210 9.45 3.77 40.26
C LEU A 210 9.03 2.50 41.02
N PRO A 211 8.90 1.34 40.32
CA PRO A 211 8.57 0.15 41.10
C PRO A 211 9.54 -0.14 42.24
N LEU A 212 10.80 0.26 42.10
CA LEU A 212 11.76 0.02 43.17
C LEU A 212 11.37 0.86 44.38
N GLY A 213 10.81 2.03 44.13
CA GLY A 213 10.25 2.85 45.19
C GLY A 213 9.08 2.14 45.86
N LEU A 214 8.05 1.85 45.08
CA LEU A 214 6.89 1.10 45.54
C LEU A 214 7.25 -0.18 46.28
N ILE A 215 8.15 -0.97 45.70
CA ILE A 215 8.58 -2.23 46.31
C ILE A 215 9.30 -1.97 47.63
N ILE A 216 10.15 -0.96 47.65
CA ILE A 216 10.89 -0.60 48.86
C ILE A 216 9.96 -0.02 49.91
N ALA A 217 9.08 0.88 49.48
CA ALA A 217 8.05 1.43 50.34
C ALA A 217 7.23 0.33 50.99
N ALA A 218 6.52 -0.41 50.15
CA ALA A 218 5.66 -1.50 50.59
C ALA A 218 6.32 -2.51 51.53
N SER A 219 7.65 -2.55 51.55
CA SER A 219 8.36 -3.42 52.49
C SER A 219 8.12 -2.91 53.92
N TRP A 220 7.95 -1.60 54.05
CA TRP A 220 7.78 -0.97 55.36
C TRP A 220 6.44 -1.30 55.98
N SER A 221 5.46 -1.62 55.15
CA SER A 221 4.14 -1.98 55.66
C SER A 221 4.17 -3.31 56.42
N VAL A 222 5.36 -3.85 56.65
CA VAL A 222 5.51 -5.03 57.50
C VAL A 222 5.13 -4.65 58.93
N PHE A 223 5.46 -3.42 59.31
CA PHE A 223 5.25 -2.95 60.67
C PHE A 223 3.79 -2.82 61.06
N TRP A 224 2.92 -2.67 60.07
CA TRP A 224 1.49 -2.54 60.35
C TRP A 224 0.81 -3.89 60.55
N LEU A 225 1.60 -4.96 60.59
CA LEU A 225 1.09 -6.27 60.95
C LEU A 225 1.03 -6.42 62.46
N GLU A 226 0.01 -7.14 62.94
CA GLU A 226 -0.28 -7.18 64.36
C GLU A 226 0.60 -8.18 65.10
N SER A 227 0.63 -9.41 64.58
CA SER A 227 1.42 -10.47 65.19
C SER A 227 2.92 -10.26 65.00
N PHE A 228 3.71 -11.03 65.75
CA PHE A 228 5.16 -11.08 65.55
C PHE A 228 5.47 -12.14 64.50
N SER A 229 4.81 -13.29 64.63
CA SER A 229 4.85 -14.34 63.62
C SER A 229 4.57 -13.76 62.25
N GLU A 230 3.53 -12.95 62.15
CA GLU A 230 3.18 -12.28 60.90
C GLU A 230 4.32 -11.40 60.38
N ARG A 231 4.90 -10.60 61.27
CA ARG A 231 5.89 -9.61 60.86
C ARG A 231 7.22 -10.20 60.41
N LEU A 232 7.69 -11.23 61.10
CA LEU A 232 9.00 -11.81 60.75
C LEU A 232 8.90 -12.73 59.55
N GLN A 233 7.81 -13.51 59.47
CA GLN A 233 7.64 -14.43 58.36
C GLN A 233 7.44 -13.65 57.07
N THR A 234 6.74 -12.51 57.17
CA THR A 234 6.48 -11.68 56.01
C THR A 234 7.76 -11.06 55.46
N SER A 235 8.68 -10.71 56.35
CA SER A 235 9.92 -10.06 55.93
C SER A 235 10.79 -10.98 55.07
N PHE A 236 10.73 -12.28 55.32
CA PHE A 236 11.46 -13.24 54.50
C PHE A 236 10.93 -13.27 53.06
N THR A 237 9.63 -13.05 52.90
CA THR A 237 9.05 -12.97 51.57
C THR A 237 9.49 -11.67 50.88
N LEU A 238 9.59 -10.60 51.65
CA LEU A 238 10.04 -9.32 51.12
C LEU A 238 11.47 -9.46 50.60
N MET A 239 12.30 -10.15 51.40
CA MET A 239 13.68 -10.45 51.04
C MET A 239 13.74 -11.05 49.65
N LEU A 240 13.03 -12.16 49.46
CA LEU A 240 12.92 -12.79 48.16
C LEU A 240 12.56 -11.81 47.04
N THR A 241 11.67 -10.87 47.30
CA THR A 241 11.31 -9.90 46.26
C THR A 241 12.48 -9.04 45.84
N VAL A 242 13.25 -8.54 46.80
CA VAL A 242 14.38 -7.68 46.47
C VAL A 242 15.40 -8.49 45.69
N VAL A 243 15.57 -9.75 46.04
CA VAL A 243 16.45 -10.64 45.30
C VAL A 243 15.97 -10.83 43.87
N ALA A 244 14.72 -11.22 43.71
CA ALA A 244 14.15 -11.40 42.37
C ALA A 244 14.24 -10.10 41.59
N TYR A 245 14.09 -8.99 42.29
CA TYR A 245 14.14 -7.68 41.65
C TYR A 245 15.57 -7.31 41.28
N ALA A 246 16.53 -7.68 42.12
CA ALA A 246 17.93 -7.45 41.82
C ALA A 246 18.34 -8.26 40.59
N PHE A 247 17.73 -9.42 40.46
CA PHE A 247 17.98 -10.34 39.35
C PHE A 247 17.42 -9.75 38.07
N TYR A 248 16.20 -9.23 38.19
CA TYR A 248 15.52 -8.51 37.12
C TYR A 248 16.38 -7.38 36.55
N THR A 249 16.85 -6.48 37.42
CA THR A 249 17.66 -5.33 37.00
C THR A 249 18.97 -5.68 36.33
N SER A 250 19.73 -6.54 36.98
CA SER A 250 21.08 -6.85 36.53
C SER A 250 21.06 -7.54 35.17
N ASN A 251 20.00 -8.29 34.92
CA ASN A 251 19.85 -9.02 33.66
C ASN A 251 19.50 -8.09 32.50
N ILE A 252 18.93 -6.94 32.83
CA ILE A 252 18.39 -6.03 31.82
C ILE A 252 19.19 -4.72 31.73
N LEU A 253 19.81 -4.33 32.84
CA LEU A 253 20.69 -3.15 32.85
C LEU A 253 22.06 -3.46 32.26
N PRO A 254 22.77 -2.42 31.83
CA PRO A 254 24.09 -2.67 31.25
C PRO A 254 25.02 -3.27 32.29
N ARG A 255 25.79 -4.29 31.93
CA ARG A 255 26.71 -4.89 32.87
C ARG A 255 27.88 -3.93 33.10
N LEU A 256 28.34 -3.84 34.34
CA LEU A 256 29.40 -2.90 34.71
C LEU A 256 30.32 -3.45 35.81
N PRO A 257 31.44 -2.76 36.06
CA PRO A 257 32.38 -3.15 37.11
C PRO A 257 32.29 -2.28 38.37
N TYR A 258 31.21 -1.52 38.50
CA TYR A 258 30.98 -0.69 39.69
C TYR A 258 29.50 -0.43 39.86
N THR A 259 29.13 0.06 41.04
CA THR A 259 27.73 0.26 41.37
C THR A 259 27.16 1.54 40.77
N THR A 260 25.95 1.44 40.24
CA THR A 260 25.21 2.63 39.83
C THR A 260 24.29 2.99 41.01
N VAL A 261 23.52 4.06 40.88
CA VAL A 261 22.46 4.36 41.83
C VAL A 261 21.52 3.17 42.03
N ILE A 262 20.87 2.72 40.95
CA ILE A 262 19.93 1.61 41.04
C ILE A 262 20.55 0.44 41.78
N ASP A 263 21.82 0.18 41.54
CA ASP A 263 22.49 -0.92 42.21
C ASP A 263 22.48 -0.66 43.72
N GLN A 264 22.63 0.61 44.10
CA GLN A 264 22.67 0.99 45.52
C GLN A 264 21.31 0.95 46.21
N MET A 265 20.30 1.55 45.58
CA MET A 265 18.93 1.52 46.06
C MET A 265 18.56 0.10 46.47
N ILE A 266 19.02 -0.85 45.67
CA ILE A 266 18.73 -2.26 45.90
C ILE A 266 19.44 -2.78 47.14
N ILE A 267 20.70 -2.38 47.33
CA ILE A 267 21.46 -2.79 48.51
C ILE A 267 20.82 -2.18 49.74
N ALA A 268 20.36 -0.94 49.62
CA ALA A 268 19.63 -0.29 50.70
C ALA A 268 18.36 -1.09 50.97
N GLY A 269 17.67 -1.43 49.88
CA GLY A 269 16.47 -2.26 49.96
C GLY A 269 16.74 -3.54 50.74
N TYR A 270 17.92 -4.13 50.55
CA TYR A 270 18.30 -5.32 51.32
C TYR A 270 18.45 -4.96 52.78
N GLY A 271 18.92 -3.75 53.05
CA GLY A 271 19.19 -3.28 54.39
C GLY A 271 17.91 -2.90 55.10
N SER A 272 17.08 -2.11 54.42
CA SER A 272 15.76 -1.73 54.93
C SER A 272 15.02 -2.95 55.44
N ILE A 273 15.27 -4.09 54.81
CA ILE A 273 14.62 -5.34 55.21
C ILE A 273 15.40 -6.07 56.30
N PHE A 274 16.73 -6.03 56.24
CA PHE A 274 17.53 -6.70 57.27
C PHE A 274 17.44 -5.98 58.60
N ALA A 275 17.33 -4.65 58.54
CA ALA A 275 17.13 -3.84 59.73
C ALA A 275 15.80 -4.18 60.38
N ALA A 276 14.73 -4.06 59.59
CA ALA A 276 13.39 -4.37 60.03
C ALA A 276 13.33 -5.71 60.77
N ILE A 277 14.08 -6.67 60.25
CA ILE A 277 14.13 -7.99 60.84
C ILE A 277 14.80 -7.92 62.21
N LEU A 278 15.77 -7.02 62.36
CA LEU A 278 16.47 -6.83 63.64
C LEU A 278 15.61 -6.12 64.69
N LEU A 279 14.71 -5.25 64.26
CA LEU A 279 13.78 -4.60 65.18
C LEU A 279 12.64 -5.55 65.54
N ILE A 280 11.92 -6.03 64.53
CA ILE A 280 10.84 -6.99 64.72
C ILE A 280 11.22 -8.05 65.76
N ILE A 281 12.50 -8.37 65.80
CA ILE A 281 13.02 -9.38 66.72
C ILE A 281 13.54 -8.75 68.02
N PHE A 282 13.88 -7.47 67.95
CA PHE A 282 14.32 -6.70 69.12
C PHE A 282 13.12 -6.34 69.99
N ALA A 283 12.15 -5.67 69.38
CA ALA A 283 10.86 -5.41 70.01
C ALA A 283 10.34 -6.61 70.80
N HIS A 284 10.38 -7.78 70.17
CA HIS A 284 9.81 -8.98 70.76
C HIS A 284 10.60 -9.58 71.91
N HIS A 285 11.72 -8.96 72.28
CA HIS A 285 12.50 -9.46 73.40
C HIS A 285 13.14 -8.34 74.21
N ARG A 286 12.87 -7.09 73.83
CA ARG A 286 13.48 -5.97 74.52
C ARG A 286 13.00 -5.93 75.96
N GLN A 287 11.67 -5.82 76.11
CA GLN A 287 11.08 -5.62 77.42
C GLN A 287 10.95 -6.91 78.23
N ALA A 288 10.71 -6.74 79.53
CA ALA A 288 10.53 -7.85 80.46
C ALA A 288 9.19 -8.58 80.38
N ASN A 289 9.20 -9.82 80.88
CA ASN A 289 8.03 -10.68 80.90
C ASN A 289 7.53 -10.94 79.48
N GLY A 290 8.45 -10.97 78.54
CA GLY A 290 8.13 -11.15 77.14
C GLY A 290 6.98 -10.24 76.73
N VAL A 291 6.91 -9.05 77.31
CA VAL A 291 5.86 -8.12 76.93
C VAL A 291 6.33 -7.59 75.60
N GLU A 292 5.43 -7.55 74.63
CA GLU A 292 5.73 -6.95 73.34
C GLU A 292 6.06 -5.47 73.51
N ASP A 293 6.93 -4.96 72.64
CA ASP A 293 7.35 -3.57 72.71
C ASP A 293 6.72 -2.93 71.51
N ASP A 294 5.39 -2.98 71.53
CA ASP A 294 4.55 -2.45 70.46
C ASP A 294 4.79 -0.99 70.26
N LEU A 295 5.62 -0.40 71.10
CA LEU A 295 6.01 0.97 70.91
C LEU A 295 7.08 1.10 69.81
N LEU A 296 8.06 0.19 69.76
CA LEU A 296 9.14 0.30 68.77
C LEU A 296 8.50 0.19 67.39
N ILE A 297 7.70 -0.86 67.24
CA ILE A 297 6.79 -1.01 66.10
C ILE A 297 5.88 0.14 66.36
N GLN A 298 5.43 0.92 65.37
CA GLN A 298 4.61 2.13 65.62
C GLN A 298 5.52 3.35 65.66
N ARG A 299 6.59 3.30 66.46
CA ARG A 299 7.61 4.33 66.34
C ARG A 299 8.20 4.14 64.95
N CYS A 300 8.30 2.87 64.54
CA CYS A 300 8.87 2.50 63.25
C CYS A 300 8.01 2.87 62.06
N ARG A 301 6.70 2.78 62.24
CA ARG A 301 5.74 3.00 61.17
C ARG A 301 6.12 4.22 60.33
N LEU A 302 6.61 5.27 60.97
CA LEU A 302 7.19 6.39 60.23
C LEU A 302 8.61 6.76 60.67
N ALA A 303 9.28 5.91 61.44
CA ALA A 303 10.73 6.04 61.59
C ALA A 303 11.47 5.56 60.36
N PHE A 304 11.11 4.36 59.87
CA PHE A 304 11.73 3.80 58.67
C PHE A 304 11.42 4.59 57.40
N PRO A 305 10.13 4.77 57.05
CA PRO A 305 9.81 5.55 55.86
C PRO A 305 10.47 6.91 55.84
N LEU A 306 10.92 7.35 57.00
CA LEU A 306 11.67 8.59 57.16
C LEU A 306 13.18 8.37 57.12
N GLY A 307 13.67 7.57 58.05
CA GLY A 307 15.10 7.27 58.14
C GLY A 307 15.72 6.74 56.86
N PHE A 308 14.94 6.05 56.05
CA PHE A 308 15.43 5.48 54.81
C PHE A 308 15.35 6.46 53.65
N LEU A 309 14.20 7.12 53.53
CA LEU A 309 13.99 8.14 52.51
C LEU A 309 14.88 9.37 52.78
N ALA A 310 15.58 9.32 53.91
CA ALA A 310 16.61 10.30 54.28
C ALA A 310 18.03 9.75 54.04
N ILE A 311 18.35 8.62 54.67
CA ILE A 311 19.70 8.04 54.60
C ILE A 311 20.07 7.64 53.16
N GLY A 312 19.09 7.68 52.27
CA GLY A 312 19.34 7.46 50.85
C GLY A 312 19.53 8.79 50.14
N CYS A 313 19.09 9.87 50.77
CA CYS A 313 19.24 11.21 50.21
C CYS A 313 20.69 11.70 50.24
N VAL A 314 21.59 10.91 50.84
CA VAL A 314 22.98 11.30 50.98
C VAL A 314 23.85 10.55 49.97
N LEU A 315 23.25 10.21 48.83
CA LEU A 315 23.97 9.63 47.70
C LEU A 315 24.33 10.75 46.72
N VAL A 316 24.84 11.86 47.26
CA VAL A 316 25.13 13.04 46.44
C VAL A 316 26.52 13.01 45.79
N ILE A 317 26.91 11.85 45.26
CA ILE A 317 28.21 11.74 44.61
C ILE A 317 28.08 12.05 43.12
N ARG B 10 23.37 16.70 -20.42
CA ARG B 10 23.95 15.43 -20.87
C ARG B 10 24.26 14.44 -19.74
N PRO B 11 23.53 14.51 -18.61
CA PRO B 11 23.86 13.57 -17.54
C PRO B 11 23.49 12.17 -17.99
N VAL B 12 24.14 11.13 -17.47
CA VAL B 12 23.80 9.79 -17.88
C VAL B 12 22.51 9.35 -17.21
N ASP B 13 21.61 8.76 -17.99
CA ASP B 13 20.37 8.23 -17.44
C ASP B 13 20.62 6.81 -16.99
N VAL B 14 20.38 6.54 -15.71
CA VAL B 14 20.53 5.21 -15.15
C VAL B 14 19.16 4.70 -14.73
N SER B 15 18.77 3.54 -15.26
CA SER B 15 17.51 2.91 -14.90
C SER B 15 17.80 1.83 -13.86
N VAL B 16 17.12 1.93 -12.72
CA VAL B 16 17.39 1.06 -11.59
C VAL B 16 16.22 0.13 -11.32
N SER B 17 16.51 -1.15 -11.10
CA SER B 17 15.49 -2.09 -10.61
C SER B 17 16.03 -2.88 -9.42
N ILE B 18 15.23 -2.91 -8.37
CA ILE B 18 15.58 -3.62 -7.15
C ILE B 18 14.58 -4.75 -6.88
N PHE B 19 15.04 -6.00 -6.98
CA PHE B 19 14.23 -7.14 -6.58
C PHE B 19 14.52 -7.45 -5.12
N ILE B 20 13.47 -7.57 -4.32
CA ILE B 20 13.60 -7.82 -2.88
C ILE B 20 13.09 -9.18 -2.45
N ASN B 21 14.02 -9.98 -1.92
CA ASN B 21 13.77 -11.36 -1.51
C ASN B 21 13.33 -11.53 -0.06
N LYS B 22 13.94 -10.79 0.85
CA LYS B 22 13.80 -11.06 2.28
C LYS B 22 14.06 -9.81 3.10
N ILE B 23 13.10 -9.45 3.94
CA ILE B 23 13.32 -8.44 4.98
C ILE B 23 13.22 -9.15 6.30
N TYR B 24 14.30 -9.14 7.07
CA TYR B 24 14.32 -9.87 8.33
C TYR B 24 15.29 -9.19 9.29
N GLY B 25 15.40 -9.75 10.49
CA GLY B 25 16.43 -9.32 11.42
C GLY B 25 16.26 -7.90 11.93
N VAL B 26 15.02 -7.54 12.25
CA VAL B 26 14.77 -6.23 12.86
C VAL B 26 15.52 -6.12 14.17
N ASN B 27 16.31 -5.05 14.32
CA ASN B 27 16.95 -4.71 15.58
C ASN B 27 16.29 -3.46 16.13
N THR B 28 15.53 -3.63 17.21
CA THR B 28 14.74 -2.55 17.75
C THR B 28 15.61 -1.40 18.28
N LEU B 29 16.63 -1.72 19.05
CA LEU B 29 17.41 -0.69 19.70
C LEU B 29 18.33 0.06 18.72
N GLU B 30 18.92 -0.66 17.77
CA GLU B 30 19.75 -0.02 16.75
C GLU B 30 18.91 0.62 15.65
N GLN B 31 17.63 0.25 15.60
CA GLN B 31 16.73 0.70 14.56
C GLN B 31 17.29 0.33 13.21
N THR B 32 17.35 -0.98 12.96
CA THR B 32 17.88 -1.50 11.72
C THR B 32 17.10 -2.74 11.29
N TYR B 33 17.36 -3.15 10.06
CA TYR B 33 16.73 -4.34 9.50
C TYR B 33 17.60 -4.89 8.39
N LYS B 34 17.40 -6.15 8.08
CA LYS B 34 18.22 -6.83 7.08
C LYS B 34 17.42 -6.97 5.81
N VAL B 35 18.10 -6.81 4.68
CA VAL B 35 17.45 -6.88 3.39
C VAL B 35 18.28 -7.68 2.40
N ASP B 36 17.64 -8.70 1.84
CA ASP B 36 18.25 -9.53 0.80
C ASP B 36 17.52 -9.30 -0.50
N GLY B 37 18.27 -9.10 -1.57
CA GLY B 37 17.69 -8.82 -2.86
C GLY B 37 18.73 -8.69 -3.94
N TYR B 38 18.27 -8.38 -5.15
CA TYR B 38 19.16 -8.05 -6.25
C TYR B 38 18.96 -6.59 -6.61
N ILE B 39 19.96 -5.99 -7.24
CA ILE B 39 19.86 -4.64 -7.75
C ILE B 39 20.35 -4.64 -9.19
N VAL B 40 19.62 -3.94 -10.06
CA VAL B 40 19.94 -3.91 -11.47
C VAL B 40 20.02 -2.46 -11.92
N ALA B 41 21.06 -2.12 -12.66
CA ALA B 41 21.26 -0.77 -13.16
C ALA B 41 21.58 -0.82 -14.65
N GLN B 42 20.90 0.01 -15.43
CA GLN B 42 21.07 0.00 -16.88
C GLN B 42 21.41 1.39 -17.41
N TRP B 43 22.33 1.46 -18.38
CA TRP B 43 22.68 2.71 -19.04
C TRP B 43 23.34 2.46 -20.39
N THR B 44 23.42 3.52 -21.20
CA THR B 44 23.97 3.44 -22.55
C THR B 44 25.23 4.27 -22.73
N GLY B 45 26.19 3.73 -23.46
CA GLY B 45 27.45 4.40 -23.71
C GLY B 45 27.86 4.20 -25.15
N LYS B 46 29.12 4.51 -25.47
CA LYS B 46 29.69 4.20 -26.78
C LYS B 46 29.47 2.72 -27.15
N PRO B 47 28.91 2.46 -28.35
CA PRO B 47 28.73 1.08 -28.82
C PRO B 47 30.04 0.30 -28.84
N ARG B 48 29.92 -1.00 -29.06
CA ARG B 48 30.99 -1.92 -28.70
C ARG B 48 31.08 -3.14 -29.60
N LYS B 49 32.31 -3.62 -29.75
CA LYS B 49 32.59 -4.84 -30.48
C LYS B 49 32.51 -6.02 -29.52
N THR B 50 31.54 -6.90 -29.76
CA THR B 50 31.36 -8.09 -28.94
C THR B 50 31.63 -9.32 -29.79
N PRO B 51 31.98 -10.45 -29.15
CA PRO B 51 32.01 -11.73 -29.86
C PRO B 51 30.61 -12.10 -30.37
N GLY B 52 30.50 -12.45 -31.65
CA GLY B 52 29.20 -12.50 -32.30
C GLY B 52 28.61 -11.10 -32.26
N ASP B 53 27.38 -10.93 -32.71
CA ASP B 53 26.69 -9.68 -32.42
C ASP B 53 25.72 -9.97 -31.29
N LYS B 54 26.01 -11.03 -30.53
CA LYS B 54 25.24 -11.36 -29.35
C LYS B 54 25.90 -10.64 -28.17
N PRO B 55 25.10 -10.26 -27.16
CA PRO B 55 25.64 -9.45 -26.06
C PRO B 55 26.66 -10.23 -25.23
N LEU B 56 27.47 -9.51 -24.46
CA LEU B 56 28.55 -10.12 -23.71
C LEU B 56 28.30 -10.13 -22.22
N ILE B 57 28.54 -11.29 -21.59
CA ILE B 57 28.37 -11.44 -20.15
C ILE B 57 29.72 -11.48 -19.44
N VAL B 58 29.79 -10.76 -18.34
CA VAL B 58 31.00 -10.64 -17.55
C VAL B 58 30.64 -10.83 -16.07
N GLU B 59 31.15 -11.90 -15.48
CA GLU B 59 30.73 -12.32 -14.14
C GLU B 59 31.82 -12.05 -13.10
N ASN B 60 31.39 -11.50 -11.96
CA ASN B 60 32.25 -11.38 -10.77
C ASN B 60 33.66 -10.86 -11.03
N THR B 61 34.66 -11.74 -10.96
CA THR B 61 36.05 -11.32 -10.93
C THR B 61 36.49 -10.53 -12.16
N GLN B 62 35.82 -10.75 -13.29
CA GLN B 62 36.21 -10.14 -14.55
C GLN B 62 35.78 -8.69 -14.71
N ILE B 63 34.72 -8.29 -14.00
CA ILE B 63 34.23 -6.92 -14.07
C ILE B 63 35.36 -5.96 -13.73
N GLU B 64 36.14 -6.33 -12.72
CA GLU B 64 37.27 -5.51 -12.28
C GLU B 64 38.26 -5.28 -13.42
N ARG B 65 38.56 -6.33 -14.20
CA ARG B 65 39.50 -6.19 -15.32
C ARG B 65 38.97 -5.20 -16.36
N TRP B 66 37.68 -5.28 -16.67
CA TRP B 66 37.08 -4.37 -17.66
C TRP B 66 37.13 -2.92 -17.22
N ILE B 67 37.00 -2.74 -15.92
CA ILE B 67 36.99 -1.42 -15.34
C ILE B 67 38.39 -0.90 -15.49
N ASN B 68 39.33 -1.84 -15.51
CA ASN B 68 40.72 -1.46 -15.64
C ASN B 68 41.08 -0.93 -17.03
N ASN B 69 40.39 -1.39 -18.07
CA ASN B 69 40.58 -0.84 -19.42
C ASN B 69 39.69 0.38 -19.65
N GLY B 70 39.16 0.93 -18.58
CA GLY B 70 38.45 2.18 -18.62
C GLY B 70 36.97 2.04 -18.93
N LEU B 71 36.37 0.92 -18.56
CA LEU B 71 34.91 0.82 -18.60
C LEU B 71 34.34 1.54 -17.40
N TRP B 72 33.36 2.39 -17.67
CA TRP B 72 32.70 3.16 -16.64
C TRP B 72 31.65 2.26 -16.00
N VAL B 73 31.89 1.90 -14.75
CA VAL B 73 30.91 1.18 -13.96
C VAL B 73 30.81 2.00 -12.68
N PRO B 74 29.79 2.86 -12.59
CA PRO B 74 29.71 3.85 -11.52
C PRO B 74 29.40 3.22 -10.17
N ALA B 75 29.54 3.98 -9.09
CA ALA B 75 29.45 3.43 -7.75
C ALA B 75 28.05 2.94 -7.35
N LEU B 76 27.20 3.88 -6.94
CA LEU B 76 25.91 3.58 -6.31
C LEU B 76 26.09 2.99 -4.91
N GLU B 77 25.73 3.81 -3.93
CA GLU B 77 25.88 3.54 -2.52
C GLU B 77 24.51 3.46 -1.86
N PHE B 78 24.32 2.49 -0.98
CA PHE B 78 23.14 2.48 -0.14
C PHE B 78 23.35 3.48 0.99
N ILE B 79 22.72 4.64 0.87
CA ILE B 79 22.87 5.72 1.85
C ILE B 79 22.65 5.29 3.29
N ASN B 80 21.65 4.45 3.48
CA ASN B 80 21.19 4.12 4.82
C ASN B 80 21.59 2.71 5.22
N VAL B 81 22.57 2.14 4.54
CA VAL B 81 23.12 0.85 4.94
C VAL B 81 24.00 1.13 6.13
N VAL B 82 24.26 0.11 6.95
CA VAL B 82 25.13 0.28 8.11
C VAL B 82 26.28 -0.72 7.99
N GLY B 83 27.39 -0.26 7.44
CA GLY B 83 28.54 -1.12 7.18
C GLY B 83 28.41 -1.74 5.81
N SER B 84 29.55 -2.06 5.21
CA SER B 84 29.60 -2.57 3.85
C SER B 84 28.72 -3.82 3.69
N PRO B 85 27.74 -3.75 2.78
CA PRO B 85 26.81 -4.88 2.63
C PRO B 85 27.48 -6.10 2.01
N ASP B 86 26.91 -7.28 2.26
CA ASP B 86 27.44 -8.51 1.69
C ASP B 86 26.96 -8.62 0.25
N THR B 87 27.91 -8.55 -0.68
CA THR B 87 27.60 -8.67 -2.09
C THR B 87 27.88 -10.08 -2.58
N GLY B 88 26.86 -10.70 -3.15
CA GLY B 88 27.00 -12.03 -3.71
C GLY B 88 27.66 -11.92 -5.07
N ASN B 89 27.04 -12.50 -6.08
CA ASN B 89 27.62 -12.47 -7.42
C ASN B 89 27.39 -11.14 -8.14
N LYS B 90 28.35 -10.77 -8.97
CA LYS B 90 28.26 -9.57 -9.78
C LYS B 90 28.20 -10.02 -11.23
N ARG B 91 27.52 -9.24 -12.04
CA ARG B 91 27.47 -9.50 -13.47
C ARG B 91 27.39 -8.20 -14.25
N LEU B 92 28.15 -8.11 -15.32
CA LEU B 92 27.97 -7.07 -16.33
C LEU B 92 27.47 -7.70 -17.60
N MET B 93 26.38 -7.17 -18.15
CA MET B 93 25.98 -7.51 -19.49
C MET B 93 26.25 -6.36 -20.42
N LEU B 94 27.24 -6.56 -21.30
CA LEU B 94 27.65 -5.56 -22.26
C LEU B 94 27.02 -5.86 -23.60
N PHE B 95 26.13 -4.97 -24.03
CA PHE B 95 25.51 -5.08 -25.34
C PHE B 95 26.35 -4.37 -26.39
N PRO B 96 26.24 -4.79 -27.65
CA PRO B 96 27.01 -4.19 -28.74
C PRO B 96 26.44 -2.81 -29.09
N ASP B 97 25.16 -2.64 -28.81
CA ASP B 97 24.42 -1.42 -29.11
C ASP B 97 24.69 -0.29 -28.10
N GLY B 98 25.84 -0.34 -27.42
CA GLY B 98 26.23 0.71 -26.50
C GLY B 98 25.96 0.41 -25.04
N ARG B 99 24.82 -0.20 -24.74
CA ARG B 99 24.33 -0.24 -23.37
C ARG B 99 24.93 -1.34 -22.52
N VAL B 100 24.59 -1.25 -21.24
CA VAL B 100 25.32 -1.88 -20.16
C VAL B 100 24.35 -2.16 -19.03
N ILE B 101 24.37 -3.38 -18.51
CA ILE B 101 23.50 -3.69 -17.38
C ILE B 101 24.33 -4.33 -16.29
N TYR B 102 24.26 -3.74 -15.09
CA TYR B 102 24.94 -4.27 -13.91
C TYR B 102 23.92 -4.91 -13.00
N ASN B 103 24.13 -6.19 -12.70
CA ASN B 103 23.20 -6.95 -11.89
C ASN B 103 23.96 -7.57 -10.72
N ALA B 104 23.51 -7.29 -9.50
CA ALA B 104 24.22 -7.76 -8.32
C ALA B 104 23.27 -8.20 -7.22
N ARG B 105 23.71 -9.20 -6.47
CA ARG B 105 22.97 -9.64 -5.31
C ARG B 105 23.55 -8.95 -4.09
N PHE B 106 22.69 -8.66 -3.12
CA PHE B 106 23.13 -7.95 -1.93
C PHE B 106 22.36 -8.35 -0.68
N LEU B 107 23.10 -8.41 0.42
CA LEU B 107 22.53 -8.57 1.74
C LEU B 107 23.14 -7.48 2.60
N GLY B 108 22.29 -6.67 3.21
CA GLY B 108 22.76 -5.53 3.96
C GLY B 108 21.90 -5.26 5.16
N SER B 109 22.47 -4.56 6.13
CA SER B 109 21.75 -4.15 7.31
C SER B 109 21.47 -2.68 7.16
N PHE B 110 20.20 -2.33 7.12
CA PHE B 110 19.77 -0.98 6.77
C PHE B 110 19.16 -0.26 7.95
N SER B 111 19.25 1.07 7.89
CA SER B 111 18.80 1.93 8.96
C SER B 111 17.62 2.80 8.54
N ASN B 112 16.66 2.93 9.44
CA ASN B 112 15.59 3.91 9.29
C ASN B 112 15.14 4.29 10.70
N ASP B 113 14.44 5.41 10.82
CA ASP B 113 13.87 5.76 12.11
C ASP B 113 12.70 4.81 12.36
N MET B 114 12.60 4.29 13.58
CA MET B 114 11.59 3.30 13.90
C MET B 114 11.03 3.54 15.30
N ASP B 115 9.72 3.76 15.36
CA ASP B 115 9.02 4.06 16.61
C ASP B 115 8.31 2.81 17.15
N PHE B 116 8.79 2.31 18.27
CA PHE B 116 8.32 1.04 18.82
C PHE B 116 7.41 1.23 20.03
N ARG B 117 6.82 2.42 20.16
CA ARG B 117 6.04 2.76 21.36
C ARG B 117 4.67 2.07 21.36
N LEU B 118 4.10 1.88 20.17
CA LEU B 118 2.81 1.20 20.04
C LEU B 118 2.94 -0.33 20.03
N PHE B 119 4.11 -0.83 20.41
CA PHE B 119 4.35 -2.26 20.49
C PHE B 119 3.25 -2.93 21.32
N PRO B 120 2.78 -4.12 20.90
CA PRO B 120 3.13 -4.93 19.73
C PRO B 120 2.21 -4.64 18.54
N PHE B 121 1.65 -3.44 18.50
CA PHE B 121 0.70 -3.07 17.46
C PHE B 121 1.24 -1.97 16.57
N ASP B 122 2.56 -1.96 16.41
CA ASP B 122 3.21 -0.87 15.69
C ASP B 122 3.32 -1.23 14.21
N ARG B 123 3.36 -0.17 13.41
CA ARG B 123 3.58 -0.28 11.99
C ARG B 123 4.89 0.43 11.68
N GLN B 124 5.65 -0.14 10.76
CA GLN B 124 6.98 0.35 10.41
C GLN B 124 7.10 0.45 8.90
N GLN B 125 8.11 1.18 8.42
CA GLN B 125 8.41 1.09 7.01
C GLN B 125 9.91 0.91 6.75
N PHE B 126 10.18 -0.20 6.06
CA PHE B 126 11.52 -0.59 5.67
C PHE B 126 11.91 0.21 4.44
N VAL B 127 13.13 0.72 4.45
CA VAL B 127 13.53 1.72 3.47
C VAL B 127 14.92 1.46 2.90
N LEU B 128 15.05 1.65 1.60
CA LEU B 128 16.34 1.67 0.93
C LEU B 128 16.54 3.05 0.34
N GLU B 129 17.76 3.55 0.42
CA GLU B 129 18.11 4.81 -0.22
C GLU B 129 19.36 4.58 -1.05
N LEU B 130 19.29 4.96 -2.32
CA LEU B 130 20.31 4.64 -3.30
C LEU B 130 20.71 5.91 -4.02
N GLU B 131 22.01 6.11 -4.14
CA GLU B 131 22.55 7.38 -4.59
C GLU B 131 23.96 7.16 -5.11
N PRO B 132 24.32 7.84 -6.21
CA PRO B 132 25.70 7.63 -6.65
C PRO B 132 26.68 8.22 -5.66
N PHE B 133 27.85 7.59 -5.57
CA PHE B 133 28.79 7.94 -4.52
C PHE B 133 29.61 9.16 -4.94
N SER B 134 29.85 9.27 -6.25
CA SER B 134 30.80 10.26 -6.76
C SER B 134 30.22 11.23 -7.79
N TYR B 135 29.24 10.75 -8.56
CA TYR B 135 28.71 11.51 -9.69
C TYR B 135 27.37 12.18 -9.38
N ASN B 136 27.30 13.50 -9.60
CA ASN B 136 26.08 14.24 -9.32
C ASN B 136 25.05 14.11 -10.45
N ASN B 137 23.95 14.85 -10.32
CA ASN B 137 22.84 14.74 -11.27
C ASN B 137 23.14 15.38 -12.61
N GLN B 138 24.20 16.17 -12.69
CA GLN B 138 24.60 16.75 -13.95
C GLN B 138 25.49 15.75 -14.67
N GLN B 139 25.90 14.71 -13.95
CA GLN B 139 26.67 13.60 -14.53
C GLN B 139 25.89 12.29 -14.59
N LEU B 140 25.18 11.96 -13.51
CA LEU B 140 24.42 10.70 -13.44
C LEU B 140 23.06 10.93 -12.78
N ARG B 141 22.02 10.52 -13.48
CA ARG B 141 20.65 10.82 -13.10
C ARG B 141 19.84 9.53 -13.11
N PHE B 142 19.04 9.30 -12.07
CA PHE B 142 18.17 8.13 -12.05
C PHE B 142 16.93 8.40 -12.92
N SER B 143 16.88 7.69 -14.04
CA SER B 143 15.78 7.85 -14.99
C SER B 143 14.48 7.31 -14.42
N ASP B 144 14.53 6.09 -13.88
CA ASP B 144 13.34 5.49 -13.29
C ASP B 144 13.71 4.34 -12.35
N ILE B 145 12.82 4.06 -11.41
CA ILE B 145 13.04 3.03 -10.40
C ILE B 145 11.86 2.06 -10.34
N GLN B 146 12.12 0.81 -10.69
CA GLN B 146 11.18 -0.28 -10.48
C GLN B 146 11.57 -1.10 -9.25
N VAL B 147 10.57 -1.49 -8.48
CA VAL B 147 10.76 -2.33 -7.29
C VAL B 147 9.81 -3.52 -7.27
N TYR B 148 10.35 -4.70 -7.05
CA TYR B 148 9.56 -5.93 -7.09
C TYR B 148 9.64 -6.73 -5.79
N THR B 149 8.47 -7.13 -5.30
CA THR B 149 8.38 -7.94 -4.10
C THR B 149 7.54 -9.15 -4.41
N GLU B 150 7.73 -10.22 -3.65
CA GLU B 150 6.95 -11.43 -3.84
C GLU B 150 5.67 -11.25 -3.03
N ASN B 151 4.62 -11.97 -3.38
CA ASN B 151 3.36 -11.85 -2.64
C ASN B 151 3.22 -12.98 -1.64
N ILE B 152 2.66 -12.64 -0.48
CA ILE B 152 2.65 -13.53 0.68
C ILE B 152 1.33 -14.20 1.05
N ASP B 153 1.35 -15.53 0.99
CA ASP B 153 0.18 -16.34 1.29
C ASP B 153 0.39 -16.72 2.74
N ASN B 154 1.56 -17.28 3.02
CA ASN B 154 1.92 -17.68 4.38
C ASN B 154 2.29 -16.52 5.27
N GLU B 155 1.32 -15.94 5.95
CA GLU B 155 1.59 -14.72 6.70
C GLU B 155 1.80 -14.91 8.20
N GLU B 156 1.15 -15.92 8.77
CA GLU B 156 1.30 -16.20 10.20
C GLU B 156 2.72 -16.67 10.48
N ILE B 157 3.23 -17.51 9.59
CA ILE B 157 4.64 -17.89 9.58
C ILE B 157 5.57 -16.71 9.82
N ASP B 158 5.27 -15.60 9.15
CA ASP B 158 6.08 -14.38 9.20
C ASP B 158 5.77 -13.49 10.41
N GLU B 159 6.84 -12.88 10.92
CA GLU B 159 6.79 -11.96 12.05
C GLU B 159 6.10 -10.65 11.72
N TRP B 160 6.36 -10.16 10.51
CA TRP B 160 5.78 -8.90 10.04
C TRP B 160 4.82 -9.11 8.90
N TRP B 161 3.83 -8.23 8.83
CA TRP B 161 2.90 -8.22 7.73
C TRP B 161 3.15 -7.04 6.77
N ILE B 162 3.56 -7.37 5.55
CA ILE B 162 3.90 -6.36 4.54
C ILE B 162 2.66 -5.80 3.85
N ARG B 163 2.39 -4.51 4.08
CA ARG B 163 1.17 -3.88 3.57
C ARG B 163 1.41 -3.07 2.31
N GLY B 164 0.64 -3.43 1.27
CA GLY B 164 0.74 -2.81 -0.03
C GLY B 164 2.05 -3.18 -0.68
N LYS B 165 2.13 -3.01 -2.00
CA LYS B 165 3.41 -3.12 -2.68
C LYS B 165 4.19 -1.80 -2.54
N ALA B 166 5.47 -1.85 -2.89
CA ALA B 166 6.44 -0.82 -2.51
C ALA B 166 6.28 0.54 -3.17
N SER B 167 6.53 1.57 -2.36
CA SER B 167 6.59 2.96 -2.80
C SER B 167 7.99 3.28 -3.31
N THR B 168 8.07 4.00 -4.43
CA THR B 168 9.34 4.35 -5.05
C THR B 168 9.45 5.86 -5.20
N HIS B 169 10.66 6.38 -5.34
CA HIS B 169 10.93 7.83 -5.26
C HIS B 169 12.27 8.26 -5.83
N ILE B 170 12.29 8.83 -7.02
CA ILE B 170 13.48 9.53 -7.48
C ILE B 170 13.37 11.00 -7.07
N SER B 171 14.50 11.57 -6.68
CA SER B 171 14.55 12.94 -6.19
C SER B 171 15.97 13.44 -6.25
N ASP B 172 16.21 14.65 -5.76
CA ASP B 172 17.52 15.27 -5.82
C ASP B 172 17.94 15.81 -4.45
N ILE B 173 19.16 15.49 -4.01
CA ILE B 173 19.66 15.94 -2.72
C ILE B 173 20.77 16.95 -2.87
N ARG B 174 20.57 18.06 -2.18
CA ARG B 174 21.46 19.20 -2.19
C ARG B 174 22.40 19.08 -1.00
N TYR B 175 23.69 18.96 -1.28
CA TYR B 175 24.67 18.92 -0.20
C TYR B 175 25.33 20.29 -0.12
N ASP B 176 25.11 20.98 1.00
CA ASP B 176 25.52 22.38 1.14
C ASP B 176 27.02 22.52 1.38
N HIS B 177 27.65 21.45 1.85
CA HIS B 177 29.05 21.51 2.23
C HIS B 177 29.89 20.58 1.37
N LEU B 178 30.55 21.24 0.42
CA LEU B 178 31.27 20.66 -0.70
C LEU B 178 32.43 21.63 -0.96
N SER B 179 33.54 21.12 -1.49
CA SER B 179 34.72 21.97 -1.71
C SER B 179 34.68 22.85 -2.97
N SER B 180 34.61 22.24 -4.16
CA SER B 180 34.51 23.01 -5.41
C SER B 180 33.06 23.22 -5.82
N VAL B 181 32.20 23.33 -4.82
CA VAL B 181 30.77 23.65 -4.96
C VAL B 181 30.30 24.17 -6.33
N GLN B 182 30.68 25.40 -6.68
CA GLN B 182 30.09 26.13 -7.81
C GLN B 182 28.61 25.74 -7.90
N PRO B 183 27.75 26.38 -7.09
CA PRO B 183 26.46 25.76 -6.79
C PRO B 183 25.50 25.53 -7.98
N ASN B 184 25.95 24.60 -8.81
CA ASN B 184 25.12 23.89 -9.76
C ASN B 184 25.73 22.49 -9.98
N GLN B 185 26.69 22.12 -9.11
CA GLN B 185 27.33 20.80 -9.11
C GLN B 185 27.30 20.12 -7.74
N ASN B 186 26.31 20.46 -6.93
CA ASN B 186 26.24 19.94 -5.56
C ASN B 186 24.96 19.17 -5.28
N GLU B 187 24.31 18.71 -6.33
CA GLU B 187 23.03 18.04 -6.21
C GLU B 187 23.15 16.60 -6.70
N PHE B 188 22.59 15.65 -5.96
CA PHE B 188 22.74 14.24 -6.32
C PHE B 188 21.41 13.52 -6.51
N SER B 189 21.37 12.67 -7.53
CA SER B 189 20.20 11.86 -7.85
C SER B 189 20.03 10.74 -6.83
N ARG B 190 18.83 10.62 -6.24
CA ARG B 190 18.59 9.60 -5.23
C ARG B 190 17.27 8.85 -5.37
N ILE B 191 17.37 7.55 -5.64
CA ILE B 191 16.28 6.62 -5.44
C ILE B 191 16.02 6.35 -3.95
N THR B 192 14.74 6.19 -3.62
CA THR B 192 14.30 5.86 -2.27
C THR B 192 13.12 4.91 -2.39
N VAL B 193 13.19 3.80 -1.66
CA VAL B 193 12.18 2.76 -1.76
C VAL B 193 11.60 2.55 -0.39
N ARG B 194 10.29 2.35 -0.33
CA ARG B 194 9.60 2.15 0.94
C ARG B 194 8.72 0.93 0.92
N ILE B 195 8.64 0.29 2.08
CA ILE B 195 7.83 -0.89 2.26
C ILE B 195 7.20 -0.79 3.62
N ASP B 196 5.88 -0.74 3.65
CA ASP B 196 5.18 -0.63 4.91
C ASP B 196 4.92 -2.03 5.43
N ALA B 197 4.83 -2.13 6.74
CA ALA B 197 4.65 -3.40 7.37
C ALA B 197 4.12 -3.18 8.77
N VAL B 198 3.47 -4.20 9.31
CA VAL B 198 2.86 -4.10 10.61
C VAL B 198 3.27 -5.33 11.39
N ARG B 199 3.30 -5.22 12.71
CA ARG B 199 3.76 -6.32 13.53
C ARG B 199 2.63 -7.32 13.73
N ASN B 200 2.97 -8.60 13.59
CA ASN B 200 2.03 -9.69 13.84
C ASN B 200 1.80 -9.85 15.35
N PRO B 201 0.68 -9.34 15.87
CA PRO B 201 0.56 -9.22 17.33
C PRO B 201 0.14 -10.52 18.03
N SER B 202 0.12 -11.64 17.29
CA SER B 202 -0.38 -12.90 17.82
C SER B 202 0.30 -13.30 19.13
N TYR B 203 1.56 -13.71 19.04
CA TYR B 203 2.30 -14.21 20.20
C TYR B 203 2.15 -13.28 21.40
N TYR B 204 2.23 -11.98 21.15
CA TYR B 204 2.30 -11.01 22.23
C TYR B 204 0.95 -10.83 22.93
N LEU B 205 -0.12 -11.10 22.21
CA LEU B 205 -1.45 -11.02 22.80
C LEU B 205 -1.80 -12.18 23.71
N TRP B 206 -1.76 -13.40 23.18
CA TRP B 206 -2.20 -14.57 23.93
C TRP B 206 -1.22 -14.98 25.03
N SER B 207 0.06 -14.63 24.88
CA SER B 207 1.07 -15.12 25.81
C SER B 207 1.58 -14.05 26.78
N PHE B 208 1.34 -12.77 26.49
CA PHE B 208 1.73 -11.69 27.42
C PHE B 208 0.54 -10.84 27.85
N ILE B 209 -0.12 -10.19 26.89
CA ILE B 209 -1.20 -9.26 27.21
C ILE B 209 -2.30 -9.95 28.01
N LEU B 210 -2.74 -11.11 27.55
CA LEU B 210 -3.83 -11.83 28.20
C LEU B 210 -3.49 -12.21 29.66
N PRO B 211 -2.44 -13.02 29.88
CA PRO B 211 -2.13 -13.36 31.27
C PRO B 211 -1.93 -12.17 32.21
N LEU B 212 -1.41 -11.06 31.72
CA LEU B 212 -1.16 -9.92 32.60
C LEU B 212 -2.48 -9.30 33.05
N GLY B 213 -3.49 -9.38 32.20
CA GLY B 213 -4.83 -8.96 32.58
C GLY B 213 -5.32 -9.80 33.74
N LEU B 214 -5.37 -11.12 33.52
CA LEU B 214 -5.74 -12.10 34.53
C LEU B 214 -5.02 -11.88 35.86
N ILE B 215 -3.71 -11.69 35.79
CA ILE B 215 -2.92 -11.46 36.99
C ILE B 215 -3.33 -10.16 37.68
N ILE B 216 -3.55 -9.11 36.88
CA ILE B 216 -3.98 -7.84 37.46
C ILE B 216 -5.40 -8.00 37.98
N ALA B 217 -6.23 -8.71 37.21
CA ALA B 217 -7.58 -9.04 37.63
C ALA B 217 -7.59 -9.76 38.98
N ALA B 218 -7.08 -10.98 38.99
CA ALA B 218 -7.01 -11.78 40.21
C ALA B 218 -6.32 -11.07 41.38
N SER B 219 -5.53 -10.04 41.10
CA SER B 219 -4.91 -9.28 42.17
C SER B 219 -6.00 -8.58 42.96
N TRP B 220 -7.09 -8.25 42.28
CA TRP B 220 -8.19 -7.50 42.88
C TRP B 220 -8.95 -8.38 43.87
N SER B 221 -8.90 -9.70 43.65
CA SER B 221 -9.59 -10.64 44.53
C SER B 221 -8.99 -10.70 45.94
N VAL B 222 -8.07 -9.80 46.25
CA VAL B 222 -7.51 -9.71 47.60
C VAL B 222 -8.58 -9.30 48.60
N PHE B 223 -9.49 -8.44 48.14
CA PHE B 223 -10.49 -7.82 48.99
C PHE B 223 -11.50 -8.85 49.50
N TRP B 224 -11.66 -9.94 48.76
CA TRP B 224 -12.60 -10.98 49.18
C TRP B 224 -12.01 -11.92 50.23
N LEU B 225 -10.80 -11.63 50.71
CA LEU B 225 -10.29 -12.36 51.86
C LEU B 225 -10.91 -11.69 53.07
N GLU B 226 -11.27 -12.48 54.07
CA GLU B 226 -12.08 -11.95 55.16
C GLU B 226 -11.21 -11.24 56.19
N SER B 227 -10.14 -11.90 56.62
CA SER B 227 -9.24 -11.35 57.62
C SER B 227 -8.43 -10.19 57.05
N PHE B 228 -7.76 -9.43 57.92
CA PHE B 228 -6.82 -8.39 57.51
C PHE B 228 -5.42 -8.94 57.28
N SER B 229 -4.96 -9.73 58.23
CA SER B 229 -3.70 -10.46 58.09
C SER B 229 -3.67 -11.23 56.77
N GLU B 230 -4.77 -11.91 56.46
CA GLU B 230 -4.89 -12.64 55.20
C GLU B 230 -4.68 -11.72 54.00
N ARG B 231 -5.32 -10.54 54.03
CA ARG B 231 -5.29 -9.64 52.89
C ARG B 231 -3.93 -9.00 52.67
N LEU B 232 -3.25 -8.63 53.75
CA LEU B 232 -1.99 -7.90 53.64
C LEU B 232 -0.86 -8.84 53.28
N GLN B 233 -0.90 -10.05 53.83
CA GLN B 233 0.15 -11.04 53.57
C GLN B 233 0.08 -11.52 52.12
N THR B 234 -1.14 -11.63 51.59
CA THR B 234 -1.32 -12.01 50.20
C THR B 234 -0.81 -10.92 49.27
N SER B 235 -0.88 -9.68 49.73
CA SER B 235 -0.50 -8.54 48.90
C SER B 235 0.99 -8.58 48.54
N PHE B 236 1.81 -9.04 49.47
CA PHE B 236 3.24 -9.17 49.24
C PHE B 236 3.59 -10.28 48.24
N THR B 237 2.78 -11.34 48.23
CA THR B 237 2.96 -12.42 47.27
C THR B 237 2.57 -11.95 45.86
N LEU B 238 1.49 -11.18 45.78
CA LEU B 238 1.07 -10.59 44.51
C LEU B 238 2.12 -9.67 43.96
N MET B 239 2.65 -8.83 44.83
CA MET B 239 3.74 -7.93 44.48
C MET B 239 4.84 -8.72 43.79
N LEU B 240 5.34 -9.73 44.47
CA LEU B 240 6.33 -10.62 43.91
C LEU B 240 5.97 -11.16 42.53
N THR B 241 4.71 -11.54 42.34
CA THR B 241 4.27 -12.12 41.06
C THR B 241 4.41 -11.12 39.90
N VAL B 242 4.05 -9.87 40.13
CA VAL B 242 4.19 -8.85 39.09
C VAL B 242 5.67 -8.64 38.77
N VAL B 243 6.51 -8.69 39.80
CA VAL B 243 7.95 -8.56 39.60
C VAL B 243 8.43 -9.71 38.72
N ALA B 244 8.00 -10.93 39.06
CA ALA B 244 8.33 -12.09 38.26
C ALA B 244 7.86 -11.88 36.83
N TYR B 245 6.73 -11.22 36.67
CA TYR B 245 6.17 -11.00 35.34
C TYR B 245 6.96 -9.91 34.62
N ALA B 246 7.39 -8.90 35.37
CA ALA B 246 8.15 -7.78 34.81
C ALA B 246 9.44 -8.30 34.20
N PHE B 247 10.00 -9.31 34.86
CA PHE B 247 11.24 -9.94 34.48
C PHE B 247 11.02 -10.79 33.24
N TYR B 248 9.94 -11.57 33.28
CA TYR B 248 9.52 -12.41 32.16
C TYR B 248 9.38 -11.64 30.85
N THR B 249 8.57 -10.59 30.83
CA THR B 249 8.37 -9.83 29.61
C THR B 249 9.64 -9.16 29.13
N SER B 250 10.32 -8.46 30.03
CA SER B 250 11.46 -7.63 29.66
C SER B 250 12.60 -8.46 29.09
N ASN B 251 12.73 -9.70 29.55
CA ASN B 251 13.79 -10.59 29.09
C ASN B 251 13.54 -11.12 27.67
N ILE B 252 12.28 -11.10 27.25
CA ILE B 252 11.86 -11.66 25.97
C ILE B 252 11.39 -10.61 24.98
N LEU B 253 10.89 -9.49 25.47
CA LEU B 253 10.50 -8.40 24.58
C LEU B 253 11.69 -7.56 24.17
N PRO B 254 11.60 -6.89 23.02
CA PRO B 254 12.72 -6.10 22.52
C PRO B 254 13.10 -4.95 23.43
N ARG B 255 14.39 -4.76 23.65
CA ARG B 255 14.82 -3.66 24.48
C ARG B 255 14.66 -2.38 23.69
N LEU B 256 14.21 -1.36 24.39
CA LEU B 256 13.90 -0.08 23.78
C LEU B 256 14.34 0.95 24.80
N PRO B 257 14.38 2.22 24.42
CA PRO B 257 14.78 3.25 25.38
C PRO B 257 13.56 3.98 25.92
N TYR B 258 12.38 3.40 25.74
CA TYR B 258 11.15 4.02 26.21
C TYR B 258 10.09 2.95 26.47
N THR B 259 9.04 3.32 27.20
CA THR B 259 8.03 2.34 27.62
C THR B 259 7.00 2.02 26.53
N THR B 260 6.65 0.75 26.41
CA THR B 260 5.57 0.32 25.55
C THR B 260 4.27 0.19 26.32
N VAL B 261 3.22 -0.20 25.62
CA VAL B 261 1.95 -0.57 26.22
C VAL B 261 2.14 -1.59 27.34
N ILE B 262 2.69 -2.75 26.99
CA ILE B 262 2.91 -3.82 27.96
C ILE B 262 3.66 -3.36 29.19
N ASP B 263 4.66 -2.51 29.02
CA ASP B 263 5.43 -2.02 30.17
C ASP B 263 4.52 -1.21 31.10
N GLN B 264 3.56 -0.48 30.52
CA GLN B 264 2.65 0.33 31.31
C GLN B 264 1.66 -0.53 32.08
N MET B 265 1.07 -1.53 31.41
CA MET B 265 0.26 -2.52 32.11
C MET B 265 0.97 -3.03 33.35
N ILE B 266 2.29 -3.23 33.24
CA ILE B 266 3.07 -3.76 34.34
C ILE B 266 3.18 -2.73 35.46
N ILE B 267 3.40 -1.47 35.08
CA ILE B 267 3.42 -0.40 36.05
C ILE B 267 2.04 -0.26 36.68
N ALA B 268 1.00 -0.48 35.87
CA ALA B 268 -0.37 -0.46 36.38
C ALA B 268 -0.58 -1.52 37.46
N GLY B 269 -0.20 -2.76 37.15
CA GLY B 269 -0.24 -3.84 38.12
C GLY B 269 0.48 -3.50 39.39
N TYR B 270 1.63 -2.83 39.26
CA TYR B 270 2.39 -2.38 40.42
C TYR B 270 1.59 -1.35 41.19
N GLY B 271 0.78 -0.57 40.47
CA GLY B 271 0.01 0.49 41.10
C GLY B 271 -1.22 -0.04 41.81
N SER B 272 -2.02 -0.84 41.11
CA SER B 272 -3.20 -1.47 41.70
C SER B 272 -2.89 -2.18 43.01
N ILE B 273 -1.67 -2.72 43.12
CA ILE B 273 -1.28 -3.47 44.29
C ILE B 273 -0.70 -2.59 45.39
N PHE B 274 0.06 -1.56 45.02
CA PHE B 274 0.54 -0.63 46.03
C PHE B 274 -0.63 0.18 46.53
N ALA B 275 -1.60 0.40 45.64
CA ALA B 275 -2.83 1.10 46.00
C ALA B 275 -3.61 0.35 47.08
N ALA B 276 -4.01 -0.88 46.76
CA ALA B 276 -4.75 -1.73 47.70
C ALA B 276 -4.07 -1.81 49.07
N ILE B 277 -2.75 -1.89 49.09
CA ILE B 277 -2.03 -1.93 50.35
C ILE B 277 -2.23 -0.64 51.12
N LEU B 278 -2.38 0.48 50.43
CA LEU B 278 -2.61 1.73 51.14
C LEU B 278 -4.02 1.72 51.73
N LEU B 279 -4.95 1.05 51.05
CA LEU B 279 -6.32 0.88 51.57
C LEU B 279 -6.44 -0.22 52.62
N ILE B 280 -6.10 -1.44 52.21
CA ILE B 280 -6.18 -2.62 53.08
C ILE B 280 -5.68 -2.29 54.48
N ILE B 281 -4.72 -1.37 54.57
CA ILE B 281 -4.14 -0.96 55.84
C ILE B 281 -4.89 0.24 56.41
N PHE B 282 -5.59 0.99 55.56
CA PHE B 282 -6.35 2.16 55.99
C PHE B 282 -7.64 1.74 56.67
N ALA B 283 -8.40 0.88 55.99
CA ALA B 283 -9.60 0.23 56.54
C ALA B 283 -9.43 -0.10 58.01
N HIS B 284 -8.24 -0.56 58.35
CA HIS B 284 -7.91 -1.07 59.67
C HIS B 284 -7.89 0.04 60.74
N HIS B 285 -8.24 1.26 60.35
CA HIS B 285 -8.25 2.42 61.27
C HIS B 285 -9.36 3.45 61.05
N ARG B 286 -10.32 3.20 60.15
CA ARG B 286 -10.98 4.31 59.45
C ARG B 286 -11.73 5.33 60.33
N GLN B 287 -13.03 5.16 60.54
CA GLN B 287 -13.81 6.21 61.20
C GLN B 287 -13.55 6.16 62.70
N ALA B 288 -14.50 6.57 63.53
CA ALA B 288 -14.27 6.53 64.96
C ALA B 288 -14.24 5.12 65.52
N ASN B 289 -13.55 5.01 66.65
CA ASN B 289 -13.19 3.79 67.36
C ASN B 289 -12.29 2.85 66.51
N GLY B 290 -11.36 3.44 65.75
CA GLY B 290 -10.47 2.71 64.86
C GLY B 290 -10.89 1.30 64.46
N VAL B 291 -12.12 1.18 63.93
CA VAL B 291 -12.74 -0.10 63.60
C VAL B 291 -12.19 -0.90 62.40
N GLU B 292 -12.13 -2.22 62.59
CA GLU B 292 -11.84 -3.22 61.53
C GLU B 292 -12.91 -3.09 60.43
N ASP B 293 -12.98 -1.91 59.86
CA ASP B 293 -14.06 -1.49 58.97
C ASP B 293 -14.24 -2.34 57.69
N ASP B 294 -14.72 -3.57 57.84
CA ASP B 294 -14.95 -4.50 56.71
C ASP B 294 -15.91 -3.91 55.66
N LEU B 295 -16.37 -2.71 55.94
CA LEU B 295 -17.28 -1.96 55.09
C LEU B 295 -16.65 -1.43 53.77
N LEU B 296 -15.42 -0.90 53.82
CA LEU B 296 -14.72 -0.39 52.62
C LEU B 296 -14.36 -1.48 51.63
N ILE B 297 -13.93 -2.60 52.17
CA ILE B 297 -13.48 -3.72 51.39
C ILE B 297 -14.51 -4.23 50.38
N GLN B 298 -15.73 -4.45 50.83
CA GLN B 298 -16.76 -4.91 49.91
C GLN B 298 -17.06 -3.82 48.89
N ARG B 299 -16.98 -2.55 49.27
CA ARG B 299 -17.10 -1.51 48.26
C ARG B 299 -15.96 -1.74 47.28
N CYS B 300 -14.77 -2.03 47.81
CA CYS B 300 -13.57 -2.19 46.99
C CYS B 300 -13.66 -3.41 46.08
N ARG B 301 -14.33 -4.45 46.56
CA ARG B 301 -14.43 -5.71 45.81
C ARG B 301 -14.76 -5.46 44.33
N LEU B 302 -15.66 -4.52 44.07
CA LEU B 302 -15.89 -4.07 42.70
C LEU B 302 -15.86 -2.53 42.56
N ALA B 303 -15.34 -1.81 43.57
CA ALA B 303 -15.05 -0.39 43.39
C ALA B 303 -13.85 -0.06 42.50
N PHE B 304 -12.72 -0.75 42.65
CA PHE B 304 -11.61 -0.40 41.77
C PHE B 304 -11.09 -1.52 40.85
N PRO B 305 -11.76 -2.70 40.84
CA PRO B 305 -11.80 -3.34 39.51
C PRO B 305 -12.45 -2.42 38.48
N LEU B 306 -13.21 -1.44 38.96
CA LEU B 306 -13.83 -0.41 38.14
C LEU B 306 -12.91 0.81 38.06
N GLY B 307 -12.60 1.35 39.23
CA GLY B 307 -11.70 2.48 39.35
C GLY B 307 -10.38 2.29 38.62
N PHE B 308 -9.93 1.04 38.47
CA PHE B 308 -8.72 0.73 37.70
C PHE B 308 -8.99 0.53 36.22
N LEU B 309 -9.98 -0.30 35.93
CA LEU B 309 -10.36 -0.60 34.56
C LEU B 309 -10.97 0.64 33.90
N ALA B 310 -11.14 1.71 34.69
CA ALA B 310 -11.55 3.02 34.20
C ALA B 310 -10.36 3.98 34.11
N ILE B 311 -9.70 4.26 35.23
CA ILE B 311 -8.59 5.22 35.25
C ILE B 311 -7.43 4.67 34.42
N GLY B 312 -7.52 3.40 34.05
CA GLY B 312 -6.58 2.78 33.14
C GLY B 312 -7.13 2.80 31.72
N CYS B 313 -8.44 2.98 31.60
CA CYS B 313 -9.10 3.05 30.30
C CYS B 313 -8.78 4.35 29.55
N VAL B 314 -8.05 5.24 30.21
CA VAL B 314 -7.77 6.57 29.67
C VAL B 314 -6.32 6.75 29.16
N LEU B 315 -5.71 5.68 28.66
CA LEU B 315 -4.42 5.78 27.99
C LEU B 315 -4.67 5.88 26.48
N VAL B 316 -4.21 6.99 25.88
CA VAL B 316 -4.43 7.25 24.46
C VAL B 316 -3.23 7.99 23.85
N ILE B 317 -2.02 7.53 24.16
CA ILE B 317 -0.82 8.20 23.67
C ILE B 317 -0.42 7.67 22.30
N ARG C 10 21.46 -26.49 -28.29
CA ARG C 10 22.52 -25.49 -28.23
C ARG C 10 22.96 -25.11 -26.80
N PRO C 11 22.04 -25.17 -25.81
CA PRO C 11 22.51 -24.74 -24.49
C PRO C 11 23.51 -25.72 -23.89
N VAL C 12 24.37 -25.26 -23.00
CA VAL C 12 25.32 -26.18 -22.38
C VAL C 12 24.59 -27.03 -21.36
N ASP C 13 24.83 -28.33 -21.41
CA ASP C 13 24.26 -29.25 -20.44
C ASP C 13 25.23 -29.33 -19.26
N VAL C 14 24.73 -28.99 -18.07
CA VAL C 14 25.52 -29.08 -16.86
C VAL C 14 24.93 -30.12 -15.92
N SER C 15 25.78 -31.07 -15.54
CA SER C 15 25.40 -32.13 -14.61
C SER C 15 25.90 -31.78 -13.23
N VAL C 16 24.99 -31.76 -12.26
CA VAL C 16 25.29 -31.31 -10.91
C VAL C 16 25.21 -32.46 -9.92
N SER C 17 26.17 -32.49 -8.98
CA SER C 17 26.09 -33.37 -7.81
C SER C 17 26.32 -32.58 -6.52
N ILE C 18 25.41 -32.74 -5.57
CA ILE C 18 25.51 -32.08 -4.27
C ILE C 18 25.63 -33.08 -3.13
N PHE C 19 26.79 -33.11 -2.50
CA PHE C 19 27.01 -33.90 -1.29
C PHE C 19 26.70 -33.06 -0.05
N ILE C 20 25.86 -33.59 0.85
CA ILE C 20 25.45 -32.87 2.06
C ILE C 20 26.06 -33.55 3.29
N ASN C 21 26.89 -32.79 4.00
CA ASN C 21 27.61 -33.29 5.16
C ASN C 21 26.85 -33.10 6.48
N LYS C 22 26.24 -31.94 6.63
CA LYS C 22 25.69 -31.50 7.92
C LYS C 22 24.60 -30.46 7.73
N ILE C 23 23.42 -30.68 8.34
CA ILE C 23 22.42 -29.64 8.45
C ILE C 23 22.31 -29.30 9.94
N TYR C 24 22.58 -28.06 10.28
CA TYR C 24 22.57 -27.64 11.68
C TYR C 24 22.24 -26.16 11.78
N GLY C 25 22.15 -25.68 13.02
CA GLY C 25 22.03 -24.27 13.29
C GLY C 25 20.75 -23.65 12.79
N VAL C 26 19.66 -24.40 12.91
CA VAL C 26 18.34 -23.88 12.54
C VAL C 26 18.01 -22.64 13.36
N ASN C 27 17.70 -21.54 12.68
CA ASN C 27 17.22 -20.33 13.34
C ASN C 27 15.75 -20.15 13.01
N THR C 28 14.92 -20.33 14.04
CA THR C 28 13.47 -20.30 13.88
C THR C 28 12.97 -18.93 13.44
N LEU C 29 13.51 -17.88 14.06
CA LEU C 29 13.00 -16.54 13.85
C LEU C 29 13.30 -16.01 12.46
N GLU C 30 14.52 -16.24 12.00
CA GLU C 30 14.93 -15.85 10.66
C GLU C 30 14.48 -16.87 9.64
N GLN C 31 14.07 -18.04 10.13
CA GLN C 31 13.67 -19.16 9.27
C GLN C 31 14.83 -19.53 8.35
N THR C 32 15.91 -20.01 8.95
CA THR C 32 17.11 -20.37 8.23
C THR C 32 17.74 -21.59 8.87
N TYR C 33 18.70 -22.17 8.16
CA TYR C 33 19.43 -23.32 8.66
C TYR C 33 20.75 -23.38 7.92
N LYS C 34 21.73 -24.07 8.51
CA LYS C 34 23.07 -24.12 7.92
C LYS C 34 23.34 -25.44 7.24
N VAL C 35 24.08 -25.37 6.14
CA VAL C 35 24.42 -26.55 5.36
C VAL C 35 25.87 -26.53 4.93
N ASP C 36 26.56 -27.62 5.27
CA ASP C 36 27.94 -27.84 4.89
C ASP C 36 27.92 -28.99 3.90
N GLY C 37 28.64 -28.84 2.80
CA GLY C 37 28.65 -29.85 1.78
C GLY C 37 29.60 -29.54 0.65
N TYR C 38 29.62 -30.43 -0.34
CA TYR C 38 30.35 -30.20 -1.56
C TYR C 38 29.36 -30.02 -2.70
N ILE C 39 29.80 -29.36 -3.76
CA ILE C 39 28.99 -29.19 -4.96
C ILE C 39 29.88 -29.54 -6.13
N VAL C 40 29.34 -30.28 -7.08
CA VAL C 40 30.10 -30.70 -8.25
C VAL C 40 29.31 -30.36 -9.49
N ALA C 41 29.98 -29.78 -10.48
CA ALA C 41 29.36 -29.41 -11.73
C ALA C 41 30.19 -29.92 -12.89
N GLN C 42 29.53 -30.57 -13.84
CA GLN C 42 30.21 -31.15 -14.99
C GLN C 42 29.62 -30.67 -16.30
N TRP C 43 30.48 -30.39 -17.26
CA TRP C 43 30.06 -30.02 -18.60
C TRP C 43 31.21 -30.28 -19.55
N THR C 44 30.93 -30.35 -20.85
CA THR C 44 31.95 -30.64 -21.85
C THR C 44 32.10 -29.47 -22.81
N GLY C 45 33.33 -29.18 -23.21
CA GLY C 45 33.59 -28.05 -24.08
C GLY C 45 34.60 -28.43 -25.15
N LYS C 46 35.14 -27.43 -25.83
CA LYS C 46 36.23 -27.63 -26.78
C LYS C 46 37.37 -28.43 -26.14
N PRO C 47 37.73 -29.58 -26.75
CA PRO C 47 38.85 -30.37 -26.24
C PRO C 47 40.17 -29.60 -26.17
N ARG C 48 41.14 -30.21 -25.49
CA ARG C 48 42.31 -29.51 -25.02
C ARG C 48 43.49 -30.46 -24.93
N LYS C 49 44.67 -29.93 -25.22
CA LYS C 49 45.91 -30.66 -25.05
C LYS C 49 46.45 -30.35 -23.66
N THR C 50 46.58 -31.40 -22.86
CA THR C 50 46.95 -31.30 -21.45
C THR C 50 48.35 -31.85 -21.23
N PRO C 51 48.99 -31.51 -20.09
CA PRO C 51 50.20 -32.26 -19.80
C PRO C 51 49.88 -33.74 -19.64
N GLY C 52 50.60 -34.59 -20.39
CA GLY C 52 50.20 -35.96 -20.58
C GLY C 52 48.84 -36.01 -21.26
N ASP C 53 48.28 -37.20 -21.46
CA ASP C 53 46.88 -37.29 -21.85
C ASP C 53 46.07 -37.63 -20.61
N LYS C 54 46.68 -37.34 -19.47
CA LYS C 54 46.02 -37.48 -18.18
C LYS C 54 45.35 -36.16 -17.86
N PRO C 55 44.25 -36.18 -17.09
CA PRO C 55 43.53 -34.92 -16.85
C PRO C 55 44.35 -33.94 -16.05
N LEU C 56 43.96 -32.66 -16.08
CA LEU C 56 44.70 -31.61 -15.40
C LEU C 56 43.92 -31.06 -14.22
N ILE C 57 44.63 -30.89 -13.11
CA ILE C 57 44.06 -30.37 -11.88
C ILE C 57 44.50 -28.93 -11.61
N VAL C 58 43.52 -28.11 -11.26
CA VAL C 58 43.72 -26.69 -11.01
C VAL C 58 43.03 -26.34 -9.70
N GLU C 59 43.80 -25.90 -8.72
CA GLU C 59 43.28 -25.69 -7.38
C GLU C 59 43.17 -24.23 -7.02
N ASN C 60 42.02 -23.86 -6.45
CA ASN C 60 41.80 -22.56 -5.84
C ASN C 60 42.27 -21.36 -6.66
N THR C 61 43.36 -20.73 -6.22
CA THR C 61 43.78 -19.44 -6.77
C THR C 61 44.10 -19.51 -8.27
N GLN C 62 44.42 -20.70 -8.75
CA GLN C 62 44.82 -20.87 -10.14
C GLN C 62 43.62 -20.82 -11.06
N ILE C 63 42.45 -21.19 -10.54
CA ILE C 63 41.23 -21.14 -11.34
C ILE C 63 41.01 -19.72 -11.82
N GLU C 64 41.32 -18.75 -10.96
CA GLU C 64 41.14 -17.35 -11.31
C GLU C 64 41.97 -17.03 -12.54
N ARG C 65 43.21 -17.53 -12.58
CA ARG C 65 44.08 -17.28 -13.72
C ARG C 65 43.53 -17.94 -14.98
N TRP C 66 43.02 -19.16 -14.86
CA TRP C 66 42.46 -19.85 -16.01
C TRP C 66 41.22 -19.13 -16.51
N ILE C 67 40.46 -18.54 -15.60
CA ILE C 67 39.27 -17.79 -15.99
C ILE C 67 39.67 -16.46 -16.63
N ASN C 68 40.78 -15.90 -16.18
CA ASN C 68 41.26 -14.64 -16.73
C ASN C 68 41.78 -14.80 -18.16
N ASN C 69 42.28 -15.99 -18.46
CA ASN C 69 42.67 -16.32 -19.83
C ASN C 69 41.49 -16.89 -20.62
N GLY C 70 40.29 -16.72 -20.09
CA GLY C 70 39.07 -17.02 -20.82
C GLY C 70 38.56 -18.45 -20.76
N LEU C 71 38.80 -19.14 -19.66
CA LEU C 71 38.13 -20.42 -19.43
C LEU C 71 36.71 -20.15 -18.96
N TRP C 72 35.76 -20.83 -19.59
CA TRP C 72 34.36 -20.65 -19.23
C TRP C 72 33.99 -21.45 -18.01
N VAL C 73 33.71 -20.73 -16.94
CA VAL C 73 33.22 -21.33 -15.71
C VAL C 73 32.00 -20.57 -15.20
N PRO C 74 30.79 -21.10 -15.44
CA PRO C 74 29.61 -20.32 -15.08
C PRO C 74 29.46 -20.17 -13.57
N ALA C 75 28.60 -19.25 -13.15
CA ALA C 75 28.46 -18.91 -11.73
C ALA C 75 27.85 -20.02 -10.89
N LEU C 76 26.54 -20.18 -11.02
CA LEU C 76 25.73 -21.04 -10.14
C LEU C 76 25.62 -20.41 -8.76
N GLU C 77 24.42 -19.94 -8.48
CA GLU C 77 24.10 -19.21 -7.27
C GLU C 77 23.11 -20.03 -6.48
N PHE C 78 23.33 -20.10 -5.16
CA PHE C 78 22.35 -20.70 -4.28
C PHE C 78 21.25 -19.67 -4.08
N ILE C 79 20.09 -19.87 -4.71
CA ILE C 79 18.99 -18.90 -4.63
C ILE C 79 18.62 -18.49 -3.23
N ASN C 80 18.57 -19.48 -2.35
CA ASN C 80 17.99 -19.27 -1.04
C ASN C 80 19.04 -19.19 0.06
N VAL C 81 20.28 -18.92 -0.35
CA VAL C 81 21.34 -18.66 0.62
C VAL C 81 21.10 -17.28 1.19
N VAL C 82 21.66 -17.03 2.37
CA VAL C 82 21.51 -15.77 3.06
C VAL C 82 22.89 -15.18 3.32
N GLY C 83 23.35 -14.33 2.41
CA GLY C 83 24.70 -13.80 2.49
C GLY C 83 25.63 -14.75 1.78
N SER C 84 26.74 -14.24 1.27
CA SER C 84 27.67 -15.06 0.51
C SER C 84 28.14 -16.26 1.32
N PRO C 85 27.89 -17.48 0.82
CA PRO C 85 28.27 -18.66 1.61
C PRO C 85 29.80 -18.80 1.68
N ASP C 86 30.29 -19.48 2.70
CA ASP C 86 31.73 -19.70 2.86
C ASP C 86 32.20 -20.84 1.98
N THR C 87 33.03 -20.51 0.99
CA THR C 87 33.55 -21.51 0.07
C THR C 87 34.96 -21.94 0.49
N GLY C 88 35.15 -23.24 0.71
CA GLY C 88 36.46 -23.77 1.07
C GLY C 88 37.36 -23.97 -0.14
N ASN C 89 37.93 -25.15 -0.30
CA ASN C 89 38.78 -25.38 -1.45
C ASN C 89 37.88 -25.65 -2.63
N LYS C 90 38.31 -25.17 -3.79
CA LYS C 90 37.62 -25.41 -5.04
C LYS C 90 38.60 -26.07 -6.00
N ARG C 91 38.06 -26.82 -6.94
CA ARG C 91 38.86 -27.57 -7.90
C ARG C 91 38.31 -27.56 -9.31
N LEU C 92 39.23 -27.38 -10.26
CA LEU C 92 38.96 -27.67 -11.66
C LEU C 92 39.75 -28.90 -12.06
N MET C 93 39.03 -29.89 -12.58
CA MET C 93 39.64 -31.03 -13.24
C MET C 93 39.38 -30.85 -14.74
N LEU C 94 40.42 -30.54 -15.50
CA LEU C 94 40.29 -30.29 -16.93
C LEU C 94 40.68 -31.54 -17.71
N PHE C 95 39.70 -32.14 -18.39
CA PHE C 95 39.97 -33.33 -19.19
C PHE C 95 40.40 -32.96 -20.61
N PRO C 96 41.19 -33.85 -21.26
CA PRO C 96 41.66 -33.57 -22.61
C PRO C 96 40.55 -33.74 -23.66
N ASP C 97 39.59 -34.63 -23.38
CA ASP C 97 38.49 -34.87 -24.31
C ASP C 97 37.41 -33.81 -24.16
N GLY C 98 37.79 -32.63 -23.67
CA GLY C 98 36.88 -31.51 -23.59
C GLY C 98 36.28 -31.24 -22.23
N ARG C 99 35.89 -32.30 -21.51
CA ARG C 99 34.98 -32.21 -20.36
C ARG C 99 35.17 -30.97 -19.47
N VAL C 100 35.76 -31.10 -18.28
CA VAL C 100 35.74 -30.12 -17.17
C VAL C 100 34.77 -30.46 -16.04
N ILE C 101 35.30 -30.45 -14.83
CA ILE C 101 34.50 -30.61 -13.62
C ILE C 101 34.88 -29.58 -12.57
N TYR C 102 33.88 -28.88 -12.03
CA TYR C 102 34.11 -27.93 -10.95
C TYR C 102 33.65 -28.54 -9.64
N ASN C 103 34.56 -28.62 -8.69
CA ASN C 103 34.29 -29.21 -7.38
C ASN C 103 34.66 -28.25 -6.28
N ALA C 104 33.69 -27.92 -5.42
CA ALA C 104 33.95 -26.99 -4.35
C ALA C 104 33.17 -27.33 -3.09
N ARG C 105 33.76 -26.99 -1.95
CA ARG C 105 33.10 -27.15 -0.66
C ARG C 105 32.44 -25.84 -0.30
N PHE C 106 31.34 -25.94 0.43
CA PHE C 106 30.56 -24.77 0.78
C PHE C 106 29.93 -24.89 2.15
N LEU C 107 29.86 -23.76 2.84
CA LEU C 107 29.08 -23.64 4.05
C LEU C 107 28.17 -22.44 3.89
N GLY C 108 26.87 -22.62 4.03
CA GLY C 108 25.94 -21.54 3.78
C GLY C 108 24.73 -21.59 4.68
N SER C 109 24.08 -20.43 4.83
CA SER C 109 22.85 -20.32 5.60
C SER C 109 21.71 -20.15 4.61
N PHE C 110 20.78 -21.10 4.62
CA PHE C 110 19.75 -21.16 3.61
C PHE C 110 18.40 -20.83 4.20
N SER C 111 17.50 -20.34 3.35
CA SER C 111 16.19 -19.91 3.78
C SER C 111 15.09 -20.77 3.17
N ASN C 112 14.10 -21.08 3.98
CA ASN C 112 12.88 -21.71 3.51
C ASN C 112 11.76 -21.23 4.43
N ASP C 113 10.52 -21.39 3.99
CA ASP C 113 9.40 -21.12 4.88
C ASP C 113 9.40 -22.25 5.89
N MET C 114 9.20 -21.89 7.15
CA MET C 114 9.24 -22.87 8.22
C MET C 114 8.13 -22.57 9.19
N ASP C 115 7.22 -23.53 9.31
CA ASP C 115 6.07 -23.41 10.19
C ASP C 115 6.36 -24.23 11.44
N PHE C 116 6.58 -23.52 12.55
CA PHE C 116 7.00 -24.12 13.80
C PHE C 116 5.86 -24.17 14.80
N ARG C 117 4.63 -24.13 14.31
CA ARG C 117 3.47 -24.02 15.19
C ARG C 117 3.18 -25.34 15.90
N LEU C 118 3.47 -26.46 15.24
CA LEU C 118 3.29 -27.79 15.83
C LEU C 118 4.45 -28.20 16.71
N PHE C 119 5.30 -27.24 17.06
CA PHE C 119 6.42 -27.47 17.97
C PHE C 119 5.89 -28.13 19.24
N PRO C 120 6.64 -29.10 19.79
CA PRO C 120 7.93 -29.66 19.37
C PRO C 120 7.80 -30.87 18.45
N PHE C 121 6.67 -30.95 17.75
CA PHE C 121 6.39 -32.08 16.86
C PHE C 121 6.32 -31.62 15.42
N ASP C 122 7.14 -30.63 15.08
CA ASP C 122 7.03 -30.03 13.77
C ASP C 122 7.87 -30.82 12.81
N ARG C 123 7.46 -30.77 11.55
CA ARG C 123 8.19 -31.40 10.48
C ARG C 123 8.65 -30.23 9.65
N GLN C 124 9.88 -30.29 9.15
CA GLN C 124 10.42 -29.22 8.33
C GLN C 124 11.07 -29.90 7.16
N GLN C 125 11.33 -29.15 6.09
CA GLN C 125 12.16 -29.67 5.02
C GLN C 125 13.21 -28.68 4.62
N PHE C 126 14.45 -29.11 4.76
CA PHE C 126 15.60 -28.29 4.43
C PHE C 126 15.81 -28.35 2.92
N VAL C 127 16.08 -27.19 2.34
CA VAL C 127 16.05 -27.03 0.90
C VAL C 127 17.24 -26.25 0.39
N LEU C 128 17.78 -26.72 -0.74
CA LEU C 128 18.75 -25.93 -1.47
C LEU C 128 18.16 -25.69 -2.85
N GLU C 129 18.35 -24.50 -3.40
CA GLU C 129 17.94 -24.19 -4.76
C GLU C 129 19.11 -23.57 -5.53
N LEU C 130 19.39 -24.15 -6.69
CA LEU C 130 20.60 -23.83 -7.42
C LEU C 130 20.23 -23.43 -8.83
N GLU C 131 20.82 -22.33 -9.29
CA GLU C 131 20.42 -21.72 -10.54
C GLU C 131 21.56 -20.88 -11.09
N PRO C 132 21.77 -20.90 -12.42
CA PRO C 132 22.84 -20.06 -12.95
C PRO C 132 22.51 -18.59 -12.79
N PHE C 133 23.54 -17.77 -12.61
CA PHE C 133 23.34 -16.38 -12.23
C PHE C 133 23.05 -15.51 -13.45
N SER C 134 23.61 -15.91 -14.60
CA SER C 134 23.55 -15.07 -15.80
C SER C 134 22.95 -15.77 -17.02
N TYR C 135 23.09 -17.09 -17.11
CA TYR C 135 22.74 -17.80 -18.33
C TYR C 135 21.38 -18.49 -18.30
N ASN C 136 20.56 -18.20 -19.32
CA ASN C 136 19.23 -18.79 -19.41
C ASN C 136 19.32 -20.22 -19.95
N ASN C 137 18.18 -20.88 -20.12
CA ASN C 137 18.20 -22.29 -20.51
C ASN C 137 18.54 -22.52 -21.97
N GLN C 138 18.56 -21.47 -22.76
CA GLN C 138 19.03 -21.58 -24.14
C GLN C 138 20.55 -21.36 -24.17
N GLN C 139 21.13 -20.94 -23.05
CA GLN C 139 22.58 -20.88 -22.94
C GLN C 139 23.14 -21.95 -21.98
N LEU C 140 22.48 -22.15 -20.83
CA LEU C 140 22.94 -23.12 -19.84
C LEU C 140 21.76 -23.91 -19.23
N ARG C 141 21.84 -25.24 -19.28
CA ARG C 141 20.76 -26.10 -18.79
C ARG C 141 21.26 -27.14 -17.79
N PHE C 142 20.53 -27.30 -16.69
CA PHE C 142 20.84 -28.37 -15.75
C PHE C 142 20.26 -29.69 -16.29
N SER C 143 21.17 -30.58 -16.67
CA SER C 143 20.81 -31.87 -17.23
C SER C 143 20.24 -32.85 -16.20
N ASP C 144 20.91 -32.97 -15.06
CA ASP C 144 20.48 -33.90 -14.02
C ASP C 144 21.12 -33.54 -12.68
N ILE C 145 20.45 -33.94 -11.60
CA ILE C 145 20.91 -33.64 -10.24
C ILE C 145 20.96 -34.90 -9.41
N GLN C 146 22.16 -35.25 -8.97
CA GLN C 146 22.33 -36.30 -7.98
C GLN C 146 22.53 -35.66 -6.61
N VAL C 147 21.95 -36.27 -5.58
CA VAL C 147 22.08 -35.78 -4.22
C VAL C 147 22.52 -36.89 -3.26
N TYR C 148 23.53 -36.59 -2.47
CA TYR C 148 24.10 -37.56 -1.55
C TYR C 148 24.10 -37.08 -0.11
N THR C 149 23.55 -37.91 0.76
CA THR C 149 23.50 -37.66 2.18
C THR C 149 24.04 -38.87 2.91
N GLU C 150 24.54 -38.66 4.12
CA GLU C 150 25.08 -39.75 4.92
C GLU C 150 24.00 -40.44 5.73
N ASN C 151 24.29 -41.64 6.19
CA ASN C 151 23.35 -42.44 6.98
C ASN C 151 23.67 -42.31 8.47
N ILE C 152 22.79 -41.61 9.19
CA ILE C 152 23.06 -41.28 10.59
C ILE C 152 22.76 -42.51 11.45
N ASP C 153 23.82 -43.03 12.08
CA ASP C 153 23.76 -44.30 12.80
C ASP C 153 23.18 -44.13 14.19
N ASN C 154 23.58 -43.05 14.85
CA ASN C 154 23.16 -42.75 16.22
C ASN C 154 22.29 -41.50 16.23
N GLU C 155 20.97 -41.67 16.31
CA GLU C 155 20.03 -40.57 16.01
C GLU C 155 19.76 -39.59 17.16
N GLU C 156 19.81 -40.07 18.40
CA GLU C 156 19.55 -39.20 19.54
C GLU C 156 20.66 -38.17 19.73
N ILE C 157 21.90 -38.58 19.46
CA ILE C 157 23.01 -37.63 19.34
C ILE C 157 22.53 -36.39 18.59
N ASP C 158 21.78 -36.63 17.52
CA ASP C 158 21.24 -35.59 16.64
C ASP C 158 19.91 -35.02 17.11
N GLU C 159 19.75 -33.71 16.96
CA GLU C 159 18.50 -33.00 17.28
C GLU C 159 17.37 -33.27 16.29
N TRP C 160 17.71 -33.38 15.01
CA TRP C 160 16.71 -33.66 13.98
C TRP C 160 16.98 -35.04 13.40
N TRP C 161 15.91 -35.72 12.99
CA TRP C 161 16.03 -36.99 12.30
C TRP C 161 15.73 -36.77 10.83
N ILE C 162 16.72 -37.01 9.98
CA ILE C 162 16.53 -36.81 8.56
C ILE C 162 15.75 -38.03 8.07
N ARG C 163 14.47 -37.82 7.79
CA ARG C 163 13.54 -38.91 7.49
C ARG C 163 13.22 -39.07 6.00
N GLY C 164 14.12 -39.73 5.28
CA GLY C 164 13.94 -39.99 3.86
C GLY C 164 15.21 -39.66 3.14
N LYS C 165 15.37 -40.19 1.93
CA LYS C 165 16.42 -39.69 1.07
C LYS C 165 15.94 -38.43 0.37
N ALA C 166 16.88 -37.69 -0.19
CA ALA C 166 16.60 -36.35 -0.70
C ALA C 166 15.79 -36.40 -2.00
N SER C 167 14.80 -35.52 -2.10
CA SER C 167 14.05 -35.34 -3.33
C SER C 167 14.71 -34.28 -4.21
N THR C 168 14.87 -34.57 -5.50
CA THR C 168 15.47 -33.61 -6.42
C THR C 168 14.59 -33.38 -7.64
N HIS C 169 14.82 -32.25 -8.30
CA HIS C 169 13.92 -31.78 -9.36
C HIS C 169 14.51 -30.61 -10.14
N ILE C 170 14.88 -30.84 -11.39
CA ILE C 170 15.20 -29.72 -12.27
C ILE C 170 13.90 -29.20 -12.80
N SER C 171 13.85 -27.90 -13.00
CA SER C 171 12.63 -27.21 -13.40
C SER C 171 13.09 -25.97 -14.11
N ASP C 172 12.13 -25.16 -14.56
CA ASP C 172 12.46 -23.97 -15.33
C ASP C 172 11.76 -22.75 -14.76
N ILE C 173 12.53 -21.69 -14.59
CA ILE C 173 12.05 -20.44 -14.01
C ILE C 173 11.96 -19.33 -15.01
N ARG C 174 10.77 -18.78 -15.12
CA ARG C 174 10.52 -17.69 -16.03
C ARG C 174 10.56 -16.38 -15.25
N TYR C 175 11.43 -15.45 -15.62
CA TYR C 175 11.47 -14.15 -14.95
C TYR C 175 10.72 -13.12 -15.79
N ASP C 176 9.60 -12.64 -15.26
CA ASP C 176 8.68 -11.79 -16.01
C ASP C 176 9.10 -10.33 -16.11
N HIS C 177 9.95 -9.88 -15.19
CA HIS C 177 10.32 -8.47 -15.15
C HIS C 177 11.80 -8.55 -15.45
N LEU C 178 12.18 -7.92 -16.55
CA LEU C 178 13.44 -8.23 -17.18
C LEU C 178 14.07 -7.05 -17.92
N SER C 179 15.24 -7.29 -18.50
CA SER C 179 15.93 -6.29 -19.31
C SER C 179 15.34 -6.28 -20.73
N SER C 180 15.98 -7.00 -21.64
CA SER C 180 15.42 -7.22 -22.98
C SER C 180 14.67 -8.53 -22.85
N VAL C 181 13.48 -8.61 -23.42
CA VAL C 181 12.73 -9.85 -23.36
C VAL C 181 13.31 -10.88 -24.31
N GLN C 182 13.51 -10.45 -25.56
CA GLN C 182 13.90 -11.33 -26.66
C GLN C 182 13.25 -12.70 -26.35
N PRO C 183 11.93 -12.81 -26.58
CA PRO C 183 10.97 -13.79 -26.04
C PRO C 183 11.40 -15.23 -25.67
N ASN C 184 12.60 -15.70 -26.02
CA ASN C 184 13.10 -16.96 -25.47
C ASN C 184 14.31 -16.81 -24.53
N GLN C 185 14.58 -15.61 -24.05
CA GLN C 185 15.74 -15.40 -23.18
C GLN C 185 15.41 -15.04 -21.73
N ASN C 186 14.26 -15.49 -21.24
CA ASN C 186 13.82 -15.14 -19.88
C ASN C 186 13.51 -16.34 -18.98
N GLU C 187 13.99 -17.52 -19.36
CA GLU C 187 13.76 -18.74 -18.57
C GLU C 187 15.08 -19.34 -18.08
N PHE C 188 15.12 -19.76 -16.82
CA PHE C 188 16.35 -20.29 -16.22
C PHE C 188 16.20 -21.70 -15.67
N SER C 189 17.22 -22.52 -15.88
CA SER C 189 17.27 -23.88 -15.35
C SER C 189 17.56 -23.86 -13.84
N ARG C 190 16.74 -24.58 -13.06
CA ARG C 190 16.90 -24.61 -11.61
C ARG C 190 16.78 -25.99 -10.97
N ILE C 191 17.88 -26.45 -10.40
CA ILE C 191 17.85 -27.55 -9.47
C ILE C 191 17.19 -27.11 -8.16
N THR C 192 16.45 -28.04 -7.58
CA THR C 192 15.77 -27.82 -6.30
C THR C 192 15.92 -29.10 -5.51
N VAL C 193 16.37 -28.98 -4.28
CA VAL C 193 16.65 -30.14 -3.46
C VAL C 193 15.88 -30.04 -2.17
N ARG C 194 15.29 -31.15 -1.76
CA ARG C 194 14.52 -31.21 -0.53
C ARG C 194 14.93 -32.38 0.32
N ILE C 195 14.93 -32.14 1.63
CA ILE C 195 15.29 -33.13 2.61
C ILE C 195 14.31 -32.93 3.74
N ASP C 196 13.48 -33.93 3.99
CA ASP C 196 12.46 -33.79 5.01
C ASP C 196 13.01 -34.29 6.33
N ALA C 197 12.47 -33.74 7.41
CA ALA C 197 12.97 -34.07 8.73
C ALA C 197 11.97 -33.68 9.82
N VAL C 198 12.13 -34.31 10.97
CA VAL C 198 11.25 -34.10 12.11
C VAL C 198 12.09 -33.86 13.35
N ARG C 199 11.52 -33.12 14.30
CA ARG C 199 12.25 -32.70 15.48
C ARG C 199 12.24 -33.83 16.51
N ASN C 200 13.38 -34.07 17.14
CA ASN C 200 13.49 -35.08 18.18
C ASN C 200 12.74 -34.59 19.42
N PRO C 201 11.49 -35.06 19.61
CA PRO C 201 10.65 -34.40 20.61
C PRO C 201 10.87 -34.86 22.05
N SER C 202 11.87 -35.72 22.28
CA SER C 202 12.10 -36.29 23.60
C SER C 202 12.33 -35.21 24.68
N TYR C 203 13.46 -34.52 24.64
CA TYR C 203 13.78 -33.52 25.68
C TYR C 203 12.64 -32.60 26.02
N TYR C 204 11.90 -32.16 25.01
CA TYR C 204 10.87 -31.15 25.22
C TYR C 204 9.66 -31.78 25.92
N LEU C 205 9.49 -33.09 25.76
CA LEU C 205 8.41 -33.80 26.43
C LEU C 205 8.67 -33.95 27.91
N TRP C 206 9.79 -34.56 28.23
CA TRP C 206 10.14 -34.95 29.58
C TRP C 206 10.51 -33.78 30.49
N SER C 207 11.02 -32.69 29.92
CA SER C 207 11.54 -31.58 30.71
C SER C 207 10.66 -30.34 30.68
N PHE C 208 9.71 -30.28 29.75
CA PHE C 208 8.77 -29.15 29.72
C PHE C 208 7.31 -29.60 29.80
N ILE C 209 6.88 -30.40 28.82
CA ILE C 209 5.47 -30.79 28.74
C ILE C 209 5.00 -31.49 30.01
N LEU C 210 5.76 -32.50 30.43
CA LEU C 210 5.37 -33.32 31.58
C LEU C 210 5.28 -32.47 32.86
N PRO C 211 6.39 -31.82 33.26
CA PRO C 211 6.30 -31.00 34.47
C PRO C 211 5.15 -30.00 34.43
N LEU C 212 4.83 -29.48 33.25
CA LEU C 212 3.75 -28.52 33.12
C LEU C 212 2.42 -29.23 33.37
N GLY C 213 2.36 -30.50 32.98
CA GLY C 213 1.20 -31.32 33.29
C GLY C 213 1.02 -31.49 34.79
N LEU C 214 2.03 -32.06 35.44
CA LEU C 214 2.04 -32.23 36.89
C LEU C 214 1.65 -30.97 37.65
N ILE C 215 2.28 -29.86 37.28
CA ILE C 215 2.05 -28.60 37.95
C ILE C 215 0.60 -28.16 37.73
N ILE C 216 0.09 -28.38 36.52
CA ILE C 216 -1.29 -28.05 36.19
C ILE C 216 -2.24 -28.96 36.95
N ALA C 217 -1.90 -30.25 37.03
CA ALA C 217 -2.64 -31.18 37.86
C ALA C 217 -2.70 -30.63 39.28
N ALA C 218 -1.52 -30.52 39.89
CA ALA C 218 -1.37 -30.02 41.25
C ALA C 218 -2.10 -28.70 41.52
N SER C 219 -2.40 -27.95 40.46
CA SER C 219 -3.16 -26.71 40.62
C SER C 219 -4.58 -27.00 41.08
N TRP C 220 -5.11 -28.14 40.65
CA TRP C 220 -6.50 -28.51 40.93
C TRP C 220 -6.66 -28.90 42.39
N SER C 221 -5.58 -29.41 42.98
CA SER C 221 -5.59 -29.80 44.37
C SER C 221 -5.70 -28.59 45.30
N VAL C 222 -5.95 -27.41 44.73
CA VAL C 222 -6.24 -26.22 45.53
C VAL C 222 -7.54 -26.45 46.26
N PHE C 223 -8.47 -27.13 45.59
CA PHE C 223 -9.83 -27.32 46.10
C PHE C 223 -9.93 -28.21 47.33
N TRP C 224 -8.97 -29.11 47.51
CA TRP C 224 -9.04 -30.08 48.58
C TRP C 224 -8.55 -29.51 49.92
N LEU C 225 -8.31 -28.20 49.95
CA LEU C 225 -8.02 -27.49 51.19
C LEU C 225 -9.33 -27.23 51.90
N GLU C 226 -9.30 -27.23 53.23
CA GLU C 226 -10.53 -27.23 54.02
C GLU C 226 -11.12 -25.83 54.13
N SER C 227 -10.31 -24.87 54.54
CA SER C 227 -10.75 -23.48 54.68
C SER C 227 -10.97 -22.83 53.32
N PHE C 228 -11.59 -21.65 53.33
CA PHE C 228 -11.70 -20.82 52.14
C PHE C 228 -10.44 -19.99 52.00
N SER C 229 -10.04 -19.38 53.11
CA SER C 229 -8.77 -18.67 53.20
C SER C 229 -7.62 -19.53 52.68
N GLU C 230 -7.60 -20.79 53.08
CA GLU C 230 -6.58 -21.72 52.61
C GLU C 230 -6.59 -21.82 51.08
N ARG C 231 -7.78 -22.00 50.52
CA ARG C 231 -7.90 -22.27 49.09
C ARG C 231 -7.56 -21.05 48.24
N LEU C 232 -7.97 -19.88 48.71
CA LEU C 232 -7.78 -18.67 47.91
C LEU C 232 -6.35 -18.16 47.98
N GLN C 233 -5.73 -18.24 49.15
CA GLN C 233 -4.36 -17.77 49.31
C GLN C 233 -3.40 -18.67 48.54
N THR C 234 -3.74 -19.96 48.47
CA THR C 234 -2.92 -20.93 47.77
C THR C 234 -2.89 -20.67 46.27
N SER C 235 -3.98 -20.13 45.75
CA SER C 235 -4.12 -19.92 44.32
C SER C 235 -3.05 -18.93 43.83
N PHE C 236 -2.73 -17.97 44.68
CA PHE C 236 -1.71 -16.98 44.36
C PHE C 236 -0.30 -17.55 44.26
N THR C 237 -0.01 -18.56 45.08
CA THR C 237 1.28 -19.24 44.97
C THR C 237 1.30 -20.09 43.70
N LEU C 238 0.18 -20.73 43.39
CA LEU C 238 0.07 -21.49 42.15
C LEU C 238 0.21 -20.58 40.94
N MET C 239 -0.47 -19.44 40.99
CA MET C 239 -0.37 -18.43 39.93
C MET C 239 1.09 -18.16 39.63
N LEU C 240 1.83 -17.73 40.67
CA LEU C 240 3.27 -17.52 40.57
C LEU C 240 4.05 -18.69 39.98
N THR C 241 3.69 -19.92 40.33
CA THR C 241 4.43 -21.07 39.81
C THR C 241 4.32 -21.08 38.30
N VAL C 242 3.13 -20.79 37.79
CA VAL C 242 2.93 -20.73 36.35
C VAL C 242 3.67 -19.57 35.70
N VAL C 243 3.74 -18.42 36.36
CA VAL C 243 4.51 -17.30 35.80
C VAL C 243 5.96 -17.72 35.68
N ALA C 244 6.49 -18.28 36.75
CA ALA C 244 7.85 -18.78 36.78
C ALA C 244 8.07 -19.79 35.66
N TYR C 245 7.04 -20.57 35.36
CA TYR C 245 7.17 -21.61 34.35
C TYR C 245 7.18 -21.05 32.93
N ALA C 246 6.36 -20.03 32.70
CA ALA C 246 6.32 -19.38 31.39
C ALA C 246 7.68 -18.74 31.13
N PHE C 247 8.29 -18.27 32.20
CA PHE C 247 9.56 -17.59 32.13
C PHE C 247 10.63 -18.61 31.75
N TYR C 248 10.57 -19.74 32.45
CA TYR C 248 11.44 -20.89 32.20
C TYR C 248 11.40 -21.35 30.73
N THR C 249 10.21 -21.66 30.22
CA THR C 249 10.06 -22.12 28.84
C THR C 249 10.47 -21.07 27.83
N SER C 250 9.94 -19.86 27.96
CA SER C 250 10.14 -18.83 26.94
C SER C 250 11.60 -18.45 26.82
N ASN C 251 12.32 -18.49 27.93
CA ASN C 251 13.74 -18.15 27.94
C ASN C 251 14.62 -19.23 27.32
N ILE C 252 14.12 -20.46 27.29
CA ILE C 252 14.92 -21.61 26.84
C ILE C 252 14.40 -22.20 25.52
N LEU C 253 13.12 -22.05 25.25
CA LEU C 253 12.53 -22.50 23.98
C LEU C 253 12.72 -21.49 22.83
N PRO C 254 12.64 -21.97 21.57
CA PRO C 254 12.92 -21.10 20.43
C PRO C 254 11.94 -19.95 20.32
N ARG C 255 12.45 -18.76 20.05
CA ARG C 255 11.60 -17.58 19.95
C ARG C 255 10.84 -17.59 18.62
N LEU C 256 9.56 -17.21 18.66
CA LEU C 256 8.67 -17.29 17.49
C LEU C 256 7.66 -16.14 17.47
N PRO C 257 6.91 -16.00 16.36
CA PRO C 257 5.90 -14.94 16.30
C PRO C 257 4.49 -15.49 16.55
N TYR C 258 4.43 -16.71 17.09
CA TYR C 258 3.15 -17.34 17.37
C TYR C 258 3.21 -18.38 18.48
N THR C 259 2.02 -18.77 18.94
CA THR C 259 1.89 -19.66 20.07
C THR C 259 2.12 -21.09 19.61
N THR C 260 2.87 -21.86 20.40
CA THR C 260 3.03 -23.28 20.16
C THR C 260 2.09 -24.10 21.03
N VAL C 261 2.20 -25.41 20.87
CA VAL C 261 1.55 -26.38 21.74
C VAL C 261 1.84 -26.01 23.20
N ILE C 262 3.14 -25.97 23.54
CA ILE C 262 3.59 -25.62 24.88
C ILE C 262 3.05 -24.27 25.38
N ASP C 263 3.04 -23.26 24.50
CA ASP C 263 2.56 -21.93 24.87
C ASP C 263 1.09 -21.96 25.24
N GLN C 264 0.35 -22.84 24.59
CA GLN C 264 -1.08 -22.99 24.83
C GLN C 264 -1.35 -23.61 26.19
N MET C 265 -0.65 -24.71 26.48
CA MET C 265 -0.70 -25.33 27.80
C MET C 265 -0.55 -24.31 28.92
N ILE C 266 0.37 -23.36 28.72
CA ILE C 266 0.67 -22.39 29.76
C ILE C 266 -0.47 -21.38 29.92
N ILE C 267 -1.07 -20.95 28.82
CA ILE C 267 -2.24 -20.09 28.91
C ILE C 267 -3.38 -20.84 29.57
N ALA C 268 -3.48 -22.13 29.27
CA ALA C 268 -4.47 -22.98 29.90
C ALA C 268 -4.24 -22.98 31.40
N GLY C 269 -3.00 -23.19 31.81
CA GLY C 269 -2.62 -23.12 33.21
C GLY C 269 -3.01 -21.83 33.89
N TYR C 270 -2.87 -20.70 33.20
CA TYR C 270 -3.25 -19.41 33.76
C TYR C 270 -4.76 -19.34 33.98
N GLY C 271 -5.51 -20.02 33.10
CA GLY C 271 -6.96 -19.97 33.13
C GLY C 271 -7.54 -20.88 34.19
N SER C 272 -7.08 -22.13 34.22
CA SER C 272 -7.50 -23.09 35.24
C SER C 272 -7.37 -22.50 36.63
N ILE C 273 -6.39 -21.62 36.80
CA ILE C 273 -6.14 -20.98 38.07
C ILE C 273 -7.02 -19.74 38.26
N PHE C 274 -7.25 -18.99 37.18
CA PHE C 274 -8.13 -17.84 37.28
C PHE C 274 -9.57 -18.33 37.42
N ALA C 275 -9.85 -19.48 36.80
CA ALA C 275 -11.16 -20.10 36.90
C ALA C 275 -11.47 -20.49 38.33
N ALA C 276 -10.63 -21.35 38.90
CA ALA C 276 -10.77 -21.78 40.29
C ALA C 276 -10.94 -20.61 41.26
N ILE C 277 -10.22 -19.52 41.02
CA ILE C 277 -10.31 -18.34 41.88
C ILE C 277 -11.71 -17.73 41.79
N LEU C 278 -12.30 -17.81 40.60
CA LEU C 278 -13.65 -17.29 40.41
C LEU C 278 -14.65 -18.18 41.13
N LEU C 279 -14.36 -19.47 41.22
CA LEU C 279 -15.23 -20.40 41.95
C LEU C 279 -14.98 -20.34 43.47
N ILE C 280 -13.74 -20.58 43.89
CA ILE C 280 -13.34 -20.51 45.30
C ILE C 280 -13.95 -19.33 46.04
N ILE C 281 -14.13 -18.23 45.31
CA ILE C 281 -14.67 -17.00 45.87
C ILE C 281 -16.19 -16.94 45.69
N PHE C 282 -16.69 -17.73 44.76
CA PHE C 282 -18.13 -17.81 44.51
C PHE C 282 -18.78 -18.63 45.60
N ALA C 283 -18.25 -19.84 45.81
CA ALA C 283 -18.62 -20.70 46.92
C ALA C 283 -18.86 -19.90 48.20
N HIS C 284 -17.93 -19.00 48.50
CA HIS C 284 -17.95 -18.20 49.72
C HIS C 284 -19.05 -17.13 49.75
N HIS C 285 -19.84 -17.05 48.68
CA HIS C 285 -20.95 -16.11 48.66
C HIS C 285 -22.16 -16.61 47.86
N ARG C 286 -22.11 -17.83 47.34
CA ARG C 286 -23.21 -18.30 46.49
C ARG C 286 -24.47 -18.38 47.33
N GLN C 287 -24.40 -19.15 48.41
CA GLN C 287 -25.56 -19.37 49.25
C GLN C 287 -25.72 -18.14 50.12
N ALA C 288 -26.89 -17.96 50.72
CA ALA C 288 -27.10 -16.88 51.70
C ALA C 288 -26.35 -17.34 52.93
N ASN C 289 -26.08 -16.40 53.84
CA ASN C 289 -25.21 -16.57 55.02
C ASN C 289 -23.74 -16.86 54.70
N GLY C 290 -23.26 -16.31 53.59
CA GLY C 290 -21.92 -16.56 53.07
C GLY C 290 -21.21 -17.81 53.59
N VAL C 291 -21.96 -18.90 53.79
CA VAL C 291 -21.37 -20.13 54.30
C VAL C 291 -20.60 -20.67 53.15
N GLU C 292 -19.42 -21.19 53.44
CA GLU C 292 -18.65 -21.81 52.40
C GLU C 292 -19.50 -22.97 51.85
N ASP C 293 -19.30 -23.26 50.56
CA ASP C 293 -20.21 -24.10 49.79
C ASP C 293 -19.63 -25.47 49.49
N ASP C 294 -19.64 -26.32 50.52
CA ASP C 294 -19.03 -27.64 50.47
C ASP C 294 -19.59 -28.58 49.41
N LEU C 295 -20.71 -28.21 48.80
CA LEU C 295 -21.35 -29.05 47.78
C LEU C 295 -20.73 -28.89 46.39
N LEU C 296 -20.56 -27.63 45.99
CA LEU C 296 -20.00 -27.27 44.69
C LEU C 296 -18.51 -27.60 44.53
N ILE C 297 -17.75 -27.29 45.56
CA ILE C 297 -16.31 -27.49 45.51
C ILE C 297 -15.94 -28.95 45.27
N GLN C 298 -16.27 -29.85 46.19
CA GLN C 298 -15.96 -31.27 45.98
C GLN C 298 -16.20 -31.76 44.55
N ARG C 299 -17.31 -31.33 43.95
CA ARG C 299 -17.54 -31.66 42.56
C ARG C 299 -16.45 -31.10 41.65
N CYS C 300 -16.00 -29.88 41.93
CA CYS C 300 -15.00 -29.25 41.08
C CYS C 300 -13.69 -30.02 41.20
N ARG C 301 -13.43 -30.56 42.39
CA ARG C 301 -12.19 -31.26 42.70
C ARG C 301 -11.75 -32.26 41.63
N LEU C 302 -12.70 -33.02 41.08
CA LEU C 302 -12.37 -33.87 39.95
C LEU C 302 -13.32 -33.67 38.75
N ALA C 303 -14.14 -32.61 38.78
CA ALA C 303 -14.80 -32.11 37.58
C ALA C 303 -13.83 -31.30 36.70
N PHE C 304 -13.04 -30.43 37.32
CA PHE C 304 -12.03 -29.64 36.61
C PHE C 304 -11.06 -30.59 35.93
N PRO C 305 -10.42 -31.49 36.69
CA PRO C 305 -9.55 -32.50 36.08
C PRO C 305 -10.24 -33.25 34.95
N LEU C 306 -11.56 -33.16 34.86
CA LEU C 306 -12.31 -33.69 33.71
C LEU C 306 -12.57 -32.60 32.65
N GLY C 307 -13.24 -31.53 33.06
CA GLY C 307 -13.55 -30.42 32.16
C GLY C 307 -12.38 -29.75 31.46
N PHE C 308 -11.22 -29.76 32.10
CA PHE C 308 -10.00 -29.18 31.54
C PHE C 308 -9.38 -30.24 30.65
N LEU C 309 -9.38 -31.46 31.17
CA LEU C 309 -8.94 -32.65 30.44
C LEU C 309 -9.85 -33.01 29.27
N ALA C 310 -10.96 -32.29 29.13
CA ALA C 310 -11.83 -32.45 27.97
C ALA C 310 -11.67 -31.32 26.96
N ILE C 311 -12.07 -30.11 27.35
CA ILE C 311 -12.05 -28.96 26.44
C ILE C 311 -10.60 -28.53 26.16
N GLY C 312 -9.64 -29.13 26.87
CA GLY C 312 -8.23 -28.90 26.59
C GLY C 312 -7.70 -29.97 25.64
N CYS C 313 -8.39 -31.10 25.59
CA CYS C 313 -8.05 -32.20 24.71
C CYS C 313 -8.41 -31.95 23.23
N VAL C 314 -9.02 -30.80 22.94
CA VAL C 314 -9.60 -30.55 21.61
C VAL C 314 -8.87 -29.59 20.63
N LEU C 315 -7.55 -29.45 20.73
CA LEU C 315 -6.80 -28.68 19.72
C LEU C 315 -5.98 -29.56 18.74
N VAL C 316 -6.24 -29.40 17.44
CA VAL C 316 -5.54 -30.13 16.37
C VAL C 316 -5.40 -29.15 15.20
N ILE C 317 -4.90 -27.96 15.51
CA ILE C 317 -4.86 -26.86 14.56
C ILE C 317 -3.63 -26.92 13.68
N ARG D 10 54.79 -44.25 -8.08
CA ARG D 10 54.64 -42.94 -8.69
C ARG D 10 54.07 -41.89 -7.74
N PRO D 11 53.16 -42.29 -6.83
CA PRO D 11 52.57 -41.21 -6.04
C PRO D 11 53.54 -40.56 -5.08
N VAL D 12 53.29 -39.28 -4.83
CA VAL D 12 54.11 -38.50 -3.92
C VAL D 12 53.76 -38.83 -2.49
N ASP D 13 54.81 -39.06 -1.72
CA ASP D 13 54.67 -39.34 -0.31
C ASP D 13 54.70 -38.05 0.47
N VAL D 14 53.63 -37.81 1.22
CA VAL D 14 53.51 -36.64 2.05
C VAL D 14 53.48 -37.08 3.51
N SER D 15 54.44 -36.57 4.27
CA SER D 15 54.50 -36.81 5.71
C SER D 15 53.97 -35.61 6.44
N VAL D 16 52.99 -35.84 7.31
CA VAL D 16 52.27 -34.77 7.96
C VAL D 16 52.62 -34.76 9.44
N SER D 17 52.82 -33.57 10.00
CA SER D 17 52.91 -33.41 11.45
C SER D 17 51.94 -32.33 11.90
N ILE D 18 51.11 -32.66 12.88
CA ILE D 18 50.13 -31.73 13.41
C ILE D 18 50.45 -31.41 14.87
N PHE D 19 50.85 -30.17 15.12
CA PHE D 19 51.03 -29.69 16.48
C PHE D 19 49.70 -29.10 16.97
N ILE D 20 49.23 -29.55 18.13
CA ILE D 20 47.97 -29.08 18.69
C ILE D 20 48.24 -28.23 19.92
N ASN D 21 47.86 -26.96 19.86
CA ASN D 21 48.05 -26.06 20.99
C ASN D 21 46.88 -26.04 21.96
N LYS D 22 45.65 -26.07 21.44
CA LYS D 22 44.49 -25.79 22.27
C LYS D 22 43.24 -26.40 21.68
N ILE D 23 42.52 -27.16 22.50
CA ILE D 23 41.17 -27.59 22.15
C ILE D 23 40.23 -26.91 23.13
N TYR D 24 39.32 -26.10 22.61
CA TYR D 24 38.43 -25.31 23.44
C TYR D 24 37.10 -25.03 22.75
N GLY D 25 36.20 -24.39 23.47
CA GLY D 25 34.97 -23.89 22.89
C GLY D 25 34.05 -24.99 22.38
N VAL D 26 33.93 -26.08 23.14
CA VAL D 26 33.03 -27.15 22.73
C VAL D 26 31.62 -26.58 22.63
N ASN D 27 30.98 -26.81 21.48
CA ASN D 27 29.59 -26.44 21.29
C ASN D 27 28.76 -27.71 21.33
N THR D 28 28.01 -27.86 22.42
CA THR D 28 27.23 -29.06 22.66
C THR D 28 26.17 -29.25 21.60
N LEU D 29 25.48 -28.15 21.29
CA LEU D 29 24.31 -28.21 20.43
C LEU D 29 24.71 -28.45 18.98
N GLU D 30 25.79 -27.80 18.53
CA GLU D 30 26.31 -28.01 17.18
C GLU D 30 27.21 -29.24 17.08
N GLN D 31 27.64 -29.75 18.24
CA GLN D 31 28.61 -30.85 18.28
C GLN D 31 29.88 -30.47 17.55
N THR D 32 30.57 -29.47 18.08
CA THR D 32 31.78 -28.97 17.48
C THR D 32 32.72 -28.56 18.58
N TYR D 33 33.97 -28.29 18.21
CA TYR D 33 34.96 -27.83 19.16
C TYR D 33 36.01 -27.06 18.39
N LYS D 34 36.73 -26.19 19.08
CA LYS D 34 37.71 -25.35 18.41
C LYS D 34 39.09 -25.92 18.64
N VAL D 35 39.93 -25.87 17.61
CA VAL D 35 41.27 -26.41 17.70
C VAL D 35 42.26 -25.43 17.09
N ASP D 36 43.26 -25.05 17.89
CA ASP D 36 44.32 -24.16 17.44
C ASP D 36 45.61 -24.95 17.38
N GLY D 37 46.33 -24.83 16.28
CA GLY D 37 47.55 -25.59 16.11
C GLY D 37 48.29 -25.29 14.83
N TYR D 38 49.38 -26.02 14.61
CA TYR D 38 50.12 -25.94 13.37
C TYR D 38 49.98 -27.24 12.59
N ILE D 39 50.21 -27.15 11.29
CA ILE D 39 50.23 -28.32 10.44
C ILE D 39 51.47 -28.21 9.57
N VAL D 40 52.17 -29.33 9.42
CA VAL D 40 53.37 -29.36 8.60
C VAL D 40 53.28 -30.54 7.66
N ALA D 41 53.61 -30.31 6.39
CA ALA D 41 53.61 -31.37 5.40
C ALA D 41 54.92 -31.36 4.64
N GLN D 42 55.48 -32.54 4.47
CA GLN D 42 56.77 -32.72 3.80
C GLN D 42 56.63 -33.70 2.65
N TRP D 43 57.30 -33.38 1.56
CA TRP D 43 57.37 -34.24 0.39
C TRP D 43 58.61 -33.87 -0.40
N THR D 44 59.03 -34.76 -1.29
CA THR D 44 60.25 -34.55 -2.05
C THR D 44 59.86 -34.37 -3.50
N GLY D 45 60.50 -33.41 -4.16
CA GLY D 45 60.16 -33.04 -5.52
C GLY D 45 61.37 -32.79 -6.39
N LYS D 46 61.14 -32.07 -7.47
CA LYS D 46 62.21 -31.62 -8.34
C LYS D 46 63.35 -30.99 -7.54
N PRO D 47 64.57 -31.53 -7.66
CA PRO D 47 65.65 -30.79 -7.00
C PRO D 47 65.74 -29.38 -7.57
N ARG D 48 66.45 -28.50 -6.88
CA ARG D 48 66.25 -27.08 -7.10
C ARG D 48 67.49 -26.29 -6.77
N LYS D 49 67.70 -25.21 -7.52
CA LYS D 49 68.78 -24.28 -7.24
C LYS D 49 68.24 -23.17 -6.35
N THR D 50 68.79 -23.08 -5.14
CA THR D 50 68.41 -22.08 -4.16
C THR D 50 69.63 -21.19 -3.96
N PRO D 51 69.45 -19.98 -3.41
CA PRO D 51 70.62 -19.15 -3.06
C PRO D 51 71.52 -19.82 -2.04
N GLY D 52 72.83 -19.86 -2.29
CA GLY D 52 73.71 -20.72 -1.52
C GLY D 52 73.25 -22.15 -1.78
N ASP D 53 73.80 -23.11 -1.07
CA ASP D 53 73.20 -24.43 -1.09
C ASP D 53 72.42 -24.50 0.23
N LYS D 54 72.06 -23.32 0.75
CA LYS D 54 71.27 -23.22 1.96
C LYS D 54 69.80 -23.24 1.57
N PRO D 55 68.93 -23.82 2.42
CA PRO D 55 67.54 -23.94 2.01
C PRO D 55 66.85 -22.58 1.91
N LEU D 56 65.73 -22.52 1.18
CA LEU D 56 65.06 -21.25 0.94
C LEU D 56 63.73 -21.15 1.66
N ILE D 57 63.51 -20.01 2.28
CA ILE D 57 62.25 -19.74 2.98
C ILE D 57 61.38 -18.76 2.20
N VAL D 58 60.10 -19.10 2.14
CA VAL D 58 59.08 -18.37 1.41
C VAL D 58 57.86 -18.17 2.29
N GLU D 59 57.57 -16.91 2.60
CA GLU D 59 56.55 -16.58 3.58
C GLU D 59 55.28 -15.97 2.98
N ASN D 60 54.14 -16.47 3.44
CA ASN D 60 52.83 -15.90 3.16
C ASN D 60 52.56 -15.54 1.70
N THR D 61 52.56 -14.25 1.39
CA THR D 61 52.08 -13.76 0.09
C THR D 61 52.90 -14.33 -1.05
N GLN D 62 54.14 -14.71 -0.76
CA GLN D 62 55.09 -15.14 -1.76
C GLN D 62 54.85 -16.57 -2.21
N ILE D 63 54.23 -17.37 -1.35
CA ILE D 63 53.92 -18.75 -1.68
C ILE D 63 53.09 -18.75 -2.94
N GLU D 64 52.18 -17.79 -3.00
CA GLU D 64 51.26 -17.64 -4.11
C GLU D 64 52.07 -17.42 -5.39
N ARG D 65 53.12 -16.59 -5.33
CA ARG D 65 53.97 -16.35 -6.51
C ARG D 65 54.60 -17.63 -7.02
N TRP D 66 55.13 -18.42 -6.10
CA TRP D 66 55.80 -19.67 -6.45
C TRP D 66 54.85 -20.68 -7.05
N ILE D 67 53.60 -20.63 -6.60
CA ILE D 67 52.60 -21.57 -7.06
C ILE D 67 52.23 -21.21 -8.50
N ASN D 68 52.31 -19.92 -8.81
CA ASN D 68 52.03 -19.42 -10.15
C ASN D 68 53.11 -19.78 -11.19
N ASN D 69 54.36 -19.91 -10.76
CA ASN D 69 55.43 -20.35 -11.66
C ASN D 69 55.51 -21.87 -11.69
N GLY D 70 54.46 -22.52 -11.21
CA GLY D 70 54.32 -23.96 -11.31
C GLY D 70 54.95 -24.75 -10.17
N LEU D 71 55.00 -24.15 -8.98
CA LEU D 71 55.30 -24.94 -7.79
C LEU D 71 54.07 -25.69 -7.33
N TRP D 72 54.24 -26.98 -7.11
CA TRP D 72 53.18 -27.86 -6.65
C TRP D 72 53.04 -27.78 -5.13
N VAL D 73 51.94 -27.22 -4.66
CA VAL D 73 51.61 -27.22 -3.24
C VAL D 73 50.19 -27.75 -3.12
N PRO D 74 50.04 -29.03 -2.74
CA PRO D 74 48.73 -29.67 -2.82
C PRO D 74 47.75 -29.08 -1.81
N ALA D 75 46.48 -29.43 -1.93
CA ALA D 75 45.45 -28.80 -1.13
C ALA D 75 45.56 -29.15 0.35
N LEU D 76 45.10 -30.35 0.69
CA LEU D 76 44.97 -30.81 2.07
C LEU D 76 43.89 -30.02 2.80
N GLU D 77 42.80 -30.74 3.00
CA GLU D 77 41.56 -30.23 3.56
C GLU D 77 41.25 -30.93 4.88
N PHE D 78 40.84 -30.17 5.90
CA PHE D 78 40.34 -30.80 7.10
C PHE D 78 38.93 -31.26 6.79
N ILE D 79 38.76 -32.55 6.55
CA ILE D 79 37.47 -33.12 6.17
C ILE D 79 36.33 -32.74 7.11
N ASN D 80 36.60 -32.69 8.41
CA ASN D 80 35.51 -32.56 9.38
C ASN D 80 35.47 -31.15 9.99
N VAL D 81 36.11 -30.21 9.31
CA VAL D 81 36.04 -28.80 9.71
C VAL D 81 34.69 -28.20 9.33
N VAL D 82 34.35 -27.08 9.95
CA VAL D 82 33.13 -26.34 9.66
C VAL D 82 33.46 -24.91 9.23
N GLY D 83 33.52 -24.68 7.92
CA GLY D 83 33.87 -23.38 7.40
C GLY D 83 35.36 -23.22 7.22
N SER D 84 35.76 -22.36 6.30
CA SER D 84 37.18 -22.17 6.03
C SER D 84 37.88 -21.79 7.32
N PRO D 85 38.81 -22.63 7.78
CA PRO D 85 39.47 -22.28 9.05
C PRO D 85 40.39 -21.08 8.92
N ASP D 86 40.67 -20.44 10.05
CA ASP D 86 41.54 -19.28 10.05
C ASP D 86 42.98 -19.74 9.96
N THR D 87 43.60 -19.43 8.83
CA THR D 87 45.00 -19.78 8.61
C THR D 87 45.83 -18.54 8.92
N GLY D 88 46.78 -18.71 9.83
CA GLY D 88 47.68 -17.64 10.20
C GLY D 88 48.77 -17.54 9.15
N ASN D 89 50.02 -17.63 9.59
CA ASN D 89 51.13 -17.51 8.66
C ASN D 89 51.30 -18.80 7.90
N LYS D 90 51.73 -18.68 6.64
CA LYS D 90 52.01 -19.83 5.81
C LYS D 90 53.50 -19.79 5.57
N ARG D 91 54.12 -20.95 5.37
CA ARG D 91 55.53 -20.97 5.07
C ARG D 91 55.89 -22.13 4.14
N LEU D 92 56.74 -21.84 3.15
CA LEU D 92 57.40 -22.87 2.36
C LEU D 92 58.88 -22.88 2.69
N MET D 93 59.40 -24.05 3.04
CA MET D 93 60.85 -24.26 3.13
C MET D 93 61.26 -25.10 1.93
N LEU D 94 61.98 -24.47 1.00
CA LEU D 94 62.40 -25.14 -0.24
C LEU D 94 63.85 -25.61 -0.13
N PHE D 95 64.03 -26.93 -0.15
CA PHE D 95 65.36 -27.51 -0.07
C PHE D 95 66.04 -27.75 -1.42
N PRO D 96 67.38 -27.71 -1.43
CA PRO D 96 68.14 -27.93 -2.67
C PRO D 96 68.08 -29.38 -3.17
N ASP D 97 68.00 -30.34 -2.26
CA ASP D 97 67.91 -31.75 -2.67
C ASP D 97 66.48 -32.16 -3.05
N GLY D 98 65.66 -31.19 -3.46
CA GLY D 98 64.32 -31.48 -3.95
C GLY D 98 63.15 -31.24 -3.02
N ARG D 99 63.30 -31.53 -1.75
CA ARG D 99 62.14 -31.63 -0.89
C ARG D 99 61.63 -30.28 -0.43
N VAL D 100 60.45 -30.31 0.18
CA VAL D 100 59.59 -29.15 0.32
C VAL D 100 58.76 -29.33 1.57
N ILE D 101 58.74 -28.29 2.40
CA ILE D 101 57.96 -28.33 3.62
C ILE D 101 57.04 -27.13 3.72
N TYR D 102 55.76 -27.43 3.91
CA TYR D 102 54.74 -26.43 4.11
C TYR D 102 54.36 -26.40 5.57
N ASN D 103 54.53 -25.23 6.18
CA ASN D 103 54.26 -25.02 7.58
C ASN D 103 53.28 -23.89 7.74
N ALA D 104 52.13 -24.18 8.34
CA ALA D 104 51.08 -23.19 8.48
C ALA D 104 50.37 -23.32 9.80
N ARG D 105 49.96 -22.17 10.32
CA ARG D 105 49.19 -22.13 11.55
C ARG D 105 47.72 -22.11 11.24
N PHE D 106 46.91 -22.72 12.10
CA PHE D 106 45.48 -22.76 11.83
C PHE D 106 44.66 -22.71 13.11
N LEU D 107 43.53 -22.03 12.99
CA LEU D 107 42.49 -22.05 13.99
C LEU D 107 41.24 -22.42 13.25
N GLY D 108 40.60 -23.50 13.70
CA GLY D 108 39.47 -24.06 13.01
C GLY D 108 38.45 -24.61 13.97
N SER D 109 37.22 -24.73 13.49
CA SER D 109 36.14 -25.31 14.25
C SER D 109 35.83 -26.68 13.67
N PHE D 110 35.99 -27.72 14.49
CA PHE D 110 35.89 -29.09 13.99
C PHE D 110 34.67 -29.83 14.51
N SER D 111 34.24 -30.82 13.73
CA SER D 111 33.04 -31.58 14.01
C SER D 111 33.31 -33.06 14.28
N ASN D 112 32.60 -33.58 15.27
CA ASN D 112 32.55 -35.01 15.53
C ASN D 112 31.22 -35.34 16.16
N ASP D 113 30.86 -36.62 16.17
CA ASP D 113 29.70 -37.07 16.90
C ASP D 113 30.03 -36.94 18.38
N MET D 114 29.10 -36.44 19.18
CA MET D 114 29.35 -36.24 20.59
C MET D 114 28.11 -36.57 21.39
N ASP D 115 28.25 -37.57 22.27
CA ASP D 115 27.15 -38.04 23.09
C ASP D 115 27.30 -37.45 24.50
N PHE D 116 26.37 -36.56 24.84
CA PHE D 116 26.41 -35.82 26.10
C PHE D 116 25.40 -36.33 27.10
N ARG D 117 24.96 -37.57 26.93
CA ARG D 117 23.88 -38.12 27.75
C ARG D 117 24.32 -38.40 29.18
N LEU D 118 25.57 -38.82 29.36
CA LEU D 118 26.10 -39.06 30.71
C LEU D 118 26.60 -37.78 31.35
N PHE D 119 26.27 -36.63 30.78
CA PHE D 119 26.68 -35.36 31.36
C PHE D 119 26.20 -35.30 32.82
N PRO D 120 27.05 -34.78 33.72
CA PRO D 120 28.39 -34.23 33.52
C PRO D 120 29.52 -35.25 33.67
N PHE D 121 29.24 -36.52 33.40
CA PHE D 121 30.23 -37.58 33.56
C PHE D 121 30.63 -38.21 32.24
N ASP D 122 30.59 -37.42 31.17
CA ASP D 122 30.81 -37.96 29.84
C ASP D 122 32.27 -37.89 29.40
N ARG D 123 32.62 -38.79 28.49
CA ARG D 123 33.91 -38.81 27.85
C ARG D 123 33.64 -38.53 26.37
N GLN D 124 34.53 -37.77 25.74
CA GLN D 124 34.36 -37.38 24.35
C GLN D 124 35.69 -37.65 23.67
N GLN D 125 35.72 -37.68 22.34
CA GLN D 125 37.02 -37.70 21.67
C GLN D 125 37.08 -36.64 20.57
N PHE D 126 38.07 -35.78 20.72
CA PHE D 126 38.32 -34.70 19.78
C PHE D 126 39.06 -35.26 18.57
N VAL D 127 38.63 -34.84 17.39
CA VAL D 127 39.04 -35.48 16.16
C VAL D 127 39.41 -34.49 15.07
N LEU D 128 40.49 -34.81 14.37
CA LEU D 128 40.88 -34.15 13.13
C LEU D 128 40.90 -35.19 12.02
N GLU D 129 40.41 -34.81 10.84
CA GLU D 129 40.49 -35.66 9.66
C GLU D 129 41.05 -34.85 8.50
N LEU D 130 42.09 -35.38 7.86
CA LEU D 130 42.83 -34.63 6.85
C LEU D 130 43.00 -35.50 5.60
N GLU D 131 42.76 -34.91 4.45
CA GLU D 131 42.66 -35.64 3.19
C GLU D 131 42.98 -34.70 2.05
N PRO D 132 43.74 -35.18 1.04
CA PRO D 132 43.99 -34.24 -0.05
C PRO D 132 42.69 -33.93 -0.79
N PHE D 133 42.56 -32.72 -1.30
CA PHE D 133 41.29 -32.26 -1.83
C PHE D 133 41.06 -32.73 -3.25
N SER D 134 42.14 -32.87 -4.02
CA SER D 134 42.02 -33.11 -5.45
C SER D 134 42.71 -34.40 -5.86
N TYR D 135 43.76 -34.76 -5.14
CA TYR D 135 44.64 -35.87 -5.53
C TYR D 135 44.35 -37.17 -4.78
N ASN D 136 44.14 -38.26 -5.52
CA ASN D 136 43.89 -39.57 -4.92
C ASN D 136 45.18 -40.25 -4.46
N ASN D 137 45.05 -41.48 -3.98
CA ASN D 137 46.17 -42.21 -3.38
C ASN D 137 47.19 -42.69 -4.39
N GLN D 138 46.82 -42.67 -5.66
CA GLN D 138 47.74 -43.06 -6.73
C GLN D 138 48.55 -41.84 -7.17
N GLN D 139 48.16 -40.66 -6.69
CA GLN D 139 48.90 -39.44 -6.96
C GLN D 139 49.58 -38.87 -5.71
N LEU D 140 48.86 -38.87 -4.59
CA LEU D 140 49.38 -38.36 -3.32
C LEU D 140 49.01 -39.31 -2.20
N ARG D 141 50.02 -39.74 -1.47
CA ARG D 141 49.88 -40.76 -0.44
C ARG D 141 50.44 -40.23 0.89
N PHE D 142 49.66 -40.41 1.96
CA PHE D 142 50.15 -40.07 3.29
C PHE D 142 51.04 -41.16 3.85
N SER D 143 52.32 -40.83 3.95
CA SER D 143 53.32 -41.74 4.45
C SER D 143 53.14 -41.97 5.95
N ASP D 144 53.02 -40.87 6.70
CA ASP D 144 52.87 -40.95 8.15
C ASP D 144 52.37 -39.66 8.81
N ILE D 145 51.78 -39.80 9.99
CA ILE D 145 51.24 -38.67 10.74
C ILE D 145 51.83 -38.65 12.14
N GLN D 146 52.54 -37.59 12.45
CA GLN D 146 52.98 -37.32 13.81
C GLN D 146 52.05 -36.29 14.45
N VAL D 147 51.73 -36.47 15.73
CA VAL D 147 50.89 -35.53 16.44
C VAL D 147 51.59 -35.12 17.72
N TYR D 148 51.64 -33.81 17.96
CA TYR D 148 52.29 -33.31 19.16
C TYR D 148 51.29 -32.49 19.95
N THR D 149 51.16 -32.84 21.22
CA THR D 149 50.27 -32.18 22.16
C THR D 149 51.02 -31.80 23.42
N GLU D 150 50.44 -30.92 24.22
CA GLU D 150 51.09 -30.53 25.46
C GLU D 150 50.87 -31.63 26.49
N ASN D 151 51.73 -31.63 27.52
CA ASN D 151 51.74 -32.67 28.55
C ASN D 151 51.03 -32.34 29.85
N ILE D 152 50.57 -31.10 30.03
CA ILE D 152 50.00 -30.64 31.31
C ILE D 152 49.02 -31.70 31.81
N ASP D 153 48.97 -31.91 33.13
CA ASP D 153 48.27 -33.06 33.67
C ASP D 153 47.40 -32.75 34.89
N ASN D 154 46.29 -33.48 34.98
CA ASN D 154 45.28 -33.32 36.04
C ASN D 154 45.11 -31.85 36.36
N GLU D 155 44.39 -31.13 35.51
CA GLU D 155 44.41 -29.68 35.58
C GLU D 155 43.02 -29.06 35.62
N GLU D 156 42.79 -28.29 36.68
CA GLU D 156 41.52 -27.62 36.93
C GLU D 156 41.33 -26.32 36.14
N ILE D 157 42.38 -25.53 35.94
CA ILE D 157 42.33 -24.42 34.98
C ILE D 157 41.61 -24.97 33.76
N ASP D 158 41.95 -26.21 33.41
CA ASP D 158 41.33 -26.91 32.30
C ASP D 158 40.01 -27.57 32.72
N GLU D 159 39.05 -27.45 31.83
CA GLU D 159 37.72 -28.02 31.96
C GLU D 159 37.74 -29.55 31.77
N TRP D 160 38.63 -30.01 30.90
CA TRP D 160 38.77 -31.43 30.55
C TRP D 160 40.09 -32.08 30.96
N TRP D 161 40.03 -33.38 31.25
CA TRP D 161 41.21 -34.22 31.46
C TRP D 161 41.47 -35.08 30.24
N ILE D 162 42.62 -34.89 29.60
CA ILE D 162 42.96 -35.67 28.42
C ILE D 162 43.44 -37.02 28.93
N ARG D 163 43.14 -38.09 28.20
CA ARG D 163 43.41 -39.43 28.72
C ARG D 163 44.70 -40.03 28.15
N GLY D 164 45.26 -39.39 27.15
CA GLY D 164 46.43 -39.92 26.47
C GLY D 164 46.98 -39.01 25.39
N LYS D 165 48.16 -39.38 24.88
CA LYS D 165 48.70 -38.73 23.68
C LYS D 165 47.82 -39.20 22.53
N ALA D 166 47.91 -38.51 21.40
CA ALA D 166 46.93 -38.72 20.32
C ALA D 166 47.10 -40.05 19.61
N SER D 167 45.97 -40.72 19.38
CA SER D 167 45.91 -41.93 18.55
C SER D 167 45.59 -41.56 17.10
N THR D 168 46.32 -42.17 16.17
CA THR D 168 46.18 -41.89 14.73
C THR D 168 45.94 -43.12 13.86
N HIS D 169 45.53 -42.88 12.61
CA HIS D 169 45.11 -43.96 11.73
C HIS D 169 45.09 -43.43 10.30
N ILE D 170 46.09 -43.82 9.52
CA ILE D 170 46.06 -43.57 8.09
C ILE D 170 45.31 -44.70 7.40
N SER D 171 44.59 -44.33 6.35
CA SER D 171 43.70 -45.26 5.67
C SER D 171 43.47 -44.78 4.25
N ASP D 172 42.61 -45.49 3.53
CA ASP D 172 42.31 -45.16 2.16
C ASP D 172 40.80 -45.14 2.04
N ILE D 173 40.26 -44.05 1.52
CA ILE D 173 38.82 -43.91 1.45
C ILE D 173 38.33 -44.00 0.03
N ARG D 174 37.40 -44.91 -0.15
CA ARG D 174 36.82 -45.21 -1.44
C ARG D 174 35.55 -44.41 -1.61
N TYR D 175 35.57 -43.55 -2.62
CA TYR D 175 34.43 -42.71 -2.97
C TYR D 175 33.69 -43.32 -4.12
N ASP D 176 32.41 -43.55 -3.90
CA ASP D 176 31.61 -44.28 -4.84
C ASP D 176 31.35 -43.47 -6.11
N HIS D 177 31.49 -42.14 -6.00
CA HIS D 177 31.02 -41.22 -7.06
C HIS D 177 32.03 -40.21 -7.68
N LEU D 178 32.14 -40.20 -9.01
CA LEU D 178 32.98 -39.29 -9.86
C LEU D 178 33.43 -40.04 -11.12
N SER D 179 34.01 -39.31 -12.08
CA SER D 179 34.55 -39.90 -13.29
C SER D 179 35.92 -40.56 -13.03
N SER D 180 35.89 -41.89 -12.93
CA SER D 180 37.10 -42.71 -12.74
C SER D 180 37.71 -43.29 -14.02
N VAL D 181 39.04 -43.34 -14.05
CA VAL D 181 39.79 -44.07 -15.07
C VAL D 181 39.63 -45.54 -14.68
N GLN D 182 40.68 -46.37 -14.74
CA GLN D 182 40.47 -47.78 -14.40
C GLN D 182 40.08 -47.65 -12.91
N PRO D 183 38.88 -48.08 -12.51
CA PRO D 183 38.39 -47.60 -11.20
C PRO D 183 39.24 -48.01 -9.99
N ASN D 184 40.38 -47.33 -9.88
CA ASN D 184 41.19 -47.34 -8.68
C ASN D 184 41.67 -45.90 -8.47
N GLN D 185 41.01 -44.98 -9.16
CA GLN D 185 41.34 -43.56 -9.09
C GLN D 185 40.26 -42.89 -8.26
N ASN D 186 39.65 -43.67 -7.37
CA ASN D 186 38.56 -43.22 -6.53
C ASN D 186 38.86 -43.43 -5.04
N GLU D 187 40.14 -43.65 -4.72
CA GLU D 187 40.55 -43.86 -3.33
C GLU D 187 41.46 -42.76 -2.85
N PHE D 188 41.22 -42.29 -1.63
CA PHE D 188 41.97 -41.16 -1.08
C PHE D 188 42.65 -41.47 0.23
N SER D 189 43.89 -40.98 0.33
CA SER D 189 44.69 -41.14 1.54
C SER D 189 44.15 -40.20 2.62
N ARG D 190 43.89 -40.74 3.80
CA ARG D 190 43.35 -39.93 4.89
C ARG D 190 44.00 -40.18 6.24
N ILE D 191 44.66 -39.14 6.74
CA ILE D 191 45.05 -39.05 8.13
C ILE D 191 43.84 -38.83 9.03
N THR D 192 43.87 -39.46 10.21
CA THR D 192 42.81 -39.35 11.18
C THR D 192 43.43 -39.31 12.57
N VAL D 193 43.01 -38.35 13.38
CA VAL D 193 43.60 -38.15 14.69
C VAL D 193 42.50 -38.13 15.73
N ARG D 194 42.74 -38.78 16.86
CA ARG D 194 41.77 -38.85 17.93
C ARG D 194 42.46 -38.51 19.23
N ILE D 195 41.74 -37.83 20.11
CA ILE D 195 42.24 -37.42 21.40
C ILE D 195 41.11 -37.65 22.34
N ASP D 196 41.29 -38.56 23.29
CA ASP D 196 40.21 -38.85 24.22
C ASP D 196 40.40 -37.97 25.42
N ALA D 197 39.29 -37.66 26.07
CA ALA D 197 39.28 -36.78 27.22
C ALA D 197 37.97 -37.00 27.96
N VAL D 198 37.95 -36.63 29.23
CA VAL D 198 36.80 -36.87 30.08
C VAL D 198 36.42 -35.62 30.80
N ARG D 199 35.13 -35.48 31.11
CA ARG D 199 34.70 -34.24 31.72
C ARG D 199 34.96 -34.33 33.20
N ASN D 200 35.59 -33.27 33.70
CA ASN D 200 35.86 -33.07 35.11
C ASN D 200 34.62 -32.66 35.92
N PRO D 201 33.98 -33.61 36.62
CA PRO D 201 32.64 -33.31 37.15
C PRO D 201 32.61 -32.49 38.45
N SER D 202 33.73 -31.95 38.89
CA SER D 202 33.79 -31.26 40.18
C SER D 202 32.73 -30.16 40.26
N TYR D 203 32.87 -29.11 39.46
CA TYR D 203 31.93 -27.99 39.48
C TYR D 203 30.48 -28.44 39.51
N TYR D 204 30.16 -29.44 38.70
CA TYR D 204 28.78 -29.86 38.49
C TYR D 204 28.18 -30.66 39.64
N LEU D 205 29.02 -31.34 40.40
CA LEU D 205 28.55 -32.04 41.60
C LEU D 205 28.25 -31.05 42.71
N TRP D 206 29.23 -30.22 43.03
CA TRP D 206 29.15 -29.30 44.15
C TRP D 206 28.16 -28.16 43.98
N SER D 207 27.90 -27.76 42.74
CA SER D 207 27.09 -26.57 42.49
C SER D 207 25.70 -26.87 41.94
N PHE D 208 25.48 -28.07 41.43
CA PHE D 208 24.16 -28.45 40.92
C PHE D 208 23.62 -29.71 41.58
N ILE D 209 24.33 -30.82 41.41
CA ILE D 209 23.89 -32.12 41.92
C ILE D 209 23.63 -32.07 43.41
N LEU D 210 24.59 -31.50 44.14
CA LEU D 210 24.51 -31.48 45.59
C LEU D 210 23.28 -30.70 46.06
N PRO D 211 23.19 -29.38 45.76
CA PRO D 211 21.96 -28.69 46.16
C PRO D 211 20.64 -29.29 45.65
N LEU D 212 20.63 -29.94 44.50
CA LEU D 212 19.39 -30.54 44.02
C LEU D 212 19.01 -31.68 44.95
N GLY D 213 20.03 -32.34 45.50
CA GLY D 213 19.81 -33.37 46.50
C GLY D 213 19.19 -32.81 47.76
N LEU D 214 19.87 -31.86 48.38
CA LEU D 214 19.36 -31.17 49.57
C LEU D 214 17.92 -30.73 49.40
N ILE D 215 17.65 -30.10 48.25
CA ILE D 215 16.32 -29.60 47.95
C ILE D 215 15.31 -30.73 47.82
N ILE D 216 15.70 -31.83 47.18
CA ILE D 216 14.80 -32.96 47.03
C ILE D 216 14.57 -33.58 48.41
N ALA D 217 15.64 -33.72 49.18
CA ALA D 217 15.56 -34.22 50.56
C ALA D 217 14.57 -33.41 51.38
N ALA D 218 14.90 -32.15 51.61
CA ALA D 218 14.05 -31.24 52.40
C ALA D 218 12.60 -31.21 51.91
N SER D 219 12.35 -31.66 50.68
CA SER D 219 10.99 -31.75 50.18
C SER D 219 10.23 -32.79 50.99
N TRP D 220 10.95 -33.78 51.48
CA TRP D 220 10.35 -34.88 52.24
C TRP D 220 9.92 -34.46 53.63
N SER D 221 10.57 -33.45 54.18
CA SER D 221 10.22 -32.95 55.50
C SER D 221 8.83 -32.30 55.49
N VAL D 222 8.14 -32.41 54.35
CA VAL D 222 6.74 -32.01 54.26
C VAL D 222 5.90 -32.94 55.14
N PHE D 223 6.28 -34.21 55.18
CA PHE D 223 5.51 -35.23 55.89
C PHE D 223 5.51 -34.98 57.37
N TRP D 224 6.57 -34.34 57.83
CA TRP D 224 6.75 -34.04 59.24
C TRP D 224 6.08 -32.76 59.69
N LEU D 225 5.28 -32.16 58.82
CA LEU D 225 4.46 -31.03 59.20
C LEU D 225 3.26 -31.58 59.96
N GLU D 226 2.74 -30.81 60.92
CA GLU D 226 1.73 -31.31 61.84
C GLU D 226 0.37 -31.35 61.22
N SER D 227 -0.07 -30.22 60.70
CA SER D 227 -1.35 -30.11 60.06
C SER D 227 -1.38 -30.75 58.68
N PHE D 228 -2.58 -30.88 58.13
CA PHE D 228 -2.77 -31.27 56.74
C PHE D 228 -2.67 -30.02 55.87
N SER D 229 -3.33 -28.96 56.30
CA SER D 229 -3.20 -27.64 55.68
C SER D 229 -1.73 -27.28 55.51
N GLU D 230 -0.95 -27.47 56.57
CA GLU D 230 0.48 -27.22 56.53
C GLU D 230 1.14 -28.07 55.44
N ARG D 231 0.77 -29.35 55.39
CA ARG D 231 1.42 -30.30 54.49
C ARG D 231 1.10 -30.02 53.02
N LEU D 232 -0.15 -29.67 52.74
CA LEU D 232 -0.55 -29.46 51.35
C LEU D 232 -0.14 -28.09 50.82
N GLN D 233 -0.25 -27.07 51.67
CA GLN D 233 0.08 -25.72 51.25
C GLN D 233 1.59 -25.58 51.01
N THR D 234 2.37 -26.26 51.84
CA THR D 234 3.82 -26.20 51.74
C THR D 234 4.38 -26.89 50.49
N SER D 235 3.77 -27.98 50.08
CA SER D 235 4.27 -28.73 48.94
C SER D 235 4.13 -27.89 47.67
N PHE D 236 3.13 -27.01 47.64
CA PHE D 236 2.98 -26.10 46.51
C PHE D 236 4.17 -25.16 46.45
N THR D 237 4.72 -24.81 47.61
CA THR D 237 5.94 -24.00 47.65
C THR D 237 7.17 -24.80 47.23
N LEU D 238 7.22 -26.07 47.62
CA LEU D 238 8.33 -26.93 47.22
C LEU D 238 8.34 -27.06 45.70
N MET D 239 7.16 -27.29 45.13
CA MET D 239 6.98 -27.36 43.69
C MET D 239 7.63 -26.14 43.02
N LEU D 240 7.22 -24.95 43.44
CA LEU D 240 7.80 -23.70 42.97
C LEU D 240 9.33 -23.71 43.02
N THR D 241 9.87 -24.27 44.10
CA THR D 241 11.31 -24.31 44.30
C THR D 241 11.98 -25.17 43.23
N VAL D 242 11.36 -26.30 42.92
CA VAL D 242 11.88 -27.22 41.91
C VAL D 242 11.86 -26.52 40.56
N VAL D 243 10.79 -25.77 40.32
CA VAL D 243 10.65 -25.00 39.10
C VAL D 243 11.73 -23.94 38.98
N ALA D 244 11.93 -23.19 40.05
CA ALA D 244 12.97 -22.18 40.08
C ALA D 244 14.31 -22.81 39.79
N TYR D 245 14.49 -24.05 40.23
CA TYR D 245 15.75 -24.75 40.07
C TYR D 245 15.99 -25.23 38.64
N ALA D 246 14.94 -25.70 37.98
CA ALA D 246 15.04 -26.16 36.60
C ALA D 246 15.45 -25.01 35.71
N PHE D 247 14.97 -23.82 36.07
CA PHE D 247 15.22 -22.61 35.32
C PHE D 247 16.68 -22.25 35.49
N TYR D 248 17.11 -22.28 36.74
CA TYR D 248 18.50 -22.12 37.09
C TYR D 248 19.38 -23.10 36.34
N THR D 249 19.14 -24.40 36.50
CA THR D 249 20.06 -25.34 35.89
C THR D 249 20.13 -25.18 34.36
N SER D 250 18.97 -25.21 33.70
CA SER D 250 18.90 -25.20 32.25
C SER D 250 19.44 -23.93 31.60
N ASN D 251 19.30 -22.80 32.29
CA ASN D 251 19.76 -21.54 31.75
C ASN D 251 21.28 -21.43 31.77
N ILE D 252 21.93 -22.21 32.63
CA ILE D 252 23.37 -22.10 32.79
C ILE D 252 24.09 -23.36 32.27
N LEU D 253 23.41 -24.52 32.27
CA LEU D 253 23.99 -25.77 31.73
C LEU D 253 23.89 -25.83 30.20
N PRO D 254 24.76 -26.64 29.55
CA PRO D 254 24.79 -26.68 28.08
C PRO D 254 23.49 -27.17 27.47
N ARG D 255 23.05 -26.52 26.40
CA ARG D 255 21.82 -26.91 25.74
C ARG D 255 22.05 -28.19 24.96
N LEU D 256 21.07 -29.09 25.03
CA LEU D 256 21.14 -30.38 24.36
C LEU D 256 19.74 -30.77 23.88
N PRO D 257 19.65 -31.81 23.04
CA PRO D 257 18.35 -32.25 22.55
C PRO D 257 17.86 -33.49 23.29
N TYR D 258 18.44 -33.76 24.46
CA TYR D 258 18.04 -34.92 25.24
C TYR D 258 18.32 -34.72 26.72
N THR D 259 17.72 -35.57 27.55
CA THR D 259 17.86 -35.45 28.99
C THR D 259 19.18 -36.02 29.49
N THR D 260 19.76 -35.27 30.40
CA THR D 260 20.96 -35.66 31.11
C THR D 260 20.61 -36.31 32.44
N VAL D 261 21.65 -36.68 33.17
CA VAL D 261 21.52 -37.10 34.55
C VAL D 261 20.70 -36.09 35.34
N ILE D 262 21.25 -34.89 35.41
CA ILE D 262 20.69 -33.78 36.16
C ILE D 262 19.25 -33.49 35.76
N ASP D 263 18.96 -33.59 34.46
CA ASP D 263 17.60 -33.34 33.97
C ASP D 263 16.64 -34.33 34.61
N GLN D 264 17.11 -35.56 34.77
CA GLN D 264 16.28 -36.62 35.32
C GLN D 264 16.07 -36.40 36.82
N MET D 265 17.15 -36.11 37.55
CA MET D 265 17.04 -35.73 38.96
C MET D 265 15.96 -34.68 39.19
N ILE D 266 15.87 -33.72 38.28
CA ILE D 266 14.89 -32.65 38.43
C ILE D 266 13.48 -33.16 38.12
N ILE D 267 13.34 -34.03 37.12
CA ILE D 267 12.04 -34.64 36.85
C ILE D 267 11.65 -35.48 38.07
N ALA D 268 12.64 -36.09 38.72
CA ALA D 268 12.40 -36.84 39.95
C ALA D 268 11.78 -35.95 41.03
N GLY D 269 12.40 -34.80 41.26
CA GLY D 269 11.88 -33.83 42.22
C GLY D 269 10.42 -33.46 42.00
N TYR D 270 10.04 -33.31 40.74
CA TYR D 270 8.66 -33.00 40.38
C TYR D 270 7.77 -34.17 40.77
N GLY D 271 8.33 -35.37 40.65
CA GLY D 271 7.60 -36.59 40.94
C GLY D 271 7.53 -36.80 42.44
N SER D 272 8.67 -36.68 43.09
CA SER D 272 8.74 -36.78 44.54
C SER D 272 7.73 -35.85 45.21
N ILE D 273 7.47 -34.71 44.59
CA ILE D 273 6.52 -33.73 45.14
C ILE D 273 5.09 -33.99 44.68
N PHE D 274 4.93 -34.38 43.42
CA PHE D 274 3.59 -34.67 42.92
C PHE D 274 3.07 -35.94 43.57
N ALA D 275 3.98 -36.86 43.84
CA ALA D 275 3.63 -38.09 44.54
C ALA D 275 3.12 -37.74 45.93
N ALA D 276 3.97 -37.06 46.70
CA ALA D 276 3.63 -36.62 48.05
C ALA D 276 2.27 -35.93 48.10
N ILE D 277 1.99 -35.08 47.11
CA ILE D 277 0.70 -34.38 47.09
C ILE D 277 -0.46 -35.35 46.83
N LEU D 278 -0.23 -36.41 46.09
CA LEU D 278 -1.29 -37.38 45.87
C LEU D 278 -1.53 -38.15 47.16
N LEU D 279 -0.46 -38.32 47.96
CA LEU D 279 -0.56 -38.95 49.28
C LEU D 279 -1.07 -38.05 50.41
N ILE D 280 -0.38 -36.93 50.65
CA ILE D 280 -0.77 -35.97 51.70
C ILE D 280 -2.29 -35.80 51.72
N ILE D 281 -2.87 -35.93 50.55
CA ILE D 281 -4.29 -35.80 50.35
C ILE D 281 -5.04 -37.14 50.38
N PHE D 282 -4.32 -38.24 50.20
CA PHE D 282 -4.91 -39.57 50.28
C PHE D 282 -5.21 -39.98 51.71
N ALA D 283 -4.16 -39.93 52.54
CA ALA D 283 -4.27 -40.15 53.98
C ALA D 283 -5.53 -39.51 54.58
N HIS D 284 -5.77 -38.27 54.17
CA HIS D 284 -6.82 -37.42 54.73
C HIS D 284 -8.27 -37.79 54.34
N HIS D 285 -8.48 -38.90 53.63
CA HIS D 285 -9.84 -39.33 53.24
C HIS D 285 -10.06 -40.85 53.22
N ARG D 286 -9.07 -41.65 53.57
CA ARG D 286 -9.21 -43.09 53.41
C ARG D 286 -10.32 -43.67 54.30
N GLN D 287 -10.23 -43.45 55.60
CA GLN D 287 -11.08 -44.12 56.58
C GLN D 287 -12.48 -43.55 56.84
N ALA D 288 -13.30 -44.37 57.49
CA ALA D 288 -14.61 -43.99 58.04
C ALA D 288 -14.31 -43.14 59.27
N ASN D 289 -15.31 -42.46 59.83
CA ASN D 289 -15.15 -41.50 60.94
C ASN D 289 -14.16 -40.37 60.63
N GLY D 290 -14.24 -39.86 59.39
CA GLY D 290 -13.38 -38.79 58.86
C GLY D 290 -12.09 -38.51 59.64
N VAL D 291 -11.48 -39.58 60.13
CA VAL D 291 -10.31 -39.54 60.99
C VAL D 291 -9.05 -39.22 60.27
N GLU D 292 -8.25 -38.40 60.93
CA GLU D 292 -6.93 -38.10 60.48
C GLU D 292 -6.18 -39.44 60.44
N ASP D 293 -5.35 -39.67 59.43
CA ASP D 293 -4.73 -40.99 59.26
C ASP D 293 -3.22 -40.87 59.43
N ASP D 294 -2.81 -40.40 60.60
CA ASP D 294 -1.41 -40.15 60.89
C ASP D 294 -0.43 -41.34 60.90
N LEU D 295 -0.90 -42.58 60.82
CA LEU D 295 0.08 -43.68 60.75
C LEU D 295 0.72 -43.79 59.38
N LEU D 296 -0.11 -43.66 58.37
CA LEU D 296 0.29 -43.79 56.98
C LEU D 296 1.26 -42.69 56.59
N ILE D 297 0.98 -41.49 57.09
CA ILE D 297 1.87 -40.37 56.90
C ILE D 297 3.23 -40.76 57.49
N GLN D 298 3.29 -40.82 58.81
CA GLN D 298 4.49 -41.24 59.55
C GLN D 298 5.29 -42.35 58.88
N ARG D 299 4.60 -43.36 58.35
CA ARG D 299 5.27 -44.42 57.61
C ARG D 299 5.93 -43.84 56.35
N CYS D 300 5.24 -42.91 55.69
CA CYS D 300 5.77 -42.31 54.47
C CYS D 300 7.01 -41.46 54.76
N ARG D 301 7.05 -40.87 55.95
CA ARG D 301 8.09 -39.92 56.32
C ARG D 301 9.52 -40.28 55.98
N LEU D 302 9.89 -41.54 56.20
CA LEU D 302 11.19 -42.02 55.74
C LEU D 302 11.01 -43.29 54.91
N ALA D 303 9.78 -43.54 54.46
CA ALA D 303 9.52 -44.48 53.35
C ALA D 303 9.97 -43.86 52.02
N PHE D 304 9.64 -42.58 51.81
CA PHE D 304 10.06 -41.87 50.60
C PHE D 304 11.59 -41.83 50.49
N PRO D 305 12.27 -41.23 51.49
CA PRO D 305 13.74 -41.12 51.58
C PRO D 305 14.46 -42.45 51.39
N LEU D 306 13.74 -43.56 51.51
CA LEU D 306 14.25 -44.85 51.08
C LEU D 306 13.69 -45.06 49.69
N GLY D 307 12.37 -44.96 49.58
CA GLY D 307 11.67 -45.16 48.34
C GLY D 307 12.27 -44.37 47.18
N PHE D 308 12.84 -43.21 47.50
CA PHE D 308 13.51 -42.39 46.50
C PHE D 308 15.01 -42.72 46.41
N LEU D 309 15.66 -42.72 47.57
CA LEU D 309 17.10 -42.96 47.69
C LEU D 309 17.45 -44.42 47.38
N ALA D 310 16.45 -45.25 47.12
CA ALA D 310 16.68 -46.63 46.67
C ALA D 310 16.42 -46.82 45.18
N ILE D 311 15.17 -46.72 44.74
CA ILE D 311 14.87 -46.97 43.32
C ILE D 311 15.37 -45.84 42.43
N GLY D 312 15.91 -44.78 43.01
CA GLY D 312 16.55 -43.75 42.21
C GLY D 312 18.02 -44.13 42.16
N CYS D 313 18.44 -44.90 43.16
CA CYS D 313 19.79 -45.47 43.22
C CYS D 313 19.95 -46.68 42.27
N VAL D 314 19.16 -46.74 41.20
CA VAL D 314 19.16 -47.90 40.29
C VAL D 314 19.82 -47.69 38.94
N LEU D 315 19.40 -46.62 38.25
CA LEU D 315 19.89 -46.20 36.94
C LEU D 315 21.36 -46.53 36.59
N VAL D 316 21.55 -47.22 35.46
CA VAL D 316 22.88 -47.62 34.99
C VAL D 316 22.96 -47.53 33.46
N ILE D 317 22.47 -46.44 32.88
CA ILE D 317 22.47 -46.30 31.43
C ILE D 317 23.79 -45.70 30.95
N ARG E 10 76.50 -14.10 12.67
CA ARG E 10 75.82 -14.10 11.39
C ARG E 10 74.35 -13.60 11.43
N PRO E 11 73.63 -13.82 12.55
CA PRO E 11 72.19 -13.48 12.58
C PRO E 11 71.84 -11.99 12.60
N VAL E 12 70.65 -11.66 12.10
CA VAL E 12 70.17 -10.29 12.13
C VAL E 12 69.65 -9.99 13.54
N ASP E 13 70.04 -8.84 14.07
CA ASP E 13 69.55 -8.39 15.35
C ASP E 13 68.27 -7.60 15.11
N VAL E 14 67.19 -8.00 15.76
CA VAL E 14 65.92 -7.30 15.62
C VAL E 14 65.52 -6.68 16.96
N SER E 15 65.36 -5.36 16.94
CA SER E 15 64.93 -4.62 18.14
C SER E 15 63.45 -4.31 18.07
N VAL E 16 62.73 -4.71 19.11
CA VAL E 16 61.28 -4.62 19.12
C VAL E 16 60.77 -3.63 20.16
N SER E 17 59.75 -2.86 19.80
CA SER E 17 58.99 -2.06 20.76
C SER E 17 57.50 -2.35 20.61
N ILE E 18 56.84 -2.65 21.73
CA ILE E 18 55.40 -2.88 21.73
C ILE E 18 54.68 -1.84 22.57
N PHE E 19 53.89 -1.01 21.90
CA PHE E 19 52.99 -0.07 22.57
C PHE E 19 51.66 -0.74 22.83
N ILE E 20 51.19 -0.67 24.06
CA ILE E 20 49.93 -1.29 24.46
C ILE E 20 48.91 -0.20 24.80
N ASN E 21 47.82 -0.15 24.03
CA ASN E 21 46.80 0.88 24.24
C ASN E 21 45.68 0.46 25.20
N LYS E 22 45.26 -0.78 25.09
CA LYS E 22 44.04 -1.24 25.74
C LYS E 22 44.13 -2.73 25.96
N ILE E 23 43.92 -3.17 27.19
CA ILE E 23 43.72 -4.59 27.46
C ILE E 23 42.28 -4.68 27.92
N TYR E 24 41.46 -5.40 27.17
CA TYR E 24 40.04 -5.47 27.46
C TYR E 24 39.42 -6.79 27.03
N GLY E 25 38.13 -6.93 27.29
CA GLY E 25 37.36 -8.01 26.72
C GLY E 25 37.78 -9.39 27.19
N VAL E 26 38.12 -9.52 28.47
CA VAL E 26 38.49 -10.83 29.00
C VAL E 26 37.35 -11.84 28.88
N ASN E 27 37.68 -13.00 28.30
CA ASN E 27 36.78 -14.14 28.24
C ASN E 27 37.31 -15.23 29.17
N THR E 28 36.57 -15.46 30.25
CA THR E 28 37.00 -16.39 31.29
C THR E 28 37.09 -17.83 30.80
N LEU E 29 36.08 -18.31 30.06
CA LEU E 29 36.04 -19.72 29.70
C LEU E 29 37.12 -20.09 28.68
N GLU E 30 37.33 -19.21 27.70
CA GLU E 30 38.38 -19.45 26.72
C GLU E 30 39.73 -19.08 27.31
N GLN E 31 39.68 -18.32 28.40
CA GLN E 31 40.89 -17.78 29.03
C GLN E 31 41.64 -16.98 27.99
N THR E 32 41.02 -15.89 27.57
CA THR E 32 41.56 -15.02 26.54
C THR E 32 41.27 -13.58 26.90
N TYR E 33 41.92 -12.67 26.19
CA TYR E 33 41.70 -11.25 26.40
C TYR E 33 42.13 -10.51 25.15
N LYS E 34 41.65 -9.28 25.01
CA LYS E 34 41.92 -8.50 23.81
C LYS E 34 42.98 -7.47 24.09
N VAL E 35 43.86 -7.26 23.11
CA VAL E 35 44.95 -6.31 23.26
C VAL E 35 45.06 -5.49 21.99
N ASP E 36 44.98 -4.18 22.15
CA ASP E 36 45.15 -3.24 21.06
C ASP E 36 46.43 -2.47 21.31
N GLY E 37 47.25 -2.34 20.27
CA GLY E 37 48.53 -1.67 20.42
C GLY E 37 49.26 -1.58 19.10
N TYR E 38 50.47 -1.04 19.15
CA TYR E 38 51.34 -1.02 18.00
C TYR E 38 52.53 -1.95 18.25
N ILE E 39 53.15 -2.38 17.16
CA ILE E 39 54.38 -3.16 17.26
C ILE E 39 55.37 -2.52 16.31
N VAL E 40 56.61 -2.43 16.79
CA VAL E 40 57.69 -1.83 16.04
C VAL E 40 58.90 -2.74 16.03
N ALA E 41 59.48 -2.91 14.85
CA ALA E 41 60.65 -3.75 14.68
C ALA E 41 61.70 -3.00 13.87
N GLN E 42 62.94 -3.04 14.35
CA GLN E 42 64.04 -2.37 13.68
C GLN E 42 65.15 -3.39 13.44
N TRP E 43 65.75 -3.31 12.25
CA TRP E 43 66.91 -4.13 11.93
C TRP E 43 67.64 -3.45 10.80
N THR E 44 68.90 -3.79 10.57
CA THR E 44 69.70 -3.11 9.55
C THR E 44 70.09 -4.09 8.46
N GLY E 45 70.00 -3.60 7.22
CA GLY E 45 70.20 -4.41 6.03
C GLY E 45 70.96 -3.69 4.94
N LYS E 46 70.77 -4.17 3.71
CA LYS E 46 71.34 -3.57 2.52
C LYS E 46 71.13 -2.04 2.50
N PRO E 47 72.21 -1.26 2.44
CA PRO E 47 72.01 0.18 2.26
C PRO E 47 71.33 0.44 0.91
N ARG E 48 70.82 1.63 0.66
CA ARG E 48 69.85 1.79 -0.41
C ARG E 48 69.80 3.18 -1.03
N LYS E 49 69.39 3.19 -2.31
CA LYS E 49 69.18 4.42 -3.05
C LYS E 49 67.75 4.84 -2.76
N THR E 50 67.60 5.96 -2.08
CA THR E 50 66.26 6.45 -1.72
C THR E 50 66.04 7.80 -2.40
N PRO E 51 64.77 8.18 -2.60
CA PRO E 51 64.51 9.58 -2.99
C PRO E 51 64.99 10.55 -1.90
N GLY E 52 65.77 11.55 -2.29
CA GLY E 52 66.54 12.34 -1.35
C GLY E 52 67.55 11.45 -0.62
N ASP E 53 68.27 12.01 0.35
CA ASP E 53 69.06 11.19 1.25
C ASP E 53 68.26 11.06 2.54
N LYS E 54 66.98 11.32 2.41
CA LYS E 54 65.99 11.19 3.46
C LYS E 54 65.36 9.81 3.40
N PRO E 55 64.93 9.28 4.56
CA PRO E 55 64.41 7.91 4.55
C PRO E 55 63.12 7.83 3.75
N LEU E 56 62.73 6.63 3.33
CA LEU E 56 61.54 6.47 2.50
C LEU E 56 60.45 5.79 3.30
N ILE E 57 59.24 6.33 3.19
CA ILE E 57 58.10 5.79 3.91
C ILE E 57 57.25 5.01 2.92
N VAL E 58 56.84 3.82 3.33
CA VAL E 58 56.07 2.91 2.48
C VAL E 58 54.91 2.36 3.28
N GLU E 59 53.69 2.67 2.84
CA GLU E 59 52.50 2.38 3.61
C GLU E 59 51.64 1.26 3.01
N ASN E 60 51.18 0.37 3.87
CA ASN E 60 50.16 -0.63 3.54
C ASN E 60 50.36 -1.38 2.21
N THR E 61 49.56 -1.08 1.21
CA THR E 61 49.51 -1.86 -0.03
C THR E 61 50.85 -1.91 -0.74
N GLN E 62 51.69 -0.90 -0.49
CA GLN E 62 52.97 -0.77 -1.16
C GLN E 62 54.04 -1.69 -0.58
N ILE E 63 53.92 -2.04 0.69
CA ILE E 63 54.89 -2.92 1.34
C ILE E 63 54.98 -4.28 0.63
N GLU E 64 53.84 -4.81 0.24
CA GLU E 64 53.77 -6.08 -0.47
C GLU E 64 54.62 -6.03 -1.73
N ARG E 65 54.58 -4.89 -2.41
CA ARG E 65 55.34 -4.69 -3.64
C ARG E 65 56.85 -4.79 -3.44
N TRP E 66 57.36 -4.17 -2.38
CA TRP E 66 58.80 -4.20 -2.10
C TRP E 66 59.25 -5.62 -1.80
N ILE E 67 58.34 -6.38 -1.22
CA ILE E 67 58.62 -7.77 -0.86
C ILE E 67 58.71 -8.58 -2.14
N ASN E 68 57.94 -8.17 -3.14
CA ASN E 68 58.00 -8.83 -4.45
C ASN E 68 59.30 -8.51 -5.18
N ASN E 69 59.90 -7.35 -4.91
CA ASN E 69 61.23 -7.06 -5.45
C ASN E 69 62.30 -7.65 -4.54
N GLY E 70 61.88 -8.50 -3.60
CA GLY E 70 62.80 -9.25 -2.78
C GLY E 70 63.31 -8.49 -1.56
N LEU E 71 62.49 -7.60 -1.00
CA LEU E 71 62.84 -7.00 0.29
C LEU E 71 62.55 -7.99 1.41
N TRP E 72 63.51 -8.15 2.31
CA TRP E 72 63.34 -9.05 3.45
C TRP E 72 62.54 -8.37 4.53
N VAL E 73 61.32 -8.86 4.74
CA VAL E 73 60.48 -8.40 5.82
C VAL E 73 60.03 -9.66 6.55
N PRO E 74 60.68 -9.97 7.68
CA PRO E 74 60.42 -11.26 8.33
C PRO E 74 59.01 -11.32 8.92
N ALA E 75 58.55 -12.52 9.28
CA ALA E 75 57.18 -12.70 9.73
C ALA E 75 56.89 -12.06 11.09
N LEU E 76 57.35 -12.71 12.14
CA LEU E 76 57.02 -12.37 13.54
C LEU E 76 55.58 -12.77 13.88
N GLU E 77 55.46 -13.79 14.71
CA GLU E 77 54.16 -14.35 15.07
C GLU E 77 53.92 -14.18 16.57
N PHE E 78 52.69 -13.79 16.92
CA PHE E 78 52.27 -13.82 18.32
C PHE E 78 51.92 -15.27 18.66
N ILE E 79 52.78 -15.95 19.41
CA ILE E 79 52.58 -17.37 19.70
C ILE E 79 51.22 -17.62 20.36
N ASN E 80 50.82 -16.73 21.25
CA ASN E 80 49.69 -16.99 22.14
C ASN E 80 48.44 -16.22 21.74
N VAL E 81 48.41 -15.76 20.50
CA VAL E 81 47.21 -15.16 19.92
C VAL E 81 46.22 -16.27 19.58
N VAL E 82 44.96 -15.90 19.40
CA VAL E 82 43.92 -16.85 19.05
C VAL E 82 43.30 -16.44 17.72
N GLY E 83 43.82 -16.98 16.62
CA GLY E 83 43.33 -16.60 15.32
C GLY E 83 44.05 -15.37 14.83
N SER E 84 44.10 -15.18 13.51
CA SER E 84 44.82 -14.07 12.91
C SER E 84 44.38 -12.72 13.48
N PRO E 85 45.32 -11.96 14.06
CA PRO E 85 44.94 -10.68 14.66
C PRO E 85 44.55 -9.66 13.62
N ASP E 86 43.78 -8.64 14.00
CA ASP E 86 43.40 -7.60 13.07
C ASP E 86 44.56 -6.61 12.97
N THR E 87 45.19 -6.54 11.80
CA THR E 87 46.29 -5.61 11.60
C THR E 87 45.76 -4.38 10.89
N GLY E 88 45.99 -3.23 11.51
CA GLY E 88 45.60 -1.96 10.94
C GLY E 88 46.57 -1.50 9.88
N ASN E 89 47.09 -0.29 10.04
CA ASN E 89 48.02 0.24 9.05
C ASN E 89 49.39 -0.35 9.24
N LYS E 90 50.09 -0.50 8.13
CA LYS E 90 51.42 -1.06 8.09
C LYS E 90 52.32 0.04 7.58
N ARG E 91 53.58 0.05 8.03
CA ARG E 91 54.50 1.06 7.55
C ARG E 91 55.91 0.52 7.49
N LEU E 92 56.60 0.81 6.40
CA LEU E 92 58.04 0.60 6.30
C LEU E 92 58.72 1.96 6.24
N MET E 93 59.67 2.18 7.14
CA MET E 93 60.59 3.31 7.03
C MET E 93 61.93 2.73 6.58
N LEU E 94 62.27 3.01 5.33
CA LEU E 94 63.51 2.51 4.75
C LEU E 94 64.54 3.61 4.75
N PHE E 95 65.60 3.41 5.55
CA PHE E 95 66.67 4.38 5.61
C PHE E 95 67.71 4.02 4.55
N PRO E 96 68.44 5.01 4.04
CA PRO E 96 69.47 4.78 3.02
C PRO E 96 70.71 4.15 3.62
N ASP E 97 70.93 4.44 4.90
CA ASP E 97 72.08 3.94 5.63
C ASP E 97 71.88 2.50 6.12
N GLY E 98 71.06 1.75 5.39
CA GLY E 98 70.86 0.33 5.66
C GLY E 98 69.59 -0.04 6.41
N ARG E 99 69.20 0.75 7.38
CA ARG E 99 68.22 0.28 8.35
C ARG E 99 66.77 0.38 7.88
N VAL E 100 65.90 -0.25 8.66
CA VAL E 100 64.57 -0.64 8.23
C VAL E 100 63.67 -0.68 9.46
N ILE E 101 62.52 -0.03 9.39
CA ILE E 101 61.59 -0.03 10.51
C ILE E 101 60.20 -0.44 10.06
N TYR E 102 59.66 -1.47 10.72
CA TYR E 102 58.30 -1.92 10.44
C TYR E 102 57.42 -1.50 11.59
N ASN E 103 56.38 -0.73 11.27
CA ASN E 103 55.46 -0.19 12.26
C ASN E 103 54.03 -0.56 11.89
N ALA E 104 53.36 -1.25 12.80
CA ALA E 104 51.99 -1.69 12.53
C ALA E 104 51.13 -1.66 13.78
N ARG E 105 49.85 -1.39 13.57
CA ARG E 105 48.87 -1.43 14.63
C ARG E 105 48.23 -2.80 14.61
N PHE E 106 47.85 -3.29 15.78
CA PHE E 106 47.29 -4.62 15.88
C PHE E 106 46.24 -4.68 16.97
N LEU E 107 45.21 -5.48 16.70
CA LEU E 107 44.24 -5.85 17.70
C LEU E 107 44.11 -7.35 17.65
N GLY E 108 44.31 -8.00 18.80
CA GLY E 108 44.34 -9.45 18.83
C GLY E 108 43.75 -10.02 20.09
N SER E 109 43.33 -11.28 19.99
CA SER E 109 42.82 -12.01 21.13
C SER E 109 43.88 -13.01 21.55
N PHE E 110 44.36 -12.87 22.78
CA PHE E 110 45.51 -13.63 23.24
C PHE E 110 45.06 -14.61 24.30
N SER E 111 45.79 -15.72 24.42
CA SER E 111 45.46 -16.79 25.33
C SER E 111 46.54 -16.89 26.39
N ASN E 112 46.12 -17.11 27.62
CA ASN E 112 47.05 -17.39 28.70
C ASN E 112 46.35 -18.28 29.72
N ASP E 113 47.12 -18.95 30.57
CA ASP E 113 46.52 -19.70 31.67
C ASP E 113 46.01 -18.71 32.70
N MET E 114 44.80 -18.94 33.21
CA MET E 114 44.17 -18.02 34.15
C MET E 114 43.41 -18.78 35.23
N ASP E 115 43.82 -18.54 36.48
CA ASP E 115 43.24 -19.21 37.64
C ASP E 115 42.25 -18.27 38.34
N PHE E 116 40.96 -18.60 38.26
CA PHE E 116 39.90 -17.73 38.76
C PHE E 116 39.26 -18.26 40.06
N ARG E 117 39.98 -19.08 40.81
CA ARG E 117 39.40 -19.73 41.98
C ARG E 117 39.18 -18.74 43.13
N LEU E 118 40.08 -17.77 43.25
CA LEU E 118 39.96 -16.75 44.30
C LEU E 118 39.04 -15.62 43.87
N PHE E 119 38.28 -15.82 42.80
CA PHE E 119 37.34 -14.81 42.33
C PHE E 119 36.41 -14.38 43.45
N PRO E 120 36.15 -13.06 43.56
CA PRO E 120 36.62 -11.93 42.77
C PRO E 120 37.88 -11.26 43.35
N PHE E 121 38.71 -12.01 44.07
CA PHE E 121 39.87 -11.44 44.73
C PHE E 121 41.16 -11.96 44.10
N ASP E 122 41.08 -12.31 42.82
CA ASP E 122 42.19 -12.94 42.13
C ASP E 122 43.02 -11.91 41.38
N ARG E 123 44.28 -12.26 41.16
CA ARG E 123 45.17 -11.46 40.34
C ARG E 123 45.54 -12.29 39.12
N GLN E 124 45.67 -11.62 37.98
CA GLN E 124 45.95 -12.26 36.71
C GLN E 124 47.13 -11.57 36.09
N GLN E 125 47.73 -12.18 35.08
CA GLN E 125 48.73 -11.46 34.29
C GLN E 125 48.51 -11.62 32.80
N PHE E 126 48.32 -10.47 32.16
CA PHE E 126 48.14 -10.40 30.72
C PHE E 126 49.47 -10.51 30.01
N VAL E 127 49.50 -11.32 28.95
CA VAL E 127 50.74 -11.74 28.33
C VAL E 127 50.73 -11.71 26.80
N LEU E 128 51.85 -11.26 26.24
CA LEU E 128 52.15 -11.39 24.82
C LEU E 128 53.38 -12.25 24.65
N GLU E 129 53.39 -13.12 23.65
CA GLU E 129 54.59 -13.88 23.31
C GLU E 129 54.85 -13.77 21.81
N LEU E 130 56.07 -13.37 21.48
CA LEU E 130 56.44 -13.00 20.12
C LEU E 130 57.68 -13.73 19.64
N GLU E 131 57.60 -14.28 18.44
CA GLU E 131 58.62 -15.17 17.92
C GLU E 131 58.56 -15.21 16.40
N PRO E 132 59.72 -15.23 15.71
CA PRO E 132 59.66 -15.30 14.25
C PRO E 132 59.09 -16.63 13.77
N PHE E 133 58.40 -16.60 12.63
CA PHE E 133 57.62 -17.74 12.20
C PHE E 133 58.49 -18.78 11.51
N SER E 134 59.55 -18.32 10.85
CA SER E 134 60.34 -19.17 9.96
C SER E 134 61.82 -19.26 10.30
N TYR E 135 62.35 -18.17 10.83
CA TYR E 135 63.80 -18.02 11.04
C TYR E 135 64.27 -18.26 12.48
N ASN E 136 65.26 -19.14 12.63
CA ASN E 136 65.82 -19.45 13.95
C ASN E 136 66.74 -18.34 14.44
N ASN E 137 67.37 -18.54 15.60
CA ASN E 137 68.17 -17.48 16.22
C ASN E 137 69.53 -17.24 15.56
N GLN E 138 69.96 -18.15 14.70
CA GLN E 138 71.20 -17.95 13.94
C GLN E 138 70.92 -17.18 12.66
N GLN E 139 69.65 -16.97 12.34
CA GLN E 139 69.26 -16.13 11.22
C GLN E 139 68.65 -14.82 11.72
N LEU E 140 67.78 -14.91 12.72
CA LEU E 140 67.10 -13.75 13.28
C LEU E 140 67.08 -13.82 14.80
N ARG E 141 67.59 -12.78 15.43
CA ARG E 141 67.76 -12.73 16.88
C ARG E 141 67.10 -11.48 17.43
N PHE E 142 66.33 -11.61 18.51
CA PHE E 142 65.77 -10.43 19.16
C PHE E 142 66.83 -9.81 20.06
N SER E 143 67.32 -8.64 19.64
CA SER E 143 68.37 -7.95 20.36
C SER E 143 67.89 -7.37 21.68
N ASP E 144 66.76 -6.66 21.66
CA ASP E 144 66.22 -6.04 22.85
C ASP E 144 64.75 -5.68 22.68
N ILE E 145 64.02 -5.64 23.79
CA ILE E 145 62.57 -5.39 23.79
C ILE E 145 62.11 -4.30 24.77
N GLN E 146 61.52 -3.24 24.24
CA GLN E 146 60.83 -2.25 25.06
C GLN E 146 59.31 -2.42 25.02
N VAL E 147 58.65 -2.17 26.15
CA VAL E 147 57.18 -2.19 26.22
C VAL E 147 56.70 -0.88 26.82
N TYR E 148 55.74 -0.24 26.17
CA TYR E 148 55.21 1.04 26.62
C TYR E 148 53.72 0.97 26.84
N THR E 149 53.34 1.40 28.04
CA THR E 149 51.96 1.41 28.45
C THR E 149 51.60 2.79 28.96
N GLU E 150 50.31 3.07 29.00
CA GLU E 150 49.84 4.35 29.45
C GLU E 150 49.78 4.31 30.99
N ASN E 151 49.71 5.47 31.62
CA ASN E 151 49.45 5.53 33.05
C ASN E 151 47.97 5.71 32.98
N ILE E 152 47.24 5.37 34.03
CA ILE E 152 45.80 5.33 33.86
C ILE E 152 45.21 6.29 34.88
N ASP E 153 44.54 7.30 34.34
CA ASP E 153 44.02 8.44 35.07
C ASP E 153 43.11 8.01 36.22
N ASN E 154 41.87 7.69 35.90
CA ASN E 154 40.84 7.30 36.89
C ASN E 154 40.45 5.81 36.84
N GLU E 155 40.82 5.07 37.91
CA GLU E 155 40.81 3.58 37.90
C GLU E 155 39.53 2.78 37.94
N GLU E 156 38.48 3.21 38.62
CA GLU E 156 37.28 2.38 38.62
C GLU E 156 36.55 2.38 37.30
N ILE E 157 36.65 3.46 36.54
CA ILE E 157 36.19 3.43 35.15
C ILE E 157 36.61 2.08 34.54
N ASP E 158 37.83 1.65 34.85
CA ASP E 158 38.40 0.40 34.35
C ASP E 158 37.99 -0.80 35.21
N GLU E 159 37.72 -1.92 34.54
CA GLU E 159 37.39 -3.16 35.21
C GLU E 159 38.62 -3.77 35.90
N TRP E 160 39.78 -3.61 35.28
CA TRP E 160 41.04 -4.12 35.85
C TRP E 160 42.03 -3.01 36.24
N TRP E 161 42.75 -3.24 37.34
CA TRP E 161 43.82 -2.37 37.82
C TRP E 161 45.20 -3.00 37.66
N ILE E 162 46.07 -2.34 36.89
CA ILE E 162 47.42 -2.84 36.62
C ILE E 162 48.43 -2.58 37.75
N ARG E 163 48.89 -3.63 38.41
CA ARG E 163 49.83 -3.51 39.53
C ARG E 163 51.29 -3.78 39.15
N GLY E 164 51.91 -2.80 38.53
CA GLY E 164 53.30 -2.89 38.10
C GLY E 164 53.49 -2.36 36.70
N LYS E 165 54.72 -2.03 36.36
CA LYS E 165 55.09 -1.74 34.99
C LYS E 165 55.33 -3.07 34.31
N ALA E 166 55.35 -3.07 32.98
CA ALA E 166 55.38 -4.31 32.23
C ALA E 166 56.74 -5.00 32.33
N SER E 167 56.71 -6.32 32.49
CA SER E 167 57.92 -7.15 32.47
C SER E 167 58.25 -7.61 31.06
N THR E 168 59.53 -7.54 30.69
CA THR E 168 59.97 -8.00 29.38
C THR E 168 61.07 -9.04 29.57
N HIS E 169 61.24 -9.89 28.57
CA HIS E 169 62.14 -11.04 28.70
C HIS E 169 62.36 -11.72 27.36
N ILE E 170 63.56 -11.53 26.80
CA ILE E 170 63.97 -12.29 25.63
C ILE E 170 64.53 -13.64 26.06
N SER E 171 64.31 -14.65 25.23
CA SER E 171 64.71 -16.02 25.57
C SER E 171 64.88 -16.84 24.30
N ASP E 172 65.20 -18.11 24.46
CA ASP E 172 65.40 -18.98 23.30
C ASP E 172 64.64 -20.28 23.50
N ILE E 173 63.83 -20.66 22.52
CA ILE E 173 62.98 -21.84 22.62
C ILE E 173 63.39 -22.96 21.70
N ARG E 174 63.65 -24.11 22.29
CA ARG E 174 64.07 -25.30 21.58
C ARG E 174 62.89 -26.17 21.16
N TYR E 175 62.76 -26.39 19.86
CA TYR E 175 61.73 -27.26 19.30
C TYR E 175 62.34 -28.64 18.99
N ASP E 176 61.84 -29.66 19.68
CA ASP E 176 62.46 -30.98 19.63
C ASP E 176 62.20 -31.77 18.35
N HIS E 177 61.13 -31.44 17.63
CA HIS E 177 60.72 -32.20 16.46
C HIS E 177 60.68 -31.25 15.28
N LEU E 178 61.77 -31.12 14.51
CA LEU E 178 61.80 -30.00 13.58
C LEU E 178 62.55 -30.21 12.27
N SER E 179 62.04 -29.58 11.21
CA SER E 179 62.65 -29.59 9.87
C SER E 179 63.11 -31.00 9.45
N SER E 180 64.42 -31.20 9.35
CA SER E 180 65.00 -32.52 9.13
C SER E 180 65.30 -33.05 10.53
N VAL E 181 66.50 -33.57 10.80
CA VAL E 181 66.97 -33.61 12.17
C VAL E 181 67.62 -32.23 12.38
N GLN E 182 68.52 -31.94 11.45
CA GLN E 182 69.39 -30.76 11.40
C GLN E 182 69.71 -30.15 12.78
N PRO E 183 70.69 -30.72 13.48
CA PRO E 183 70.94 -30.31 14.87
C PRO E 183 71.44 -28.86 14.92
N ASN E 184 71.07 -28.17 16.01
CA ASN E 184 71.56 -26.86 16.47
C ASN E 184 71.11 -25.66 15.63
N GLN E 185 70.18 -25.86 14.68
CA GLN E 185 69.55 -24.72 13.99
C GLN E 185 68.07 -24.65 14.30
N ASN E 186 67.75 -25.02 15.54
CA ASN E 186 66.39 -24.95 16.03
C ASN E 186 66.59 -23.81 17.01
N GLU E 187 65.89 -23.76 18.13
CA GLU E 187 66.01 -22.61 19.04
C GLU E 187 65.59 -21.31 18.34
N PHE E 188 64.61 -20.62 18.92
CA PHE E 188 64.05 -19.42 18.32
C PHE E 188 64.08 -18.27 19.30
N SER E 189 64.40 -17.08 18.82
CA SER E 189 64.40 -15.91 19.67
C SER E 189 62.96 -15.54 19.99
N ARG E 190 62.65 -15.38 21.27
CA ARG E 190 61.29 -15.06 21.70
C ARG E 190 61.24 -13.97 22.75
N ILE E 191 60.67 -12.84 22.35
CA ILE E 191 60.23 -11.83 23.28
C ILE E 191 59.00 -12.32 24.04
N THR E 192 58.91 -11.97 25.31
CA THR E 192 57.77 -12.36 26.14
C THR E 192 57.46 -11.18 27.04
N VAL E 193 56.19 -10.79 27.12
CA VAL E 193 55.79 -9.61 27.86
C VAL E 193 54.75 -10.00 28.89
N ARG E 194 54.90 -9.44 30.09
CA ARG E 194 53.97 -9.69 31.17
C ARG E 194 53.50 -8.42 31.83
N ILE E 195 52.23 -8.46 32.21
CA ILE E 195 51.54 -7.36 32.84
C ILE E 195 50.63 -7.94 33.90
N ASP E 196 50.89 -7.60 35.16
CA ASP E 196 50.08 -8.15 36.24
C ASP E 196 48.92 -7.23 36.48
N ALA E 197 47.85 -7.79 37.04
CA ALA E 197 46.63 -7.03 37.24
C ALA E 197 45.78 -7.67 38.30
N VAL E 198 44.89 -6.85 38.86
CA VAL E 198 44.02 -7.27 39.93
C VAL E 198 42.61 -6.82 39.54
N ARG E 199 41.62 -7.56 40.00
CA ARG E 199 40.25 -7.30 39.57
C ARG E 199 39.67 -6.19 40.41
N ASN E 200 38.94 -5.28 39.77
CA ASN E 200 38.25 -4.20 40.49
C ASN E 200 37.11 -4.82 41.29
N PRO E 201 37.37 -5.13 42.58
CA PRO E 201 36.47 -6.03 43.30
C PRO E 201 35.25 -5.37 43.95
N SER E 202 35.05 -4.08 43.72
CA SER E 202 33.95 -3.35 44.36
C SER E 202 32.61 -4.00 44.08
N TYR E 203 32.19 -3.94 42.82
CA TYR E 203 30.86 -4.38 42.40
C TYR E 203 30.49 -5.70 43.04
N TYR E 204 31.45 -6.62 43.11
CA TYR E 204 31.17 -7.97 43.56
C TYR E 204 30.99 -8.04 45.08
N LEU E 205 31.59 -7.09 45.81
CA LEU E 205 31.35 -7.03 47.25
C LEU E 205 29.97 -6.46 47.55
N TRP E 206 29.71 -5.26 47.04
CA TRP E 206 28.50 -4.51 47.37
C TRP E 206 27.22 -5.08 46.79
N SER E 207 27.31 -5.76 45.65
CA SER E 207 26.12 -6.22 44.95
C SER E 207 25.94 -7.73 45.03
N PHE E 208 27.00 -8.44 45.43
CA PHE E 208 26.89 -9.89 45.59
C PHE E 208 27.28 -10.42 46.97
N ILE E 209 28.52 -10.21 47.40
CA ILE E 209 28.97 -10.78 48.67
C ILE E 209 28.09 -10.29 49.81
N LEU E 210 27.86 -8.98 49.87
CA LEU E 210 27.13 -8.37 50.97
C LEU E 210 25.69 -8.88 51.08
N PRO E 211 24.85 -8.66 50.05
CA PRO E 211 23.50 -9.22 50.20
C PRO E 211 23.45 -10.72 50.51
N LEU E 212 24.41 -11.51 50.03
CA LEU E 212 24.37 -12.94 50.32
C LEU E 212 24.63 -13.20 51.79
N GLY E 213 25.46 -12.38 52.41
CA GLY E 213 25.69 -12.47 53.84
C GLY E 213 24.40 -12.20 54.57
N LEU E 214 23.85 -11.02 54.31
CA LEU E 214 22.56 -10.60 54.85
C LEU E 214 21.48 -11.67 54.66
N ILE E 215 21.41 -12.25 53.48
CA ILE E 215 20.41 -13.30 53.23
C ILE E 215 20.72 -14.51 54.12
N ILE E 216 21.99 -14.86 54.24
CA ILE E 216 22.39 -16.00 55.05
C ILE E 216 22.17 -15.71 56.54
N ALA E 217 22.55 -14.52 56.97
CA ALA E 217 22.30 -14.06 58.34
C ALA E 217 20.82 -14.18 58.67
N ALA E 218 20.00 -13.40 57.97
CA ALA E 218 18.56 -13.40 58.16
C ALA E 218 17.94 -14.80 58.13
N SER E 219 18.64 -15.76 57.54
CA SER E 219 18.16 -17.14 57.54
C SER E 219 18.20 -17.71 58.96
N TRP E 220 19.16 -17.24 59.76
CA TRP E 220 19.36 -17.77 61.10
C TRP E 220 18.25 -17.32 62.03
N SER E 221 17.65 -16.18 61.74
CA SER E 221 16.56 -15.66 62.57
C SER E 221 15.30 -16.53 62.48
N VAL E 222 15.39 -17.66 61.78
CA VAL E 222 14.31 -18.62 61.78
C VAL E 222 14.14 -19.21 63.17
N PHE E 223 15.24 -19.35 63.88
CA PHE E 223 15.23 -20.03 65.16
C PHE E 223 14.40 -19.22 66.14
N TRP E 224 14.30 -17.91 65.89
CA TRP E 224 13.55 -17.04 66.78
C TRP E 224 12.06 -17.06 66.49
N LEU E 225 11.61 -17.92 65.59
CA LEU E 225 10.19 -18.09 65.42
C LEU E 225 9.80 -19.02 66.55
N GLU E 226 8.62 -18.82 67.13
CA GLU E 226 8.26 -19.55 68.34
C GLU E 226 7.72 -20.94 68.01
N SER E 227 6.80 -21.03 67.06
CA SER E 227 6.26 -22.33 66.68
C SER E 227 7.26 -23.19 65.91
N PHE E 228 6.91 -24.46 65.76
CA PHE E 228 7.64 -25.40 64.91
C PHE E 228 7.16 -25.30 63.47
N SER E 229 5.84 -25.29 63.30
CA SER E 229 5.23 -25.04 62.00
C SER E 229 5.81 -23.75 61.39
N GLU E 230 5.90 -22.70 62.19
CA GLU E 230 6.49 -21.43 61.73
C GLU E 230 7.91 -21.62 61.23
N ARG E 231 8.72 -22.31 62.03
CA ARG E 231 10.14 -22.43 61.73
C ARG E 231 10.40 -23.29 60.50
N LEU E 232 9.64 -24.37 60.35
CA LEU E 232 9.87 -25.29 59.25
C LEU E 232 9.35 -24.80 57.90
N GLN E 233 8.18 -24.17 57.92
CA GLN E 233 7.57 -23.68 56.69
C GLN E 233 8.38 -22.50 56.15
N THR E 234 8.93 -21.71 57.07
CA THR E 234 9.75 -20.58 56.69
C THR E 234 11.03 -21.04 56.02
N SER E 235 11.54 -22.21 56.43
CA SER E 235 12.80 -22.71 55.90
C SER E 235 12.70 -22.99 54.42
N PHE E 236 11.53 -23.44 53.98
CA PHE E 236 11.29 -23.70 52.57
C PHE E 236 11.29 -22.40 51.77
N THR E 237 10.86 -21.31 52.41
CA THR E 237 10.92 -19.99 51.78
C THR E 237 12.36 -19.50 51.71
N LEU E 238 13.13 -19.74 52.77
CA LEU E 238 14.53 -19.36 52.79
C LEU E 238 15.28 -20.11 51.70
N MET E 239 14.98 -21.40 51.60
CA MET E 239 15.52 -22.27 50.58
C MET E 239 15.35 -21.63 49.21
N LEU E 240 14.09 -21.34 48.89
CA LEU E 240 13.72 -20.68 47.65
C LEU E 240 14.58 -19.43 47.41
N THR E 241 14.82 -18.67 48.47
CA THR E 241 15.60 -17.43 48.36
C THR E 241 17.01 -17.72 47.88
N VAL E 242 17.64 -18.74 48.44
CA VAL E 242 18.99 -19.09 48.06
C VAL E 242 19.04 -19.57 46.61
N VAL E 243 18.04 -20.33 46.20
CA VAL E 243 17.97 -20.80 44.82
C VAL E 243 17.90 -19.58 43.92
N ALA E 244 16.99 -18.68 44.27
CA ALA E 244 16.83 -17.43 43.55
C ALA E 244 18.13 -16.66 43.50
N TYR E 245 18.90 -16.72 44.59
CA TYR E 245 20.15 -15.99 44.66
C TYR E 245 21.26 -16.64 43.84
N ALA E 246 21.30 -17.96 43.86
CA ALA E 246 22.31 -18.68 43.11
C ALA E 246 22.14 -18.37 41.63
N PHE E 247 20.89 -18.20 41.24
CA PHE E 247 20.54 -17.95 39.85
C PHE E 247 20.92 -16.52 39.44
N TYR E 248 20.59 -15.57 40.31
CA TYR E 248 21.04 -14.19 40.15
C TYR E 248 22.55 -14.12 39.89
N THR E 249 23.33 -14.72 40.78
CA THR E 249 24.79 -14.73 40.64
C THR E 249 25.26 -15.46 39.38
N SER E 250 24.76 -16.67 39.16
CA SER E 250 25.27 -17.52 38.09
C SER E 250 25.02 -16.94 36.70
N ASN E 251 23.90 -16.25 36.55
CA ASN E 251 23.53 -15.63 35.28
C ASN E 251 24.35 -14.37 34.99
N ILE E 252 24.89 -13.78 36.05
CA ILE E 252 25.52 -12.46 35.95
C ILE E 252 27.03 -12.47 36.12
N LEU E 253 27.53 -13.43 36.90
CA LEU E 253 28.97 -13.56 37.07
C LEU E 253 29.60 -14.31 35.91
N PRO E 254 30.91 -14.12 35.69
CA PRO E 254 31.59 -14.82 34.59
C PRO E 254 31.57 -16.33 34.78
N ARG E 255 31.28 -17.06 33.70
CA ARG E 255 31.17 -18.52 33.74
C ARG E 255 32.52 -19.24 33.81
N LEU E 256 32.56 -20.31 34.60
CA LEU E 256 33.78 -21.06 34.84
C LEU E 256 33.50 -22.55 34.98
N PRO E 257 34.57 -23.37 35.00
CA PRO E 257 34.43 -24.82 35.16
C PRO E 257 34.76 -25.29 36.57
N TYR E 258 34.80 -24.38 37.54
CA TYR E 258 35.10 -24.74 38.92
C TYR E 258 34.49 -23.74 39.89
N THR E 259 34.42 -24.11 41.15
CA THR E 259 33.76 -23.26 42.15
C THR E 259 34.65 -22.14 42.65
N THR E 260 34.07 -20.95 42.75
CA THR E 260 34.72 -19.79 43.32
C THR E 260 34.37 -19.59 44.80
N VAL E 261 34.88 -18.50 45.37
CA VAL E 261 34.49 -18.05 46.70
C VAL E 261 32.98 -18.01 46.84
N ILE E 262 32.36 -17.17 46.02
CA ILE E 262 30.92 -16.99 46.02
C ILE E 262 30.17 -18.31 45.83
N ASP E 263 30.67 -19.14 44.93
CA ASP E 263 30.00 -20.40 44.64
C ASP E 263 29.97 -21.21 45.92
N GLN E 264 31.03 -21.11 46.71
CA GLN E 264 31.12 -21.85 47.97
C GLN E 264 30.18 -21.27 49.04
N MET E 265 30.20 -19.96 49.22
CA MET E 265 29.24 -19.29 50.11
C MET E 265 27.82 -19.75 49.84
N ILE E 266 27.49 -19.92 48.57
CA ILE E 266 26.15 -20.29 48.17
C ILE E 266 25.88 -21.75 48.56
N ILE E 267 26.87 -22.63 48.42
CA ILE E 267 26.68 -24.01 48.88
C ILE E 267 26.48 -23.99 50.39
N ALA E 268 27.21 -23.09 51.04
CA ALA E 268 27.10 -22.92 52.50
C ALA E 268 25.68 -22.51 52.88
N GLY E 269 25.14 -21.51 52.19
CA GLY E 269 23.77 -21.09 52.42
C GLY E 269 22.81 -22.25 52.34
N TYR E 270 23.04 -23.15 51.39
CA TYR E 270 22.19 -24.34 51.25
C TYR E 270 22.26 -25.30 52.43
N GLY E 271 23.45 -25.44 53.01
CA GLY E 271 23.66 -26.39 54.08
C GLY E 271 23.13 -25.83 55.37
N SER E 272 23.49 -24.58 55.62
CA SER E 272 23.03 -23.84 56.78
C SER E 272 21.51 -23.95 56.92
N ILE E 273 20.82 -24.06 55.79
CA ILE E 273 19.37 -24.18 55.80
C ILE E 273 18.93 -25.62 55.93
N PHE E 274 19.66 -26.53 55.29
CA PHE E 274 19.32 -27.94 55.38
C PHE E 274 19.61 -28.42 56.78
N ALA E 275 20.65 -27.85 57.39
CA ALA E 275 20.99 -28.14 58.77
C ALA E 275 19.85 -27.69 59.66
N ALA E 276 19.53 -26.40 59.56
CA ALA E 276 18.42 -25.82 60.32
C ALA E 276 17.13 -26.64 60.18
N ILE E 277 16.86 -27.15 58.98
CA ILE E 277 15.67 -27.97 58.80
C ILE E 277 15.81 -29.26 59.61
N LEU E 278 17.04 -29.76 59.70
CA LEU E 278 17.31 -30.98 60.47
C LEU E 278 17.24 -30.76 61.98
N LEU E 279 17.57 -29.56 62.43
CA LEU E 279 17.46 -29.23 63.86
C LEU E 279 16.02 -28.93 64.24
N ILE E 280 15.45 -27.92 63.60
CA ILE E 280 14.07 -27.49 63.81
C ILE E 280 13.10 -28.64 63.94
N ILE E 281 13.39 -29.71 63.22
CA ILE E 281 12.54 -30.89 63.22
C ILE E 281 13.00 -31.91 64.26
N PHE E 282 14.25 -31.74 64.70
CA PHE E 282 14.81 -32.60 65.74
C PHE E 282 14.28 -32.27 67.13
N ALA E 283 14.44 -31.00 67.54
CA ALA E 283 13.88 -30.47 68.78
C ALA E 283 12.47 -31.02 69.00
N HIS E 284 11.68 -31.02 67.93
CA HIS E 284 10.29 -31.39 68.01
C HIS E 284 10.05 -32.88 68.29
N HIS E 285 11.11 -33.65 68.50
CA HIS E 285 10.97 -35.07 68.81
C HIS E 285 11.97 -35.59 69.83
N ARG E 286 12.84 -34.72 70.35
CA ARG E 286 13.87 -35.20 71.26
C ARG E 286 13.29 -35.68 72.60
N GLN E 287 12.57 -34.80 73.32
CA GLN E 287 12.14 -35.11 74.69
C GLN E 287 10.90 -35.99 74.80
N ALA E 288 10.69 -36.52 76.00
CA ALA E 288 9.53 -37.36 76.31
C ALA E 288 8.22 -36.58 76.47
N ASN E 289 7.09 -37.28 76.28
CA ASN E 289 5.79 -36.64 76.20
C ASN E 289 5.82 -35.65 75.06
N GLY E 290 6.44 -36.06 73.95
CA GLY E 290 6.60 -35.26 72.76
C GLY E 290 6.56 -33.75 72.96
N VAL E 291 7.18 -33.28 74.05
CA VAL E 291 7.23 -31.87 74.33
C VAL E 291 8.23 -31.24 73.36
N GLU E 292 7.91 -30.06 72.85
CA GLU E 292 8.88 -29.34 72.05
C GLU E 292 10.13 -29.14 72.89
N ASP E 293 11.28 -29.15 72.25
CA ASP E 293 12.54 -29.11 72.98
C ASP E 293 13.08 -27.71 72.78
N ASP E 294 12.29 -26.75 73.25
CA ASP E 294 12.61 -25.33 73.14
C ASP E 294 13.91 -25.01 73.84
N LEU E 295 14.50 -25.97 74.53
CA LEU E 295 15.78 -25.73 75.17
C LEU E 295 16.85 -25.73 74.07
N LEU E 296 16.74 -26.64 73.10
CA LEU E 296 17.72 -26.68 72.00
C LEU E 296 17.66 -25.47 71.07
N ILE E 297 16.46 -25.12 70.61
CA ILE E 297 16.28 -23.97 69.75
C ILE E 297 16.62 -22.67 70.49
N GLN E 298 16.63 -22.73 71.82
CA GLN E 298 17.03 -21.60 72.65
C GLN E 298 18.51 -21.34 72.45
N ARG E 299 19.27 -22.42 72.50
CA ARG E 299 20.71 -22.42 72.27
C ARG E 299 21.15 -22.06 70.84
N CYS E 300 20.37 -22.49 69.84
CA CYS E 300 20.75 -22.33 68.43
C CYS E 300 20.83 -20.90 67.94
N ARG E 301 19.97 -20.05 68.48
CA ARG E 301 19.81 -18.68 68.02
C ARG E 301 21.17 -18.01 67.76
N LEU E 302 22.13 -18.28 68.65
CA LEU E 302 23.50 -17.81 68.47
C LEU E 302 24.56 -18.93 68.48
N ALA E 303 24.12 -20.19 68.36
CA ALA E 303 25.02 -21.28 67.97
C ALA E 303 25.39 -21.21 66.48
N PHE E 304 24.38 -21.01 65.62
CA PHE E 304 24.59 -20.91 64.18
C PHE E 304 25.46 -19.73 63.75
N PRO E 305 25.07 -18.49 64.10
CA PRO E 305 25.92 -17.36 63.74
C PRO E 305 27.38 -17.56 64.12
N LEU E 306 27.64 -18.51 65.01
CA LEU E 306 29.00 -18.91 65.35
C LEU E 306 29.41 -20.15 64.57
N GLY E 307 28.64 -21.23 64.74
CA GLY E 307 28.90 -22.51 64.10
C GLY E 307 29.05 -22.47 62.59
N PHE E 308 28.36 -21.52 61.95
CA PHE E 308 28.50 -21.33 60.52
C PHE E 308 29.68 -20.42 60.28
N LEU E 309 29.71 -19.34 61.03
CA LEU E 309 30.82 -18.40 60.99
C LEU E 309 32.09 -18.99 61.60
N ALA E 310 32.04 -20.22 62.11
CA ALA E 310 33.27 -20.89 62.56
C ALA E 310 33.76 -21.95 61.57
N ILE E 311 33.02 -23.05 61.44
CA ILE E 311 33.46 -24.12 60.54
C ILE E 311 33.30 -23.64 59.09
N GLY E 312 32.62 -22.50 58.92
CA GLY E 312 32.54 -21.83 57.64
C GLY E 312 33.58 -20.73 57.53
N CYS E 313 34.09 -20.25 58.67
CA CYS E 313 35.14 -19.23 58.64
C CYS E 313 36.42 -19.86 58.15
N VAL E 314 36.61 -21.14 58.47
CA VAL E 314 37.84 -21.85 58.11
C VAL E 314 37.96 -22.05 56.60
N LEU E 315 37.47 -21.10 55.81
CA LEU E 315 37.75 -21.09 54.39
C LEU E 315 39.00 -20.26 54.20
N VAL E 316 40.06 -20.90 53.71
CA VAL E 316 41.31 -20.23 53.45
C VAL E 316 41.89 -20.94 52.23
N ILE E 317 41.00 -21.25 51.28
CA ILE E 317 41.40 -21.91 50.04
C ILE E 317 41.73 -20.84 49.00
N ARG F 10 -44.18 51.90 8.09
CA ARG F 10 -42.85 51.39 8.41
C ARG F 10 -42.27 50.45 7.36
N PRO F 11 -42.96 49.32 7.08
CA PRO F 11 -42.33 48.40 6.12
C PRO F 11 -42.33 48.97 4.71
N VAL F 12 -41.33 48.62 3.89
CA VAL F 12 -41.28 49.10 2.52
C VAL F 12 -42.23 48.27 1.67
N ASP F 13 -43.01 48.93 0.83
CA ASP F 13 -43.91 48.25 -0.07
C ASP F 13 -43.19 47.93 -1.36
N VAL F 14 -43.17 46.64 -1.72
CA VAL F 14 -42.54 46.22 -2.96
C VAL F 14 -43.64 45.68 -3.88
N SER F 15 -43.77 46.30 -5.05
CA SER F 15 -44.74 45.84 -6.05
C SER F 15 -44.02 45.05 -7.13
N VAL F 16 -44.50 43.83 -7.36
CA VAL F 16 -43.85 42.86 -8.23
C VAL F 16 -44.63 42.51 -9.49
N SER F 17 -43.91 42.41 -10.61
CA SER F 17 -44.44 41.84 -11.84
C SER F 17 -43.52 40.74 -12.38
N ILE F 18 -44.11 39.58 -12.70
CA ILE F 18 -43.38 38.46 -13.27
C ILE F 18 -43.90 38.13 -14.67
N PHE F 19 -43.07 38.39 -15.68
CA PHE F 19 -43.35 37.99 -17.05
C PHE F 19 -42.76 36.59 -17.30
N ILE F 20 -43.56 35.66 -17.82
CA ILE F 20 -43.10 34.29 -18.07
C ILE F 20 -43.04 33.99 -19.56
N ASN F 21 -41.84 33.69 -20.07
CA ASN F 21 -41.66 33.42 -21.50
C ASN F 21 -41.81 31.96 -21.92
N LYS F 22 -41.25 31.06 -21.13
CA LYS F 22 -41.09 29.67 -21.56
C LYS F 22 -40.99 28.78 -20.33
N ILE F 23 -41.84 27.75 -20.30
CA ILE F 23 -41.70 26.68 -19.31
C ILE F 23 -41.36 25.42 -20.07
N TYR F 24 -40.20 24.84 -19.77
CA TYR F 24 -39.73 23.68 -20.52
C TYR F 24 -38.83 22.80 -19.67
N GLY F 25 -38.37 21.70 -20.25
CA GLY F 25 -37.35 20.90 -19.62
C GLY F 25 -37.78 20.21 -18.33
N VAL F 26 -38.98 19.65 -18.30
CA VAL F 26 -39.42 18.90 -17.13
C VAL F 26 -38.49 17.72 -16.86
N ASN F 27 -38.00 17.61 -15.62
CA ASN F 27 -37.26 16.43 -15.19
C ASN F 27 -38.13 15.66 -14.21
N THR F 28 -38.62 14.51 -14.64
CA THR F 28 -39.52 13.70 -13.83
C THR F 28 -38.87 13.22 -12.55
N LEU F 29 -37.64 12.74 -12.66
CA LEU F 29 -37.01 12.07 -11.53
C LEU F 29 -36.67 13.09 -10.45
N GLU F 30 -36.18 14.26 -10.86
CA GLU F 30 -35.85 15.35 -9.93
C GLU F 30 -37.06 16.17 -9.50
N GLN F 31 -38.16 16.04 -10.23
CA GLN F 31 -39.34 16.86 -10.01
C GLN F 31 -38.96 18.33 -10.13
N THR F 32 -38.54 18.70 -11.34
CA THR F 32 -38.09 20.05 -11.64
C THR F 32 -38.48 20.46 -13.05
N TYR F 33 -38.33 21.75 -13.34
CA TYR F 33 -38.60 22.28 -14.67
C TYR F 33 -37.87 23.60 -14.87
N LYS F 34 -37.67 23.98 -16.13
CA LYS F 34 -36.96 25.21 -16.44
C LYS F 34 -37.93 26.31 -16.80
N VAL F 35 -37.63 27.53 -16.33
CA VAL F 35 -38.50 28.69 -16.52
C VAL F 35 -37.69 29.91 -16.93
N ASP F 36 -38.07 30.50 -18.06
CA ASP F 36 -37.41 31.70 -18.55
C ASP F 36 -38.40 32.84 -18.47
N GLY F 37 -37.95 33.99 -17.97
CA GLY F 37 -38.83 35.12 -17.81
C GLY F 37 -38.13 36.36 -17.32
N TYR F 38 -38.90 37.42 -17.12
CA TYR F 38 -38.40 38.65 -16.52
C TYR F 38 -39.05 38.84 -15.16
N ILE F 39 -38.40 39.62 -14.31
CA ILE F 39 -38.95 39.97 -13.01
C ILE F 39 -38.80 41.46 -12.81
N VAL F 40 -39.84 42.08 -12.25
CA VAL F 40 -39.84 43.51 -12.05
C VAL F 40 -40.24 43.80 -10.61
N ALA F 41 -39.50 44.69 -9.95
CA ALA F 41 -39.80 45.06 -8.57
C ALA F 41 -39.81 46.57 -8.41
N GLN F 42 -40.85 47.08 -7.76
CA GLN F 42 -40.99 48.51 -7.53
C GLN F 42 -41.20 48.83 -6.06
N TRP F 43 -40.53 49.89 -5.61
CA TRP F 43 -40.69 50.40 -4.26
C TRP F 43 -40.25 51.87 -4.28
N THR F 44 -40.62 52.62 -3.25
CA THR F 44 -40.34 54.05 -3.23
C THR F 44 -39.39 54.44 -2.09
N GLY F 45 -38.48 55.37 -2.38
CA GLY F 45 -37.47 55.79 -1.44
C GLY F 45 -37.23 57.28 -1.41
N LYS F 46 -36.09 57.68 -0.83
CA LYS F 46 -35.65 59.07 -0.82
C LYS F 46 -35.67 59.65 -2.22
N PRO F 47 -36.39 60.76 -2.43
CA PRO F 47 -36.32 61.35 -3.77
C PRO F 47 -34.89 61.71 -4.12
N ARG F 48 -34.66 62.02 -5.39
CA ARG F 48 -33.31 61.97 -5.93
C ARG F 48 -33.10 62.97 -7.05
N LYS F 49 -31.87 63.47 -7.14
CA LYS F 49 -31.48 64.37 -8.20
C LYS F 49 -30.95 63.52 -9.36
N THR F 50 -31.60 63.64 -10.50
CA THR F 50 -31.25 62.87 -11.69
C THR F 50 -30.71 63.83 -12.73
N PRO F 51 -29.97 63.34 -13.72
CA PRO F 51 -29.68 64.23 -14.85
C PRO F 51 -30.98 64.66 -15.51
N GLY F 52 -31.21 65.95 -15.71
CA GLY F 52 -32.55 66.41 -16.03
C GLY F 52 -33.44 66.03 -14.86
N ASP F 53 -34.75 66.23 -14.97
CA ASP F 53 -35.64 65.63 -13.97
C ASP F 53 -36.31 64.39 -14.58
N LYS F 54 -35.68 63.83 -15.61
CA LYS F 54 -36.16 62.60 -16.22
C LYS F 54 -35.53 61.40 -15.51
N PRO F 55 -36.25 60.26 -15.49
CA PRO F 55 -35.76 59.14 -14.68
C PRO F 55 -34.44 58.61 -15.17
N LEU F 56 -33.70 57.90 -14.31
CA LEU F 56 -32.36 57.47 -14.65
C LEU F 56 -32.25 55.97 -14.81
N ILE F 57 -31.57 55.57 -15.87
CA ILE F 57 -31.37 54.16 -16.18
C ILE F 57 -29.97 53.70 -15.83
N VAL F 58 -29.91 52.55 -15.18
CA VAL F 58 -28.68 51.96 -14.72
C VAL F 58 -28.65 50.48 -15.09
N GLU F 59 -27.71 50.12 -15.96
CA GLU F 59 -27.67 48.78 -16.56
C GLU F 59 -26.52 47.92 -16.04
N ASN F 60 -26.85 46.67 -15.75
CA ASN F 60 -25.89 45.61 -15.45
C ASN F 60 -24.79 45.99 -14.46
N THR F 61 -23.55 46.14 -14.92
CA THR F 61 -22.40 46.26 -14.02
C THR F 61 -22.51 47.49 -13.12
N GLN F 62 -23.25 48.49 -13.57
CA GLN F 62 -23.32 49.77 -12.88
C GLN F 62 -24.23 49.72 -11.66
N ILE F 63 -25.18 48.80 -11.65
CA ILE F 63 -26.07 48.64 -10.51
C ILE F 63 -25.24 48.40 -9.26
N GLU F 64 -24.21 47.58 -9.42
CA GLU F 64 -23.34 47.21 -8.32
C GLU F 64 -22.69 48.45 -7.71
N ARG F 65 -22.26 49.38 -8.56
CA ARG F 65 -21.68 50.64 -8.09
C ARG F 65 -22.65 51.49 -7.28
N TRP F 66 -23.89 51.59 -7.74
CA TRP F 66 -24.90 52.37 -7.02
C TRP F 66 -25.14 51.75 -5.65
N ILE F 67 -25.03 50.43 -5.58
CA ILE F 67 -25.24 49.70 -4.33
C ILE F 67 -24.10 50.01 -3.38
N ASN F 68 -22.91 50.23 -3.93
CA ASN F 68 -21.74 50.55 -3.13
C ASN F 68 -21.85 51.93 -2.50
N ASN F 69 -22.60 52.83 -3.13
CA ASN F 69 -22.87 54.15 -2.56
C ASN F 69 -24.08 54.13 -1.64
N GLY F 70 -24.52 52.92 -1.28
CA GLY F 70 -25.55 52.73 -0.29
C GLY F 70 -26.95 52.82 -0.85
N LEU F 71 -27.12 52.46 -2.11
CA LEU F 71 -28.45 52.29 -2.67
C LEU F 71 -29.00 50.94 -2.24
N TRP F 72 -30.22 50.96 -1.70
CA TRP F 72 -30.88 49.77 -1.21
C TRP F 72 -31.56 49.00 -2.32
N VAL F 73 -31.05 47.83 -2.64
CA VAL F 73 -31.70 46.93 -3.57
C VAL F 73 -31.78 45.56 -2.88
N PRO F 74 -32.96 45.23 -2.32
CA PRO F 74 -33.08 44.04 -1.49
C PRO F 74 -32.94 42.76 -2.30
N ALA F 75 -32.84 41.62 -1.61
CA ALA F 75 -32.52 40.37 -2.25
C ALA F 75 -33.59 39.84 -3.20
N LEU F 76 -34.64 39.25 -2.63
CA LEU F 76 -35.67 38.51 -3.39
C LEU F 76 -35.06 37.21 -3.92
N GLU F 77 -35.46 36.11 -3.30
CA GLU F 77 -34.95 34.79 -3.59
C GLU F 77 -36.07 33.90 -4.11
N PHE F 78 -35.77 33.10 -5.13
CA PHE F 78 -36.71 32.08 -5.54
C PHE F 78 -36.59 30.92 -4.56
N ILE F 79 -37.57 30.83 -3.68
CA ILE F 79 -37.58 29.84 -2.60
C ILE F 79 -37.40 28.44 -3.13
N ASN F 80 -38.05 28.14 -4.25
CA ASN F 80 -38.15 26.78 -4.75
C ASN F 80 -37.27 26.59 -5.98
N VAL F 81 -36.27 27.46 -6.15
CA VAL F 81 -35.31 27.30 -7.22
C VAL F 81 -34.39 26.15 -6.85
N VAL F 82 -33.70 25.59 -7.84
CA VAL F 82 -32.75 24.53 -7.61
C VAL F 82 -31.42 24.98 -8.18
N GLY F 83 -30.59 25.60 -7.34
CA GLY F 83 -29.33 26.15 -7.80
C GLY F 83 -29.50 27.57 -8.29
N SER F 84 -28.44 28.37 -8.23
CA SER F 84 -28.50 29.78 -8.61
C SER F 84 -29.00 29.97 -10.05
N PRO F 85 -30.08 30.73 -10.23
CA PRO F 85 -30.62 30.88 -11.58
C PRO F 85 -29.72 31.71 -12.47
N ASP F 86 -29.84 31.52 -13.79
CA ASP F 86 -29.06 32.27 -14.76
C ASP F 86 -29.70 33.63 -14.96
N THR F 87 -28.99 34.68 -14.57
CA THR F 87 -29.47 36.04 -14.72
C THR F 87 -28.88 36.72 -15.96
N GLY F 88 -29.77 37.19 -16.84
CA GLY F 88 -29.38 37.93 -18.03
C GLY F 88 -29.08 39.37 -17.66
N ASN F 89 -29.72 40.31 -18.33
CA ASN F 89 -29.49 41.72 -18.03
C ASN F 89 -30.26 42.16 -16.79
N LYS F 90 -29.66 43.10 -16.08
CA LYS F 90 -30.25 43.69 -14.88
C LYS F 90 -30.48 45.15 -15.24
N ARG F 91 -31.50 45.76 -14.65
CA ARG F 91 -31.76 47.17 -14.90
C ARG F 91 -32.29 47.85 -13.65
N LEU F 92 -31.77 49.04 -13.36
CA LEU F 92 -32.38 49.92 -12.39
C LEU F 92 -32.95 51.11 -13.11
N MET F 93 -34.24 51.37 -12.85
CA MET F 93 -34.84 52.62 -13.25
C MET F 93 -35.02 53.45 -12.00
N LEU F 94 -34.19 54.50 -11.88
CA LEU F 94 -34.23 55.36 -10.70
C LEU F 94 -35.03 56.61 -11.04
N PHE F 95 -36.19 56.74 -10.41
CA PHE F 95 -37.03 57.90 -10.61
C PHE F 95 -36.65 59.03 -9.65
N PRO F 96 -36.91 60.28 -10.07
CA PRO F 96 -36.54 61.47 -9.28
C PRO F 96 -37.47 61.67 -8.08
N ASP F 97 -38.72 61.25 -8.23
CA ASP F 97 -39.71 61.39 -7.15
C ASP F 97 -39.59 60.25 -6.14
N GLY F 98 -38.40 59.68 -6.00
CA GLY F 98 -38.15 58.67 -4.99
C GLY F 98 -38.14 57.23 -5.48
N ARG F 99 -39.04 56.87 -6.38
CA ARG F 99 -39.29 55.46 -6.62
C ARG F 99 -38.24 54.82 -7.52
N VAL F 100 -38.34 53.50 -7.61
CA VAL F 100 -37.25 52.65 -8.07
C VAL F 100 -37.79 51.36 -8.68
N ILE F 101 -37.28 51.01 -9.85
CA ILE F 101 -37.66 49.78 -10.53
C ILE F 101 -36.46 48.93 -10.90
N TYR F 102 -36.51 47.69 -10.43
CA TYR F 102 -35.50 46.69 -10.76
C TYR F 102 -36.09 45.70 -11.74
N ASN F 103 -35.45 45.59 -12.90
CA ASN F 103 -35.93 44.76 -13.99
C ASN F 103 -34.80 43.83 -14.41
N ALA F 104 -35.06 42.53 -14.35
CA ALA F 104 -34.03 41.56 -14.68
C ALA F 104 -34.61 40.33 -15.36
N ARG F 105 -33.81 39.74 -16.23
CA ARG F 105 -34.20 38.51 -16.90
C ARG F 105 -33.64 37.33 -16.13
N PHE F 106 -34.36 36.21 -16.14
CA PHE F 106 -33.92 35.04 -15.39
C PHE F 106 -34.29 33.74 -16.08
N LEU F 107 -33.38 32.78 -15.95
CA LEU F 107 -33.64 31.40 -16.35
C LEU F 107 -33.30 30.55 -15.15
N GLY F 108 -34.24 29.72 -14.72
CA GLY F 108 -34.05 28.96 -13.51
C GLY F 108 -34.64 27.57 -13.54
N SER F 109 -34.11 26.72 -12.68
CA SER F 109 -34.62 25.37 -12.52
C SER F 109 -35.38 25.35 -11.21
N PHE F 110 -36.68 25.10 -11.29
CA PHE F 110 -37.54 25.22 -10.13
C PHE F 110 -38.05 23.85 -9.75
N SER F 111 -38.30 23.67 -8.45
CA SER F 111 -38.77 22.39 -7.94
C SER F 111 -40.15 22.52 -7.34
N ASN F 112 -41.00 21.56 -7.63
CA ASN F 112 -42.28 21.42 -6.98
C ASN F 112 -42.65 19.95 -6.96
N ASP F 113 -43.63 19.58 -6.15
CA ASP F 113 -44.12 18.22 -6.13
C ASP F 113 -44.84 17.90 -7.43
N MET F 114 -44.59 16.72 -7.97
CA MET F 114 -45.17 16.30 -9.23
C MET F 114 -45.57 14.84 -9.16
N ASP F 115 -46.86 14.60 -9.34
CA ASP F 115 -47.43 13.26 -9.28
C ASP F 115 -47.69 12.77 -10.70
N PHE F 116 -46.92 11.78 -11.14
CA PHE F 116 -46.97 11.32 -12.53
C PHE F 116 -47.68 9.98 -12.63
N ARG F 117 -48.53 9.67 -11.65
CA ARG F 117 -49.12 8.33 -11.59
C ARG F 117 -50.17 8.09 -12.66
N LEU F 118 -50.94 9.12 -13.02
CA LEU F 118 -51.93 9.00 -14.08
C LEU F 118 -51.34 9.23 -15.47
N PHE F 119 -50.01 9.17 -15.56
CA PHE F 119 -49.31 9.34 -16.83
C PHE F 119 -49.90 8.42 -17.89
N PRO F 120 -50.03 8.90 -19.14
CA PRO F 120 -49.71 10.22 -19.70
C PRO F 120 -50.89 11.19 -19.63
N PHE F 121 -51.76 10.97 -18.66
CA PHE F 121 -52.98 11.76 -18.52
C PHE F 121 -52.90 12.57 -17.25
N ASP F 122 -51.69 12.97 -16.89
CA ASP F 122 -51.46 13.66 -15.64
C ASP F 122 -51.61 15.15 -15.87
N ARG F 123 -51.97 15.82 -14.79
CA ARG F 123 -52.08 17.27 -14.77
C ARG F 123 -50.99 17.70 -13.81
N GLN F 124 -50.32 18.81 -14.10
CA GLN F 124 -49.25 19.30 -13.25
C GLN F 124 -49.48 20.77 -13.01
N GLN F 125 -48.82 21.32 -12.00
CA GLN F 125 -48.81 22.77 -11.83
C GLN F 125 -47.43 23.31 -11.56
N PHE F 126 -47.01 24.19 -12.45
CA PHE F 126 -45.72 24.86 -12.35
C PHE F 126 -45.83 26.01 -11.37
N VAL F 127 -44.84 26.13 -10.49
CA VAL F 127 -44.93 27.03 -9.36
C VAL F 127 -43.64 27.84 -9.19
N LEU F 128 -43.81 29.12 -8.92
CA LEU F 128 -42.71 29.97 -8.49
C LEU F 128 -43.07 30.51 -7.10
N GLU F 129 -42.09 30.55 -6.22
CA GLU F 129 -42.29 31.16 -4.90
C GLU F 129 -41.16 32.14 -4.66
N LEU F 130 -41.53 33.37 -4.30
CA LEU F 130 -40.59 34.47 -4.21
C LEU F 130 -40.74 35.14 -2.86
N GLU F 131 -39.60 35.41 -2.23
CA GLU F 131 -39.56 35.85 -0.84
C GLU F 131 -38.29 36.62 -0.59
N PRO F 132 -38.37 37.71 0.19
CA PRO F 132 -37.12 38.45 0.44
C PRO F 132 -36.17 37.59 1.26
N PHE F 133 -34.87 37.76 1.04
CA PHE F 133 -33.89 36.84 1.62
C PHE F 133 -33.53 37.19 3.06
N SER F 134 -33.57 38.48 3.37
CA SER F 134 -33.07 38.98 4.66
C SER F 134 -34.13 39.78 5.41
N TYR F 135 -35.04 40.41 4.69
CA TYR F 135 -35.98 41.35 5.28
C TYR F 135 -37.35 40.72 5.54
N ASN F 136 -37.80 40.81 6.79
CA ASN F 136 -39.09 40.26 7.20
C ASN F 136 -40.25 41.18 6.81
N ASN F 137 -41.47 40.83 7.22
CA ASN F 137 -42.66 41.54 6.76
C ASN F 137 -42.82 42.92 7.39
N GLN F 138 -42.06 43.19 8.44
CA GLN F 138 -42.09 44.50 9.09
C GLN F 138 -41.08 45.47 8.46
N GLN F 139 -40.21 44.94 7.60
CA GLN F 139 -39.27 45.77 6.86
C GLN F 139 -39.60 45.81 5.37
N LEU F 140 -39.98 44.66 4.81
CA LEU F 140 -40.30 44.58 3.39
C LEU F 140 -41.56 43.75 3.16
N ARG F 141 -42.50 44.37 2.46
CA ARG F 141 -43.85 43.85 2.26
C ARG F 141 -44.18 43.77 0.77
N PHE F 142 -44.70 42.64 0.34
CA PHE F 142 -45.18 42.54 -1.04
C PHE F 142 -46.57 43.15 -1.12
N SER F 143 -46.64 44.30 -1.78
CA SER F 143 -47.90 45.03 -1.92
C SER F 143 -48.87 44.31 -2.87
N ASP F 144 -48.38 43.91 -4.04
CA ASP F 144 -49.21 43.23 -5.02
C ASP F 144 -48.36 42.50 -6.07
N ILE F 145 -48.95 41.48 -6.69
CA ILE F 145 -48.25 40.62 -7.66
C ILE F 145 -49.03 40.49 -8.97
N GLN F 146 -48.43 40.98 -10.06
CA GLN F 146 -48.96 40.72 -11.41
C GLN F 146 -48.16 39.60 -12.07
N VAL F 147 -48.84 38.70 -12.78
CA VAL F 147 -48.13 37.68 -13.55
C VAL F 147 -48.68 37.65 -14.98
N TYR F 148 -47.79 37.68 -15.95
CA TYR F 148 -48.16 37.72 -17.36
C TYR F 148 -47.55 36.58 -18.16
N THR F 149 -48.39 35.92 -18.95
CA THR F 149 -47.96 34.82 -19.81
C THR F 149 -48.46 35.08 -21.25
N GLU F 150 -47.85 34.42 -22.23
CA GLU F 150 -48.21 34.61 -23.64
C GLU F 150 -49.48 33.76 -23.91
N ASN F 151 -50.00 33.83 -25.12
CA ASN F 151 -51.31 33.28 -25.47
C ASN F 151 -51.40 31.79 -25.83
N ILE F 152 -50.28 31.20 -26.26
CA ILE F 152 -50.22 29.87 -26.89
C ILE F 152 -51.36 29.63 -27.87
N ASP F 153 -50.99 29.60 -29.15
CA ASP F 153 -51.95 29.40 -30.21
C ASP F 153 -51.77 27.95 -30.59
N ASN F 154 -50.77 27.71 -31.42
CA ASN F 154 -50.51 26.37 -31.89
C ASN F 154 -50.09 25.37 -30.77
N GLU F 155 -51.02 24.52 -30.30
CA GLU F 155 -50.81 23.68 -29.11
C GLU F 155 -50.05 22.38 -29.38
N GLU F 156 -50.15 21.80 -30.58
CA GLU F 156 -49.45 20.54 -30.83
C GLU F 156 -47.94 20.72 -30.80
N ILE F 157 -47.47 21.84 -31.34
CA ILE F 157 -46.07 22.23 -31.17
C ILE F 157 -45.57 21.98 -29.74
N ASP F 158 -46.39 22.35 -28.76
CA ASP F 158 -46.04 22.22 -27.34
C ASP F 158 -46.33 20.84 -26.71
N GLU F 159 -45.43 20.42 -25.83
CA GLU F 159 -45.58 19.16 -25.08
C GLU F 159 -46.66 19.27 -24.01
N TRP F 160 -46.75 20.44 -23.38
CA TRP F 160 -47.77 20.70 -22.36
C TRP F 160 -48.71 21.75 -22.91
N TRP F 161 -49.98 21.63 -22.55
CA TRP F 161 -50.96 22.64 -22.88
C TRP F 161 -51.25 23.40 -21.61
N ILE F 162 -50.92 24.69 -21.59
CA ILE F 162 -51.13 25.48 -20.38
C ILE F 162 -52.59 25.89 -20.30
N ARG F 163 -53.31 25.21 -19.42
CA ARG F 163 -54.74 25.38 -19.26
C ARG F 163 -55.09 26.08 -17.96
N GLY F 164 -55.43 27.36 -18.09
CA GLY F 164 -55.74 28.22 -16.95
C GLY F 164 -55.06 29.56 -17.09
N LYS F 165 -55.54 30.54 -16.33
CA LYS F 165 -54.85 31.81 -16.16
C LYS F 165 -53.76 31.58 -15.14
N ALA F 166 -52.79 32.48 -15.05
CA ALA F 166 -51.75 32.27 -14.06
C ALA F 166 -52.39 32.59 -12.71
N SER F 167 -52.28 31.69 -11.75
CA SER F 167 -52.79 31.94 -10.40
C SER F 167 -51.73 32.49 -9.43
N THR F 168 -52.07 33.57 -8.72
CA THR F 168 -51.14 34.16 -7.74
C THR F 168 -51.78 34.47 -6.37
N HIS F 169 -50.92 34.61 -5.36
CA HIS F 169 -51.36 34.77 -3.98
C HIS F 169 -50.21 35.19 -3.06
N ILE F 170 -50.27 36.41 -2.53
CA ILE F 170 -49.36 36.82 -1.47
C ILE F 170 -49.81 36.28 -0.12
N SER F 171 -48.84 35.97 0.73
CA SER F 171 -49.07 35.36 2.02
C SER F 171 -47.91 35.73 2.89
N ASP F 172 -47.91 35.24 4.12
CA ASP F 172 -46.85 35.55 5.07
C ASP F 172 -46.36 34.25 5.68
N ILE F 173 -45.04 34.08 5.72
CA ILE F 173 -44.45 32.84 6.20
C ILE F 173 -43.82 33.04 7.55
N ARG F 174 -44.23 32.20 8.48
CA ARG F 174 -43.75 32.20 9.84
C ARG F 174 -42.55 31.24 9.93
N TYR F 175 -41.38 31.78 10.27
CA TYR F 175 -40.17 30.96 10.44
C TYR F 175 -39.96 30.67 11.92
N ASP F 176 -39.94 29.39 12.23
CA ASP F 176 -39.99 28.86 13.58
C ASP F 176 -38.73 29.06 14.42
N HIS F 177 -37.61 29.38 13.77
CA HIS F 177 -36.30 29.45 14.42
C HIS F 177 -35.66 30.85 14.34
N LEU F 178 -35.13 31.30 15.48
CA LEU F 178 -34.80 32.70 15.74
C LEU F 178 -33.53 32.98 16.57
N SER F 179 -32.89 34.13 16.32
CA SER F 179 -31.69 34.54 17.08
C SER F 179 -31.82 35.86 17.86
N SER F 180 -32.75 36.72 17.44
CA SER F 180 -33.11 37.93 18.19
C SER F 180 -34.39 37.66 18.96
N VAL F 181 -34.54 38.13 20.19
CA VAL F 181 -35.83 37.97 20.87
C VAL F 181 -36.80 38.98 20.21
N GLN F 182 -37.65 39.67 20.96
CA GLN F 182 -38.75 40.43 20.35
C GLN F 182 -39.26 39.65 19.11
N PRO F 183 -39.68 38.38 19.32
CA PRO F 183 -39.84 37.35 18.29
C PRO F 183 -40.96 37.41 17.23
N ASN F 184 -41.66 38.52 17.02
CA ASN F 184 -42.53 38.63 15.83
C ASN F 184 -41.79 39.22 14.63
N GLN F 185 -40.47 39.08 14.64
CA GLN F 185 -39.62 39.51 13.54
C GLN F 185 -39.27 38.30 12.70
N ASN F 186 -40.20 37.33 12.67
CA ASN F 186 -39.97 36.06 11.98
C ASN F 186 -40.97 35.75 10.87
N GLU F 187 -41.67 36.77 10.38
CA GLU F 187 -42.63 36.56 9.30
C GLU F 187 -42.21 37.29 8.04
N PHE F 188 -42.34 36.61 6.90
CA PHE F 188 -41.88 37.10 5.62
C PHE F 188 -43.02 37.12 4.62
N SER F 189 -43.15 38.19 3.84
CA SER F 189 -44.15 38.23 2.77
C SER F 189 -43.61 37.37 1.64
N ARG F 190 -44.44 36.46 1.13
CA ARG F 190 -44.04 35.56 0.06
C ARG F 190 -45.09 35.51 -1.04
N ILE F 191 -44.73 35.98 -2.22
CA ILE F 191 -45.51 35.73 -3.42
C ILE F 191 -45.42 34.26 -3.78
N THR F 192 -46.53 33.72 -4.27
CA THR F 192 -46.61 32.32 -4.66
C THR F 192 -47.45 32.28 -5.92
N VAL F 193 -46.92 31.61 -6.94
CA VAL F 193 -47.52 31.64 -8.27
C VAL F 193 -47.78 30.25 -8.77
N ARG F 194 -48.94 30.07 -9.42
CA ARG F 194 -49.31 28.78 -9.97
C ARG F 194 -49.77 28.89 -11.41
N ILE F 195 -49.39 27.86 -12.15
CA ILE F 195 -49.70 27.71 -13.56
C ILE F 195 -50.02 26.27 -13.76
N ASP F 196 -51.27 25.98 -14.12
CA ASP F 196 -51.70 24.61 -14.27
C ASP F 196 -51.50 24.20 -15.70
N ALA F 197 -51.30 22.90 -15.90
CA ALA F 197 -51.00 22.41 -17.24
C ALA F 197 -51.26 20.92 -17.29
N VAL F 198 -51.45 20.44 -18.52
CA VAL F 198 -51.75 19.05 -18.76
C VAL F 198 -50.89 18.54 -19.90
N ARG F 199 -50.64 17.24 -19.89
CA ARG F 199 -49.73 16.64 -20.87
C ARG F 199 -50.45 16.36 -22.18
N ASN F 200 -49.75 16.65 -23.27
CA ASN F 200 -50.22 16.33 -24.62
C ASN F 200 -50.12 14.83 -24.87
N PRO F 201 -51.25 14.10 -24.73
CA PRO F 201 -51.17 12.64 -24.67
C PRO F 201 -51.04 11.97 -26.04
N SER F 202 -50.85 12.77 -27.09
CA SER F 202 -50.83 12.26 -28.45
C SER F 202 -49.82 11.14 -28.66
N TYR F 203 -48.53 11.50 -28.64
CA TYR F 203 -47.47 10.54 -28.92
C TYR F 203 -47.68 9.24 -28.13
N TYR F 204 -48.05 9.40 -26.87
CA TYR F 204 -48.10 8.27 -25.96
C TYR F 204 -49.32 7.38 -26.18
N LEU F 205 -50.39 7.94 -26.75
CA LEU F 205 -51.53 7.13 -27.15
C LEU F 205 -51.28 6.33 -28.42
N TRP F 206 -50.93 7.02 -29.49
CA TRP F 206 -50.81 6.38 -30.79
C TRP F 206 -49.62 5.43 -30.92
N SER F 207 -48.56 5.69 -30.17
CA SER F 207 -47.31 4.93 -30.33
C SER F 207 -47.02 3.97 -29.18
N PHE F 208 -47.70 4.12 -28.04
CA PHE F 208 -47.50 3.20 -26.92
C PHE F 208 -48.79 2.50 -26.50
N ILE F 209 -49.82 3.23 -26.06
CA ILE F 209 -51.04 2.58 -25.60
C ILE F 209 -51.65 1.72 -26.72
N LEU F 210 -51.77 2.29 -27.92
CA LEU F 210 -52.45 1.60 -29.01
C LEU F 210 -51.75 0.27 -29.35
N PRO F 211 -50.47 0.30 -29.79
CA PRO F 211 -49.79 -0.99 -30.02
C PRO F 211 -49.76 -1.95 -28.81
N LEU F 212 -49.75 -1.45 -27.59
CA LEU F 212 -49.74 -2.34 -26.43
C LEU F 212 -51.08 -3.06 -26.43
N GLY F 213 -52.10 -2.36 -26.91
CA GLY F 213 -53.41 -2.95 -27.12
C GLY F 213 -53.40 -4.06 -28.14
N LEU F 214 -52.99 -3.75 -29.37
CA LEU F 214 -52.88 -4.74 -30.43
C LEU F 214 -52.15 -6.00 -29.98
N ILE F 215 -50.99 -5.81 -29.34
CA ILE F 215 -50.19 -6.93 -28.87
C ILE F 215 -50.91 -7.69 -27.75
N ILE F 216 -51.55 -6.98 -26.83
CA ILE F 216 -52.29 -7.64 -25.77
C ILE F 216 -53.51 -8.33 -26.36
N ALA F 217 -54.21 -7.66 -27.28
CA ALA F 217 -55.28 -8.31 -28.00
C ALA F 217 -54.77 -9.57 -28.70
N ALA F 218 -53.90 -9.34 -29.68
CA ALA F 218 -53.28 -10.42 -30.47
C ALA F 218 -52.63 -11.52 -29.64
N SER F 219 -52.35 -11.23 -28.37
CA SER F 219 -51.79 -12.24 -27.48
C SER F 219 -52.81 -13.36 -27.28
N TRP F 220 -54.08 -12.99 -27.34
CA TRP F 220 -55.18 -13.90 -27.08
C TRP F 220 -55.41 -14.93 -28.18
N SER F 221 -55.02 -14.58 -29.41
CA SER F 221 -55.22 -15.48 -30.54
C SER F 221 -54.42 -16.79 -30.46
N VAL F 222 -53.79 -17.04 -29.32
CA VAL F 222 -53.12 -18.33 -29.08
C VAL F 222 -54.12 -19.47 -28.97
N PHE F 223 -55.27 -19.21 -28.36
CA PHE F 223 -56.26 -20.25 -28.08
C PHE F 223 -56.85 -20.82 -29.35
N TRP F 224 -56.82 -20.03 -30.41
CA TRP F 224 -57.39 -20.41 -31.67
C TRP F 224 -56.42 -21.28 -32.49
N LEU F 225 -55.26 -21.60 -31.89
CA LEU F 225 -54.36 -22.61 -32.45
C LEU F 225 -54.79 -24.00 -32.02
N GLU F 226 -54.59 -24.96 -32.91
CA GLU F 226 -55.17 -26.28 -32.76
C GLU F 226 -54.38 -27.23 -31.85
N SER F 227 -53.08 -27.39 -32.10
CA SER F 227 -52.24 -28.27 -31.28
C SER F 227 -51.96 -27.68 -29.89
N PHE F 228 -51.43 -28.52 -29.00
CA PHE F 228 -50.97 -28.07 -27.69
C PHE F 228 -49.53 -27.59 -27.84
N SER F 229 -48.73 -28.38 -28.53
CA SER F 229 -47.38 -27.99 -28.93
C SER F 229 -47.38 -26.61 -29.59
N GLU F 230 -48.32 -26.40 -30.51
CA GLU F 230 -48.47 -25.12 -31.17
C GLU F 230 -48.71 -24.00 -30.16
N ARG F 231 -49.63 -24.24 -29.24
CA ARG F 231 -50.05 -23.21 -28.27
C ARG F 231 -49.01 -22.87 -27.22
N LEU F 232 -48.31 -23.88 -26.69
CA LEU F 232 -47.37 -23.64 -25.60
C LEU F 232 -46.05 -23.04 -26.10
N GLN F 233 -45.57 -23.50 -27.25
CA GLN F 233 -44.34 -22.97 -27.80
C GLN F 233 -44.54 -21.53 -28.23
N THR F 234 -45.74 -21.24 -28.74
CA THR F 234 -46.07 -19.91 -29.25
C THR F 234 -46.14 -18.88 -28.13
N SER F 235 -46.59 -19.31 -26.94
CA SER F 235 -46.73 -18.38 -25.82
C SER F 235 -45.36 -17.86 -25.38
N PHE F 236 -44.33 -18.70 -25.53
CA PHE F 236 -42.97 -18.29 -25.20
C PHE F 236 -42.54 -17.19 -26.16
N THR F 237 -43.05 -17.23 -27.39
CA THR F 237 -42.78 -16.18 -28.36
C THR F 237 -43.48 -14.88 -27.96
N LEU F 238 -44.70 -14.98 -27.45
CA LEU F 238 -45.42 -13.80 -26.96
C LEU F 238 -44.64 -13.19 -25.80
N MET F 239 -44.16 -14.05 -24.91
CA MET F 239 -43.36 -13.64 -23.76
C MET F 239 -42.24 -12.70 -24.19
N LEU F 240 -41.36 -13.19 -25.07
CA LEU F 240 -40.28 -12.38 -25.62
C LEU F 240 -40.72 -11.01 -26.11
N THR F 241 -41.88 -10.96 -26.76
CA THR F 241 -42.38 -9.70 -27.31
C THR F 241 -42.72 -8.70 -26.22
N VAL F 242 -43.36 -9.18 -25.16
CA VAL F 242 -43.73 -8.29 -24.07
C VAL F 242 -42.48 -7.76 -23.38
N VAL F 243 -41.45 -8.59 -23.24
CA VAL F 243 -40.17 -8.13 -22.68
C VAL F 243 -39.61 -7.05 -23.60
N ALA F 244 -39.61 -7.34 -24.89
CA ALA F 244 -39.15 -6.39 -25.90
C ALA F 244 -39.92 -5.09 -25.82
N TYR F 245 -41.20 -5.18 -25.48
CA TYR F 245 -42.04 -4.00 -25.43
C TYR F 245 -41.77 -3.15 -24.20
N ALA F 246 -41.52 -3.79 -23.06
CA ALA F 246 -41.20 -3.05 -21.85
C ALA F 246 -39.89 -2.31 -22.07
N PHE F 247 -39.01 -2.93 -22.85
CA PHE F 247 -37.71 -2.35 -23.10
C PHE F 247 -37.87 -1.13 -23.99
N TYR F 248 -38.69 -1.28 -25.02
CA TYR F 248 -39.08 -0.16 -25.89
C TYR F 248 -39.59 1.03 -25.09
N THR F 249 -40.62 0.81 -24.28
CA THR F 249 -41.22 1.89 -23.49
C THR F 249 -40.26 2.50 -22.47
N SER F 250 -39.60 1.66 -21.68
CA SER F 250 -38.81 2.13 -20.55
C SER F 250 -37.65 3.02 -20.98
N ASN F 251 -37.08 2.72 -22.14
CA ASN F 251 -35.97 3.50 -22.69
C ASN F 251 -36.43 4.84 -23.21
N ILE F 252 -37.73 4.94 -23.53
CA ILE F 252 -38.27 6.11 -24.20
C ILE F 252 -39.21 6.91 -23.31
N LEU F 253 -39.85 6.25 -22.35
CA LEU F 253 -40.67 6.94 -21.37
C LEU F 253 -39.83 7.51 -20.23
N PRO F 254 -40.34 8.54 -19.54
CA PRO F 254 -39.58 9.18 -18.47
C PRO F 254 -39.33 8.22 -17.32
N ARG F 255 -38.12 8.21 -16.77
CA ARG F 255 -37.81 7.32 -15.67
C ARG F 255 -38.46 7.84 -14.39
N LEU F 256 -38.99 6.90 -13.59
CA LEU F 256 -39.72 7.22 -12.38
C LEU F 256 -39.45 6.17 -11.30
N PRO F 257 -39.87 6.45 -10.06
CA PRO F 257 -39.75 5.50 -8.94
C PRO F 257 -41.07 4.81 -8.58
N TYR F 258 -42.05 4.84 -9.48
CA TYR F 258 -43.34 4.18 -9.21
C TYR F 258 -44.01 3.77 -10.51
N THR F 259 -45.06 2.96 -10.37
CA THR F 259 -45.73 2.36 -11.52
C THR F 259 -46.66 3.35 -12.21
N THR F 260 -46.65 3.37 -13.54
CA THR F 260 -47.60 4.17 -14.30
C THR F 260 -48.77 3.32 -14.75
N VAL F 261 -49.72 3.96 -15.41
CA VAL F 261 -50.77 3.26 -16.14
C VAL F 261 -50.16 2.25 -17.11
N ILE F 262 -49.35 2.74 -18.04
CA ILE F 262 -48.72 1.89 -19.06
C ILE F 262 -47.97 0.70 -18.45
N ASP F 263 -47.26 0.94 -17.36
CA ASP F 263 -46.50 -0.14 -16.72
C ASP F 263 -47.43 -1.24 -16.23
N GLN F 264 -48.61 -0.85 -15.78
CA GLN F 264 -49.59 -1.79 -15.25
C GLN F 264 -50.18 -2.67 -16.37
N MET F 265 -50.60 -2.03 -17.46
CA MET F 265 -51.01 -2.74 -18.68
C MET F 265 -49.99 -3.77 -19.04
N ILE F 266 -48.74 -3.37 -18.87
CA ILE F 266 -47.65 -4.22 -19.26
C ILE F 266 -47.58 -5.44 -18.30
N ILE F 267 -47.76 -5.22 -17.00
CA ILE F 267 -47.82 -6.34 -16.05
C ILE F 267 -48.98 -7.27 -16.37
N ALA F 268 -50.10 -6.67 -16.76
CA ALA F 268 -51.26 -7.43 -17.18
C ALA F 268 -50.88 -8.29 -18.39
N GLY F 269 -50.24 -7.67 -19.38
CA GLY F 269 -49.75 -8.38 -20.54
C GLY F 269 -48.85 -9.55 -20.19
N TYR F 270 -47.96 -9.37 -19.21
CA TYR F 270 -47.09 -10.45 -18.75
C TYR F 270 -47.90 -11.52 -18.05
N GLY F 271 -48.94 -11.07 -17.34
CA GLY F 271 -49.73 -11.95 -16.51
C GLY F 271 -50.66 -12.77 -17.37
N SER F 272 -51.39 -12.08 -18.23
CA SER F 272 -52.23 -12.70 -19.23
C SER F 272 -51.48 -13.79 -20.01
N ILE F 273 -50.17 -13.63 -20.17
CA ILE F 273 -49.36 -14.61 -20.90
C ILE F 273 -48.94 -15.76 -20.00
N PHE F 274 -48.65 -15.45 -18.74
CA PHE F 274 -48.29 -16.49 -17.80
C PHE F 274 -49.55 -17.30 -17.50
N ALA F 275 -50.69 -16.61 -17.56
CA ALA F 275 -52.00 -17.23 -17.39
C ALA F 275 -52.26 -18.26 -18.49
N ALA F 276 -52.21 -17.81 -19.74
CA ALA F 276 -52.44 -18.67 -20.89
C ALA F 276 -51.67 -19.98 -20.82
N ILE F 277 -50.43 -19.91 -20.35
CA ILE F 277 -49.59 -21.08 -20.20
C ILE F 277 -50.10 -22.02 -19.11
N LEU F 278 -50.69 -21.47 -18.05
CA LEU F 278 -51.21 -22.32 -16.98
C LEU F 278 -52.46 -23.06 -17.43
N LEU F 279 -53.24 -22.44 -18.31
CA LEU F 279 -54.42 -23.07 -18.88
C LEU F 279 -54.06 -24.07 -19.97
N ILE F 280 -53.37 -23.58 -20.99
CA ILE F 280 -52.91 -24.42 -22.10
C ILE F 280 -52.37 -25.77 -21.62
N ILE F 281 -51.72 -25.77 -20.47
CA ILE F 281 -51.10 -26.96 -19.90
C ILE F 281 -52.05 -27.67 -18.94
N PHE F 282 -53.07 -26.96 -18.47
CA PHE F 282 -54.02 -27.56 -17.56
C PHE F 282 -54.84 -28.56 -18.32
N ALA F 283 -55.45 -28.07 -19.39
CA ALA F 283 -56.12 -28.90 -20.37
C ALA F 283 -55.36 -30.19 -20.73
N HIS F 284 -54.06 -30.07 -20.98
CA HIS F 284 -53.25 -31.23 -21.40
C HIS F 284 -52.97 -32.24 -20.29
N HIS F 285 -53.49 -31.98 -19.09
CA HIS F 285 -53.27 -32.91 -17.99
C HIS F 285 -54.47 -32.93 -17.04
N ARG F 286 -55.53 -32.22 -17.40
CA ARG F 286 -56.69 -32.11 -16.52
C ARG F 286 -57.36 -33.46 -16.33
N GLN F 287 -57.86 -34.04 -17.42
CA GLN F 287 -58.68 -35.23 -17.34
C GLN F 287 -57.88 -36.52 -17.23
N ALA F 288 -58.54 -37.58 -16.76
CA ALA F 288 -57.97 -38.92 -16.81
C ALA F 288 -58.14 -39.20 -18.28
N ASN F 289 -57.36 -40.12 -18.85
CA ASN F 289 -57.09 -40.20 -20.31
C ASN F 289 -56.08 -39.12 -20.66
N GLY F 290 -55.67 -39.07 -21.93
CA GLY F 290 -54.76 -38.04 -22.39
C GLY F 290 -55.48 -37.11 -23.33
N VAL F 291 -56.78 -36.94 -23.09
CA VAL F 291 -57.61 -36.04 -23.87
C VAL F 291 -57.37 -34.62 -23.38
N GLU F 292 -57.19 -33.73 -24.33
CA GLU F 292 -57.18 -32.29 -24.11
C GLU F 292 -58.62 -31.91 -23.74
N ASP F 293 -58.79 -30.73 -23.15
CA ASP F 293 -60.10 -30.21 -22.82
C ASP F 293 -60.27 -29.18 -23.93
N ASP F 294 -60.31 -29.72 -25.15
CA ASP F 294 -60.26 -28.92 -26.36
C ASP F 294 -61.42 -27.91 -26.41
N LEU F 295 -62.40 -28.08 -25.51
CA LEU F 295 -63.43 -27.07 -25.26
C LEU F 295 -62.99 -25.99 -24.28
N LEU F 296 -62.19 -26.34 -23.28
CA LEU F 296 -61.71 -25.37 -22.30
C LEU F 296 -61.07 -24.20 -23.05
N ILE F 297 -60.31 -24.56 -24.07
CA ILE F 297 -59.68 -23.58 -24.93
C ILE F 297 -60.66 -22.69 -25.70
N GLN F 298 -61.77 -23.25 -26.16
CA GLN F 298 -62.76 -22.42 -26.86
C GLN F 298 -63.54 -21.65 -25.80
N ARG F 299 -63.73 -22.29 -24.63
CA ARG F 299 -64.31 -21.63 -23.47
C ARG F 299 -63.47 -20.42 -23.14
N CYS F 300 -62.16 -20.58 -23.26
CA CYS F 300 -61.19 -19.54 -22.99
C CYS F 300 -61.07 -18.43 -24.03
N ARG F 301 -61.28 -18.76 -25.31
CA ARG F 301 -60.98 -17.83 -26.42
C ARG F 301 -61.37 -16.38 -26.15
N LEU F 302 -62.57 -16.17 -25.62
CA LEU F 302 -63.00 -14.83 -25.19
C LEU F 302 -63.42 -14.81 -23.71
N ALA F 303 -63.00 -15.81 -22.96
CA ALA F 303 -63.02 -15.72 -21.50
C ALA F 303 -61.99 -14.67 -21.08
N PHE F 304 -60.81 -14.74 -21.69
CA PHE F 304 -59.72 -13.79 -21.40
C PHE F 304 -60.06 -12.34 -21.78
N PRO F 305 -60.35 -12.05 -23.06
CA PRO F 305 -60.70 -10.68 -23.48
C PRO F 305 -61.84 -10.03 -22.69
N LEU F 306 -62.67 -10.79 -22.00
CA LEU F 306 -63.64 -10.19 -21.09
C LEU F 306 -62.97 -10.11 -19.77
N GLY F 307 -62.49 -11.27 -19.31
CA GLY F 307 -61.83 -11.35 -18.04
C GLY F 307 -60.72 -10.32 -17.98
N PHE F 308 -60.09 -10.00 -19.10
CA PHE F 308 -58.99 -9.04 -19.11
C PHE F 308 -59.53 -7.61 -19.21
N LEU F 309 -60.46 -7.38 -20.12
CA LEU F 309 -61.12 -6.08 -20.19
C LEU F 309 -61.99 -5.87 -18.96
N ALA F 310 -62.02 -6.89 -18.08
CA ALA F 310 -62.58 -6.76 -16.74
C ALA F 310 -61.52 -6.74 -15.63
N ILE F 311 -60.77 -7.84 -15.45
CA ILE F 311 -59.81 -7.96 -14.35
C ILE F 311 -58.62 -7.01 -14.42
N GLY F 312 -58.37 -6.44 -15.59
CA GLY F 312 -57.35 -5.42 -15.74
C GLY F 312 -57.98 -4.04 -15.77
N CYS F 313 -59.26 -4.01 -16.11
CA CYS F 313 -60.05 -2.78 -16.22
C CYS F 313 -60.46 -2.11 -14.91
N VAL F 314 -60.08 -2.69 -13.78
CA VAL F 314 -60.55 -2.20 -12.49
C VAL F 314 -59.57 -1.22 -11.85
N LEU F 315 -58.86 -0.48 -12.69
CA LEU F 315 -57.99 0.60 -12.21
C LEU F 315 -58.66 1.98 -12.31
N VAL F 316 -58.84 2.62 -11.16
CA VAL F 316 -59.45 3.95 -11.06
C VAL F 316 -58.83 4.76 -9.91
N ILE F 317 -57.50 4.73 -9.80
CA ILE F 317 -56.82 5.46 -8.72
C ILE F 317 -56.49 6.88 -9.17
N ARG G 10 -35.37 62.75 -31.80
CA ARG G 10 -34.57 62.66 -30.59
C ARG G 10 -33.94 61.26 -30.36
N PRO G 11 -34.59 60.18 -30.84
CA PRO G 11 -34.06 58.87 -30.46
C PRO G 11 -32.71 58.61 -31.10
N VAL G 12 -31.87 57.79 -30.46
CA VAL G 12 -30.57 57.49 -31.05
C VAL G 12 -30.80 56.47 -32.16
N ASP G 13 -30.21 56.72 -33.33
CA ASP G 13 -30.32 55.77 -34.43
C ASP G 13 -29.18 54.78 -34.29
N VAL G 14 -29.53 53.50 -34.19
CA VAL G 14 -28.55 52.42 -34.08
C VAL G 14 -28.65 51.48 -35.27
N SER G 15 -27.51 51.32 -35.95
CA SER G 15 -27.39 50.40 -37.07
C SER G 15 -26.75 49.08 -36.63
N VAL G 16 -27.43 47.98 -36.92
CA VAL G 16 -27.01 46.67 -36.46
C VAL G 16 -26.55 45.81 -37.63
N SER G 17 -25.45 45.09 -37.45
CA SER G 17 -25.02 44.06 -38.40
C SER G 17 -24.72 42.75 -37.68
N ILE G 18 -25.33 41.65 -38.16
CA ILE G 18 -25.12 40.33 -37.58
C ILE G 18 -24.52 39.35 -38.59
N PHE G 19 -23.29 38.92 -38.35
CA PHE G 19 -22.67 37.87 -39.16
C PHE G 19 -22.96 36.51 -38.52
N ILE G 20 -23.43 35.55 -39.30
CA ILE G 20 -23.76 34.22 -38.79
C ILE G 20 -22.80 33.17 -39.34
N ASN G 21 -22.09 32.53 -38.41
CA ASN G 21 -21.07 31.55 -38.72
C ASN G 21 -21.54 30.10 -38.79
N LYS G 22 -22.41 29.75 -37.84
CA LYS G 22 -22.74 28.35 -37.61
C LYS G 22 -24.09 28.24 -36.90
N ILE G 23 -24.98 27.45 -37.49
CA ILE G 23 -26.21 27.06 -36.82
C ILE G 23 -26.19 25.55 -36.60
N TYR G 24 -26.26 25.13 -35.34
CA TYR G 24 -26.20 23.71 -35.03
C TYR G 24 -26.97 23.39 -33.75
N GLY G 25 -27.00 22.11 -33.42
CA GLY G 25 -27.50 21.65 -32.14
C GLY G 25 -28.99 21.85 -31.96
N VAL G 26 -29.76 21.59 -33.01
CA VAL G 26 -31.20 21.67 -32.89
C VAL G 26 -31.69 20.68 -31.83
N ASN G 27 -32.45 21.20 -30.86
CA ASN G 27 -33.12 20.37 -29.86
C ASN G 27 -34.62 20.37 -30.10
N THR G 28 -35.14 19.23 -30.54
CA THR G 28 -36.54 19.13 -30.93
C THR G 28 -37.51 19.37 -29.79
N LEU G 29 -37.24 18.75 -28.64
CA LEU G 29 -38.22 18.73 -27.56
C LEU G 29 -38.29 20.12 -26.92
N GLU G 30 -37.13 20.75 -26.76
CA GLU G 30 -37.08 22.11 -26.24
C GLU G 30 -37.35 23.16 -27.31
N GLN G 31 -37.27 22.76 -28.57
CA GLN G 31 -37.41 23.67 -29.70
C GLN G 31 -36.38 24.80 -29.64
N THR G 32 -35.12 24.43 -29.82
CA THR G 32 -34.02 25.39 -29.75
C THR G 32 -32.93 25.06 -30.77
N TYR G 33 -32.00 25.98 -30.91
CA TYR G 33 -30.86 25.82 -31.81
C TYR G 33 -29.72 26.70 -31.35
N LYS G 34 -28.51 26.34 -31.75
CA LYS G 34 -27.33 27.08 -31.33
C LYS G 34 -26.86 27.92 -32.48
N VAL G 35 -26.42 29.14 -32.16
CA VAL G 35 -25.99 30.09 -33.16
C VAL G 35 -24.70 30.75 -32.72
N ASP G 36 -23.68 30.66 -33.56
CA ASP G 36 -22.40 31.31 -33.32
C ASP G 36 -22.23 32.37 -34.39
N GLY G 37 -21.81 33.57 -33.98
CA GLY G 37 -21.66 34.66 -34.91
C GLY G 37 -21.10 35.88 -34.23
N TYR G 38 -20.96 36.97 -35.00
CA TYR G 38 -20.58 38.24 -34.41
C TYR G 38 -21.77 39.18 -34.56
N ILE G 39 -21.79 40.21 -33.73
CA ILE G 39 -22.82 41.25 -33.81
C ILE G 39 -22.16 42.61 -33.77
N VAL G 40 -22.66 43.52 -34.61
CA VAL G 40 -22.06 44.84 -34.69
C VAL G 40 -23.15 45.89 -34.54
N ALA G 41 -22.86 46.90 -33.73
CA ALA G 41 -23.79 47.98 -33.48
C ALA G 41 -23.04 49.28 -33.67
N GLN G 42 -23.63 50.19 -34.43
CA GLN G 42 -23.01 51.49 -34.69
C GLN G 42 -24.01 52.57 -34.34
N TRP G 43 -23.50 53.64 -33.74
CA TRP G 43 -24.30 54.82 -33.47
C TRP G 43 -23.35 55.98 -33.33
N THR G 44 -23.90 57.19 -33.45
CA THR G 44 -23.07 58.38 -33.45
C THR G 44 -23.43 59.25 -32.26
N GLY G 45 -22.40 59.79 -31.61
CA GLY G 45 -22.59 60.57 -30.41
C GLY G 45 -21.69 61.76 -30.26
N LYS G 46 -21.62 62.23 -29.03
CA LYS G 46 -20.68 63.24 -28.58
C LYS G 46 -19.28 63.01 -29.12
N PRO G 47 -18.75 63.98 -29.89
CA PRO G 47 -17.37 63.81 -30.35
C PRO G 47 -16.35 63.77 -29.24
N ARG G 48 -15.15 63.36 -29.63
CA ARG G 48 -14.15 62.95 -28.68
C ARG G 48 -12.83 63.16 -29.41
N LYS G 49 -11.79 63.65 -28.75
CA LYS G 49 -10.47 63.57 -29.36
C LYS G 49 -9.72 62.40 -28.76
N THR G 50 -9.27 61.55 -29.66
CA THR G 50 -8.62 60.30 -29.34
C THR G 50 -7.12 60.50 -29.53
N PRO G 51 -6.31 59.59 -28.99
CA PRO G 51 -4.89 59.66 -29.36
C PRO G 51 -4.72 59.52 -30.87
N GLY G 52 -3.96 60.44 -31.46
CA GLY G 52 -3.96 60.68 -32.89
C GLY G 52 -5.36 61.16 -33.28
N ASP G 53 -5.62 61.44 -34.55
CA ASP G 53 -7.01 61.66 -34.95
C ASP G 53 -7.53 60.41 -35.64
N LYS G 54 -6.83 59.31 -35.39
CA LYS G 54 -7.25 57.99 -35.80
C LYS G 54 -8.06 57.42 -34.64
N PRO G 55 -8.98 56.50 -34.93
CA PRO G 55 -9.92 56.02 -33.91
C PRO G 55 -9.23 55.27 -32.77
N LEU G 56 -9.96 55.09 -31.68
CA LEU G 56 -9.42 54.44 -30.49
C LEU G 56 -10.06 53.06 -30.39
N ILE G 57 -9.24 52.05 -30.16
CA ILE G 57 -9.75 50.69 -30.08
C ILE G 57 -9.75 50.28 -28.62
N VAL G 58 -10.85 49.68 -28.18
CA VAL G 58 -11.02 49.29 -26.81
C VAL G 58 -11.52 47.85 -26.74
N GLU G 59 -10.70 46.98 -26.17
CA GLU G 59 -10.96 45.55 -26.18
C GLU G 59 -11.35 45.00 -24.82
N ASN G 60 -12.37 44.15 -24.82
CA ASN G 60 -12.76 43.35 -23.66
C ASN G 60 -12.85 44.12 -22.34
N THR G 61 -11.90 43.90 -21.43
CA THR G 61 -12.01 44.40 -20.06
C THR G 61 -12.07 45.92 -19.96
N GLN G 62 -11.53 46.61 -20.96
CA GLN G 62 -11.39 48.06 -20.90
C GLN G 62 -12.71 48.79 -21.18
N ILE G 63 -13.61 48.13 -21.90
CA ILE G 63 -14.92 48.69 -22.20
C ILE G 63 -15.62 49.06 -20.91
N GLU G 64 -15.47 48.20 -19.92
CA GLU G 64 -16.10 48.39 -18.63
C GLU G 64 -15.60 49.70 -18.00
N ARG G 65 -14.31 49.97 -18.15
CA ARG G 65 -13.70 51.17 -17.58
C ARG G 65 -14.35 52.43 -18.16
N TRP G 66 -14.52 52.43 -19.48
CA TRP G 66 -15.11 53.58 -20.16
C TRP G 66 -16.56 53.81 -19.75
N ILE G 67 -17.25 52.72 -19.46
CA ILE G 67 -18.66 52.77 -19.11
C ILE G 67 -18.82 53.40 -17.73
N ASN G 68 -17.81 53.21 -16.88
CA ASN G 68 -17.84 53.81 -15.55
C ASN G 68 -17.67 55.33 -15.62
N ASN G 69 -16.95 55.81 -16.63
CA ASN G 69 -16.86 57.25 -16.86
C ASN G 69 -17.99 57.74 -17.76
N GLY G 70 -18.99 56.90 -17.95
CA GLY G 70 -20.20 57.33 -18.62
C GLY G 70 -20.19 57.26 -20.14
N LEU G 71 -19.47 56.30 -20.70
CA LEU G 71 -19.63 56.05 -22.13
C LEU G 71 -20.94 55.33 -22.24
N TRP G 72 -21.81 55.81 -23.11
CA TRP G 72 -23.12 55.21 -23.26
C TRP G 72 -22.99 53.99 -24.16
N VAL G 73 -23.17 52.82 -23.57
CA VAL G 73 -23.19 51.59 -24.33
C VAL G 73 -24.43 50.81 -23.94
N PRO G 74 -25.48 50.90 -24.77
CA PRO G 74 -26.77 50.31 -24.40
C PRO G 74 -26.71 48.79 -24.38
N ALA G 75 -27.74 48.16 -23.83
CA ALA G 75 -27.75 46.72 -23.62
C ALA G 75 -27.82 45.93 -24.93
N LEU G 76 -29.02 45.88 -25.50
CA LEU G 76 -29.34 45.04 -26.66
C LEU G 76 -29.38 43.57 -26.23
N GLU G 77 -30.60 43.06 -26.17
CA GLU G 77 -30.86 41.72 -25.66
C GLU G 77 -31.41 40.82 -26.74
N PHE G 78 -30.92 39.58 -26.79
CA PHE G 78 -31.51 38.59 -27.67
C PHE G 78 -32.80 38.14 -26.98
N ILE G 79 -33.93 38.64 -27.47
CA ILE G 79 -35.24 38.36 -26.87
C ILE G 79 -35.52 36.86 -26.73
N ASN G 80 -35.13 36.09 -27.73
CA ASN G 80 -35.53 34.68 -27.83
C ASN G 80 -34.39 33.72 -27.49
N VAL G 81 -33.36 34.23 -26.82
CA VAL G 81 -32.28 33.37 -26.33
C VAL G 81 -32.77 32.61 -25.12
N VAL G 82 -32.10 31.51 -24.80
CA VAL G 82 -32.45 30.69 -23.65
C VAL G 82 -31.25 30.61 -22.70
N GLY G 83 -31.22 31.49 -21.71
CA GLY G 83 -30.09 31.56 -20.81
C GLY G 83 -29.03 32.48 -21.37
N SER G 84 -28.23 33.06 -20.49
CA SER G 84 -27.22 34.03 -20.90
C SER G 84 -26.30 33.48 -21.97
N PRO G 85 -26.26 34.14 -23.15
CA PRO G 85 -25.42 33.62 -24.22
C PRO G 85 -23.93 33.80 -23.91
N ASP G 86 -23.10 32.98 -24.54
CA ASP G 86 -21.65 33.06 -24.35
C ASP G 86 -21.06 34.17 -25.21
N THR G 87 -20.56 35.21 -24.56
CA THR G 87 -19.95 36.32 -25.29
C THR G 87 -18.45 36.15 -25.28
N GLY G 88 -17.86 36.09 -26.47
CA GLY G 88 -16.43 36.00 -26.62
C GLY G 88 -15.79 37.36 -26.44
N ASN G 89 -15.01 37.79 -27.42
CA ASN G 89 -14.34 39.08 -27.31
C ASN G 89 -15.25 40.25 -27.58
N LYS G 90 -14.97 41.36 -26.91
CA LYS G 90 -15.70 42.60 -27.10
C LYS G 90 -14.73 43.64 -27.65
N ARG G 91 -15.28 44.57 -28.43
CA ARG G 91 -14.48 45.66 -28.95
C ARG G 91 -15.32 46.93 -29.05
N LEU G 92 -14.74 48.05 -28.63
CA LEU G 92 -15.31 49.34 -28.95
C LEU G 92 -14.33 50.06 -29.88
N MET G 93 -14.81 50.51 -31.03
CA MET G 93 -14.03 51.42 -31.85
C MET G 93 -14.62 52.81 -31.66
N LEU G 94 -13.89 53.65 -30.95
CA LEU G 94 -14.33 55.00 -30.68
C LEU G 94 -13.69 55.96 -31.65
N PHE G 95 -14.52 56.55 -32.51
CA PHE G 95 -14.06 57.50 -33.50
C PHE G 95 -14.04 58.89 -32.92
N PRO G 96 -13.17 59.77 -33.46
CA PRO G 96 -13.09 61.11 -32.90
C PRO G 96 -14.30 61.95 -33.28
N ASP G 97 -14.85 61.64 -34.44
CA ASP G 97 -15.97 62.37 -35.01
C ASP G 97 -17.32 61.96 -34.41
N GLY G 98 -17.31 61.51 -33.16
CA GLY G 98 -18.55 61.21 -32.46
C GLY G 98 -18.94 59.75 -32.37
N ARG G 99 -18.74 59.01 -33.46
CA ARG G 99 -19.38 57.71 -33.57
C ARG G 99 -18.67 56.58 -32.85
N VAL G 100 -19.35 55.44 -32.82
CA VAL G 100 -19.09 54.39 -31.85
C VAL G 100 -19.53 53.06 -32.44
N ILE G 101 -18.65 52.05 -32.39
CA ILE G 101 -18.98 50.72 -32.89
C ILE G 101 -18.70 49.64 -31.87
N TYR G 102 -19.70 48.82 -31.59
CA TYR G 102 -19.55 47.69 -30.69
C TYR G 102 -19.50 46.43 -31.53
N ASN G 103 -18.40 45.69 -31.39
CA ASN G 103 -18.17 44.47 -32.15
C ASN G 103 -17.92 43.36 -31.15
N ALA G 104 -18.77 42.33 -31.19
CA ALA G 104 -18.68 41.25 -30.23
C ALA G 104 -19.03 39.91 -30.84
N ARG G 105 -18.37 38.87 -30.35
CA ARG G 105 -18.66 37.51 -30.78
C ARG G 105 -19.62 36.89 -29.81
N PHE G 106 -20.49 36.02 -30.30
CA PHE G 106 -21.47 35.39 -29.43
C PHE G 106 -21.81 33.98 -29.88
N LEU G 107 -22.03 33.13 -28.87
CA LEU G 107 -22.58 31.81 -29.04
C LEU G 107 -23.75 31.71 -28.09
N GLY G 108 -24.91 31.36 -28.62
CA GLY G 108 -26.12 31.36 -27.82
C GLY G 108 -27.06 30.24 -28.21
N SER G 109 -27.92 29.87 -27.29
CA SER G 109 -28.94 28.87 -27.52
C SER G 109 -30.26 29.60 -27.68
N PHE G 110 -30.84 29.49 -28.86
CA PHE G 110 -32.01 30.27 -29.22
C PHE G 110 -33.26 29.44 -29.37
N SER G 111 -34.41 30.08 -29.13
CA SER G 111 -35.70 29.42 -29.14
C SER G 111 -36.60 29.97 -30.24
N ASN G 112 -37.32 29.06 -30.90
CA ASN G 112 -38.37 29.43 -31.84
C ASN G 112 -39.41 28.32 -31.84
N ASP G 113 -40.60 28.59 -32.35
CA ASP G 113 -41.58 27.54 -32.54
C ASP G 113 -41.11 26.64 -33.66
N MET G 114 -41.24 25.33 -33.47
CA MET G 114 -40.77 24.38 -34.47
C MET G 114 -41.71 23.20 -34.60
N ASP G 115 -42.25 23.06 -35.81
CA ASP G 115 -43.20 22.01 -36.13
C ASP G 115 -42.48 20.89 -36.89
N PHE G 116 -42.33 19.75 -36.24
CA PHE G 116 -41.56 18.64 -36.78
C PHE G 116 -42.48 17.51 -37.26
N ARG G 117 -43.71 17.84 -37.60
CA ARG G 117 -44.70 16.81 -37.95
C ARG G 117 -44.37 16.16 -39.29
N LEU G 118 -43.79 16.92 -40.21
CA LEU G 118 -43.38 16.35 -41.50
C LEU G 118 -42.01 15.68 -41.45
N PHE G 119 -41.48 15.42 -40.27
CA PHE G 119 -40.19 14.75 -40.16
C PHE G 119 -40.22 13.46 -40.97
N PRO G 120 -39.13 13.17 -41.71
CA PRO G 120 -37.87 13.92 -41.87
C PRO G 120 -37.86 14.88 -43.07
N PHE G 121 -39.02 15.36 -43.48
CA PHE G 121 -39.12 16.24 -44.65
C PHE G 121 -39.62 17.64 -44.29
N ASP G 122 -39.25 18.09 -43.09
CA ASP G 122 -39.75 19.36 -42.60
C ASP G 122 -38.81 20.49 -42.95
N ARG G 123 -39.39 21.68 -43.00
CA ARG G 123 -38.65 22.91 -43.19
C ARG G 123 -38.81 23.65 -41.89
N GLN G 124 -37.76 24.33 -41.47
CA GLN G 124 -37.77 25.08 -40.22
C GLN G 124 -37.21 26.45 -40.55
N GLN G 125 -37.41 27.42 -39.67
CA GLN G 125 -36.69 28.67 -39.82
C GLN G 125 -36.08 29.12 -38.49
N PHE G 126 -34.77 29.29 -38.57
CA PHE G 126 -33.95 29.74 -37.47
C PHE G 126 -34.06 31.25 -37.32
N VAL G 127 -34.18 31.69 -36.07
CA VAL G 127 -34.53 33.07 -35.76
C VAL G 127 -33.70 33.71 -34.66
N LEU G 128 -33.37 34.97 -34.90
CA LEU G 128 -32.79 35.84 -33.90
C LEU G 128 -33.79 36.98 -33.70
N GLU G 129 -33.99 37.38 -32.45
CA GLU G 129 -34.82 38.54 -32.13
C GLU G 129 -34.02 39.43 -31.19
N LEU G 130 -33.87 40.69 -31.58
CA LEU G 130 -32.95 41.59 -30.90
C LEU G 130 -33.65 42.89 -30.56
N GLU G 131 -33.45 43.36 -29.35
CA GLU G 131 -34.23 44.47 -28.82
C GLU G 131 -33.46 45.17 -27.69
N PRO G 132 -33.50 46.51 -27.63
CA PRO G 132 -32.77 47.12 -26.52
C PRO G 132 -33.44 46.75 -25.20
N PHE G 133 -32.65 46.60 -24.15
CA PHE G 133 -33.15 46.03 -22.91
C PHE G 133 -33.84 47.06 -22.03
N SER G 134 -33.39 48.30 -22.10
CA SER G 134 -33.82 49.33 -21.15
C SER G 134 -34.46 50.52 -21.86
N TYR G 135 -34.01 50.77 -23.10
CA TYR G 135 -34.39 51.97 -23.85
C TYR G 135 -35.49 51.74 -24.91
N ASN G 136 -36.54 52.55 -24.86
CA ASN G 136 -37.67 52.45 -25.81
C ASN G 136 -37.38 53.10 -27.18
N ASN G 137 -38.39 53.13 -28.04
CA ASN G 137 -38.21 53.62 -29.42
C ASN G 137 -38.06 55.13 -29.50
N GLN G 138 -38.37 55.82 -28.41
CA GLN G 138 -38.23 57.27 -28.38
C GLN G 138 -36.81 57.64 -27.96
N GLN G 139 -36.09 56.64 -27.46
CA GLN G 139 -34.69 56.79 -27.04
C GLN G 139 -33.70 56.06 -27.94
N LEU G 140 -34.05 54.84 -28.32
CA LEU G 140 -33.15 54.04 -29.15
C LEU G 140 -33.96 53.37 -30.26
N ARG G 141 -33.49 53.60 -31.47
CA ARG G 141 -34.16 53.16 -32.68
C ARG G 141 -33.19 52.37 -33.53
N PHE G 142 -33.63 51.21 -33.99
CA PHE G 142 -32.84 50.45 -34.93
C PHE G 142 -33.01 51.08 -36.30
N SER G 143 -31.91 51.68 -36.77
CA SER G 143 -31.91 52.39 -38.03
C SER G 143 -32.08 51.40 -39.19
N ASP G 144 -31.23 50.37 -39.21
CA ASP G 144 -31.30 49.35 -40.26
C ASP G 144 -30.51 48.12 -39.86
N ILE G 145 -30.87 46.96 -40.42
CA ILE G 145 -30.23 45.69 -40.07
C ILE G 145 -29.72 44.89 -41.28
N GLN G 146 -28.40 44.71 -41.32
CA GLN G 146 -27.75 43.79 -42.26
C GLN G 146 -27.39 42.45 -41.62
N VAL G 147 -27.57 41.38 -42.40
CA VAL G 147 -27.21 40.02 -42.00
C VAL G 147 -26.38 39.32 -43.06
N TYR G 148 -25.29 38.71 -42.62
CA TYR G 148 -24.37 38.04 -43.52
C TYR G 148 -24.20 36.57 -43.16
N THR G 149 -24.33 35.73 -44.19
CA THR G 149 -24.10 34.30 -44.05
C THR G 149 -23.13 33.87 -45.14
N GLU G 150 -22.41 32.79 -44.88
CA GLU G 150 -21.48 32.25 -45.86
C GLU G 150 -22.24 31.36 -46.82
N ASN G 151 -21.57 31.05 -47.91
CA ASN G 151 -22.15 30.26 -48.97
C ASN G 151 -21.78 28.80 -48.81
N ILE G 152 -22.75 27.98 -48.39
CA ILE G 152 -22.45 26.60 -48.05
C ILE G 152 -22.32 25.80 -49.32
N ASP G 153 -21.11 25.27 -49.47
CA ASP G 153 -20.68 24.63 -50.70
C ASP G 153 -20.96 23.14 -50.48
N ASN G 154 -20.10 22.42 -49.75
CA ASN G 154 -20.38 21.02 -49.43
C ASN G 154 -21.69 20.83 -48.64
N GLU G 155 -22.72 20.33 -49.33
CA GLU G 155 -24.12 20.38 -48.89
C GLU G 155 -24.56 19.23 -47.98
N GLU G 156 -24.08 18.03 -48.31
CA GLU G 156 -24.43 16.80 -47.57
C GLU G 156 -23.73 16.66 -46.22
N ILE G 157 -22.48 17.12 -46.16
CA ILE G 157 -21.75 17.27 -44.90
C ILE G 157 -22.69 17.78 -43.81
N ASP G 158 -23.50 18.76 -44.19
CA ASP G 158 -24.44 19.40 -43.29
C ASP G 158 -25.78 18.66 -43.13
N GLU G 159 -26.27 18.67 -41.90
CA GLU G 159 -27.56 18.08 -41.55
C GLU G 159 -28.71 18.91 -42.11
N TRP G 160 -28.53 20.23 -42.13
CA TRP G 160 -29.53 21.14 -42.69
C TRP G 160 -29.00 21.83 -43.94
N TRP G 161 -29.90 22.07 -44.89
CA TRP G 161 -29.56 22.84 -46.08
C TRP G 161 -30.20 24.21 -45.91
N ILE G 162 -29.37 25.25 -45.79
CA ILE G 162 -29.87 26.61 -45.61
C ILE G 162 -30.27 27.16 -46.96
N ARG G 163 -31.56 27.29 -47.17
CA ARG G 163 -32.11 27.64 -48.47
C ARG G 163 -32.62 29.09 -48.45
N GLY G 164 -31.92 29.95 -49.18
CA GLY G 164 -32.19 31.37 -49.24
C GLY G 164 -31.25 32.10 -48.30
N LYS G 165 -31.03 33.40 -48.55
CA LYS G 165 -30.34 34.26 -47.60
C LYS G 165 -31.33 34.79 -46.56
N ALA G 166 -30.80 35.37 -45.48
CA ALA G 166 -31.62 35.74 -44.35
C ALA G 166 -32.51 36.95 -44.63
N SER G 167 -33.76 36.87 -44.21
CA SER G 167 -34.68 38.00 -44.25
C SER G 167 -34.58 38.78 -42.93
N THR G 168 -34.55 40.10 -43.01
CA THR G 168 -34.39 40.93 -41.81
C THR G 168 -35.58 41.86 -41.65
N HIS G 169 -35.79 42.37 -40.44
CA HIS G 169 -37.08 42.97 -40.07
C HIS G 169 -36.99 43.91 -38.87
N ILE G 170 -37.03 45.22 -39.09
CA ILE G 170 -37.24 46.15 -37.99
C ILE G 170 -38.74 46.43 -37.79
N SER G 171 -39.14 46.60 -36.54
CA SER G 171 -40.53 46.83 -36.18
C SER G 171 -40.53 47.43 -34.79
N ASP G 172 -41.70 47.65 -34.21
CA ASP G 172 -41.81 48.24 -32.88
C ASP G 172 -42.74 47.41 -32.01
N ILE G 173 -42.30 47.12 -30.78
CA ILE G 173 -43.06 46.27 -29.89
C ILE G 173 -43.64 47.11 -28.77
N ARG G 174 -44.96 47.05 -28.61
CA ARG G 174 -45.64 47.79 -27.56
C ARG G 174 -45.93 46.88 -26.38
N TYR G 175 -45.43 47.24 -25.22
CA TYR G 175 -45.65 46.46 -24.01
C TYR G 175 -46.78 47.11 -23.22
N ASP G 176 -47.87 46.37 -23.03
CA ASP G 176 -49.07 46.96 -22.46
C ASP G 176 -48.95 47.22 -20.97
N HIS G 177 -48.01 46.55 -20.30
CA HIS G 177 -47.92 46.69 -18.86
C HIS G 177 -46.55 47.23 -18.47
N LEU G 178 -46.60 48.45 -17.95
CA LEU G 178 -45.42 49.23 -17.64
C LEU G 178 -45.83 50.14 -16.51
N SER G 179 -44.89 50.55 -15.66
CA SER G 179 -45.21 51.44 -14.57
C SER G 179 -45.35 52.90 -15.02
N SER G 180 -44.98 53.17 -16.28
CA SER G 180 -45.12 54.52 -16.86
C SER G 180 -46.39 54.84 -17.66
N VAL G 181 -46.95 56.02 -17.36
CA VAL G 181 -48.00 56.67 -18.17
C VAL G 181 -47.25 57.38 -19.31
N GLN G 182 -47.57 58.65 -19.60
CA GLN G 182 -47.01 59.37 -20.76
C GLN G 182 -46.98 58.51 -22.03
N PRO G 183 -48.12 58.47 -22.75
CA PRO G 183 -48.38 57.45 -23.78
C PRO G 183 -47.49 57.47 -25.04
N ASN G 184 -46.18 57.40 -24.85
CA ASN G 184 -45.29 57.04 -25.95
C ASN G 184 -43.99 56.36 -25.48
N GLN G 185 -43.95 55.92 -24.22
CA GLN G 185 -42.75 55.32 -23.65
C GLN G 185 -42.89 53.82 -23.39
N ASN G 186 -43.76 53.14 -24.14
CA ASN G 186 -44.01 51.72 -23.91
C ASN G 186 -43.75 50.89 -25.16
N GLU G 187 -43.04 51.49 -26.10
CA GLU G 187 -42.75 50.86 -27.38
C GLU G 187 -41.27 50.66 -27.59
N PHE G 188 -40.88 49.49 -28.07
CA PHE G 188 -39.46 49.19 -28.22
C PHE G 188 -39.11 48.78 -29.64
N SER G 189 -37.96 49.28 -30.10
CA SER G 189 -37.45 48.96 -31.42
C SER G 189 -36.92 47.52 -31.44
N ARG G 190 -37.35 46.73 -32.42
CA ARG G 190 -36.91 45.34 -32.49
C ARG G 190 -36.49 44.86 -33.88
N ILE G 191 -35.21 44.55 -34.00
CA ILE G 191 -34.71 43.72 -35.08
C ILE G 191 -35.11 42.25 -34.92
N THR G 192 -35.41 41.62 -36.05
CA THR G 192 -35.76 40.21 -36.15
C THR G 192 -35.16 39.64 -37.41
N VAL G 193 -34.48 38.51 -37.27
CA VAL G 193 -33.75 37.91 -38.38
C VAL G 193 -34.21 36.49 -38.57
N ARG G 194 -34.36 36.10 -39.84
CA ARG G 194 -34.79 34.76 -40.17
C ARG G 194 -33.91 34.09 -41.20
N ILE G 195 -33.80 32.78 -41.04
CA ILE G 195 -33.01 31.94 -41.91
C ILE G 195 -33.84 30.69 -42.12
N ASP G 196 -34.25 30.44 -43.35
CA ASP G 196 -35.07 29.27 -43.63
C ASP G 196 -34.14 28.14 -44.01
N ALA G 197 -34.57 26.92 -43.74
CA ALA G 197 -33.72 25.77 -43.97
C ALA G 197 -34.56 24.50 -43.98
N VAL G 198 -33.99 23.45 -44.54
CA VAL G 198 -34.69 22.18 -44.70
C VAL G 198 -33.86 21.03 -44.16
N ARG G 199 -34.56 19.98 -43.75
CA ARG G 199 -33.90 18.83 -43.17
C ARG G 199 -33.37 17.95 -44.29
N ASN G 200 -32.15 17.46 -44.11
CA ASN G 200 -31.54 16.53 -45.04
C ASN G 200 -32.18 15.13 -44.91
N PRO G 201 -33.11 14.79 -45.82
CA PRO G 201 -33.85 13.55 -45.53
C PRO G 201 -33.15 12.27 -45.97
N SER G 202 -31.92 12.38 -46.49
CA SER G 202 -31.22 11.23 -47.05
C SER G 202 -31.13 10.09 -46.06
N TYR G 203 -30.36 10.28 -45.00
CA TYR G 203 -30.15 9.24 -44.00
C TYR G 203 -31.44 8.54 -43.63
N TYR G 204 -32.50 9.31 -43.46
CA TYR G 204 -33.76 8.78 -42.95
C TYR G 204 -34.55 7.98 -43.98
N LEU G 205 -34.35 8.27 -45.26
CA LEU G 205 -35.00 7.49 -46.29
C LEU G 205 -34.34 6.12 -46.39
N TRP G 206 -33.03 6.13 -46.61
CA TRP G 206 -32.29 4.91 -46.88
C TRP G 206 -32.15 3.99 -45.68
N SER G 207 -32.17 4.54 -44.48
CA SER G 207 -31.87 3.74 -43.30
C SER G 207 -33.10 3.44 -42.46
N PHE G 208 -34.18 4.20 -42.65
CA PHE G 208 -35.42 3.95 -41.91
C PHE G 208 -36.66 3.73 -42.78
N ILE G 209 -37.03 4.72 -43.60
CA ILE G 209 -38.29 4.64 -44.35
C ILE G 209 -38.30 3.38 -45.20
N LEU G 210 -37.24 3.19 -45.98
CA LEU G 210 -37.12 2.05 -46.90
C LEU G 210 -37.17 0.70 -46.17
N PRO G 211 -36.21 0.43 -45.27
CA PRO G 211 -36.32 -0.83 -44.53
C PRO G 211 -37.66 -1.07 -43.84
N LEU G 212 -38.33 0.00 -43.40
CA LEU G 212 -39.63 -0.18 -42.75
C LEU G 212 -40.64 -0.64 -43.78
N GLY G 213 -40.47 -0.17 -45.02
CA GLY G 213 -41.29 -0.62 -46.13
C GLY G 213 -41.14 -2.10 -46.40
N LEU G 214 -39.89 -2.50 -46.69
CA LEU G 214 -39.56 -3.90 -46.93
C LEU G 214 -40.17 -4.81 -45.85
N ILE G 215 -40.03 -4.43 -44.59
CA ILE G 215 -40.58 -5.24 -43.51
C ILE G 215 -42.10 -5.30 -43.59
N ILE G 216 -42.73 -4.17 -43.89
CA ILE G 216 -44.18 -4.12 -44.00
C ILE G 216 -44.61 -4.90 -45.22
N ALA G 217 -43.90 -4.71 -46.32
CA ALA G 217 -44.11 -5.48 -47.53
C ALA G 217 -44.00 -6.97 -47.24
N ALA G 218 -42.79 -7.40 -46.88
CA ALA G 218 -42.52 -8.80 -46.58
C ALA G 218 -43.46 -9.40 -45.54
N SER G 219 -44.10 -8.57 -44.74
CA SER G 219 -45.07 -9.05 -43.76
C SER G 219 -46.32 -9.61 -44.44
N TRP G 220 -46.64 -9.08 -45.62
CA TRP G 220 -47.86 -9.46 -46.33
C TRP G 220 -47.76 -10.89 -46.84
N SER G 221 -46.54 -11.35 -47.06
CA SER G 221 -46.30 -12.70 -47.56
C SER G 221 -46.67 -13.80 -46.56
N VAL G 222 -47.33 -13.45 -45.46
CA VAL G 222 -47.78 -14.47 -44.52
C VAL G 222 -48.84 -15.36 -45.15
N PHE G 223 -49.67 -14.77 -46.00
CA PHE G 223 -50.82 -15.46 -46.60
C PHE G 223 -50.38 -16.57 -47.55
N TRP G 224 -49.17 -16.43 -48.09
CA TRP G 224 -48.64 -17.39 -49.05
C TRP G 224 -48.06 -18.62 -48.36
N LEU G 225 -48.24 -18.71 -47.04
CA LEU G 225 -47.91 -19.93 -46.32
C LEU G 225 -49.10 -20.86 -46.52
N GLU G 226 -48.84 -22.15 -46.66
CA GLU G 226 -49.89 -23.08 -47.08
C GLU G 226 -50.76 -23.52 -45.91
N SER G 227 -50.14 -23.94 -44.81
CA SER G 227 -50.89 -24.37 -43.63
C SER G 227 -51.57 -23.19 -42.94
N PHE G 228 -52.46 -23.49 -42.00
CA PHE G 228 -53.09 -22.47 -41.15
C PHE G 228 -52.23 -22.11 -39.94
N SER G 229 -51.79 -23.14 -39.22
CA SER G 229 -50.82 -22.98 -38.14
C SER G 229 -49.59 -22.19 -38.61
N GLU G 230 -49.09 -22.53 -39.79
CA GLU G 230 -47.93 -21.83 -40.36
C GLU G 230 -48.24 -20.34 -40.44
N ARG G 231 -49.44 -20.00 -40.92
CA ARG G 231 -49.79 -18.60 -41.14
C ARG G 231 -49.97 -17.82 -39.84
N LEU G 232 -50.59 -18.44 -38.83
CA LEU G 232 -50.88 -17.73 -37.59
C LEU G 232 -49.64 -17.61 -36.70
N GLN G 233 -48.85 -18.67 -36.62
CA GLN G 233 -47.64 -18.65 -35.78
C GLN G 233 -46.61 -17.69 -36.34
N THR G 234 -46.57 -17.60 -37.66
CA THR G 234 -45.62 -16.74 -38.35
C THR G 234 -45.92 -15.27 -38.03
N SER G 235 -47.19 -14.97 -37.80
CA SER G 235 -47.61 -13.60 -37.55
C SER G 235 -47.01 -12.98 -36.28
N PHE G 236 -46.83 -13.82 -35.26
CA PHE G 236 -46.27 -13.34 -33.99
C PHE G 236 -44.79 -12.97 -34.11
N THR G 237 -44.07 -13.66 -34.99
CA THR G 237 -42.67 -13.31 -35.25
C THR G 237 -42.61 -11.98 -35.96
N LEU G 238 -43.56 -11.77 -36.87
CA LEU G 238 -43.66 -10.51 -37.59
C LEU G 238 -43.95 -9.37 -36.61
N MET G 239 -44.90 -9.62 -35.70
CA MET G 239 -45.23 -8.66 -34.65
C MET G 239 -43.96 -8.21 -33.94
N LEU G 240 -43.24 -9.17 -33.37
CA LEU G 240 -41.96 -8.93 -32.71
C LEU G 240 -41.01 -8.09 -33.54
N THR G 241 -40.98 -8.36 -34.84
CA THR G 241 -40.07 -7.65 -35.73
C THR G 241 -40.39 -6.17 -35.74
N VAL G 242 -41.67 -5.84 -35.80
CA VAL G 242 -42.10 -4.46 -35.81
C VAL G 242 -41.81 -3.80 -34.45
N VAL G 243 -41.99 -4.54 -33.36
CA VAL G 243 -41.67 -4.02 -32.04
C VAL G 243 -40.19 -3.69 -32.02
N ALA G 244 -39.38 -4.63 -32.49
CA ALA G 244 -37.96 -4.40 -32.57
C ALA G 244 -37.66 -3.15 -33.38
N TYR G 245 -38.46 -2.92 -34.42
CA TYR G 245 -38.21 -1.78 -35.28
C TYR G 245 -38.66 -0.45 -34.67
N ALA G 246 -39.80 -0.46 -33.97
CA ALA G 246 -40.30 0.76 -33.33
C ALA G 246 -39.31 1.24 -32.28
N PHE G 247 -38.69 0.27 -31.63
CA PHE G 247 -37.70 0.50 -30.59
C PHE G 247 -36.44 1.06 -31.20
N TYR G 248 -36.01 0.44 -32.30
CA TYR G 248 -34.90 0.93 -33.10
C TYR G 248 -35.07 2.39 -33.48
N THR G 249 -36.20 2.72 -34.10
CA THR G 249 -36.46 4.08 -34.57
C THR G 249 -36.48 5.11 -33.46
N SER G 250 -37.27 4.85 -32.42
CA SER G 250 -37.52 5.82 -31.36
C SER G 250 -36.24 6.11 -30.55
N ASN G 251 -35.36 5.12 -30.44
CA ASN G 251 -34.13 5.28 -29.68
C ASN G 251 -33.12 6.19 -30.41
N ILE G 252 -33.28 6.31 -31.73
CA ILE G 252 -32.37 7.10 -32.57
C ILE G 252 -33.02 8.34 -33.15
N LEU G 253 -34.34 8.29 -33.34
CA LEU G 253 -35.06 9.47 -33.83
C LEU G 253 -35.35 10.48 -32.73
N PRO G 254 -35.55 11.75 -33.12
CA PRO G 254 -35.78 12.85 -32.19
C PRO G 254 -37.08 12.71 -31.40
N ARG G 255 -37.00 12.98 -30.10
CA ARG G 255 -38.17 12.88 -29.25
C ARG G 255 -39.11 14.05 -29.49
N LEU G 256 -40.40 13.76 -29.51
CA LEU G 256 -41.43 14.75 -29.80
C LEU G 256 -42.68 14.45 -28.99
N PRO G 257 -43.64 15.38 -28.97
CA PRO G 257 -44.90 15.13 -28.29
C PRO G 257 -46.01 14.79 -29.28
N TYR G 258 -45.61 14.44 -30.50
CA TYR G 258 -46.57 14.08 -31.53
C TYR G 258 -45.96 13.12 -32.55
N THR G 259 -46.83 12.48 -33.33
CA THR G 259 -46.40 11.46 -34.27
C THR G 259 -45.90 12.05 -35.59
N THR G 260 -44.80 11.50 -36.08
CA THR G 260 -44.31 11.83 -37.42
C THR G 260 -44.77 10.79 -38.44
N VAL G 261 -44.33 11.00 -39.68
CA VAL G 261 -44.49 10.03 -40.75
C VAL G 261 -44.03 8.64 -40.33
N ILE G 262 -42.76 8.52 -39.98
CA ILE G 262 -42.19 7.24 -39.58
C ILE G 262 -42.98 6.59 -38.45
N ASP G 263 -43.40 7.38 -37.48
CA ASP G 263 -44.17 6.83 -36.36
C ASP G 263 -45.46 6.26 -36.90
N GLN G 264 -46.02 6.90 -37.92
CA GLN G 264 -47.28 6.47 -38.50
C GLN G 264 -47.13 5.16 -39.29
N MET G 265 -46.10 5.08 -40.14
CA MET G 265 -45.78 3.82 -40.83
C MET G 265 -45.77 2.64 -39.87
N ILE G 266 -45.25 2.87 -38.67
CA ILE G 266 -45.13 1.81 -37.69
C ILE G 266 -46.48 1.41 -37.13
N ILE G 267 -47.35 2.38 -36.88
CA ILE G 267 -48.68 2.05 -36.39
C ILE G 267 -49.38 1.30 -37.52
N ALA G 268 -49.09 1.70 -38.75
CA ALA G 268 -49.60 1.02 -39.94
C ALA G 268 -49.13 -0.42 -39.98
N GLY G 269 -47.83 -0.63 -39.82
CA GLY G 269 -47.27 -1.97 -39.75
C GLY G 269 -47.92 -2.84 -38.68
N TYR G 270 -48.17 -2.25 -37.52
CA TYR G 270 -48.84 -2.95 -36.43
C TYR G 270 -50.27 -3.33 -36.80
N GLY G 271 -50.90 -2.48 -37.59
CA GLY G 271 -52.29 -2.67 -37.97
C GLY G 271 -52.39 -3.74 -39.04
N SER G 272 -51.53 -3.61 -40.05
CA SER G 272 -51.42 -4.61 -41.12
C SER G 272 -51.28 -6.03 -40.58
N ILE G 273 -50.65 -6.15 -39.42
CA ILE G 273 -50.41 -7.44 -38.79
C ILE G 273 -51.58 -7.87 -37.91
N PHE G 274 -52.21 -6.91 -37.23
CA PHE G 274 -53.37 -7.22 -36.41
C PHE G 274 -54.51 -7.58 -37.35
N ALA G 275 -54.49 -6.97 -38.53
CA ALA G 275 -55.45 -7.29 -39.58
C ALA G 275 -55.27 -8.74 -40.02
N ALA G 276 -54.07 -9.05 -40.49
CA ALA G 276 -53.72 -10.39 -40.96
C ALA G 276 -54.11 -11.48 -39.97
N ILE G 277 -53.90 -11.24 -38.68
CA ILE G 277 -54.26 -12.22 -37.66
C ILE G 277 -55.77 -12.40 -37.58
N LEU G 278 -56.51 -11.31 -37.77
CA LEU G 278 -57.97 -11.38 -37.77
C LEU G 278 -58.51 -12.04 -39.04
N LEU G 279 -57.79 -11.93 -40.14
CA LEU G 279 -58.19 -12.63 -41.36
C LEU G 279 -57.81 -14.11 -41.31
N ILE G 280 -56.50 -14.38 -41.20
CA ILE G 280 -55.99 -15.74 -41.10
C ILE G 280 -56.82 -16.61 -40.17
N ILE G 281 -57.40 -15.99 -39.14
CA ILE G 281 -58.17 -16.69 -38.14
C ILE G 281 -59.64 -16.72 -38.53
N PHE G 282 -60.01 -15.80 -39.42
CA PHE G 282 -61.37 -15.72 -39.95
C PHE G 282 -61.64 -16.76 -41.02
N ALA G 283 -60.79 -16.76 -42.06
CA ALA G 283 -60.80 -17.79 -43.10
C ALA G 283 -61.07 -19.17 -42.51
N HIS G 284 -60.35 -19.46 -41.45
CA HIS G 284 -60.36 -20.75 -40.80
C HIS G 284 -61.64 -21.04 -40.02
N HIS G 285 -62.59 -20.10 -40.06
CA HIS G 285 -63.85 -20.29 -39.35
C HIS G 285 -65.05 -19.66 -40.07
N ARG G 286 -64.83 -19.09 -41.25
CA ARG G 286 -65.91 -18.37 -41.94
C ARG G 286 -67.01 -19.36 -42.30
N GLN G 287 -66.64 -20.39 -43.05
CA GLN G 287 -67.61 -21.34 -43.57
C GLN G 287 -68.03 -22.37 -42.53
N ALA G 288 -69.29 -22.77 -42.60
CA ALA G 288 -69.78 -23.91 -41.83
C ALA G 288 -69.20 -25.11 -42.56
N ASN G 289 -69.20 -26.27 -41.93
CA ASN G 289 -68.43 -27.47 -42.33
C ASN G 289 -66.94 -27.24 -42.00
N GLY G 290 -66.68 -26.08 -41.39
CA GLY G 290 -65.36 -25.62 -41.02
C GLY G 290 -64.15 -25.98 -41.87
N VAL G 291 -64.32 -26.04 -43.19
CA VAL G 291 -63.19 -26.26 -44.08
C VAL G 291 -62.51 -24.91 -44.16
N GLU G 292 -61.18 -24.89 -44.27
CA GLU G 292 -60.48 -23.63 -44.46
C GLU G 292 -61.07 -22.90 -45.67
N ASP G 293 -61.02 -21.58 -45.63
CA ASP G 293 -61.66 -20.74 -46.64
C ASP G 293 -60.55 -20.21 -47.52
N ASP G 294 -59.88 -21.16 -48.18
CA ASP G 294 -58.76 -20.87 -49.06
C ASP G 294 -59.19 -19.96 -50.21
N LEU G 295 -60.49 -19.72 -50.31
CA LEU G 295 -61.02 -18.79 -51.29
C LEU G 295 -60.72 -17.39 -50.79
N LEU G 296 -60.98 -17.17 -49.50
CA LEU G 296 -60.73 -15.88 -48.84
C LEU G 296 -59.26 -15.54 -48.71
N ILE G 297 -58.49 -16.45 -48.12
CA ILE G 297 -57.04 -16.34 -48.14
C ILE G 297 -56.79 -16.55 -49.61
N GLN G 298 -55.58 -16.24 -50.11
CA GLN G 298 -55.27 -16.35 -51.55
C GLN G 298 -55.74 -15.09 -52.25
N ARG G 299 -56.99 -14.74 -51.99
CA ARG G 299 -57.56 -13.49 -52.46
C ARG G 299 -56.79 -12.38 -51.73
N CYS G 300 -56.45 -12.67 -50.47
CA CYS G 300 -55.74 -11.74 -49.61
C CYS G 300 -54.31 -11.48 -50.06
N ARG G 301 -53.69 -12.50 -50.65
CA ARG G 301 -52.26 -12.51 -50.98
C ARG G 301 -51.72 -11.23 -51.58
N LEU G 302 -52.46 -10.62 -52.50
CA LEU G 302 -52.08 -9.30 -52.99
C LEU G 302 -53.29 -8.35 -52.86
N ALA G 303 -54.27 -8.71 -52.04
CA ALA G 303 -55.31 -7.76 -51.61
C ALA G 303 -54.80 -6.71 -50.63
N PHE G 304 -54.02 -7.13 -49.63
CA PHE G 304 -53.44 -6.18 -48.67
C PHE G 304 -52.54 -5.18 -49.38
N PRO G 305 -51.53 -5.65 -50.14
CA PRO G 305 -50.64 -4.77 -50.89
C PRO G 305 -51.36 -3.72 -51.74
N LEU G 306 -52.64 -3.94 -52.02
CA LEU G 306 -53.44 -2.96 -52.73
C LEU G 306 -54.13 -2.09 -51.67
N GLY G 307 -54.90 -2.74 -50.80
CA GLY G 307 -55.58 -2.10 -49.69
C GLY G 307 -54.70 -1.30 -48.75
N PHE G 308 -53.43 -1.71 -48.64
CA PHE G 308 -52.47 -1.00 -47.81
C PHE G 308 -51.91 0.14 -48.62
N LEU G 309 -51.60 -0.13 -49.89
CA LEU G 309 -51.21 0.95 -50.78
C LEU G 309 -52.41 1.90 -50.96
N ALA G 310 -53.56 1.53 -50.39
CA ALA G 310 -54.71 2.43 -50.33
C ALA G 310 -54.92 3.06 -48.95
N ILE G 311 -55.15 2.26 -47.91
CA ILE G 311 -55.45 2.83 -46.58
C ILE G 311 -54.27 3.64 -46.05
N GLY G 312 -53.10 3.44 -46.64
CA GLY G 312 -51.93 4.23 -46.30
C GLY G 312 -51.66 5.39 -47.24
N CYS G 313 -52.19 5.30 -48.46
CA CYS G 313 -51.98 6.35 -49.45
C CYS G 313 -52.76 7.62 -49.16
N VAL G 314 -53.60 7.57 -48.12
CA VAL G 314 -54.39 8.72 -47.75
C VAL G 314 -53.73 9.32 -46.51
N LEU G 315 -52.94 10.38 -46.71
CA LEU G 315 -52.36 11.12 -45.60
C LEU G 315 -52.18 12.61 -45.97
N VAL G 316 -51.07 13.22 -45.54
CA VAL G 316 -50.77 14.66 -45.73
C VAL G 316 -51.62 15.46 -44.74
N ILE G 317 -51.22 16.71 -44.50
CA ILE G 317 -51.94 17.58 -43.55
C ILE G 317 -53.07 18.25 -44.32
N ARG H 10 5.89 49.47 -40.12
CA ARG H 10 4.88 50.15 -39.31
C ARG H 10 3.93 49.21 -38.58
N PRO H 11 3.52 48.11 -39.23
CA PRO H 11 2.62 47.19 -38.51
C PRO H 11 3.40 46.43 -37.44
N VAL H 12 2.73 46.00 -36.37
CA VAL H 12 3.43 45.23 -35.36
C VAL H 12 3.63 43.81 -35.85
N ASP H 13 4.85 43.31 -35.71
CA ASP H 13 5.13 41.93 -36.06
C ASP H 13 4.91 41.06 -34.84
N VAL H 14 3.99 40.11 -34.98
CA VAL H 14 3.72 39.12 -33.94
C VAL H 14 4.04 37.72 -34.44
N SER H 15 4.97 37.06 -33.76
CA SER H 15 5.30 35.68 -34.06
C SER H 15 4.63 34.77 -33.04
N VAL H 16 3.90 33.78 -33.53
CA VAL H 16 3.09 32.92 -32.68
C VAL H 16 3.66 31.50 -32.68
N SER H 17 3.60 30.83 -31.53
CA SER H 17 3.86 29.40 -31.43
C SER H 17 2.70 28.68 -30.74
N ILE H 18 2.21 27.61 -31.37
CA ILE H 18 1.11 26.80 -30.84
C ILE H 18 1.55 25.36 -30.54
N PHE H 19 1.56 25.02 -29.26
CA PHE H 19 1.85 23.66 -28.81
C PHE H 19 0.57 22.85 -28.61
N ILE H 20 0.48 21.65 -29.19
CA ILE H 20 -0.72 20.82 -29.09
C ILE H 20 -0.50 19.59 -28.21
N ASN H 21 -1.29 19.50 -27.13
CA ASN H 21 -1.18 18.42 -26.17
C ASN H 21 -2.05 17.21 -26.49
N LYS H 22 -3.29 17.50 -26.87
CA LYS H 22 -4.30 16.47 -27.03
C LYS H 22 -5.39 16.97 -27.96
N ILE H 23 -5.69 16.18 -28.98
CA ILE H 23 -6.86 16.40 -29.82
C ILE H 23 -7.80 15.25 -29.54
N TYR H 24 -8.99 15.57 -29.04
CA TYR H 24 -9.96 14.56 -28.65
C TYR H 24 -11.39 15.05 -28.76
N GLY H 25 -12.33 14.18 -28.44
CA GLY H 25 -13.71 14.57 -28.28
C GLY H 25 -14.41 15.02 -29.54
N VAL H 26 -14.17 14.32 -30.64
CA VAL H 26 -14.86 14.61 -31.89
C VAL H 26 -16.37 14.45 -31.70
N ASN H 27 -17.12 15.49 -32.05
CA ASN H 27 -18.57 15.41 -32.08
C ASN H 27 -18.96 15.43 -33.55
N THR H 28 -19.45 14.29 -34.03
CA THR H 28 -19.69 14.12 -35.46
C THR H 28 -20.76 15.04 -36.01
N LEU H 29 -21.89 15.12 -35.31
CA LEU H 29 -23.05 15.83 -35.83
C LEU H 29 -22.83 17.34 -35.80
N GLU H 30 -22.17 17.83 -34.75
CA GLU H 30 -21.84 19.24 -34.66
C GLU H 30 -20.60 19.59 -35.49
N GLN H 31 -19.83 18.57 -35.88
CA GLN H 31 -18.56 18.78 -36.58
C GLN H 31 -17.63 19.68 -35.77
N THR H 32 -17.24 19.16 -34.62
CA THR H 32 -16.38 19.88 -33.69
C THR H 32 -15.41 18.88 -33.08
N TYR H 33 -14.37 19.39 -32.43
CA TYR H 33 -13.42 18.54 -31.74
C TYR H 33 -12.69 19.38 -30.70
N LYS H 34 -12.09 18.73 -29.70
CA LYS H 34 -11.47 19.44 -28.60
C LYS H 34 -9.96 19.47 -28.71
N VAL H 35 -9.38 20.60 -28.32
CA VAL H 35 -7.93 20.79 -28.39
C VAL H 35 -7.41 21.48 -27.15
N ASP H 36 -6.41 20.85 -26.53
CA ASP H 36 -5.74 21.40 -25.36
C ASP H 36 -4.34 21.74 -25.82
N GLY H 37 -3.85 22.92 -25.44
CA GLY H 37 -2.54 23.34 -25.85
C GLY H 37 -2.15 24.67 -25.25
N TYR H 38 -0.96 25.14 -25.61
CA TYR H 38 -0.53 26.46 -25.20
C TYR H 38 -0.43 27.33 -26.44
N ILE H 39 -0.49 28.64 -26.22
CA ILE H 39 -0.31 29.59 -27.30
C ILE H 39 0.69 30.62 -26.82
N VAL H 40 1.61 30.97 -27.69
CA VAL H 40 2.63 31.94 -27.37
C VAL H 40 2.69 32.95 -28.48
N ALA H 41 2.69 34.22 -28.09
CA ALA H 41 2.81 35.31 -29.03
C ALA H 41 3.89 36.24 -28.52
N GLN H 42 4.77 36.62 -29.42
CA GLN H 42 5.87 37.51 -29.12
C GLN H 42 5.78 38.69 -30.05
N TRP H 43 6.09 39.85 -29.49
CA TRP H 43 6.18 41.05 -30.27
C TRP H 43 7.14 41.96 -29.57
N THR H 44 7.69 42.91 -30.31
CA THR H 44 8.70 43.79 -29.77
C THR H 44 8.09 45.17 -29.78
N GLY H 45 8.27 45.87 -28.68
CA GLY H 45 7.60 47.13 -28.46
C GLY H 45 8.45 48.18 -27.77
N LYS H 46 7.73 49.12 -27.16
CA LYS H 46 8.31 50.12 -26.29
C LYS H 46 9.34 49.55 -25.30
N PRO H 47 10.58 50.06 -25.34
CA PRO H 47 11.57 49.62 -24.35
C PRO H 47 11.09 49.91 -22.93
N ARG H 48 11.73 49.31 -21.93
CA ARG H 48 11.11 49.23 -20.61
C ARG H 48 12.02 49.13 -19.41
N LYS H 49 11.50 49.68 -18.32
CA LYS H 49 12.11 49.67 -17.01
C LYS H 49 11.66 48.42 -16.25
N THR H 50 12.58 47.51 -15.96
CA THR H 50 12.24 46.31 -15.20
C THR H 50 13.05 46.25 -13.90
N PRO H 51 12.54 45.51 -12.89
CA PRO H 51 13.39 45.21 -11.73
C PRO H 51 14.60 44.38 -12.15
N GLY H 52 15.81 44.78 -11.76
CA GLY H 52 17.00 44.24 -12.36
C GLY H 52 16.99 44.60 -13.85
N ASP H 53 17.96 44.09 -14.60
CA ASP H 53 17.86 44.18 -16.06
C ASP H 53 17.39 42.81 -16.56
N LYS H 54 16.72 42.10 -15.65
CA LYS H 54 16.14 40.80 -15.95
C LYS H 54 14.73 40.93 -16.48
N PRO H 55 14.31 40.00 -17.34
CA PRO H 55 12.96 40.15 -17.89
C PRO H 55 11.96 39.99 -16.77
N LEU H 56 10.74 40.52 -16.92
CA LEU H 56 9.78 40.48 -15.83
C LEU H 56 8.59 39.58 -16.13
N ILE H 57 8.18 38.84 -15.10
CA ILE H 57 7.06 37.93 -15.20
C ILE H 57 5.81 38.51 -14.54
N VAL H 58 4.69 38.38 -15.24
CA VAL H 58 3.42 38.91 -14.79
C VAL H 58 2.38 37.82 -14.98
N GLU H 59 1.81 37.32 -13.90
CA GLU H 59 0.94 36.15 -13.98
C GLU H 59 -0.52 36.48 -13.73
N ASN H 60 -1.37 35.92 -14.59
CA ASN H 60 -2.82 35.93 -14.44
C ASN H 60 -3.44 37.28 -14.06
N THR H 61 -3.92 37.41 -12.83
CA THR H 61 -4.72 38.57 -12.45
C THR H 61 -3.96 39.88 -12.61
N GLN H 62 -2.64 39.80 -12.60
CA GLN H 62 -1.81 41.00 -12.67
C GLN H 62 -1.73 41.53 -14.10
N ILE H 63 -1.92 40.65 -15.08
CA ILE H 63 -1.88 41.07 -16.48
C ILE H 63 -2.93 42.14 -16.72
N GLU H 64 -4.11 41.96 -16.14
CA GLU H 64 -5.19 42.91 -16.31
C GLU H 64 -4.81 44.30 -15.84
N ARG H 65 -4.17 44.35 -14.68
CA ARG H 65 -3.77 45.61 -14.09
C ARG H 65 -2.73 46.31 -14.97
N TRP H 66 -1.79 45.55 -15.54
CA TRP H 66 -0.81 46.12 -16.46
C TRP H 66 -1.47 46.69 -17.70
N ILE H 67 -2.56 46.05 -18.10
CA ILE H 67 -3.32 46.49 -19.25
C ILE H 67 -4.06 47.76 -18.93
N ASN H 68 -4.47 47.89 -17.67
CA ASN H 68 -5.19 49.08 -17.26
C ASN H 68 -4.29 50.31 -17.20
N ASN H 69 -3.02 50.12 -16.93
CA ASN H 69 -2.05 51.22 -16.99
C ASN H 69 -1.51 51.38 -18.40
N GLY H 70 -2.20 50.76 -19.35
CA GLY H 70 -1.92 50.98 -20.76
C GLY H 70 -0.86 50.11 -21.39
N LEU H 71 -0.72 48.86 -20.93
CA LEU H 71 0.12 47.90 -21.63
C LEU H 71 -0.64 47.40 -22.84
N TRP H 72 -0.01 47.42 -24.01
CA TRP H 72 -0.69 46.98 -25.22
C TRP H 72 -0.65 45.47 -25.33
N VAL H 73 -1.83 44.85 -25.18
CA VAL H 73 -1.95 43.41 -25.35
C VAL H 73 -3.12 43.04 -26.29
N PRO H 74 -2.81 42.70 -27.55
CA PRO H 74 -3.87 42.45 -28.54
C PRO H 74 -4.68 41.18 -28.24
N ALA H 75 -5.80 41.03 -28.92
CA ALA H 75 -6.74 39.94 -28.67
C ALA H 75 -6.24 38.56 -29.09
N LEU H 76 -6.31 38.32 -30.39
CA LEU H 76 -6.10 36.99 -30.98
C LEU H 76 -7.25 36.08 -30.59
N GLU H 77 -8.06 35.79 -31.61
CA GLU H 77 -9.27 35.03 -31.47
C GLU H 77 -9.14 33.75 -32.27
N PHE H 78 -9.59 32.64 -31.71
CA PHE H 78 -9.68 31.42 -32.49
C PHE H 78 -10.92 31.53 -33.37
N ILE H 79 -10.70 31.77 -34.65
CA ILE H 79 -11.77 32.00 -35.61
C ILE H 79 -12.81 30.88 -35.57
N ASN H 80 -12.34 29.65 -35.45
CA ASN H 80 -13.22 28.50 -35.59
C ASN H 80 -13.51 27.81 -34.25
N VAL H 81 -13.33 28.54 -33.15
CA VAL H 81 -13.73 28.02 -31.85
C VAL H 81 -15.24 28.05 -31.73
N VAL H 82 -15.77 27.25 -30.81
CA VAL H 82 -17.20 27.19 -30.55
C VAL H 82 -17.45 27.51 -29.08
N GLY H 83 -17.74 28.78 -28.81
CA GLY H 83 -17.91 29.26 -27.45
C GLY H 83 -16.58 29.70 -26.89
N SER H 84 -16.61 30.66 -25.97
CA SER H 84 -15.38 31.19 -25.40
C SER H 84 -14.61 30.02 -24.77
N PRO H 85 -13.38 29.77 -25.24
CA PRO H 85 -12.60 28.61 -24.81
C PRO H 85 -12.12 28.69 -23.37
N ASP H 86 -11.80 27.53 -22.79
CA ASP H 86 -11.32 27.46 -21.42
C ASP H 86 -9.84 27.82 -21.36
N THR H 87 -9.54 28.97 -20.75
CA THR H 87 -8.17 29.46 -20.59
C THR H 87 -7.61 29.23 -19.20
N GLY H 88 -6.46 28.57 -19.15
CA GLY H 88 -5.75 28.34 -17.90
C GLY H 88 -4.96 29.56 -17.44
N ASN H 89 -3.67 29.35 -17.21
CA ASN H 89 -2.81 30.41 -16.73
C ASN H 89 -2.42 31.32 -17.86
N LYS H 90 -2.25 32.60 -17.55
CA LYS H 90 -1.79 33.56 -18.53
C LYS H 90 -0.46 34.05 -17.99
N ARG H 91 0.46 34.39 -18.88
CA ARG H 91 1.75 34.92 -18.48
C ARG H 91 2.20 35.98 -19.45
N LEU H 92 2.69 37.08 -18.90
CA LEU H 92 3.40 38.08 -19.68
C LEU H 92 4.87 38.06 -19.24
N MET H 93 5.77 37.91 -20.20
CA MET H 93 7.18 38.15 -19.93
C MET H 93 7.56 39.48 -20.55
N LEU H 94 7.84 40.46 -19.70
CA LEU H 94 8.16 41.80 -20.15
C LEU H 94 9.67 41.99 -20.14
N PHE H 95 10.25 42.12 -21.33
CA PHE H 95 11.69 42.34 -21.47
C PHE H 95 12.04 43.82 -21.42
N PRO H 96 13.25 44.14 -20.97
CA PRO H 96 13.65 45.55 -20.88
C PRO H 96 13.97 46.12 -22.25
N ASP H 97 14.45 45.27 -23.15
CA ASP H 97 14.82 45.71 -24.50
C ASP H 97 13.60 45.84 -25.41
N GLY H 98 12.44 46.10 -24.80
CA GLY H 98 11.21 46.36 -25.56
C GLY H 98 10.20 45.23 -25.66
N ARG H 99 10.68 44.02 -25.84
CA ARG H 99 9.81 42.94 -26.27
C ARG H 99 9.01 42.32 -25.14
N VAL H 100 8.05 41.49 -25.54
CA VAL H 100 6.95 41.09 -24.69
C VAL H 100 6.48 39.73 -25.18
N ILE H 101 6.34 38.78 -24.28
CA ILE H 101 5.88 37.46 -24.67
C ILE H 101 4.69 37.10 -23.82
N TYR H 102 3.61 36.75 -24.52
CA TYR H 102 2.39 36.31 -23.90
C TYR H 102 2.23 34.82 -24.06
N ASN H 103 2.09 34.13 -22.92
CA ASN H 103 1.99 32.68 -22.89
C ASN H 103 0.75 32.25 -22.12
N ALA H 104 -0.10 31.47 -22.77
CA ALA H 104 -1.31 30.99 -22.12
C ALA H 104 -1.70 29.59 -22.57
N ARG H 105 -2.30 28.85 -21.66
CA ARG H 105 -2.83 27.52 -21.94
C ARG H 105 -4.30 27.63 -22.27
N PHE H 106 -4.78 26.74 -23.14
CA PHE H 106 -6.16 26.79 -23.57
C PHE H 106 -6.74 25.41 -23.85
N LEU H 107 -8.03 25.29 -23.56
CA LEU H 107 -8.82 24.14 -23.99
C LEU H 107 -10.04 24.69 -24.71
N GLY H 108 -10.25 24.25 -25.94
CA GLY H 108 -11.33 24.79 -26.74
C GLY H 108 -11.95 23.74 -27.63
N SER H 109 -13.20 23.99 -28.02
CA SER H 109 -13.90 23.12 -28.95
C SER H 109 -13.95 23.83 -30.29
N PHE H 110 -13.32 23.23 -31.29
CA PHE H 110 -13.11 23.88 -32.58
C PHE H 110 -13.94 23.24 -33.67
N SER H 111 -14.25 24.03 -34.70
CA SER H 111 -15.11 23.59 -35.79
C SER H 111 -14.34 23.54 -37.10
N ASN H 112 -14.63 22.49 -37.87
CA ASN H 112 -14.18 22.40 -39.25
C ASN H 112 -15.20 21.54 -39.99
N ASP H 113 -15.19 21.58 -41.31
CA ASP H 113 -16.04 20.68 -42.09
C ASP H 113 -15.48 19.28 -41.98
N MET H 114 -16.36 18.31 -41.79
CA MET H 114 -15.97 16.94 -41.59
C MET H 114 -16.89 15.98 -42.33
N ASP H 115 -16.28 15.25 -43.24
CA ASP H 115 -16.97 14.28 -44.08
C ASP H 115 -16.72 12.88 -43.54
N PHE H 116 -17.75 12.27 -42.98
CA PHE H 116 -17.63 10.99 -42.29
C PHE H 116 -18.22 9.87 -43.15
N ARG H 117 -18.29 10.10 -44.46
CA ARG H 117 -18.96 9.16 -45.35
C ARG H 117 -18.14 7.89 -45.56
N LEU H 118 -16.81 8.03 -45.54
CA LEU H 118 -15.92 6.88 -45.66
C LEU H 118 -15.72 6.17 -44.32
N PHE H 119 -16.53 6.53 -43.34
CA PHE H 119 -16.49 5.90 -42.04
C PHE H 119 -16.65 4.38 -42.19
N PRO H 120 -15.89 3.60 -41.41
CA PRO H 120 -14.91 4.00 -40.40
C PRO H 120 -13.49 4.14 -40.96
N PHE H 121 -13.40 4.43 -42.26
CA PHE H 121 -12.11 4.49 -42.93
C PHE H 121 -11.82 5.90 -43.40
N ASP H 122 -12.31 6.88 -42.64
CA ASP H 122 -12.21 8.28 -43.02
C ASP H 122 -10.95 8.93 -42.47
N ARG H 123 -10.53 9.98 -43.16
CA ARG H 123 -9.42 10.81 -42.73
C ARG H 123 -10.02 12.18 -42.47
N GLN H 124 -9.48 12.87 -41.48
CA GLN H 124 -9.97 14.19 -41.12
C GLN H 124 -8.77 15.09 -40.98
N GLN H 125 -8.98 16.40 -41.01
CA GLN H 125 -7.92 17.30 -40.64
C GLN H 125 -8.40 18.31 -39.63
N PHE H 126 -7.72 18.26 -38.49
CA PHE H 126 -8.00 19.16 -37.39
C PHE H 126 -7.33 20.48 -37.63
N VAL H 127 -8.08 21.54 -37.39
CA VAL H 127 -7.67 22.87 -37.76
C VAL H 127 -7.87 23.89 -36.66
N LEU H 128 -6.86 24.74 -36.53
CA LEU H 128 -6.92 25.96 -35.75
C LEU H 128 -6.76 27.09 -36.73
N GLU H 129 -7.56 28.13 -36.54
CA GLU H 129 -7.45 29.35 -37.33
C GLU H 129 -7.39 30.49 -36.34
N LEU H 130 -6.36 31.33 -36.48
CA LEU H 130 -6.08 32.34 -35.48
C LEU H 130 -5.93 33.69 -36.16
N GLU H 131 -6.55 34.70 -35.57
CA GLU H 131 -6.66 36.00 -36.21
C GLU H 131 -6.89 37.09 -35.17
N PRO H 132 -6.26 38.26 -35.34
CA PRO H 132 -6.48 39.33 -34.36
C PRO H 132 -7.92 39.81 -34.40
N PHE H 133 -8.46 40.24 -33.26
CA PHE H 133 -9.88 40.51 -33.16
C PHE H 133 -10.27 41.90 -33.66
N SER H 134 -9.37 42.86 -33.48
CA SER H 134 -9.67 44.26 -33.74
C SER H 134 -8.68 44.89 -34.72
N TYR H 135 -7.47 44.37 -34.74
CA TYR H 135 -6.37 45.00 -35.48
C TYR H 135 -6.13 44.37 -36.84
N ASN H 136 -6.12 45.22 -37.87
CA ASN H 136 -5.86 44.76 -39.23
C ASN H 136 -4.37 44.56 -39.43
N ASN H 137 -3.98 44.21 -40.65
CA ASN H 137 -2.59 43.90 -40.96
C ASN H 137 -1.68 45.11 -41.06
N GLN H 138 -2.26 46.30 -41.08
CA GLN H 138 -1.46 47.52 -41.13
C GLN H 138 -1.10 47.95 -39.72
N GLN H 139 -1.76 47.33 -38.74
CA GLN H 139 -1.47 47.56 -37.33
C GLN H 139 -0.80 46.36 -36.68
N LEU H 140 -1.30 45.17 -36.98
CA LEU H 140 -0.79 43.94 -36.40
C LEU H 140 -0.66 42.86 -37.47
N ARG H 141 0.55 42.32 -37.59
CA ARG H 141 0.89 41.38 -38.64
C ARG H 141 1.50 40.11 -38.06
N PHE H 142 1.02 38.95 -38.52
CA PHE H 142 1.65 37.69 -38.10
C PHE H 142 2.91 37.46 -38.93
N SER H 143 4.06 37.59 -38.29
CA SER H 143 5.33 37.43 -38.98
C SER H 143 5.59 35.97 -39.37
N ASP H 144 5.43 35.06 -38.41
CA ASP H 144 5.67 33.64 -38.66
C ASP H 144 5.04 32.75 -37.58
N ILE H 145 4.75 31.50 -37.94
CA ILE H 145 4.04 30.56 -37.07
C ILE H 145 4.75 29.21 -36.92
N GLN H 146 5.10 28.86 -35.67
CA GLN H 146 5.54 27.51 -35.33
C GLN H 146 4.45 26.67 -34.65
N VAL H 147 4.42 25.39 -35.01
CA VAL H 147 3.49 24.42 -34.42
C VAL H 147 4.23 23.20 -33.90
N TYR H 148 3.92 22.81 -32.67
CA TYR H 148 4.56 21.66 -32.03
C TYR H 148 3.55 20.64 -31.52
N THR H 149 3.79 19.38 -31.85
CA THR H 149 2.95 18.30 -31.37
C THR H 149 3.83 17.25 -30.72
N GLU H 150 3.23 16.46 -29.85
CA GLU H 150 3.95 15.41 -29.17
C GLU H 150 3.99 14.18 -30.06
N ASN H 151 4.93 13.28 -29.81
CA ASN H 151 5.04 12.05 -30.60
C ASN H 151 4.40 10.87 -29.90
N ILE H 152 3.25 10.46 -30.41
CA ILE H 152 2.43 9.44 -29.79
C ILE H 152 3.04 8.11 -30.20
N ASP H 153 3.47 7.33 -29.21
CA ASP H 153 4.25 6.13 -29.44
C ASP H 153 3.31 4.92 -29.47
N ASN H 154 2.46 4.83 -28.47
CA ASN H 154 1.48 3.75 -28.37
C ASN H 154 0.25 4.09 -29.21
N GLU H 155 0.15 3.54 -30.42
CA GLU H 155 -0.81 4.03 -31.41
C GLU H 155 -2.23 3.48 -31.23
N GLU H 156 -2.36 2.25 -30.74
CA GLU H 156 -3.67 1.66 -30.49
C GLU H 156 -4.41 2.28 -29.32
N ILE H 157 -3.68 2.62 -28.27
CA ILE H 157 -4.23 3.41 -27.17
C ILE H 157 -5.12 4.53 -27.71
N ASP H 158 -4.64 5.22 -28.75
CA ASP H 158 -5.33 6.35 -29.37
C ASP H 158 -6.39 5.98 -30.42
N GLU H 159 -7.51 6.69 -30.39
CA GLU H 159 -8.59 6.50 -31.38
C GLU H 159 -8.23 7.02 -32.76
N TRP H 160 -7.49 8.13 -32.79
CA TRP H 160 -7.06 8.70 -34.05
C TRP H 160 -5.57 8.59 -34.18
N TRP H 161 -5.16 8.37 -35.42
CA TRP H 161 -3.75 8.31 -35.75
C TRP H 161 -3.37 9.61 -36.46
N ILE H 162 -2.50 10.38 -35.83
CA ILE H 162 -2.07 11.64 -36.40
C ILE H 162 -1.05 11.29 -37.47
N ARG H 163 -1.46 11.32 -38.73
CA ARG H 163 -0.57 10.86 -39.80
C ARG H 163 0.04 12.03 -40.57
N GLY H 164 1.00 12.65 -39.89
CA GLY H 164 1.72 13.79 -40.38
C GLY H 164 1.81 14.77 -39.24
N LYS H 165 2.85 15.60 -39.26
CA LYS H 165 2.95 16.72 -38.34
C LYS H 165 2.28 17.92 -38.99
N ALA H 166 2.02 18.95 -38.20
CA ALA H 166 1.12 20.00 -38.65
C ALA H 166 1.66 20.85 -39.79
N SER H 167 0.79 21.06 -40.77
CA SER H 167 1.04 21.98 -41.86
C SER H 167 0.47 23.35 -41.45
N THR H 168 1.25 24.41 -41.66
CA THR H 168 0.83 25.76 -41.26
C THR H 168 0.92 26.78 -42.40
N HIS H 169 0.23 27.90 -42.23
CA HIS H 169 0.06 28.87 -43.30
C HIS H 169 -0.52 30.21 -42.83
N ILE H 170 0.31 31.26 -42.86
CA ILE H 170 -0.19 32.62 -42.66
C ILE H 170 -0.77 33.15 -43.96
N SER H 171 -1.79 33.98 -43.85
CA SER H 171 -2.48 34.50 -45.01
C SER H 171 -3.15 35.81 -44.62
N ASP H 172 -3.86 36.43 -45.56
CA ASP H 172 -4.53 37.71 -45.30
C ASP H 172 -5.97 37.62 -45.76
N ILE H 173 -6.89 38.02 -44.88
CA ILE H 173 -8.31 37.89 -45.13
C ILE H 173 -8.97 39.24 -45.35
N ARG H 174 -9.62 39.41 -46.50
CA ARG H 174 -10.32 40.65 -46.80
C ARG H 174 -11.80 40.43 -46.47
N TYR H 175 -12.32 41.28 -45.59
CA TYR H 175 -13.73 41.22 -45.20
C TYR H 175 -14.47 42.25 -46.04
N ASP H 176 -15.46 41.77 -46.77
CA ASP H 176 -16.13 42.56 -47.79
C ASP H 176 -16.95 43.69 -47.20
N HIS H 177 -17.19 43.65 -45.88
CA HIS H 177 -18.04 44.66 -45.26
C HIS H 177 -17.22 45.46 -44.21
N LEU H 178 -17.77 45.62 -43.01
CA LEU H 178 -17.28 46.54 -41.94
C LEU H 178 -17.15 48.02 -42.36
N SER H 179 -17.40 48.91 -41.40
CA SER H 179 -17.23 50.35 -41.58
C SER H 179 -15.83 50.90 -41.30
N SER H 180 -14.87 50.60 -42.18
CA SER H 180 -13.55 51.21 -42.09
C SER H 180 -13.47 52.42 -43.01
N VAL H 181 -12.87 53.50 -42.54
CA VAL H 181 -12.61 54.66 -43.40
C VAL H 181 -11.40 54.27 -44.23
N GLN H 182 -11.12 54.97 -45.33
CA GLN H 182 -10.08 54.56 -46.30
C GLN H 182 -9.93 53.04 -46.47
N PRO H 183 -10.81 52.43 -47.32
CA PRO H 183 -10.98 50.98 -47.43
C PRO H 183 -9.81 50.20 -48.05
N ASN H 184 -8.73 50.11 -47.28
CA ASN H 184 -7.65 49.14 -47.48
C ASN H 184 -7.19 48.73 -46.08
N GLN H 185 -8.07 48.99 -45.12
CA GLN H 185 -7.88 48.66 -43.73
C GLN H 185 -8.84 47.52 -43.41
N ASN H 186 -9.07 46.68 -44.41
CA ASN H 186 -10.06 45.62 -44.35
C ASN H 186 -9.45 44.23 -44.45
N GLU H 187 -8.13 44.14 -44.26
CA GLU H 187 -7.43 42.86 -44.34
C GLU H 187 -6.75 42.51 -43.02
N PHE H 188 -6.88 41.25 -42.61
CA PHE H 188 -6.37 40.77 -41.33
C PHE H 188 -5.41 39.60 -41.59
N SER H 189 -4.27 39.57 -40.91
CA SER H 189 -3.36 38.43 -41.05
C SER H 189 -3.96 37.27 -40.27
N ARG H 190 -3.96 36.09 -40.88
CA ARG H 190 -4.54 34.90 -40.25
C ARG H 190 -3.60 33.71 -40.32
N ILE H 191 -3.13 33.29 -39.14
CA ILE H 191 -2.49 32.00 -38.99
C ILE H 191 -3.53 30.92 -39.14
N THR H 192 -3.12 29.83 -39.79
CA THR H 192 -3.99 28.68 -39.97
C THR H 192 -3.13 27.44 -39.87
N VAL H 193 -3.59 26.50 -39.05
CA VAL H 193 -2.82 25.30 -38.76
C VAL H 193 -3.69 24.10 -39.08
N ARG H 194 -3.10 23.09 -39.70
CA ARG H 194 -3.85 21.91 -40.11
C ARG H 194 -3.12 20.66 -39.64
N ILE H 195 -3.89 19.65 -39.28
CA ILE H 195 -3.33 18.41 -38.79
C ILE H 195 -4.15 17.26 -39.33
N ASP H 196 -3.53 16.40 -40.13
CA ASP H 196 -4.27 15.31 -40.73
C ASP H 196 -4.22 14.11 -39.80
N ALA H 197 -5.24 13.27 -39.91
CA ALA H 197 -5.35 12.12 -39.04
C ALA H 197 -6.32 11.13 -39.67
N VAL H 198 -6.20 9.88 -39.26
CA VAL H 198 -7.02 8.81 -39.82
C VAL H 198 -7.62 8.01 -38.67
N ARG H 199 -8.75 7.39 -38.93
CA ARG H 199 -9.49 6.71 -37.88
C ARG H 199 -8.93 5.32 -37.65
N ASN H 200 -8.86 4.93 -36.38
CA ASN H 200 -8.44 3.60 -35.96
C ASN H 200 -9.51 2.59 -36.34
N PRO H 201 -9.35 1.91 -37.50
CA PRO H 201 -10.53 1.20 -38.00
C PRO H 201 -10.74 -0.17 -37.38
N SER H 202 -9.89 -0.50 -36.41
CA SER H 202 -9.89 -1.83 -35.81
C SER H 202 -11.23 -2.25 -35.23
N TYR H 203 -11.64 -1.62 -34.14
CA TYR H 203 -12.85 -2.00 -33.42
C TYR H 203 -14.06 -2.25 -34.33
N TYR H 204 -14.23 -1.39 -35.33
CA TYR H 204 -15.43 -1.41 -36.15
C TYR H 204 -15.41 -2.58 -37.13
N LEU H 205 -14.20 -3.02 -37.47
CA LEU H 205 -14.02 -4.15 -38.37
C LEU H 205 -14.40 -5.46 -37.71
N TRP H 206 -13.75 -5.74 -36.58
CA TRP H 206 -13.90 -7.02 -35.92
C TRP H 206 -15.24 -7.17 -35.21
N SER H 207 -15.86 -6.05 -34.83
CA SER H 207 -17.08 -6.11 -34.01
C SER H 207 -18.34 -5.77 -34.80
N PHE H 208 -18.19 -5.14 -35.97
CA PHE H 208 -19.33 -4.85 -36.84
C PHE H 208 -19.20 -5.34 -38.28
N ILE H 209 -18.18 -4.85 -39.00
CA ILE H 209 -18.05 -5.17 -40.42
C ILE H 209 -18.04 -6.69 -40.61
N LEU H 210 -17.19 -7.39 -39.85
CA LEU H 210 -17.03 -8.83 -40.00
C LEU H 210 -18.31 -9.64 -39.66
N PRO H 211 -18.80 -9.60 -38.41
CA PRO H 211 -20.02 -10.36 -38.10
C PRO H 211 -21.21 -10.06 -39.02
N LEU H 212 -21.30 -8.83 -39.51
CA LEU H 212 -22.40 -8.47 -40.39
C LEU H 212 -22.23 -9.22 -41.70
N GLY H 213 -20.97 -9.47 -42.07
CA GLY H 213 -20.66 -10.31 -43.20
C GLY H 213 -21.18 -11.72 -42.96
N LEU H 214 -20.72 -12.33 -41.87
CA LEU H 214 -21.18 -13.66 -41.45
C LEU H 214 -22.70 -13.77 -41.47
N ILE H 215 -23.37 -12.79 -40.89
CA ILE H 215 -24.83 -12.80 -40.84
C ILE H 215 -25.45 -12.73 -42.23
N ILE H 216 -24.88 -11.89 -43.10
CA ILE H 216 -25.40 -11.78 -44.45
C ILE H 216 -25.17 -13.08 -45.20
N ALA H 217 -23.96 -13.62 -45.07
CA ALA H 217 -23.65 -14.94 -45.62
C ALA H 217 -24.62 -15.98 -45.10
N ALA H 218 -24.57 -16.22 -43.79
CA ALA H 218 -25.42 -17.22 -43.14
C ALA H 218 -26.89 -17.07 -43.49
N SER H 219 -27.29 -15.89 -43.94
CA SER H 219 -28.66 -15.68 -44.41
C SER H 219 -28.92 -16.49 -45.68
N TRP H 220 -27.89 -16.68 -46.48
CA TRP H 220 -28.02 -17.34 -47.77
C TRP H 220 -28.31 -18.82 -47.60
N SER H 221 -27.89 -19.37 -46.47
CA SER H 221 -28.14 -20.77 -46.17
C SER H 221 -29.63 -21.05 -45.95
N VAL H 222 -30.48 -20.07 -46.24
CA VAL H 222 -31.92 -20.29 -46.20
C VAL H 222 -32.32 -21.27 -47.30
N PHE H 223 -31.64 -21.20 -48.44
CA PHE H 223 -32.03 -21.97 -49.62
C PHE H 223 -31.81 -23.46 -49.47
N TRP H 224 -30.85 -23.85 -48.64
CA TRP H 224 -30.48 -25.24 -48.50
C TRP H 224 -31.42 -25.97 -47.54
N LEU H 225 -32.48 -25.28 -47.13
CA LEU H 225 -33.56 -25.89 -46.38
C LEU H 225 -34.48 -26.58 -47.38
N GLU H 226 -35.08 -27.71 -47.00
CA GLU H 226 -35.78 -28.54 -47.99
C GLU H 226 -37.19 -28.03 -48.28
N SER H 227 -37.99 -27.85 -47.23
CA SER H 227 -39.38 -27.40 -47.39
C SER H 227 -39.46 -25.95 -47.85
N PHE H 228 -40.65 -25.53 -48.28
CA PHE H 228 -40.91 -24.12 -48.58
C PHE H 228 -41.34 -23.43 -47.30
N SER H 229 -42.20 -24.10 -46.55
CA SER H 229 -42.57 -23.67 -45.20
C SER H 229 -41.31 -23.34 -44.40
N GLU H 230 -40.32 -24.22 -44.49
CA GLU H 230 -39.04 -24.02 -43.83
C GLU H 230 -38.36 -22.71 -44.27
N ARG H 231 -38.32 -22.49 -45.58
CA ARG H 231 -37.56 -21.39 -46.15
C ARG H 231 -38.18 -20.01 -45.87
N LEU H 232 -39.50 -19.93 -45.92
CA LEU H 232 -40.17 -18.64 -45.76
C LEU H 232 -40.22 -18.25 -44.28
N GLN H 233 -40.45 -19.24 -43.42
CA GLN H 233 -40.51 -19.00 -41.98
C GLN H 233 -39.13 -18.65 -41.44
N THR H 234 -38.10 -19.28 -42.00
CA THR H 234 -36.73 -19.02 -41.57
C THR H 234 -36.25 -17.62 -41.94
N SER H 235 -36.70 -17.13 -43.09
CA SER H 235 -36.26 -15.82 -43.57
C SER H 235 -36.73 -14.68 -42.67
N PHE H 236 -37.90 -14.84 -42.06
CA PHE H 236 -38.41 -13.82 -41.14
C PHE H 236 -37.53 -13.69 -39.90
N THR H 237 -36.94 -14.79 -39.47
CA THR H 237 -36.03 -14.77 -38.33
C THR H 237 -34.76 -14.04 -38.71
N LEU H 238 -34.30 -14.26 -39.95
CA LEU H 238 -33.14 -13.56 -40.47
C LEU H 238 -33.44 -12.07 -40.51
N MET H 239 -34.63 -11.74 -40.98
CA MET H 239 -35.10 -10.35 -41.03
C MET H 239 -34.97 -9.67 -39.66
N LEU H 240 -35.64 -10.23 -38.65
CA LEU H 240 -35.50 -9.75 -37.27
C LEU H 240 -34.06 -9.58 -36.81
N THR H 241 -33.20 -10.50 -37.21
CA THR H 241 -31.80 -10.45 -36.82
C THR H 241 -31.13 -9.21 -37.36
N VAL H 242 -31.42 -8.89 -38.61
CA VAL H 242 -30.81 -7.73 -39.26
C VAL H 242 -31.30 -6.45 -38.59
N VAL H 243 -32.57 -6.42 -38.17
CA VAL H 243 -33.10 -5.27 -37.42
C VAL H 243 -32.38 -5.08 -36.09
N ALA H 244 -32.28 -6.16 -35.32
CA ALA H 244 -31.58 -6.11 -34.03
C ALA H 244 -30.15 -5.63 -34.25
N TYR H 245 -29.59 -6.00 -35.39
CA TYR H 245 -28.22 -5.62 -35.71
C TYR H 245 -28.15 -4.14 -36.04
N ALA H 246 -29.16 -3.65 -36.75
CA ALA H 246 -29.25 -2.24 -37.09
C ALA H 246 -29.37 -1.40 -35.83
N PHE H 247 -30.07 -1.96 -34.85
CA PHE H 247 -30.33 -1.29 -33.59
C PHE H 247 -29.02 -1.25 -32.82
N TYR H 248 -28.35 -2.40 -32.77
CA TYR H 248 -27.00 -2.52 -32.25
C TYR H 248 -26.02 -1.57 -32.93
N THR H 249 -25.93 -1.58 -34.26
CA THR H 249 -24.95 -0.72 -34.92
C THR H 249 -25.17 0.76 -34.66
N SER H 250 -26.37 1.24 -34.93
CA SER H 250 -26.67 2.67 -34.88
C SER H 250 -26.58 3.27 -33.47
N ASN H 251 -26.92 2.48 -32.46
CA ASN H 251 -26.93 2.95 -31.08
C ASN H 251 -25.54 3.19 -30.49
N ILE H 252 -24.53 2.53 -31.05
CA ILE H 252 -23.18 2.61 -30.51
C ILE H 252 -22.31 3.41 -31.47
N LEU H 253 -22.72 3.42 -32.75
CA LEU H 253 -22.04 4.18 -33.80
C LEU H 253 -22.33 5.67 -33.80
N PRO H 254 -21.42 6.45 -34.41
CA PRO H 254 -21.58 7.91 -34.42
C PRO H 254 -22.83 8.31 -35.18
N ARG H 255 -23.60 9.23 -34.60
CA ARG H 255 -24.80 9.70 -35.24
C ARG H 255 -24.43 10.64 -36.39
N LEU H 256 -25.13 10.50 -37.51
CA LEU H 256 -24.82 11.26 -38.71
C LEU H 256 -26.06 11.64 -39.50
N PRO H 257 -25.89 12.53 -40.50
CA PRO H 257 -27.00 12.94 -41.37
C PRO H 257 -26.94 12.26 -42.73
N TYR H 258 -26.15 11.20 -42.83
CA TYR H 258 -26.03 10.42 -44.06
C TYR H 258 -25.56 9.00 -43.78
N THR H 259 -25.69 8.15 -44.79
CA THR H 259 -25.36 6.74 -44.63
C THR H 259 -23.85 6.54 -44.73
N THR H 260 -23.31 5.70 -43.86
CA THR H 260 -21.93 5.28 -43.96
C THR H 260 -21.85 3.95 -44.70
N VAL H 261 -20.63 3.46 -44.90
CA VAL H 261 -20.40 2.11 -45.40
C VAL H 261 -21.21 1.09 -44.60
N ILE H 262 -20.96 1.03 -43.30
CA ILE H 262 -21.65 0.11 -42.41
C ILE H 262 -23.16 0.23 -42.56
N ASP H 263 -23.65 1.46 -42.71
CA ASP H 263 -25.08 1.69 -42.86
C ASP H 263 -25.55 1.04 -44.16
N GLN H 264 -24.71 1.05 -45.17
CA GLN H 264 -25.05 0.48 -46.47
C GLN H 264 -25.09 -1.06 -46.41
N MET H 265 -24.07 -1.67 -45.80
CA MET H 265 -24.10 -3.12 -45.56
C MET H 265 -25.41 -3.62 -44.96
N ILE H 266 -25.98 -2.86 -44.03
CA ILE H 266 -27.19 -3.31 -43.35
C ILE H 266 -28.38 -3.27 -44.31
N ILE H 267 -28.42 -2.23 -45.13
CA ILE H 267 -29.45 -2.12 -46.16
C ILE H 267 -29.32 -3.26 -47.16
N ALA H 268 -28.09 -3.64 -47.47
CA ALA H 268 -27.84 -4.79 -48.33
C ALA H 268 -28.46 -6.02 -47.67
N GLY H 269 -28.15 -6.18 -46.38
CA GLY H 269 -28.73 -7.26 -45.60
C GLY H 269 -30.25 -7.25 -45.64
N TYR H 270 -30.86 -6.07 -45.56
CA TYR H 270 -32.32 -5.99 -45.65
C TYR H 270 -32.81 -6.43 -47.01
N GLY H 271 -32.03 -6.11 -48.04
CA GLY H 271 -32.44 -6.38 -49.40
C GLY H 271 -32.24 -7.84 -49.76
N SER H 272 -31.05 -8.35 -49.47
CA SER H 272 -30.73 -9.76 -49.67
C SER H 272 -31.78 -10.68 -49.05
N ILE H 273 -32.39 -10.23 -47.96
CA ILE H 273 -33.38 -11.05 -47.28
C ILE H 273 -34.75 -10.84 -47.92
N PHE H 274 -35.05 -9.62 -48.35
CA PHE H 274 -36.33 -9.39 -49.01
C PHE H 274 -36.35 -10.02 -50.39
N ALA H 275 -35.20 -10.02 -51.06
CA ALA H 275 -35.05 -10.66 -52.36
C ALA H 275 -35.34 -12.15 -52.22
N ALA H 276 -34.59 -12.78 -51.32
CA ALA H 276 -34.74 -14.20 -51.02
C ALA H 276 -36.20 -14.58 -50.81
N ILE H 277 -36.96 -13.73 -50.13
CA ILE H 277 -38.37 -13.99 -49.89
C ILE H 277 -39.17 -13.96 -51.20
N LEU H 278 -38.75 -13.11 -52.14
CA LEU H 278 -39.45 -13.03 -53.42
C LEU H 278 -39.17 -14.27 -54.27
N LEU H 279 -38.00 -14.87 -54.13
CA LEU H 279 -37.69 -16.12 -54.83
C LEU H 279 -38.32 -17.31 -54.14
N ILE H 280 -37.98 -17.49 -52.86
CA ILE H 280 -38.55 -18.57 -52.05
C ILE H 280 -40.04 -18.75 -52.34
N ILE H 281 -40.70 -17.65 -52.64
CA ILE H 281 -42.13 -17.66 -52.89
C ILE H 281 -42.43 -17.76 -54.40
N PHE H 282 -41.46 -17.40 -55.22
CA PHE H 282 -41.57 -17.49 -56.69
C PHE H 282 -41.39 -18.94 -57.11
N ALA H 283 -40.28 -19.53 -56.67
CA ALA H 283 -40.01 -20.96 -56.81
C ALA H 283 -41.27 -21.80 -56.56
N HIS H 284 -41.97 -21.48 -55.48
CA HIS H 284 -43.11 -22.27 -55.04
C HIS H 284 -44.33 -22.11 -55.96
N HIS H 285 -44.19 -21.30 -57.01
CA HIS H 285 -45.29 -21.03 -57.93
C HIS H 285 -44.95 -20.78 -59.41
N ARG H 286 -43.68 -20.83 -59.81
CA ARG H 286 -43.37 -20.38 -61.17
C ARG H 286 -43.96 -21.20 -62.32
N GLN H 287 -43.60 -22.48 -62.42
CA GLN H 287 -43.97 -23.24 -63.61
C GLN H 287 -45.44 -23.62 -63.55
N ALA H 288 -45.98 -24.07 -64.69
CA ALA H 288 -47.36 -24.51 -64.72
C ALA H 288 -47.46 -25.83 -63.96
N ASN H 289 -48.67 -26.13 -63.48
CA ASN H 289 -48.88 -27.22 -62.54
C ASN H 289 -48.09 -26.97 -61.24
N GLY H 290 -48.03 -25.71 -60.85
CA GLY H 290 -47.41 -25.24 -59.62
C GLY H 290 -46.47 -26.10 -58.79
N VAL H 291 -45.52 -26.79 -59.42
CA VAL H 291 -44.59 -27.67 -58.72
C VAL H 291 -43.59 -26.82 -57.93
N GLU H 292 -43.18 -27.26 -56.73
CA GLU H 292 -42.08 -26.55 -56.07
C GLU H 292 -40.99 -26.60 -57.12
N ASP H 293 -40.24 -25.52 -57.25
CA ASP H 293 -39.41 -25.35 -58.43
C ASP H 293 -37.95 -25.37 -58.08
N ASP H 294 -37.52 -26.52 -57.61
CA ASP H 294 -36.14 -26.70 -57.19
C ASP H 294 -35.19 -26.48 -58.38
N LEU H 295 -35.73 -26.26 -59.58
CA LEU H 295 -34.87 -25.94 -60.72
C LEU H 295 -34.30 -24.57 -60.40
N LEU H 296 -35.17 -23.68 -59.94
CA LEU H 296 -34.77 -22.32 -59.56
C LEU H 296 -33.96 -22.24 -58.27
N ILE H 297 -34.47 -22.87 -57.21
CA ILE H 297 -33.74 -22.95 -55.94
C ILE H 297 -32.50 -23.76 -56.26
N GLN H 298 -31.52 -23.79 -55.36
CA GLN H 298 -30.29 -24.55 -55.56
C GLN H 298 -29.43 -23.94 -56.64
N ARG H 299 -30.05 -23.53 -57.73
CA ARG H 299 -29.35 -22.73 -58.71
C ARG H 299 -29.00 -21.46 -57.95
N CYS H 300 -29.92 -21.06 -57.06
CA CYS H 300 -29.79 -19.87 -56.24
C CYS H 300 -28.70 -19.98 -55.16
N ARG H 301 -28.49 -21.18 -54.62
CA ARG H 301 -27.58 -21.41 -53.51
C ARG H 301 -26.24 -20.67 -53.63
N LEU H 302 -25.68 -20.59 -54.83
CA LEU H 302 -24.51 -19.74 -55.06
C LEU H 302 -24.79 -18.75 -56.21
N ALA H 303 -26.06 -18.56 -56.59
CA ALA H 303 -26.41 -17.41 -57.42
C ALA H 303 -26.31 -16.14 -56.60
N PHE H 304 -26.89 -16.15 -55.40
CA PHE H 304 -26.80 -15.01 -54.49
C PHE H 304 -25.39 -14.69 -54.03
N PRO H 305 -24.74 -15.64 -53.32
CA PRO H 305 -23.38 -15.34 -52.86
C PRO H 305 -22.44 -14.89 -53.99
N LEU H 306 -22.81 -15.12 -55.25
CA LEU H 306 -22.05 -14.58 -56.37
C LEU H 306 -22.66 -13.25 -56.84
N GLY H 307 -23.93 -13.30 -57.24
CA GLY H 307 -24.65 -12.12 -57.71
C GLY H 307 -24.64 -10.95 -56.74
N PHE H 308 -24.52 -11.26 -55.45
CA PHE H 308 -24.50 -10.26 -54.39
C PHE H 308 -23.07 -9.75 -54.22
N LEU H 309 -22.11 -10.67 -54.19
CA LEU H 309 -20.70 -10.32 -54.16
C LEU H 309 -20.22 -9.70 -55.48
N ALA H 310 -21.13 -9.55 -56.43
CA ALA H 310 -20.85 -8.84 -57.68
C ALA H 310 -21.43 -7.42 -57.67
N ILE H 311 -22.75 -7.31 -57.52
CA ILE H 311 -23.44 -6.03 -57.58
C ILE H 311 -23.01 -5.09 -56.44
N GLY H 312 -22.40 -5.66 -55.42
CA GLY H 312 -21.83 -4.91 -54.31
C GLY H 312 -20.34 -4.66 -54.45
N CYS H 313 -19.70 -5.43 -55.30
CA CYS H 313 -18.25 -5.35 -55.50
C CYS H 313 -17.79 -4.06 -56.18
N VAL H 314 -18.75 -3.24 -56.59
CA VAL H 314 -18.46 -2.03 -57.35
C VAL H 314 -18.62 -0.69 -56.60
N LEU H 315 -18.33 -0.65 -55.30
CA LEU H 315 -18.27 0.65 -54.63
C LEU H 315 -16.87 1.23 -54.66
N VAL H 316 -16.77 2.38 -55.32
CA VAL H 316 -15.55 3.14 -55.41
C VAL H 316 -16.03 4.59 -55.46
N ILE H 317 -17.00 4.89 -54.60
CA ILE H 317 -17.64 6.20 -54.56
C ILE H 317 -16.87 7.13 -53.63
N ARG I 10 20.64 29.86 -6.01
CA ARG I 10 19.88 31.11 -6.00
C ARG I 10 18.35 30.88 -6.02
N PRO I 11 17.85 29.81 -6.67
CA PRO I 11 16.38 29.66 -6.73
C PRO I 11 15.64 29.35 -5.45
N VAL I 12 14.35 29.67 -5.47
CA VAL I 12 13.46 29.44 -4.34
C VAL I 12 13.13 27.97 -4.23
N ASP I 13 13.22 27.44 -3.01
CA ASP I 13 12.84 26.05 -2.76
C ASP I 13 11.37 26.02 -2.39
N VAL I 14 10.58 25.26 -3.15
CA VAL I 14 9.17 25.09 -2.88
C VAL I 14 8.93 23.63 -2.51
N SER I 15 8.39 23.42 -1.32
CA SER I 15 8.03 22.10 -0.85
C SER I 15 6.54 21.90 -1.04
N VAL I 16 6.17 20.82 -1.73
CA VAL I 16 4.80 20.58 -2.11
C VAL I 16 4.26 19.38 -1.33
N SER I 17 3.02 19.50 -0.86
CA SER I 17 2.31 18.36 -0.30
C SER I 17 0.95 18.24 -0.98
N ILE I 18 0.68 17.04 -1.50
CA ILE I 18 -0.56 16.76 -2.21
C ILE I 18 -1.39 15.67 -1.51
N PHE I 19 -2.53 16.07 -0.95
CA PHE I 19 -3.46 15.10 -0.38
C PHE I 19 -4.48 14.68 -1.44
N ILE I 20 -4.67 13.38 -1.61
CA ILE I 20 -5.61 12.85 -2.60
C ILE I 20 -6.80 12.21 -1.90
N ASN I 21 -8.00 12.75 -2.12
CA ASN I 21 -9.22 12.25 -1.47
C ASN I 21 -9.95 11.16 -2.25
N LYS I 22 -10.00 11.33 -3.56
CA LYS I 22 -10.91 10.54 -4.38
C LYS I 22 -10.39 10.49 -5.80
N ILE I 23 -10.24 9.27 -6.34
CA ILE I 23 -10.01 9.11 -7.76
C ILE I 23 -11.21 8.37 -8.35
N TYR I 24 -11.88 9.03 -9.29
CA TYR I 24 -13.13 8.53 -9.84
C TYR I 24 -13.38 8.97 -11.27
N GLY I 25 -14.45 8.46 -11.87
CA GLY I 25 -14.92 8.97 -13.15
C GLY I 25 -13.97 8.75 -14.31
N VAL I 26 -13.36 7.57 -14.40
CA VAL I 26 -12.52 7.27 -15.55
C VAL I 26 -13.35 7.38 -16.81
N ASN I 27 -12.85 8.15 -17.76
CA ASN I 27 -13.44 8.23 -19.08
C ASN I 27 -12.47 7.49 -19.98
N THR I 28 -12.92 6.33 -20.43
CA THR I 28 -12.07 5.42 -21.18
C THR I 28 -11.61 6.02 -22.50
N LEU I 29 -12.55 6.61 -23.22
CA LEU I 29 -12.26 7.05 -24.57
C LEU I 29 -11.42 8.33 -24.56
N GLU I 30 -11.73 9.26 -23.63
CA GLU I 30 -10.94 10.47 -23.52
C GLU I 30 -9.63 10.17 -22.80
N GLN I 31 -9.57 9.01 -22.14
CA GLN I 31 -8.41 8.62 -21.34
C GLN I 31 -8.12 9.67 -20.29
N THR I 32 -9.08 9.80 -19.37
CA THR I 32 -9.02 10.78 -18.30
C THR I 32 -9.62 10.18 -17.04
N TYR I 33 -9.44 10.88 -15.94
CA TYR I 33 -10.01 10.48 -14.66
C TYR I 33 -10.13 11.73 -13.82
N LYS I 34 -10.99 11.69 -12.81
CA LYS I 34 -11.21 12.85 -11.96
C LYS I 34 -10.48 12.66 -10.66
N VAL I 35 -9.90 13.73 -10.14
CA VAL I 35 -9.14 13.68 -8.91
C VAL I 35 -9.48 14.85 -8.01
N ASP I 36 -9.93 14.53 -6.79
CA ASP I 36 -10.24 15.52 -5.78
C ASP I 36 -9.24 15.40 -4.66
N GLY I 37 -8.69 16.53 -4.22
CA GLY I 37 -7.68 16.54 -3.20
C GLY I 37 -7.27 17.93 -2.79
N TYR I 38 -6.30 18.02 -1.90
CA TYR I 38 -5.71 19.30 -1.54
C TYR I 38 -4.28 19.36 -2.03
N ILE I 39 -3.78 20.58 -2.17
CA ILE I 39 -2.41 20.83 -2.54
C ILE I 39 -1.85 21.88 -1.60
N VAL I 40 -0.63 21.66 -1.13
CA VAL I 40 0.01 22.58 -0.21
C VAL I 40 1.41 22.89 -0.71
N ALA I 41 1.78 24.18 -0.72
CA ALA I 41 3.11 24.59 -1.15
C ALA I 41 3.72 25.55 -0.13
N GLN I 42 4.98 25.31 0.20
CA GLN I 42 5.69 26.09 1.22
C GLN I 42 6.99 26.65 0.67
N TRP I 43 7.29 27.90 1.05
CA TRP I 43 8.56 28.52 0.68
C TRP I 43 8.85 29.68 1.64
N THR I 44 10.10 30.12 1.68
CA THR I 44 10.51 31.18 2.62
C THR I 44 11.03 32.42 1.89
N GLY I 45 10.71 33.61 2.42
CA GLY I 45 11.13 34.85 1.80
C GLY I 45 11.61 35.82 2.87
N LYS I 46 11.82 37.08 2.50
CA LYS I 46 12.16 38.10 3.50
C LYS I 46 11.11 38.11 4.62
N PRO I 47 11.54 38.03 5.89
CA PRO I 47 10.59 38.05 7.00
C PRO I 47 9.68 39.27 7.02
N ARG I 48 8.65 39.24 7.86
CA ARG I 48 7.52 40.13 7.69
C ARG I 48 6.91 40.36 9.08
N LYS I 49 6.34 41.55 9.27
CA LYS I 49 5.67 41.88 10.53
C LYS I 49 4.18 41.51 10.48
N THR I 50 3.76 40.61 11.36
CA THR I 50 2.38 40.16 11.44
C THR I 50 1.77 40.63 12.76
N PRO I 51 0.43 40.70 12.85
CA PRO I 51 -0.19 40.93 14.16
C PRO I 51 0.15 39.82 15.16
N GLY I 52 0.62 40.21 16.34
CA GLY I 52 1.23 39.24 17.24
C GLY I 52 2.42 38.62 16.56
N ASP I 53 3.03 37.62 17.19
CA ASP I 53 3.97 36.79 16.47
C ASP I 53 3.12 35.56 16.15
N LYS I 54 1.78 35.77 16.09
CA LYS I 54 0.88 34.70 15.69
C LYS I 54 0.98 34.76 14.19
N PRO I 55 1.07 33.61 13.52
CA PRO I 55 1.25 33.67 12.07
C PRO I 55 -0.05 34.15 11.43
N LEU I 56 -0.02 34.62 10.20
CA LEU I 56 -1.23 35.20 9.62
C LEU I 56 -1.88 34.36 8.53
N ILE I 57 -3.19 34.20 8.68
CA ILE I 57 -4.02 33.46 7.74
C ILE I 57 -4.83 34.42 6.88
N VAL I 58 -4.82 34.14 5.58
CA VAL I 58 -5.49 34.97 4.58
C VAL I 58 -6.29 34.08 3.63
N GLU I 59 -7.60 34.28 3.62
CA GLU I 59 -8.50 33.35 2.94
C GLU I 59 -9.09 33.88 1.64
N ASN I 60 -9.11 33.01 0.64
CA ASN I 60 -9.81 33.24 -0.62
C ASN I 60 -9.57 34.62 -1.25
N THR I 61 -10.58 35.48 -1.22
CA THR I 61 -10.53 36.74 -1.96
C THR I 61 -9.41 37.67 -1.51
N GLN I 62 -8.97 37.51 -0.27
CA GLN I 62 -8.00 38.43 0.31
C GLN I 62 -6.61 38.17 -0.22
N ILE I 63 -6.38 36.94 -0.69
CA ILE I 63 -5.10 36.56 -1.27
C ILE I 63 -4.77 37.48 -2.43
N GLU I 64 -5.78 37.77 -3.24
CA GLU I 64 -5.59 38.57 -4.42
C GLU I 64 -5.06 39.95 -4.02
N ARG I 65 -5.60 40.51 -2.94
CA ARG I 65 -5.15 41.81 -2.45
C ARG I 65 -3.68 41.78 -2.05
N TRP I 66 -3.25 40.71 -1.37
CA TRP I 66 -1.85 40.61 -0.98
C TRP I 66 -0.94 40.49 -2.18
N ILE I 67 -1.45 39.84 -3.22
CA ILE I 67 -0.70 39.62 -4.45
C ILE I 67 -0.55 40.95 -5.15
N ASN I 68 -1.55 41.80 -4.95
CA ASN I 68 -1.58 43.13 -5.55
C ASN I 68 -0.56 44.08 -4.96
N ASN I 69 -0.24 43.92 -3.68
CA ASN I 69 0.81 44.70 -3.03
C ASN I 69 2.16 44.02 -3.19
N GLY I 70 2.22 43.07 -4.11
CA GLY I 70 3.46 42.44 -4.53
C GLY I 70 3.88 41.23 -3.71
N LEU I 71 2.90 40.49 -3.17
CA LEU I 71 3.20 39.19 -2.61
C LEU I 71 3.35 38.18 -3.74
N TRP I 72 4.46 37.47 -3.71
CA TRP I 72 4.79 36.48 -4.70
C TRP I 72 4.12 35.15 -4.36
N VAL I 73 3.15 34.75 -5.17
CA VAL I 73 2.53 33.43 -5.08
C VAL I 73 2.60 32.86 -6.49
N PRO I 74 3.58 31.96 -6.73
CA PRO I 74 3.91 31.51 -8.08
C PRO I 74 2.80 30.66 -8.71
N ALA I 75 2.95 30.37 -10.00
CA ALA I 75 1.87 29.75 -10.75
C ALA I 75 1.57 28.32 -10.29
N LEU I 76 2.37 27.37 -10.75
CA LEU I 76 2.14 25.93 -10.54
C LEU I 76 0.91 25.44 -11.29
N GLU I 77 1.18 24.68 -12.34
CA GLU I 77 0.18 24.18 -13.27
C GLU I 77 0.15 22.66 -13.23
N PHE I 78 -1.04 22.06 -13.22
CA PHE I 78 -1.14 20.62 -13.41
C PHE I 78 -0.95 20.36 -14.90
N ILE I 79 0.23 19.90 -15.29
CA ILE I 79 0.56 19.68 -16.69
C ILE I 79 -0.45 18.82 -17.43
N ASN I 80 -0.94 17.76 -16.78
CA ASN I 80 -1.72 16.76 -17.48
C ASN I 80 -3.20 16.85 -17.15
N VAL I 81 -3.62 17.99 -16.62
CA VAL I 81 -5.04 18.26 -16.41
C VAL I 81 -5.71 18.65 -17.73
N VAL I 82 -7.03 18.55 -17.76
CA VAL I 82 -7.85 18.93 -18.91
C VAL I 82 -8.83 20.04 -18.60
N GLY I 83 -8.41 21.28 -18.88
CA GLY I 83 -9.22 22.44 -18.60
C GLY I 83 -8.98 22.94 -17.19
N SER I 84 -9.23 24.23 -16.97
CA SER I 84 -8.99 24.83 -15.67
C SER I 84 -9.74 24.04 -14.62
N PRO I 85 -9.01 23.46 -13.65
CA PRO I 85 -9.67 22.64 -12.64
C PRO I 85 -10.49 23.46 -11.65
N ASP I 86 -11.46 22.83 -10.99
CA ASP I 86 -12.31 23.52 -10.03
C ASP I 86 -11.57 23.68 -8.71
N THR I 87 -11.26 24.92 -8.37
CA THR I 87 -10.57 25.22 -7.13
C THR I 87 -11.55 25.69 -6.05
N GLY I 88 -11.53 25.00 -4.91
CA GLY I 88 -12.37 25.37 -3.79
C GLY I 88 -11.78 26.54 -3.03
N ASN I 89 -11.58 26.36 -1.73
CA ASN I 89 -11.07 27.43 -0.88
C ASN I 89 -9.57 27.59 -1.07
N LYS I 90 -9.09 28.82 -0.97
CA LYS I 90 -7.67 29.12 -1.06
C LYS I 90 -7.23 29.68 0.27
N ARG I 91 -5.97 29.45 0.63
CA ARG I 91 -5.44 29.99 1.88
C ARG I 91 -3.97 30.33 1.76
N LEU I 92 -3.60 31.49 2.31
CA LEU I 92 -2.20 31.81 2.55
C LEU I 92 -1.94 31.84 4.05
N MET I 93 -0.92 31.10 4.48
CA MET I 93 -0.39 31.25 5.82
C MET I 93 0.93 31.98 5.77
N LEU I 94 0.93 33.22 6.27
CA LEU I 94 2.12 34.03 6.30
C LEU I 94 2.73 33.96 7.67
N PHE I 95 3.91 33.36 7.76
CA PHE I 95 4.61 33.30 9.03
C PHE I 95 5.47 34.55 9.13
N PRO I 96 5.73 35.03 10.36
CA PRO I 96 6.50 36.25 10.56
C PRO I 96 7.98 36.00 10.32
N ASP I 97 8.38 34.76 10.58
CA ASP I 97 9.77 34.35 10.45
C ASP I 97 10.15 34.03 9.00
N GLY I 98 9.45 34.65 8.05
CA GLY I 98 9.77 34.52 6.64
C GLY I 98 8.91 33.59 5.80
N ARG I 99 8.56 32.42 6.34
CA ARG I 99 8.00 31.38 5.49
C ARG I 99 6.52 31.61 5.22
N VAL I 100 6.00 30.87 4.25
CA VAL I 100 4.74 31.19 3.60
C VAL I 100 4.15 29.89 3.06
N ILE I 101 2.88 29.61 3.35
CA ILE I 101 2.25 28.39 2.88
C ILE I 101 0.91 28.62 2.19
N TYR I 102 0.80 28.06 0.99
CA TYR I 102 -0.41 28.10 0.19
C TYR I 102 -1.14 26.76 0.24
N ASN I 103 -2.39 26.79 0.66
CA ASN I 103 -3.19 25.57 0.82
C ASN I 103 -4.52 25.70 0.06
N ALA I 104 -4.79 24.76 -0.82
CA ALA I 104 -6.01 24.83 -1.63
C ALA I 104 -6.67 23.47 -1.90
N ARG I 105 -7.99 23.52 -2.00
CA ARG I 105 -8.81 22.37 -2.36
C ARG I 105 -8.97 22.41 -3.87
N PHE I 106 -8.97 21.24 -4.52
CA PHE I 106 -9.08 21.23 -5.97
C PHE I 106 -9.75 19.99 -6.50
N LEU I 107 -10.52 20.18 -7.57
CA LEU I 107 -11.09 19.09 -8.34
C LEU I 107 -10.78 19.30 -9.81
N GLY I 108 -10.18 18.29 -10.43
CA GLY I 108 -9.73 18.42 -11.80
C GLY I 108 -9.86 17.13 -12.58
N SER I 109 -9.92 17.25 -13.89
CA SER I 109 -9.96 16.09 -14.76
C SER I 109 -8.58 15.94 -15.40
N PHE I 110 -7.95 14.81 -15.13
CA PHE I 110 -6.57 14.62 -15.53
C PHE I 110 -6.45 13.57 -16.61
N SER I 111 -5.40 13.72 -17.41
CA SER I 111 -5.16 12.82 -18.54
C SER I 111 -3.88 12.05 -18.33
N ASN I 112 -3.93 10.77 -18.68
CA ASN I 112 -2.74 9.96 -18.77
C ASN I 112 -3.00 8.89 -19.82
N ASP I 113 -1.96 8.23 -20.27
CA ASP I 113 -2.12 7.13 -21.22
C ASP I 113 -2.79 5.96 -20.52
N MET I 114 -3.77 5.35 -21.19
CA MET I 114 -4.51 4.24 -20.58
C MET I 114 -4.81 3.17 -21.61
N ASP I 115 -4.27 1.99 -21.34
CA ASP I 115 -4.44 0.83 -22.21
C ASP I 115 -5.47 -0.11 -21.59
N PHE I 116 -6.65 -0.20 -22.21
CA PHE I 116 -7.74 -0.97 -21.63
C PHE I 116 -7.95 -2.28 -22.39
N ARG I 117 -6.91 -2.78 -23.05
CA ARG I 117 -7.06 -3.92 -23.93
C ARG I 117 -7.31 -5.22 -23.16
N LEU I 118 -6.71 -5.34 -21.98
CA LEU I 118 -6.91 -6.49 -21.12
C LEU I 118 -8.16 -6.37 -20.24
N PHE I 119 -9.04 -5.44 -20.59
CA PHE I 119 -10.31 -5.30 -19.90
C PHE I 119 -11.01 -6.65 -19.90
N PRO I 120 -11.65 -7.03 -18.79
CA PRO I 120 -11.80 -6.32 -17.51
C PRO I 120 -10.71 -6.67 -16.51
N PHE I 121 -9.54 -7.06 -17.00
CA PHE I 121 -8.43 -7.49 -16.16
C PHE I 121 -7.23 -6.57 -16.22
N ASP I 122 -7.47 -5.28 -16.48
CA ASP I 122 -6.38 -4.34 -16.71
C ASP I 122 -5.93 -3.62 -15.45
N ARG I 123 -4.68 -3.17 -15.47
CA ARG I 123 -4.13 -2.35 -14.42
C ARG I 123 -3.84 -0.99 -15.03
N GLN I 124 -4.05 0.07 -14.26
CA GLN I 124 -3.86 1.44 -14.73
C GLN I 124 -3.04 2.21 -13.72
N GLN I 125 -2.50 3.35 -14.14
CA GLN I 125 -1.86 4.26 -13.20
C GLN I 125 -2.33 5.70 -13.34
N PHE I 126 -2.86 6.19 -12.24
CA PHE I 126 -3.33 7.55 -12.11
C PHE I 126 -2.15 8.46 -11.85
N VAL I 127 -2.12 9.59 -12.57
CA VAL I 127 -0.93 10.41 -12.61
C VAL I 127 -1.25 11.88 -12.44
N LEU I 128 -0.44 12.56 -11.63
CA LEU I 128 -0.43 14.00 -11.53
C LEU I 128 0.95 14.51 -11.94
N GLU I 129 0.97 15.60 -12.69
CA GLU I 129 2.21 16.26 -13.04
C GLU I 129 2.03 17.73 -12.73
N LEU I 130 2.96 18.29 -11.96
CA LEU I 130 2.81 19.62 -11.40
C LEU I 130 4.07 20.38 -11.77
N GLU I 131 3.93 21.61 -12.24
CA GLU I 131 5.08 22.32 -12.77
C GLU I 131 4.83 23.81 -12.73
N PRO I 132 5.86 24.61 -12.40
CA PRO I 132 5.63 26.05 -12.40
C PRO I 132 5.37 26.55 -13.81
N PHE I 133 4.53 27.58 -13.95
CA PHE I 133 4.07 27.99 -15.26
C PHE I 133 5.07 28.92 -15.94
N SER I 134 5.72 29.74 -15.13
CA SER I 134 6.52 30.85 -15.64
C SER I 134 7.98 30.79 -15.18
N TYR I 135 8.19 30.22 -14.00
CA TYR I 135 9.50 30.25 -13.36
C TYR I 135 10.22 28.92 -13.64
N ASN I 136 11.44 29.00 -14.16
CA ASN I 136 12.22 27.81 -14.49
C ASN I 136 12.86 27.22 -13.24
N ASN I 137 13.73 26.22 -13.44
CA ASN I 137 14.30 25.48 -12.31
C ASN I 137 15.30 26.34 -11.53
N GLN I 138 15.81 27.38 -12.20
CA GLN I 138 16.80 28.32 -11.64
C GLN I 138 16.15 29.50 -10.93
N GLN I 139 14.82 29.62 -11.04
CA GLN I 139 14.08 30.63 -10.29
C GLN I 139 13.24 29.96 -9.20
N LEU I 140 12.62 28.84 -9.55
CA LEU I 140 11.78 28.09 -8.61
C LEU I 140 12.09 26.61 -8.76
N ARG I 141 12.42 25.97 -7.64
CA ARG I 141 12.84 24.58 -7.66
C ARG I 141 11.99 23.78 -6.69
N PHE I 142 11.51 22.62 -7.13
CA PHE I 142 10.80 21.71 -6.23
C PHE I 142 11.79 20.91 -5.38
N SER I 143 11.80 21.26 -4.09
CA SER I 143 12.66 20.62 -3.13
C SER I 143 12.20 19.20 -2.82
N ASP I 144 10.90 19.05 -2.57
CA ASP I 144 10.34 17.74 -2.25
C ASP I 144 8.82 17.65 -2.38
N ILE I 145 8.34 16.43 -2.57
CA ILE I 145 6.93 16.13 -2.80
C ILE I 145 6.44 15.07 -1.81
N GLN I 146 5.50 15.46 -0.95
CA GLN I 146 4.79 14.50 -0.11
C GLN I 146 3.43 14.19 -0.73
N VAL I 147 3.03 12.92 -0.65
CA VAL I 147 1.71 12.51 -1.11
C VAL I 147 1.02 11.69 -0.05
N TYR I 148 -0.22 12.07 0.24
CA TYR I 148 -1.01 11.42 1.26
C TYR I 148 -2.30 10.92 0.63
N THR I 149 -2.60 9.65 0.87
CA THR I 149 -3.85 9.07 0.43
C THR I 149 -4.42 8.39 1.66
N GLU I 150 -5.72 8.17 1.69
CA GLU I 150 -6.31 7.48 2.83
C GLU I 150 -6.06 6.02 2.52
N ASN I 151 -6.23 5.12 3.49
CA ASN I 151 -5.65 3.78 3.33
C ASN I 151 -6.50 2.70 2.67
N ILE I 152 -5.91 1.51 2.59
CA ILE I 152 -6.39 0.46 1.71
C ILE I 152 -7.56 -0.37 2.26
N ASP I 153 -7.48 -1.68 2.04
CA ASP I 153 -8.52 -2.69 2.32
C ASP I 153 -8.86 -3.36 1.02
N ASN I 154 -8.77 -2.60 -0.06
CA ASN I 154 -9.15 -3.08 -1.38
C ASN I 154 -10.62 -3.47 -1.36
N GLU I 155 -11.45 -2.45 -1.59
CA GLU I 155 -12.88 -2.56 -1.39
C GLU I 155 -13.65 -2.89 -2.67
N GLU I 156 -14.91 -3.33 -2.49
CA GLU I 156 -15.83 -3.59 -3.59
C GLU I 156 -16.70 -2.34 -3.78
N ILE I 157 -17.03 -1.65 -2.66
CA ILE I 157 -17.59 -0.31 -2.73
C ILE I 157 -16.77 0.41 -3.80
N ASP I 158 -15.45 0.21 -3.73
CA ASP I 158 -14.54 0.75 -4.71
C ASP I 158 -14.47 -0.17 -5.93
N GLU I 159 -14.46 0.48 -7.08
CA GLU I 159 -14.35 -0.16 -8.38
C GLU I 159 -12.93 -0.69 -8.61
N TRP I 160 -11.96 0.05 -8.07
CA TRP I 160 -10.53 -0.25 -8.24
C TRP I 160 -9.81 -0.65 -6.94
N TRP I 161 -8.77 -1.48 -7.08
CA TRP I 161 -7.85 -1.82 -5.98
C TRP I 161 -6.53 -1.07 -6.10
N ILE I 162 -6.22 -0.24 -5.10
CA ILE I 162 -4.97 0.54 -5.09
C ILE I 162 -3.80 -0.35 -4.65
N ARG I 163 -2.86 -0.59 -5.57
CA ARG I 163 -1.75 -1.52 -5.32
C ARG I 163 -0.74 -1.06 -4.27
N GLY I 164 -0.74 0.22 -3.93
CA GLY I 164 0.29 0.76 -3.03
C GLY I 164 0.06 2.22 -2.67
N LYS I 165 0.86 2.73 -1.74
CA LYS I 165 0.86 4.17 -1.49
C LYS I 165 1.57 4.82 -2.66
N ALA I 166 1.45 6.13 -2.77
CA ALA I 166 1.86 6.84 -3.98
C ALA I 166 3.37 6.91 -4.22
N SER I 167 3.74 6.66 -5.47
CA SER I 167 5.10 6.83 -5.99
C SER I 167 5.32 8.23 -6.56
N THR I 168 6.50 8.80 -6.32
CA THR I 168 6.84 10.15 -6.78
C THR I 168 8.09 10.20 -7.63
N HIS I 169 8.29 11.33 -8.32
CA HIS I 169 9.48 11.53 -9.14
C HIS I 169 9.58 13.02 -9.44
N ILE I 170 10.50 13.68 -8.74
CA ILE I 170 10.91 15.04 -9.10
C ILE I 170 12.00 14.96 -10.15
N SER I 171 11.94 15.89 -11.10
CA SER I 171 12.81 15.86 -12.27
C SER I 171 12.92 17.23 -12.92
N ASP I 172 13.59 17.28 -14.06
CA ASP I 172 13.79 18.51 -14.80
C ASP I 172 13.39 18.31 -16.24
N ILE I 173 12.59 19.22 -16.77
CA ILE I 173 12.10 19.10 -18.13
C ILE I 173 12.82 20.15 -18.93
N ARG I 174 13.55 19.75 -19.96
CA ARG I 174 14.27 20.71 -20.77
C ARG I 174 13.38 20.94 -21.99
N TYR I 175 12.97 22.19 -22.22
CA TYR I 175 12.06 22.50 -23.34
C TYR I 175 12.83 22.98 -24.57
N ASP I 176 12.82 22.19 -25.63
CA ASP I 176 13.79 22.43 -26.69
C ASP I 176 13.55 23.69 -27.52
N HIS I 177 12.34 24.24 -27.49
CA HIS I 177 12.08 25.49 -28.20
C HIS I 177 11.54 26.60 -27.30
N LEU I 178 12.34 27.64 -27.14
CA LEU I 178 12.07 28.73 -26.18
C LEU I 178 12.66 30.07 -26.65
N SER I 179 12.00 31.16 -26.28
CA SER I 179 12.42 32.53 -26.60
C SER I 179 13.47 33.15 -25.68
N SER I 180 13.94 32.43 -24.66
CA SER I 180 14.96 32.99 -23.77
C SER I 180 16.38 32.74 -24.27
N VAL I 181 17.18 33.80 -24.18
CA VAL I 181 18.61 33.73 -24.47
C VAL I 181 19.22 33.09 -23.22
N GLN I 182 20.45 32.61 -23.31
CA GLN I 182 21.04 31.80 -22.24
C GLN I 182 20.24 30.52 -22.04
N PRO I 183 20.34 29.57 -22.99
CA PRO I 183 19.44 28.43 -22.92
C PRO I 183 19.80 27.45 -21.77
N ASN I 184 19.60 27.92 -20.55
CA ASN I 184 19.53 27.07 -19.35
C ASN I 184 18.45 27.66 -18.48
N GLN I 185 17.62 28.46 -19.14
CA GLN I 185 16.42 29.01 -18.56
C GLN I 185 15.37 28.20 -19.30
N ASN I 186 15.79 26.99 -19.65
CA ASN I 186 15.03 26.09 -20.50
C ASN I 186 14.74 24.77 -19.76
N GLU I 187 15.04 24.73 -18.48
CA GLU I 187 14.73 23.52 -17.73
C GLU I 187 13.79 23.89 -16.60
N PHE I 188 12.78 23.04 -16.40
CA PHE I 188 11.74 23.30 -15.42
C PHE I 188 11.61 22.18 -14.41
N SER I 189 11.43 22.57 -13.16
CA SER I 189 11.28 21.63 -12.07
C SER I 189 9.88 21.02 -12.16
N ARG I 190 9.80 19.69 -12.13
CA ARG I 190 8.51 19.02 -12.25
C ARG I 190 8.34 17.88 -11.26
N ILE I 191 7.38 18.07 -10.35
CA ILE I 191 6.83 16.99 -9.57
C ILE I 191 5.99 16.07 -10.43
N THR I 192 6.07 14.77 -10.14
CA THR I 192 5.33 13.77 -10.89
C THR I 192 4.88 12.72 -9.89
N VAL I 193 3.60 12.36 -9.94
CA VAL I 193 3.00 11.47 -8.96
C VAL I 193 2.29 10.31 -9.65
N ARG I 194 2.44 9.09 -9.10
CA ARG I 194 1.82 7.91 -9.67
C ARG I 194 1.09 7.11 -8.60
N ILE I 195 -0.01 6.50 -9.02
CA ILE I 195 -0.82 5.66 -8.15
C ILE I 195 -1.27 4.51 -9.01
N ASP I 196 -0.80 3.30 -8.69
CA ASP I 196 -1.12 2.16 -9.53
C ASP I 196 -2.35 1.49 -8.95
N ALA I 197 -3.11 0.82 -9.82
CA ALA I 197 -4.35 0.19 -9.41
C ALA I 197 -4.79 -0.84 -10.44
N VAL I 198 -5.65 -1.75 -10.02
CA VAL I 198 -6.09 -2.84 -10.88
C VAL I 198 -7.60 -2.90 -10.87
N ARG I 199 -8.20 -3.36 -11.97
CA ARG I 199 -9.65 -3.36 -12.04
C ARG I 199 -10.12 -4.63 -11.35
N ASN I 200 -11.14 -4.48 -10.51
CA ASN I 200 -11.78 -5.60 -9.83
C ASN I 200 -12.66 -6.37 -10.82
N PRO I 201 -12.17 -7.49 -11.37
CA PRO I 201 -12.88 -8.08 -12.51
C PRO I 201 -14.07 -8.94 -12.13
N SER I 202 -14.43 -8.94 -10.85
CA SER I 202 -15.50 -9.78 -10.35
C SER I 202 -16.77 -9.55 -11.17
N TYR I 203 -17.31 -8.34 -11.07
CA TYR I 203 -18.54 -7.98 -11.76
C TYR I 203 -18.61 -8.40 -13.23
N TYR I 204 -17.53 -8.20 -13.98
CA TYR I 204 -17.56 -8.41 -15.42
C TYR I 204 -17.53 -9.91 -15.73
N LEU I 205 -16.98 -10.68 -14.79
CA LEU I 205 -16.95 -12.12 -14.91
C LEU I 205 -18.33 -12.73 -14.68
N TRP I 206 -18.94 -12.41 -13.55
CA TRP I 206 -20.21 -13.03 -13.18
C TRP I 206 -21.41 -12.58 -14.01
N SER I 207 -21.37 -11.37 -14.56
CA SER I 207 -22.55 -10.84 -15.22
C SER I 207 -22.43 -10.80 -16.75
N PHE I 208 -21.21 -10.84 -17.26
CA PHE I 208 -20.99 -10.80 -18.71
C PHE I 208 -20.24 -12.03 -19.23
N ILE I 209 -19.01 -12.26 -18.74
CA ILE I 209 -18.21 -13.38 -19.22
C ILE I 209 -18.95 -14.72 -19.07
N LEU I 210 -19.50 -14.95 -17.88
CA LEU I 210 -20.12 -16.23 -17.57
C LEU I 210 -21.33 -16.53 -18.47
N PRO I 211 -22.39 -15.70 -18.42
CA PRO I 211 -23.49 -16.01 -19.35
C PRO I 211 -23.09 -16.13 -20.82
N LEU I 212 -22.07 -15.40 -21.26
CA LEU I 212 -21.67 -15.50 -22.67
C LEU I 212 -21.06 -16.87 -22.91
N GLY I 213 -20.40 -17.40 -21.88
CA GLY I 213 -19.89 -18.76 -21.94
C GLY I 213 -21.04 -19.73 -22.09
N LEU I 214 -21.97 -19.69 -21.13
CA LEU I 214 -23.18 -20.51 -21.17
C LEU I 214 -23.87 -20.46 -22.53
N ILE I 215 -24.07 -19.25 -23.05
CA ILE I 215 -24.74 -19.08 -24.34
C ILE I 215 -23.92 -19.68 -25.49
N ILE I 216 -22.60 -19.50 -25.49
CA ILE I 216 -21.78 -20.11 -26.54
C ILE I 216 -21.80 -21.61 -26.38
N ALA I 217 -21.76 -22.09 -25.14
CA ALA I 217 -21.87 -23.52 -24.87
C ALA I 217 -23.11 -24.09 -25.56
N ALA I 218 -24.28 -23.63 -25.14
CA ALA I 218 -25.55 -24.07 -25.73
C ALA I 218 -25.59 -23.92 -27.25
N SER I 219 -24.70 -23.09 -27.81
CA SER I 219 -24.63 -22.95 -29.26
C SER I 219 -24.22 -24.28 -29.86
N TRP I 220 -23.41 -25.03 -29.11
CA TRP I 220 -22.86 -26.31 -29.54
C TRP I 220 -23.91 -27.42 -29.54
N SER I 221 -24.91 -27.30 -28.66
CA SER I 221 -25.95 -28.32 -28.54
C SER I 221 -26.87 -28.41 -29.76
N VAL I 222 -26.52 -27.71 -30.84
CA VAL I 222 -27.23 -27.84 -32.10
C VAL I 222 -27.04 -29.24 -32.68
N PHE I 223 -25.85 -29.80 -32.50
CA PHE I 223 -25.46 -31.06 -33.12
C PHE I 223 -26.25 -32.25 -32.56
N TRP I 224 -26.73 -32.11 -31.34
CA TRP I 224 -27.52 -33.15 -30.68
C TRP I 224 -28.98 -33.12 -31.11
N LEU I 225 -29.32 -32.27 -32.07
CA LEU I 225 -30.65 -32.29 -32.67
C LEU I 225 -30.65 -33.39 -33.72
N GLU I 226 -31.78 -34.05 -33.87
CA GLU I 226 -31.85 -35.26 -34.67
C GLU I 226 -32.00 -34.90 -36.15
N SER I 227 -32.96 -34.03 -36.46
CA SER I 227 -33.24 -33.60 -37.83
C SER I 227 -32.17 -32.67 -38.42
N PHE I 228 -32.24 -32.47 -39.74
CA PHE I 228 -31.43 -31.47 -40.44
C PHE I 228 -32.12 -30.12 -40.42
N SER I 229 -33.41 -30.15 -40.75
CA SER I 229 -34.28 -28.98 -40.64
C SER I 229 -34.13 -28.31 -39.28
N GLU I 230 -34.17 -29.11 -38.22
CA GLU I 230 -34.00 -28.62 -36.86
C GLU I 230 -32.66 -27.91 -36.63
N ARG I 231 -31.58 -28.52 -37.10
CA ARG I 231 -30.24 -28.01 -36.81
C ARG I 231 -29.93 -26.69 -37.49
N LEU I 232 -30.37 -26.53 -38.73
CA LEU I 232 -30.07 -25.32 -39.47
C LEU I 232 -31.00 -24.20 -39.02
N GLN I 233 -32.24 -24.55 -38.72
CA GLN I 233 -33.20 -23.55 -38.25
C GLN I 233 -32.85 -23.04 -36.87
N THR I 234 -32.37 -23.92 -35.99
CA THR I 234 -32.04 -23.53 -34.63
C THR I 234 -30.79 -22.63 -34.60
N SER I 235 -29.85 -22.86 -35.51
CA SER I 235 -28.60 -22.10 -35.50
C SER I 235 -28.91 -20.63 -35.78
N PHE I 236 -29.94 -20.37 -36.57
CA PHE I 236 -30.40 -19.00 -36.84
C PHE I 236 -30.97 -18.28 -35.62
N THR I 237 -31.60 -19.01 -34.71
CA THR I 237 -32.06 -18.39 -33.48
C THR I 237 -30.85 -18.07 -32.60
N LEU I 238 -29.86 -18.95 -32.63
CA LEU I 238 -28.63 -18.72 -31.87
C LEU I 238 -27.89 -17.49 -32.37
N MET I 239 -27.82 -17.36 -33.69
CA MET I 239 -27.22 -16.20 -34.33
C MET I 239 -27.80 -14.94 -33.70
N LEU I 240 -29.12 -14.83 -33.77
CA LEU I 240 -29.86 -13.75 -33.15
C LEU I 240 -29.46 -13.52 -31.70
N THR I 241 -29.29 -14.60 -30.95
CA THR I 241 -28.99 -14.49 -29.53
C THR I 241 -27.62 -13.83 -29.32
N VAL I 242 -26.65 -14.20 -30.14
CA VAL I 242 -25.31 -13.63 -30.01
C VAL I 242 -25.35 -12.14 -30.33
N VAL I 243 -26.13 -11.77 -31.35
CA VAL I 243 -26.29 -10.37 -31.72
C VAL I 243 -26.95 -9.59 -30.59
N ALA I 244 -28.03 -10.15 -30.06
CA ALA I 244 -28.73 -9.54 -28.95
C ALA I 244 -27.75 -9.31 -27.81
N TYR I 245 -26.79 -10.23 -27.68
CA TYR I 245 -25.82 -10.15 -26.62
C TYR I 245 -24.74 -9.09 -26.86
N ALA I 246 -24.30 -8.94 -28.11
CA ALA I 246 -23.30 -7.94 -28.45
C ALA I 246 -23.85 -6.56 -28.17
N PHE I 247 -25.15 -6.42 -28.40
CA PHE I 247 -25.87 -5.18 -28.22
C PHE I 247 -26.01 -4.89 -26.74
N TYR I 248 -26.38 -5.93 -25.99
CA TYR I 248 -26.45 -5.88 -24.54
C TYR I 248 -25.17 -5.36 -23.88
N THR I 249 -24.05 -6.04 -24.15
CA THR I 249 -22.77 -5.68 -23.54
C THR I 249 -22.26 -4.31 -23.93
N SER I 250 -22.21 -4.06 -25.24
CA SER I 250 -21.60 -2.85 -25.77
C SER I 250 -22.34 -1.61 -25.29
N ASN I 251 -23.62 -1.76 -25.03
CA ASN I 251 -24.45 -0.65 -24.55
C ASN I 251 -24.09 -0.28 -23.11
N ILE I 252 -23.51 -1.23 -22.40
CA ILE I 252 -23.18 -1.06 -20.98
C ILE I 252 -21.68 -1.03 -20.68
N LEU I 253 -20.87 -1.69 -21.49
CA LEU I 253 -19.42 -1.67 -21.31
C LEU I 253 -18.83 -0.37 -21.89
N PRO I 254 -17.66 0.04 -21.39
CA PRO I 254 -17.07 1.31 -21.83
C PRO I 254 -16.69 1.31 -23.31
N ARG I 255 -16.94 2.40 -24.02
CA ARG I 255 -16.53 2.46 -25.41
C ARG I 255 -15.02 2.56 -25.45
N LEU I 256 -14.45 1.90 -26.44
CA LEU I 256 -13.01 1.87 -26.62
C LEU I 256 -12.80 1.88 -28.13
N PRO I 257 -11.58 2.14 -28.59
CA PRO I 257 -11.31 2.16 -30.02
C PRO I 257 -10.65 0.89 -30.51
N TYR I 258 -10.74 -0.16 -29.70
CA TYR I 258 -10.18 -1.46 -30.05
C TYR I 258 -10.94 -2.54 -29.31
N THR I 259 -10.71 -3.80 -29.70
CA THR I 259 -11.46 -4.91 -29.14
C THR I 259 -10.91 -5.28 -27.76
N THR I 260 -11.80 -5.57 -26.83
CA THR I 260 -11.38 -6.12 -25.55
C THR I 260 -11.46 -7.63 -25.60
N VAL I 261 -11.09 -8.25 -24.50
CA VAL I 261 -11.26 -9.67 -24.28
C VAL I 261 -12.70 -10.10 -24.58
N ILE I 262 -13.64 -9.49 -23.87
CA ILE I 262 -15.06 -9.80 -24.04
C ILE I 262 -15.52 -9.67 -25.49
N ASP I 263 -15.02 -8.66 -26.20
CA ASP I 263 -15.44 -8.46 -27.58
C ASP I 263 -15.05 -9.69 -28.39
N GLN I 264 -13.92 -10.29 -28.05
CA GLN I 264 -13.43 -11.45 -28.77
C GLN I 264 -14.31 -12.66 -28.53
N MET I 265 -14.66 -12.93 -27.27
CA MET I 265 -15.62 -14.01 -26.98
C MET I 265 -16.83 -13.94 -27.90
N ILE I 266 -17.33 -12.74 -28.12
CA ILE I 266 -18.51 -12.57 -28.96
C ILE I 266 -18.20 -12.80 -30.43
N ILE I 267 -17.03 -12.35 -30.89
CA ILE I 267 -16.65 -12.61 -32.27
C ILE I 267 -16.49 -14.12 -32.45
N ALA I 268 -15.96 -14.79 -31.43
CA ALA I 268 -15.87 -16.25 -31.44
C ALA I 268 -17.25 -16.88 -31.51
N GLY I 269 -18.14 -16.44 -30.62
CA GLY I 269 -19.52 -16.89 -30.60
C GLY I 269 -20.18 -16.74 -31.96
N TYR I 270 -19.91 -15.62 -32.62
CA TYR I 270 -20.41 -15.38 -33.97
C TYR I 270 -19.82 -16.41 -34.94
N GLY I 271 -18.57 -16.79 -34.67
CA GLY I 271 -17.84 -17.67 -35.56
C GLY I 271 -18.27 -19.12 -35.43
N SER I 272 -18.34 -19.60 -34.20
CA SER I 272 -18.81 -20.95 -33.91
C SER I 272 -20.14 -21.28 -34.59
N ILE I 273 -21.00 -20.26 -34.74
CA ILE I 273 -22.33 -20.47 -35.30
C ILE I 273 -22.31 -20.39 -36.83
N PHE I 274 -21.45 -19.54 -37.38
CA PHE I 274 -21.30 -19.50 -38.83
C PHE I 274 -20.64 -20.79 -39.29
N ALA I 275 -19.74 -21.30 -38.47
CA ALA I 275 -19.09 -22.59 -38.71
C ALA I 275 -20.09 -23.73 -38.66
N ALA I 276 -20.79 -23.85 -37.53
CA ALA I 276 -21.81 -24.87 -37.33
C ALA I 276 -22.76 -24.96 -38.51
N ILE I 277 -23.12 -23.81 -39.07
CA ILE I 277 -23.98 -23.81 -40.25
C ILE I 277 -23.26 -24.43 -41.44
N LEU I 278 -21.95 -24.23 -41.52
CA LEU I 278 -21.18 -24.79 -42.63
C LEU I 278 -21.00 -26.32 -42.48
N LEU I 279 -20.98 -26.81 -41.26
CA LEU I 279 -20.94 -28.26 -41.03
C LEU I 279 -22.30 -28.89 -41.25
N ILE I 280 -23.26 -28.46 -40.43
CA ILE I 280 -24.65 -28.93 -40.48
C ILE I 280 -25.17 -29.05 -41.91
N ILE I 281 -24.65 -28.20 -42.78
CA ILE I 281 -25.09 -28.18 -44.17
C ILE I 281 -24.19 -29.04 -45.06
N PHE I 282 -23.00 -29.33 -44.57
CA PHE I 282 -22.05 -30.16 -45.31
C PHE I 282 -22.53 -31.61 -45.16
N ALA I 283 -22.78 -32.01 -43.90
CA ALA I 283 -23.38 -33.30 -43.57
C ALA I 283 -24.48 -33.72 -44.55
N HIS I 284 -25.43 -32.82 -44.79
CA HIS I 284 -26.60 -33.10 -45.62
C HIS I 284 -26.25 -33.14 -47.11
N HIS I 285 -24.98 -32.97 -47.45
CA HIS I 285 -24.54 -32.95 -48.85
C HIS I 285 -23.17 -33.56 -49.13
N ARG I 286 -22.56 -34.20 -48.13
CA ARG I 286 -21.24 -34.79 -48.32
C ARG I 286 -21.27 -35.88 -49.38
N GLN I 287 -22.08 -36.91 -49.12
CA GLN I 287 -22.11 -38.11 -49.95
C GLN I 287 -22.96 -37.96 -51.20
N ALA I 288 -22.75 -38.85 -52.16
CA ALA I 288 -23.57 -38.90 -53.36
C ALA I 288 -24.91 -39.60 -53.15
N ASN I 289 -25.88 -39.22 -53.99
CA ASN I 289 -27.26 -39.71 -53.92
C ASN I 289 -27.97 -39.37 -52.60
N GLY I 290 -27.79 -38.14 -52.13
CA GLY I 290 -28.43 -37.66 -50.91
C GLY I 290 -28.56 -38.63 -49.73
N VAL I 291 -27.53 -39.44 -49.52
CA VAL I 291 -27.53 -40.43 -48.44
C VAL I 291 -27.26 -39.85 -47.04
N GLU I 292 -27.67 -40.63 -46.04
CA GLU I 292 -27.48 -40.41 -44.61
C GLU I 292 -26.03 -40.10 -44.23
N ASP I 293 -25.83 -39.26 -43.21
CA ASP I 293 -24.48 -38.92 -42.76
C ASP I 293 -24.52 -38.50 -41.29
N ASP I 294 -25.05 -39.41 -40.46
CA ASP I 294 -25.22 -39.16 -39.04
C ASP I 294 -23.90 -39.06 -38.26
N LEU I 295 -22.79 -39.43 -38.92
CA LEU I 295 -21.47 -39.48 -38.27
C LEU I 295 -20.72 -38.18 -38.02
N LEU I 296 -20.65 -37.32 -39.02
CA LEU I 296 -19.84 -36.11 -38.89
C LEU I 296 -20.40 -35.24 -37.79
N ILE I 297 -21.72 -35.12 -37.81
CA ILE I 297 -22.43 -34.35 -36.81
C ILE I 297 -22.28 -34.89 -35.40
N GLN I 298 -22.37 -36.20 -35.23
CA GLN I 298 -22.30 -36.71 -33.87
C GLN I 298 -20.88 -36.62 -33.29
N ARG I 299 -19.84 -36.87 -34.10
CA ARG I 299 -18.48 -36.61 -33.62
C ARG I 299 -18.28 -35.12 -33.31
N CYS I 300 -18.99 -34.24 -34.01
CA CYS I 300 -18.88 -32.81 -33.72
C CYS I 300 -19.42 -32.51 -32.33
N ARG I 301 -20.41 -33.28 -31.88
CA ARG I 301 -21.10 -33.01 -30.62
C ARG I 301 -20.14 -32.64 -29.50
N LEU I 302 -19.01 -33.34 -29.41
CA LEU I 302 -17.97 -32.95 -28.47
C LEU I 302 -16.59 -32.79 -29.14
N ALA I 303 -16.56 -32.70 -30.46
CA ALA I 303 -15.37 -32.16 -31.14
C ALA I 303 -15.25 -30.64 -30.94
N PHE I 304 -16.37 -29.92 -31.14
CA PHE I 304 -16.39 -28.48 -30.94
C PHE I 304 -16.08 -28.06 -29.50
N PRO I 305 -16.90 -28.51 -28.53
CA PRO I 305 -16.61 -28.16 -27.13
C PRO I 305 -15.17 -28.43 -26.70
N LEU I 306 -14.43 -29.25 -27.45
CA LEU I 306 -13.01 -29.42 -27.21
C LEU I 306 -12.24 -28.49 -28.15
N GLY I 307 -12.52 -28.65 -29.45
CA GLY I 307 -11.88 -27.85 -30.49
C GLY I 307 -11.97 -26.35 -30.24
N PHE I 308 -13.00 -25.94 -29.51
CA PHE I 308 -13.21 -24.52 -29.18
C PHE I 308 -12.44 -24.17 -27.92
N LEU I 309 -12.49 -25.04 -26.92
CA LEU I 309 -11.70 -24.88 -25.70
C LEU I 309 -10.21 -25.03 -26.00
N ALA I 310 -9.89 -25.24 -27.27
CA ALA I 310 -8.51 -25.21 -27.75
C ALA I 310 -8.25 -23.83 -28.34
N ILE I 311 -9.00 -23.46 -29.38
CA ILE I 311 -8.79 -22.17 -30.04
C ILE I 311 -9.14 -21.01 -29.11
N GLY I 312 -9.80 -21.29 -27.99
CA GLY I 312 -10.07 -20.27 -27.01
C GLY I 312 -9.04 -20.28 -25.91
N CYS I 313 -8.40 -21.43 -25.70
CA CYS I 313 -7.31 -21.53 -24.74
C CYS I 313 -6.04 -20.91 -25.32
N VAL I 314 -6.09 -20.56 -26.61
CA VAL I 314 -4.94 -19.99 -27.28
C VAL I 314 -5.12 -18.50 -27.47
N LEU I 315 -5.87 -17.89 -26.55
CA LEU I 315 -5.83 -16.44 -26.44
C LEU I 315 -4.78 -16.28 -25.37
N VAL I 316 -3.63 -15.73 -25.76
CA VAL I 316 -2.51 -15.58 -24.85
C VAL I 316 -1.77 -14.30 -25.22
N ILE I 317 -2.54 -13.25 -25.48
CA ILE I 317 -1.98 -11.96 -25.86
C ILE I 317 -1.77 -11.15 -24.58
N ARG J 10 -9.64 30.88 24.93
CA ARG J 10 -9.36 31.77 23.82
C ARG J 10 -10.04 31.42 22.48
N PRO J 11 -10.36 30.14 22.22
CA PRO J 11 -10.91 29.88 20.89
C PRO J 11 -12.31 30.46 20.67
N VAL J 12 -12.62 30.79 19.42
CA VAL J 12 -13.93 31.36 19.07
C VAL J 12 -15.02 30.28 19.01
N ASP J 13 -16.16 30.56 19.62
CA ASP J 13 -17.30 29.65 19.57
C ASP J 13 -18.21 29.96 18.38
N VAL J 14 -18.44 28.94 17.55
CA VAL J 14 -19.33 29.06 16.40
C VAL J 14 -20.52 28.11 16.55
N SER J 15 -21.72 28.67 16.53
CA SER J 15 -22.94 27.86 16.56
C SER J 15 -23.52 27.76 15.14
N VAL J 16 -23.73 26.55 14.67
CA VAL J 16 -24.14 26.29 13.27
C VAL J 16 -25.56 25.72 13.21
N SER J 17 -26.33 26.20 12.25
CA SER J 17 -27.62 25.59 11.90
C SER J 17 -27.73 25.31 10.41
N ILE J 18 -28.13 24.08 10.08
CA ILE J 18 -28.30 23.66 8.69
C ILE J 18 -29.75 23.28 8.36
N PHE J 19 -30.42 24.07 7.52
CA PHE J 19 -31.72 23.67 7.00
C PHE J 19 -31.55 22.93 5.68
N ILE J 20 -32.20 21.78 5.57
CA ILE J 20 -32.11 20.95 4.38
C ILE J 20 -33.44 20.95 3.63
N ASN J 21 -33.42 21.47 2.40
CA ASN J 21 -34.60 21.59 1.57
C ASN J 21 -34.87 20.36 0.72
N LYS J 22 -33.81 19.77 0.20
CA LYS J 22 -33.94 18.74 -0.83
C LYS J 22 -32.70 17.84 -0.85
N ILE J 23 -32.90 16.54 -0.74
CA ILE J 23 -31.85 15.56 -1.02
C ILE J 23 -32.32 14.84 -2.26
N TYR J 24 -31.55 14.96 -3.34
CA TYR J 24 -31.96 14.38 -4.61
C TYR J 24 -30.74 14.04 -5.45
N GLY J 25 -30.97 13.49 -6.63
CA GLY J 25 -29.93 13.31 -7.61
C GLY J 25 -28.84 12.33 -7.24
N VAL J 26 -29.22 11.20 -6.64
CA VAL J 26 -28.27 10.15 -6.30
C VAL J 26 -27.54 9.60 -7.54
N ASN J 27 -26.21 9.61 -7.50
CA ASN J 27 -25.36 8.99 -8.52
C ASN J 27 -24.69 7.76 -7.96
N THR J 28 -25.08 6.59 -8.46
CA THR J 28 -24.57 5.34 -7.94
C THR J 28 -23.06 5.12 -8.15
N LEU J 29 -22.54 5.36 -9.35
CA LEU J 29 -21.15 4.99 -9.63
C LEU J 29 -20.16 5.95 -8.97
N GLU J 30 -20.45 7.24 -9.00
CA GLU J 30 -19.58 8.22 -8.34
C GLU J 30 -19.86 8.22 -6.84
N GLN J 31 -20.99 7.60 -6.46
CA GLN J 31 -21.44 7.57 -5.08
C GLN J 31 -21.59 8.97 -4.55
N THR J 32 -22.54 9.70 -5.11
CA THR J 32 -22.74 11.10 -4.76
C THR J 32 -24.22 11.40 -4.74
N TYR J 33 -24.57 12.55 -4.20
CA TYR J 33 -25.95 12.99 -4.19
C TYR J 33 -25.97 14.50 -4.04
N LYS J 34 -27.09 15.11 -4.42
CA LYS J 34 -27.21 16.55 -4.38
C LYS J 34 -28.04 16.97 -3.18
N VAL J 35 -27.64 18.08 -2.56
CA VAL J 35 -28.35 18.59 -1.39
C VAL J 35 -28.50 20.09 -1.51
N ASP J 36 -29.76 20.53 -1.41
CA ASP J 36 -30.09 21.94 -1.44
C ASP J 36 -30.58 22.32 -0.05
N GLY J 37 -30.07 23.42 0.47
CA GLY J 37 -30.43 23.86 1.80
C GLY J 37 -29.78 25.18 2.12
N TYR J 38 -29.98 25.66 3.35
CA TYR J 38 -29.30 26.85 3.81
C TYR J 38 -28.33 26.44 4.93
N ILE J 39 -27.36 27.31 5.18
CA ILE J 39 -26.40 27.13 6.27
C ILE J 39 -26.37 28.41 7.07
N VAL J 40 -26.38 28.27 8.39
CA VAL J 40 -26.32 29.43 9.24
C VAL J 40 -25.24 29.21 10.27
N ALA J 41 -24.38 30.22 10.44
CA ALA J 41 -23.29 30.15 11.39
C ALA J 41 -23.31 31.44 12.21
N GLN J 42 -23.21 31.27 13.52
CA GLN J 42 -23.26 32.40 14.44
C GLN J 42 -22.05 32.43 15.35
N TRP J 43 -21.54 33.62 15.60
CA TRP J 43 -20.46 33.81 16.54
C TRP J 43 -20.49 35.25 17.02
N THR J 44 -19.84 35.53 18.14
CA THR J 44 -19.87 36.86 18.72
C THR J 44 -18.46 37.45 18.70
N GLY J 45 -18.38 38.73 18.36
CA GLY J 45 -17.12 39.40 18.12
C GLY J 45 -17.05 40.80 18.69
N LYS J 46 -16.13 41.61 18.14
CA LYS J 46 -16.02 43.02 18.50
C LYS J 46 -17.39 43.68 18.50
N PRO J 47 -17.81 44.26 19.65
CA PRO J 47 -19.07 45.01 19.63
C PRO J 47 -19.00 46.14 18.64
N ARG J 48 -20.16 46.72 18.32
CA ARG J 48 -20.27 47.53 17.13
C ARG J 48 -21.33 48.61 17.15
N LYS J 49 -21.01 49.67 16.44
CA LYS J 49 -21.91 50.76 16.15
C LYS J 49 -22.68 50.42 14.89
N THR J 50 -23.99 50.28 15.02
CA THR J 50 -24.86 50.00 13.89
C THR J 50 -25.81 51.19 13.73
N PRO J 51 -26.40 51.35 12.55
CA PRO J 51 -27.50 52.32 12.42
C PRO J 51 -28.67 51.92 13.32
N GLY J 52 -29.18 52.85 14.12
CA GLY J 52 -30.05 52.49 15.23
C GLY J 52 -29.25 51.61 16.17
N ASP J 53 -29.87 51.07 17.23
CA ASP J 53 -29.19 50.02 17.98
C ASP J 53 -29.78 48.68 17.58
N LYS J 54 -30.43 48.69 16.41
CA LYS J 54 -30.96 47.49 15.78
C LYS J 54 -29.95 46.95 14.77
N PRO J 55 -29.99 45.63 14.52
CA PRO J 55 -28.92 44.98 13.75
C PRO J 55 -28.83 45.46 12.32
N LEU J 56 -27.67 45.21 11.70
CA LEU J 56 -27.40 45.67 10.35
C LEU J 56 -27.31 44.47 9.40
N ILE J 57 -27.95 44.61 8.24
CA ILE J 57 -27.96 43.55 7.24
C ILE J 57 -27.02 43.88 6.09
N VAL J 58 -26.22 42.89 5.70
CA VAL J 58 -25.26 43.06 4.60
C VAL J 58 -25.42 41.85 3.69
N GLU J 59 -25.85 42.09 2.45
CA GLU J 59 -26.22 41.02 1.52
C GLU J 59 -25.22 40.84 0.39
N ASN J 60 -24.92 39.59 0.07
CA ASN J 60 -24.16 39.23 -1.12
C ASN J 60 -22.91 40.06 -1.39
N THR J 61 -22.95 40.92 -2.40
CA THR J 61 -21.72 41.58 -2.87
C THR J 61 -21.03 42.44 -1.81
N GLN J 62 -21.81 42.92 -0.84
CA GLN J 62 -21.27 43.85 0.16
C GLN J 62 -20.46 43.14 1.25
N ILE J 63 -20.78 41.87 1.50
CA ILE J 63 -20.06 41.10 2.51
C ILE J 63 -18.58 41.09 2.22
N GLU J 64 -18.23 40.96 0.96
CA GLU J 64 -16.84 40.92 0.54
C GLU J 64 -16.10 42.19 0.95
N ARG J 65 -16.74 43.34 0.76
CA ARG J 65 -16.15 44.62 1.16
C ARG J 65 -15.97 44.78 2.66
N TRP J 66 -16.91 44.32 3.47
CA TRP J 66 -16.76 44.41 4.91
C TRP J 66 -15.56 43.59 5.35
N ILE J 67 -15.27 42.52 4.62
CA ILE J 67 -14.15 41.66 4.93
C ILE J 67 -12.85 42.40 4.64
N ASN J 68 -12.88 43.30 3.67
CA ASN J 68 -11.71 44.07 3.29
C ASN J 68 -11.32 45.09 4.36
N ASN J 69 -12.31 45.59 5.09
CA ASN J 69 -12.05 46.45 6.23
C ASN J 69 -11.85 45.64 7.51
N GLY J 70 -11.63 44.35 7.34
CA GLY J 70 -11.25 43.50 8.45
C GLY J 70 -12.39 42.91 9.24
N LEU J 71 -13.52 42.64 8.59
CA LEU J 71 -14.56 41.86 9.23
C LEU J 71 -14.08 40.41 9.18
N TRP J 72 -14.10 39.72 10.31
CA TRP J 72 -13.71 38.32 10.33
C TRP J 72 -14.89 37.44 9.95
N VAL J 73 -14.82 36.82 8.78
CA VAL J 73 -15.81 35.86 8.34
C VAL J 73 -15.06 34.61 7.88
N PRO J 74 -15.01 33.58 8.75
CA PRO J 74 -14.15 32.43 8.48
C PRO J 74 -14.64 31.52 7.37
N ALA J 75 -13.76 30.60 7.01
CA ALA J 75 -13.96 29.69 5.90
C ALA J 75 -15.24 28.84 5.91
N LEU J 76 -15.15 27.70 6.59
CA LEU J 76 -16.16 26.63 6.57
C LEU J 76 -16.26 25.96 5.20
N GLU J 77 -15.74 24.74 5.16
CA GLU J 77 -15.67 23.92 3.96
C GLU J 77 -16.48 22.66 4.19
N PHE J 78 -17.26 22.25 3.19
CA PHE J 78 -17.91 20.95 3.23
C PHE J 78 -16.85 19.92 2.85
N ILE J 79 -16.37 19.17 3.84
CA ILE J 79 -15.28 18.21 3.63
C ILE J 79 -15.59 17.27 2.47
N ASN J 80 -16.85 16.84 2.40
CA ASN J 80 -17.24 15.77 1.48
C ASN J 80 -18.05 16.24 0.28
N VAL J 81 -17.98 17.54 -0.03
CA VAL J 81 -18.58 18.07 -1.24
C VAL J 81 -17.69 17.69 -2.41
N VAL J 82 -18.21 17.71 -3.63
CA VAL J 82 -17.43 17.35 -4.81
C VAL J 82 -17.39 18.53 -5.78
N GLY J 83 -16.33 19.33 -5.67
CA GLY J 83 -16.20 20.54 -6.45
C GLY J 83 -16.90 21.65 -5.69
N SER J 84 -16.43 22.87 -5.85
CA SER J 84 -16.97 24.00 -5.10
C SER J 84 -18.48 24.12 -5.35
N PRO J 85 -19.30 24.10 -4.28
CA PRO J 85 -20.75 24.08 -4.38
C PRO J 85 -21.34 25.39 -4.91
N ASP J 86 -22.56 25.32 -5.43
CA ASP J 86 -23.23 26.51 -5.93
C ASP J 86 -23.82 27.28 -4.75
N THR J 87 -23.30 28.48 -4.49
CA THR J 87 -23.79 29.31 -3.41
C THR J 87 -24.76 30.34 -3.96
N GLY J 88 -25.98 30.34 -3.42
CA GLY J 88 -26.98 31.29 -3.82
C GLY J 88 -26.71 32.62 -3.14
N ASN J 89 -27.69 33.15 -2.43
CA ASN J 89 -27.51 34.41 -1.76
C ASN J 89 -26.74 34.24 -0.47
N LYS J 90 -25.95 35.25 -0.13
CA LYS J 90 -25.17 35.29 1.09
C LYS J 90 -25.72 36.44 1.93
N ARG J 91 -25.66 36.30 3.24
CA ARG J 91 -26.11 37.38 4.12
C ARG J 91 -25.29 37.43 5.40
N LEU J 92 -24.93 38.64 5.80
CA LEU J 92 -24.38 38.91 7.12
C LEU J 92 -25.39 39.69 7.95
N MET J 93 -25.68 39.20 9.15
CA MET J 93 -26.43 39.99 10.11
C MET J 93 -25.49 40.44 11.24
N LEU J 94 -25.21 41.74 11.26
CA LEU J 94 -24.31 42.32 12.26
C LEU J 94 -25.07 43.02 13.38
N PHE J 95 -24.96 42.45 14.58
CA PHE J 95 -25.54 43.04 15.78
C PHE J 95 -24.54 44.02 16.41
N PRO J 96 -25.04 45.02 17.14
CA PRO J 96 -24.19 46.01 17.79
C PRO J 96 -23.49 45.44 19.01
N ASP J 97 -24.17 44.49 19.65
CA ASP J 97 -23.69 43.86 20.87
C ASP J 97 -22.63 42.79 20.59
N GLY J 98 -21.94 42.92 19.47
CA GLY J 98 -20.85 42.01 19.15
C GLY J 98 -21.19 40.94 18.14
N ARG J 99 -22.40 40.38 18.22
CA ARG J 99 -22.63 39.12 17.55
C ARG J 99 -22.87 39.25 16.05
N VAL J 100 -22.84 38.09 15.41
CA VAL J 100 -22.61 37.98 13.98
C VAL J 100 -23.22 36.70 13.44
N ILE J 101 -24.00 36.82 12.36
CA ILE J 101 -24.61 35.65 11.74
C ILE J 101 -24.38 35.62 10.25
N TYR J 102 -23.87 34.49 9.75
CA TYR J 102 -23.71 34.28 8.33
C TYR J 102 -24.78 33.32 7.86
N ASN J 103 -25.60 33.78 6.92
CA ASN J 103 -26.71 32.98 6.41
C ASN J 103 -26.58 32.92 4.90
N ALA J 104 -26.47 31.71 4.36
CA ALA J 104 -26.26 31.54 2.94
C ALA J 104 -26.96 30.29 2.42
N ARG J 105 -27.38 30.36 1.15
CA ARG J 105 -27.98 29.22 0.51
C ARG J 105 -26.93 28.46 -0.28
N PHE J 106 -27.10 27.15 -0.37
CA PHE J 106 -26.14 26.31 -1.06
C PHE J 106 -26.82 25.13 -1.73
N LEU J 107 -26.32 24.78 -2.90
CA LEU J 107 -26.65 23.54 -3.58
C LEU J 107 -25.33 22.89 -3.91
N GLY J 108 -25.14 21.66 -3.47
CA GLY J 108 -23.86 21.01 -3.60
C GLY J 108 -23.97 19.53 -3.86
N SER J 109 -22.91 18.98 -4.42
CA SER J 109 -22.82 17.56 -4.68
C SER J 109 -21.89 16.94 -3.65
N PHE J 110 -22.43 16.04 -2.84
CA PHE J 110 -21.71 15.49 -1.70
C PHE J 110 -21.41 14.02 -1.94
N SER J 111 -20.34 13.55 -1.32
CA SER J 111 -19.88 12.18 -1.51
C SER J 111 -19.95 11.41 -0.20
N ASN J 112 -20.39 10.16 -0.28
CA ASN J 112 -20.29 9.23 0.84
C ASN J 112 -20.18 7.82 0.31
N ASP J 113 -19.75 6.89 1.17
CA ASP J 113 -19.70 5.48 0.83
C ASP J 113 -21.12 4.93 0.73
N MET J 114 -21.37 4.12 -0.30
CA MET J 114 -22.72 3.61 -0.53
C MET J 114 -22.70 2.17 -1.04
N ASP J 115 -23.36 1.28 -0.29
CA ASP J 115 -23.43 -0.13 -0.62
C ASP J 115 -24.78 -0.43 -1.27
N PHE J 116 -24.75 -0.72 -2.57
CA PHE J 116 -25.97 -0.91 -3.33
C PHE J 116 -26.19 -2.38 -3.65
N ARG J 117 -25.56 -3.25 -2.87
CA ARG J 117 -25.60 -4.69 -3.14
C ARG J 117 -26.97 -5.24 -2.80
N LEU J 118 -27.58 -4.65 -1.78
CA LEU J 118 -28.89 -5.06 -1.28
C LEU J 118 -30.02 -4.42 -2.12
N PHE J 119 -29.65 -3.86 -3.25
CA PHE J 119 -30.60 -3.24 -4.18
C PHE J 119 -31.69 -4.23 -4.59
N PRO J 120 -32.94 -3.77 -4.68
CA PRO J 120 -33.47 -2.42 -4.45
C PRO J 120 -33.92 -2.25 -3.01
N PHE J 121 -33.33 -3.02 -2.10
CA PHE J 121 -33.74 -3.00 -0.71
C PHE J 121 -32.64 -2.46 0.17
N ASP J 122 -31.82 -1.57 -0.37
CA ASP J 122 -30.69 -1.05 0.37
C ASP J 122 -31.13 0.18 1.10
N ARG J 123 -30.44 0.46 2.20
CA ARG J 123 -30.63 1.66 2.96
C ARG J 123 -29.30 2.39 2.85
N GLN J 124 -29.36 3.71 2.76
CA GLN J 124 -28.16 4.51 2.61
C GLN J 124 -28.27 5.61 3.65
N GLN J 125 -27.17 6.28 3.94
CA GLN J 125 -27.25 7.48 4.75
C GLN J 125 -26.51 8.64 4.13
N PHE J 126 -27.29 9.69 3.88
CA PHE J 126 -26.81 10.91 3.27
C PHE J 126 -26.14 11.73 4.37
N VAL J 127 -24.97 12.27 4.05
CA VAL J 127 -24.11 12.87 5.05
C VAL J 127 -23.50 14.19 4.62
N LEU J 128 -23.47 15.12 5.57
CA LEU J 128 -22.73 16.37 5.42
C LEU J 128 -21.62 16.41 6.45
N GLU J 129 -20.45 16.89 6.04
CA GLU J 129 -19.33 17.10 6.95
C GLU J 129 -18.81 18.52 6.77
N LEU J 130 -18.73 19.25 7.88
CA LEU J 130 -18.44 20.67 7.87
C LEU J 130 -17.32 20.99 8.85
N GLU J 131 -16.37 21.79 8.39
CA GLU J 131 -15.13 22.02 9.11
C GLU J 131 -14.49 23.35 8.69
N PRO J 132 -13.92 24.09 9.65
CA PRO J 132 -13.27 25.33 9.20
C PRO J 132 -12.08 24.99 8.34
N PHE J 133 -11.79 25.84 7.37
CA PHE J 133 -10.80 25.52 6.35
C PHE J 133 -9.39 25.82 6.83
N SER J 134 -9.26 26.84 7.66
CA SER J 134 -7.96 27.37 8.02
C SER J 134 -7.72 27.39 9.54
N TYR J 135 -8.80 27.51 10.30
CA TYR J 135 -8.73 27.74 11.74
C TYR J 135 -8.93 26.48 12.58
N ASN J 136 -7.98 26.17 13.47
CA ASN J 136 -8.13 24.99 14.34
C ASN J 136 -9.05 25.28 15.52
N ASN J 137 -9.19 24.30 16.41
CA ASN J 137 -10.12 24.41 17.53
C ASN J 137 -9.63 25.32 18.64
N GLN J 138 -8.35 25.69 18.61
CA GLN J 138 -7.80 26.65 19.56
C GLN J 138 -8.01 28.08 19.03
N GLN J 139 -8.44 28.19 17.77
CA GLN J 139 -8.80 29.48 17.20
C GLN J 139 -10.31 29.56 16.94
N LEU J 140 -10.87 28.48 16.38
CA LEU J 140 -12.28 28.44 16.00
C LEU J 140 -12.92 27.11 16.38
N ARG J 141 -14.02 27.19 17.14
CA ARG J 141 -14.62 26.00 17.73
C ARG J 141 -16.12 25.92 17.44
N PHE J 142 -16.57 24.74 17.01
CA PHE J 142 -18.01 24.52 16.82
C PHE J 142 -18.65 24.18 18.16
N SER J 143 -19.46 25.09 18.66
CA SER J 143 -20.12 24.92 19.95
C SER J 143 -21.23 23.87 19.91
N ASP J 144 -22.12 23.97 18.93
CA ASP J 144 -23.24 23.05 18.80
C ASP J 144 -23.87 23.11 17.42
N ILE J 145 -24.54 22.03 17.02
CA ILE J 145 -25.10 21.91 15.66
C ILE J 145 -26.59 21.52 15.63
N GLN J 146 -27.40 22.41 15.05
CA GLN J 146 -28.80 22.12 14.72
C GLN J 146 -29.01 21.73 13.25
N VAL J 147 -29.87 20.74 13.00
CA VAL J 147 -30.26 20.34 11.63
C VAL J 147 -31.78 20.19 11.48
N TYR J 148 -32.29 20.78 10.40
CA TYR J 148 -33.73 20.83 10.12
C TYR J 148 -34.12 20.24 8.76
N THR J 149 -35.17 19.41 8.73
CA THR J 149 -35.68 18.80 7.51
C THR J 149 -37.17 19.11 7.35
N GLU J 150 -37.72 18.94 6.15
CA GLU J 150 -39.11 19.33 5.90
C GLU J 150 -40.07 18.21 6.39
N ASN J 151 -41.18 17.98 5.69
CA ASN J 151 -42.22 17.04 6.13
C ASN J 151 -42.26 15.62 5.55
N ILE J 152 -42.76 14.70 6.38
CA ILE J 152 -42.84 13.27 6.05
C ILE J 152 -44.25 12.94 5.47
N ASP J 153 -44.72 13.62 4.41
CA ASP J 153 -46.13 13.46 3.93
C ASP J 153 -46.30 12.53 2.70
N ASN J 154 -46.75 13.02 1.55
CA ASN J 154 -46.91 12.13 0.36
C ASN J 154 -45.54 11.60 -0.18
N GLU J 155 -45.26 10.34 0.18
CA GLU J 155 -43.93 9.71 0.10
C GLU J 155 -43.58 9.09 -1.24
N GLU J 156 -44.57 8.61 -1.96
CA GLU J 156 -44.29 7.90 -3.20
C GLU J 156 -43.76 8.87 -4.23
N ILE J 157 -44.29 10.10 -4.20
CA ILE J 157 -43.70 11.21 -4.92
C ILE J 157 -42.18 11.12 -4.82
N ASP J 158 -41.69 10.81 -3.63
CA ASP J 158 -40.26 10.71 -3.36
C ASP J 158 -39.67 9.35 -3.72
N GLU J 159 -38.47 9.38 -4.29
CA GLU J 159 -37.70 8.20 -4.63
C GLU J 159 -37.10 7.48 -3.41
N TRP J 160 -36.69 8.27 -2.41
CA TRP J 160 -36.14 7.75 -1.14
C TRP J 160 -37.06 8.09 0.03
N TRP J 161 -37.11 7.20 1.02
CA TRP J 161 -37.85 7.46 2.25
C TRP J 161 -36.91 7.74 3.44
N ILE J 162 -37.01 8.95 4.01
CA ILE J 162 -36.15 9.35 5.12
C ILE J 162 -36.66 8.77 6.45
N ARG J 163 -35.88 7.85 7.03
CA ARG J 163 -36.29 7.10 8.22
C ARG J 163 -35.67 7.52 9.56
N GLY J 164 -36.11 8.64 10.09
CA GLY J 164 -35.58 9.16 11.34
C GLY J 164 -35.29 10.64 11.21
N LYS J 165 -35.15 11.34 12.32
CA LYS J 165 -34.63 12.70 12.27
C LYS J 165 -33.12 12.65 12.18
N ALA J 166 -32.54 13.78 11.81
CA ALA J 166 -31.13 13.82 11.47
C ALA J 166 -30.24 13.63 12.68
N SER J 167 -29.20 12.83 12.50
CA SER J 167 -28.17 12.67 13.52
C SER J 167 -27.13 13.76 13.32
N THR J 168 -26.73 14.40 14.41
CA THR J 168 -25.74 15.45 14.35
C THR J 168 -24.62 15.12 15.32
N HIS J 169 -23.43 15.66 15.09
CA HIS J 169 -22.27 15.26 15.89
C HIS J 169 -21.02 16.12 15.64
N ILE J 170 -20.66 16.95 16.62
CA ILE J 170 -19.37 17.63 16.58
C ILE J 170 -18.28 16.73 17.14
N SER J 171 -17.08 16.87 16.59
CA SER J 171 -15.93 16.03 16.93
C SER J 171 -14.65 16.78 16.59
N ASP J 172 -13.50 16.14 16.78
CA ASP J 172 -12.21 16.80 16.53
C ASP J 172 -11.31 15.93 15.66
N ILE J 173 -10.70 16.54 14.65
CA ILE J 173 -9.89 15.80 13.68
C ILE J 173 -8.42 16.08 13.81
N ARG J 174 -7.62 15.06 14.08
CA ARG J 174 -6.17 15.24 14.18
C ARG J 174 -5.53 14.92 12.84
N TYR J 175 -4.82 15.91 12.30
CA TYR J 175 -4.10 15.74 11.05
C TYR J 175 -2.65 15.49 11.41
N ASP J 176 -2.13 14.31 11.09
CA ASP J 176 -0.78 13.95 11.52
C ASP J 176 0.26 14.72 10.74
N HIS J 177 -0.16 15.33 9.63
CA HIS J 177 0.81 15.91 8.74
C HIS J 177 0.63 17.42 8.80
N LEU J 178 1.69 18.07 9.27
CA LEU J 178 1.62 19.48 9.65
C LEU J 178 2.95 20.22 9.45
N SER J 179 2.95 21.11 8.46
CA SER J 179 4.09 21.94 8.16
C SER J 179 4.17 23.16 9.09
N SER J 180 3.11 23.37 9.89
CA SER J 180 3.16 24.37 10.94
C SER J 180 3.75 23.61 12.11
N VAL J 181 4.70 24.22 12.82
CA VAL J 181 5.35 23.57 13.94
C VAL J 181 4.44 23.56 15.16
N GLN J 182 4.76 22.68 16.13
CA GLN J 182 3.97 22.48 17.34
C GLN J 182 2.71 21.64 17.11
N PRO J 183 2.83 20.31 17.09
CA PRO J 183 1.71 19.48 16.65
C PRO J 183 0.46 19.50 17.56
N ASN J 184 0.31 20.50 18.41
CA ASN J 184 -0.98 20.76 19.07
C ASN J 184 -1.65 22.03 18.54
N GLN J 185 -1.15 22.48 17.40
CA GLN J 185 -1.75 23.59 16.64
C GLN J 185 -2.40 22.85 15.48
N ASN J 186 -2.92 21.70 15.90
CA ASN J 186 -3.51 20.68 15.09
C ASN J 186 -4.94 20.57 15.57
N GLU J 187 -5.66 19.55 15.12
CA GLU J 187 -7.04 19.26 15.52
C GLU J 187 -8.02 20.35 15.10
N PHE J 188 -9.10 19.91 14.45
CA PHE J 188 -10.09 20.82 13.91
C PHE J 188 -11.47 20.45 14.36
N SER J 189 -12.27 21.45 14.70
CA SER J 189 -13.64 21.22 15.11
C SER J 189 -14.43 20.84 13.85
N ARG J 190 -15.17 19.73 13.91
CA ARG J 190 -15.93 19.27 12.75
C ARG J 190 -17.35 18.85 13.09
N ILE J 191 -18.30 19.61 12.57
CA ILE J 191 -19.70 19.21 12.54
C ILE J 191 -19.89 18.06 11.54
N THR J 192 -20.77 17.13 11.87
CA THR J 192 -21.06 16.00 10.99
C THR J 192 -22.54 15.66 11.11
N VAL J 193 -23.19 15.51 9.97
CA VAL J 193 -24.63 15.30 9.92
C VAL J 193 -24.93 14.03 9.14
N ARG J 194 -25.91 13.28 9.63
CA ARG J 194 -26.29 12.02 9.01
C ARG J 194 -27.79 12.02 8.81
N ILE J 195 -28.23 11.40 7.74
CA ILE J 195 -29.64 11.27 7.46
C ILE J 195 -29.78 9.88 6.89
N ASP J 196 -30.47 9.01 7.60
CA ASP J 196 -30.58 7.64 7.15
C ASP J 196 -31.82 7.57 6.29
N ALA J 197 -31.82 6.63 5.35
CA ALA J 197 -32.88 6.54 4.37
C ALA J 197 -32.90 5.17 3.74
N VAL J 198 -34.04 4.83 3.15
CA VAL J 198 -34.25 3.52 2.57
C VAL J 198 -34.79 3.73 1.17
N ARG J 199 -34.54 2.78 0.29
CA ARG J 199 -34.94 2.93 -1.10
C ARG J 199 -36.40 2.54 -1.26
N ASN J 200 -37.14 3.35 -2.03
CA ASN J 200 -38.53 3.08 -2.35
C ASN J 200 -38.63 1.92 -3.34
N PRO J 201 -38.88 0.70 -2.83
CA PRO J 201 -38.70 -0.48 -3.69
C PRO J 201 -39.89 -0.85 -4.59
N SER J 202 -40.93 -0.01 -4.65
CA SER J 202 -42.13 -0.35 -5.43
C SER J 202 -41.83 -0.69 -6.89
N TYR J 203 -41.49 0.34 -7.67
CA TYR J 203 -41.24 0.19 -9.11
C TYR J 203 -40.31 -0.97 -9.40
N TYR J 204 -39.28 -1.12 -8.59
CA TYR J 204 -38.22 -2.07 -8.87
C TYR J 204 -38.74 -3.49 -8.58
N LEU J 205 -39.73 -3.61 -7.70
CA LEU J 205 -40.40 -4.89 -7.47
C LEU J 205 -41.40 -5.27 -8.56
N TRP J 206 -42.40 -4.42 -8.78
CA TRP J 206 -43.48 -4.75 -9.70
C TRP J 206 -43.11 -4.79 -11.18
N SER J 207 -42.10 -4.03 -11.57
CA SER J 207 -41.81 -3.87 -13.00
C SER J 207 -40.57 -4.65 -13.40
N PHE J 208 -39.76 -5.07 -12.42
CA PHE J 208 -38.57 -5.85 -12.70
C PHE J 208 -38.56 -7.22 -12.01
N ILE J 209 -38.61 -7.23 -10.67
CA ILE J 209 -38.52 -8.48 -9.92
C ILE J 209 -39.63 -9.48 -10.30
N LEU J 210 -40.88 -9.03 -10.29
CA LEU J 210 -42.01 -9.93 -10.53
C LEU J 210 -41.94 -10.61 -11.90
N PRO J 211 -41.95 -9.82 -12.99
CA PRO J 211 -41.85 -10.45 -14.31
C PRO J 211 -40.67 -11.40 -14.47
N LEU J 212 -39.55 -11.15 -13.80
CA LEU J 212 -38.40 -12.02 -13.92
C LEU J 212 -38.75 -13.36 -13.28
N GLY J 213 -39.59 -13.32 -12.26
CA GLY J 213 -40.14 -14.53 -11.67
C GLY J 213 -40.92 -15.29 -12.72
N LEU J 214 -41.94 -14.63 -13.26
CA LEU J 214 -42.77 -15.20 -14.32
C LEU J 214 -41.96 -15.79 -15.47
N ILE J 215 -40.97 -15.05 -15.96
CA ILE J 215 -40.15 -15.51 -17.08
C ILE J 215 -39.36 -16.75 -16.67
N ILE J 216 -38.86 -16.73 -15.45
CA ILE J 216 -38.09 -17.86 -14.94
C ILE J 216 -39.02 -19.06 -14.76
N ALA J 217 -40.20 -18.81 -14.18
CA ALA J 217 -41.23 -19.83 -14.04
C ALA J 217 -41.56 -20.45 -15.39
N ALA J 218 -42.17 -19.65 -16.27
CA ALA J 218 -42.56 -20.08 -17.61
C ALA J 218 -41.43 -20.74 -18.39
N SER J 219 -40.18 -20.49 -18.00
CA SER J 219 -39.06 -21.14 -18.65
C SER J 219 -39.10 -22.64 -18.32
N TRP J 220 -39.61 -22.96 -17.14
CA TRP J 220 -39.64 -24.35 -16.68
C TRP J 220 -40.70 -25.20 -17.37
N SER J 221 -41.79 -24.57 -17.79
CA SER J 221 -42.88 -25.31 -18.44
C SER J 221 -42.47 -25.89 -19.79
N VAL J 222 -41.18 -25.79 -20.10
CA VAL J 222 -40.63 -26.40 -21.30
C VAL J 222 -40.72 -27.93 -21.22
N PHE J 223 -40.57 -28.49 -20.01
CA PHE J 223 -40.56 -29.94 -19.84
C PHE J 223 -41.91 -30.59 -20.09
N TRP J 224 -43.00 -29.84 -19.93
CA TRP J 224 -44.32 -30.41 -20.15
C TRP J 224 -44.57 -30.51 -21.65
N LEU J 225 -43.54 -30.19 -22.44
CA LEU J 225 -43.60 -30.43 -23.87
C LEU J 225 -43.27 -31.89 -24.10
N GLU J 226 -43.93 -32.49 -25.09
CA GLU J 226 -43.86 -33.93 -25.28
C GLU J 226 -42.64 -34.36 -26.09
N SER J 227 -42.40 -33.70 -27.22
CA SER J 227 -41.26 -34.06 -28.05
C SER J 227 -39.96 -33.66 -27.39
N PHE J 228 -38.87 -34.18 -27.96
CA PHE J 228 -37.53 -33.77 -27.56
C PHE J 228 -37.12 -32.52 -28.31
N SER J 229 -37.37 -32.52 -29.62
CA SER J 229 -37.20 -31.33 -30.45
C SER J 229 -37.90 -30.12 -29.87
N GLU J 230 -39.16 -30.30 -29.45
CA GLU J 230 -39.94 -29.23 -28.86
C GLU J 230 -39.27 -28.66 -27.62
N ARG J 231 -38.79 -29.53 -26.74
CA ARG J 231 -38.25 -29.10 -25.46
C ARG J 231 -36.92 -28.37 -25.66
N LEU J 232 -36.10 -28.89 -26.56
CA LEU J 232 -34.75 -28.34 -26.76
C LEU J 232 -34.72 -27.08 -27.61
N GLN J 233 -35.52 -27.05 -28.67
CA GLN J 233 -35.52 -25.89 -29.56
C GLN J 233 -36.15 -24.71 -28.83
N THR J 234 -37.13 -25.02 -27.98
CA THR J 234 -37.83 -24.00 -27.20
C THR J 234 -36.90 -23.35 -26.16
N SER J 235 -35.95 -24.11 -25.66
CA SER J 235 -35.07 -23.60 -24.62
C SER J 235 -34.23 -22.44 -25.14
N PHE J 236 -33.88 -22.48 -26.42
CA PHE J 236 -33.12 -21.40 -27.05
C PHE J 236 -33.95 -20.12 -27.11
N THR J 237 -35.27 -20.28 -27.23
CA THR J 237 -36.19 -19.16 -27.20
C THR J 237 -36.22 -18.57 -25.80
N LEU J 238 -36.19 -19.44 -24.80
CA LEU J 238 -36.14 -19.00 -23.41
C LEU J 238 -34.84 -18.25 -23.15
N MET J 239 -33.74 -18.81 -23.66
CA MET J 239 -32.43 -18.20 -23.55
C MET J 239 -32.47 -16.75 -24.03
N LEU J 240 -32.83 -16.58 -25.29
CA LEU J 240 -33.01 -15.26 -25.88
C LEU J 240 -33.90 -14.37 -25.03
N THR J 241 -34.93 -14.96 -24.43
CA THR J 241 -35.87 -14.21 -23.60
C THR J 241 -35.12 -13.60 -22.43
N VAL J 242 -34.24 -14.39 -21.83
CA VAL J 242 -33.44 -13.92 -20.70
C VAL J 242 -32.39 -12.88 -21.12
N VAL J 243 -31.78 -13.04 -22.30
CA VAL J 243 -30.82 -12.07 -22.78
C VAL J 243 -31.54 -10.74 -22.91
N ALA J 244 -32.71 -10.79 -23.52
CA ALA J 244 -33.55 -9.62 -23.70
C ALA J 244 -33.86 -8.97 -22.36
N TYR J 245 -34.02 -9.78 -21.31
CA TYR J 245 -34.36 -9.24 -20.01
C TYR J 245 -33.16 -8.56 -19.36
N ALA J 246 -31.98 -9.12 -19.55
CA ALA J 246 -30.77 -8.54 -18.98
C ALA J 246 -30.53 -7.16 -19.57
N PHE J 247 -30.89 -7.03 -20.84
CA PHE J 247 -30.66 -5.83 -21.61
C PHE J 247 -31.64 -4.76 -21.09
N TYR J 248 -32.90 -5.17 -20.93
CA TYR J 248 -33.95 -4.34 -20.34
C TYR J 248 -33.53 -3.79 -18.98
N THR J 249 -33.16 -4.68 -18.07
CA THR J 249 -32.76 -4.30 -16.71
C THR J 249 -31.53 -3.40 -16.69
N SER J 250 -30.49 -3.81 -17.40
CA SER J 250 -29.20 -3.13 -17.34
C SER J 250 -29.23 -1.70 -17.86
N ASN J 251 -30.02 -1.45 -18.89
CA ASN J 251 -30.08 -0.11 -19.47
C ASN J 251 -30.89 0.84 -18.59
N ILE J 252 -31.75 0.26 -17.75
CA ILE J 252 -32.69 1.03 -16.95
C ILE J 252 -32.39 1.00 -15.44
N LEU J 253 -31.77 -0.05 -14.95
CA LEU J 253 -31.32 -0.06 -13.55
C LEU J 253 -29.99 0.67 -13.42
N PRO J 254 -29.69 1.18 -12.22
CA PRO J 254 -28.47 1.95 -12.04
C PRO J 254 -27.22 1.12 -12.27
N ARG J 255 -26.26 1.68 -13.00
CA ARG J 255 -25.02 0.99 -13.28
C ARG J 255 -24.16 0.95 -12.04
N LEU J 256 -23.48 -0.18 -11.83
CA LEU J 256 -22.68 -0.41 -10.65
C LEU J 256 -21.44 -1.19 -11.00
N PRO J 257 -20.50 -1.29 -10.05
CA PRO J 257 -19.29 -2.08 -10.25
C PRO J 257 -19.36 -3.44 -9.57
N TYR J 258 -20.57 -3.86 -9.19
CA TYR J 258 -20.75 -5.17 -8.56
C TYR J 258 -22.17 -5.68 -8.76
N THR J 259 -22.39 -6.97 -8.50
CA THR J 259 -23.68 -7.61 -8.76
C THR J 259 -24.69 -7.30 -7.66
N THR J 260 -25.92 -7.03 -8.06
CA THR J 260 -27.03 -6.86 -7.14
C THR J 260 -27.81 -8.15 -6.99
N VAL J 261 -28.85 -8.12 -6.17
CA VAL J 261 -29.84 -9.21 -6.11
C VAL J 261 -30.30 -9.54 -7.52
N ILE J 262 -30.88 -8.53 -8.17
CA ILE J 262 -31.41 -8.66 -9.52
C ILE J 262 -30.41 -9.22 -10.53
N ASP J 263 -29.15 -8.80 -10.46
CA ASP J 263 -28.13 -9.31 -11.36
C ASP J 263 -27.98 -10.82 -11.14
N GLN J 264 -28.15 -11.23 -9.89
CA GLN J 264 -28.03 -12.64 -9.52
C GLN J 264 -29.21 -13.44 -10.06
N MET J 265 -30.43 -12.96 -9.85
CA MET J 265 -31.62 -13.56 -10.46
C MET J 265 -31.43 -13.82 -11.95
N ILE J 266 -30.79 -12.88 -12.62
CA ILE J 266 -30.61 -12.98 -14.06
C ILE J 266 -29.61 -14.08 -14.40
N ILE J 267 -28.53 -14.15 -13.63
CA ILE J 267 -27.55 -15.22 -13.79
C ILE J 267 -28.21 -16.56 -13.47
N ALA J 268 -29.14 -16.54 -12.51
CA ALA J 268 -29.88 -17.74 -12.15
C ALA J 268 -30.66 -18.27 -13.36
N GLY J 269 -31.41 -17.39 -14.01
CA GLY J 269 -32.14 -17.73 -15.22
C GLY J 269 -31.26 -18.35 -16.30
N TYR J 270 -30.06 -17.82 -16.46
CA TYR J 270 -29.13 -18.34 -17.45
C TYR J 270 -28.78 -19.79 -17.11
N GLY J 271 -28.72 -20.07 -15.81
CA GLY J 271 -28.36 -21.40 -15.34
C GLY J 271 -29.53 -22.36 -15.40
N SER J 272 -30.68 -21.94 -14.86
CA SER J 272 -31.91 -22.73 -14.93
C SER J 272 -32.19 -23.20 -16.36
N ILE J 273 -31.78 -22.38 -17.32
CA ILE J 273 -31.98 -22.68 -18.73
C ILE J 273 -30.84 -23.52 -19.31
N PHE J 274 -29.61 -23.26 -18.87
CA PHE J 274 -28.49 -24.07 -19.33
C PHE J 274 -28.53 -25.46 -18.72
N ALA J 275 -29.03 -25.56 -17.49
CA ALA J 275 -29.21 -26.85 -16.85
C ALA J 275 -30.23 -27.67 -17.62
N ALA J 276 -31.43 -27.11 -17.77
CA ALA J 276 -32.52 -27.75 -18.49
C ALA J 276 -32.08 -28.28 -19.86
N ILE J 277 -31.23 -27.53 -20.57
CA ILE J 277 -30.73 -28.00 -21.87
C ILE J 277 -29.88 -29.24 -21.69
N LEU J 278 -29.12 -29.29 -20.61
CA LEU J 278 -28.27 -30.44 -20.32
C LEU J 278 -29.11 -31.65 -19.91
N LEU J 279 -30.28 -31.40 -19.32
CA LEU J 279 -31.21 -32.47 -18.97
C LEU J 279 -32.01 -32.95 -20.18
N ILE J 280 -32.78 -32.03 -20.79
CA ILE J 280 -33.56 -32.33 -22.00
C ILE J 280 -32.81 -33.16 -23.01
N ILE J 281 -31.50 -32.94 -23.05
CA ILE J 281 -30.63 -33.57 -24.03
C ILE J 281 -30.11 -34.89 -23.47
N PHE J 282 -30.18 -35.01 -22.15
CA PHE J 282 -29.76 -36.21 -21.45
C PHE J 282 -30.83 -37.31 -21.60
N ALA J 283 -32.08 -36.97 -21.26
CA ALA J 283 -33.24 -37.85 -21.51
C ALA J 283 -33.14 -38.60 -22.80
N HIS J 284 -32.87 -37.85 -23.85
CA HIS J 284 -32.90 -38.37 -25.19
C HIS J 284 -31.72 -39.27 -25.54
N HIS J 285 -30.80 -39.51 -24.60
CA HIS J 285 -29.67 -40.37 -24.88
C HIS J 285 -29.21 -41.21 -23.68
N ARG J 286 -29.93 -41.11 -22.57
CA ARG J 286 -29.53 -41.79 -21.34
C ARG J 286 -29.55 -43.30 -21.42
N GLN J 287 -30.73 -43.88 -21.67
CA GLN J 287 -30.89 -45.33 -21.61
C GLN J 287 -30.35 -46.02 -22.86
N ALA J 288 -30.20 -47.34 -22.79
CA ALA J 288 -29.70 -48.10 -23.94
C ALA J 288 -30.75 -48.19 -25.04
N ASN J 289 -30.25 -48.36 -26.26
CA ASN J 289 -31.10 -48.30 -27.45
C ASN J 289 -31.75 -46.92 -27.54
N GLY J 290 -30.97 -45.88 -27.27
CA GLY J 290 -31.42 -44.48 -27.28
C GLY J 290 -32.93 -44.27 -27.18
N VAL J 291 -33.55 -45.02 -26.27
CA VAL J 291 -35.01 -45.05 -26.12
C VAL J 291 -35.60 -43.75 -25.57
N GLU J 292 -36.76 -43.35 -26.09
CA GLU J 292 -37.45 -42.20 -25.53
C GLU J 292 -37.68 -42.42 -24.05
N ASP J 293 -37.54 -41.34 -23.31
CA ASP J 293 -37.56 -41.38 -21.87
C ASP J 293 -38.52 -40.37 -21.24
N ASP J 294 -39.80 -40.51 -21.57
CA ASP J 294 -40.89 -39.70 -21.03
C ASP J 294 -40.89 -39.86 -19.51
N LEU J 295 -40.16 -40.87 -19.06
CA LEU J 295 -40.03 -41.12 -17.66
C LEU J 295 -39.15 -39.99 -17.07
N LEU J 296 -38.04 -39.64 -17.74
CA LEU J 296 -37.07 -38.68 -17.16
C LEU J 296 -37.58 -37.26 -17.00
N ILE J 297 -38.38 -36.80 -17.93
CA ILE J 297 -38.90 -35.43 -17.91
C ILE J 297 -39.77 -35.10 -16.70
N GLN J 298 -40.78 -35.92 -16.43
CA GLN J 298 -41.60 -35.69 -15.24
C GLN J 298 -40.79 -35.91 -13.96
N ARG J 299 -39.64 -36.59 -14.03
CA ARG J 299 -38.76 -36.71 -12.86
C ARG J 299 -38.39 -35.28 -12.44
N CYS J 300 -38.18 -34.43 -13.45
CA CYS J 300 -37.76 -33.04 -13.26
C CYS J 300 -38.73 -31.94 -12.78
N ARG J 301 -40.00 -32.00 -13.18
CA ARG J 301 -40.93 -30.86 -13.08
C ARG J 301 -40.94 -29.97 -11.81
N LEU J 302 -40.73 -30.50 -10.61
CA LEU J 302 -40.58 -29.64 -9.42
C LEU J 302 -39.20 -29.79 -8.82
N ALA J 303 -38.28 -30.25 -9.65
CA ALA J 303 -36.87 -30.08 -9.31
C ALA J 303 -36.68 -28.57 -9.29
N PHE J 304 -37.21 -27.89 -10.31
CA PHE J 304 -37.06 -26.44 -10.39
C PHE J 304 -37.87 -25.59 -9.37
N PRO J 305 -39.23 -25.60 -9.39
CA PRO J 305 -39.82 -24.76 -8.33
C PRO J 305 -39.40 -25.04 -6.88
N LEU J 306 -38.89 -26.22 -6.55
CA LEU J 306 -38.35 -26.45 -5.21
C LEU J 306 -36.83 -26.31 -5.21
N GLY J 307 -36.13 -27.10 -6.02
CA GLY J 307 -34.69 -27.04 -6.12
C GLY J 307 -34.16 -25.65 -6.44
N PHE J 308 -34.98 -24.86 -7.14
CA PHE J 308 -34.61 -23.48 -7.49
C PHE J 308 -35.03 -22.57 -6.33
N LEU J 309 -36.23 -22.79 -5.77
CA LEU J 309 -36.68 -22.07 -4.56
C LEU J 309 -35.84 -22.48 -3.35
N ALA J 310 -34.91 -23.40 -3.55
CA ALA J 310 -33.98 -23.81 -2.51
C ALA J 310 -32.78 -22.87 -2.57
N ILE J 311 -32.13 -22.80 -3.72
CA ILE J 311 -30.93 -21.98 -3.84
C ILE J 311 -31.27 -20.49 -3.67
N GLY J 312 -32.55 -20.15 -3.72
CA GLY J 312 -32.98 -18.78 -3.51
C GLY J 312 -33.51 -18.39 -2.14
N CYS J 313 -34.02 -19.34 -1.35
CA CYS J 313 -34.47 -18.99 -0.01
C CYS J 313 -33.26 -18.75 0.89
N VAL J 314 -32.09 -19.10 0.37
CA VAL J 314 -30.84 -19.00 1.13
C VAL J 314 -29.88 -17.90 0.65
N LEU J 315 -30.38 -16.84 0.04
CA LEU J 315 -29.56 -15.65 -0.15
C LEU J 315 -29.99 -14.82 1.05
N VAL J 316 -29.01 -14.52 1.91
CA VAL J 316 -29.28 -13.91 3.20
C VAL J 316 -28.18 -12.90 3.53
N ILE J 317 -27.85 -12.08 2.55
CA ILE J 317 -26.78 -11.11 2.66
C ILE J 317 -27.29 -9.79 3.25
OB1 BRJ K . 44.15 8.66 3.51
CB1 BRJ K . 43.18 9.57 3.03
CB BRJ K . 42.32 10.03 4.20
BR1 BRJ K . 41.36 8.66 5.12
OB1 BRJ L . 39.16 5.30 4.99
CB1 BRJ L . 40.35 5.55 5.70
CB BRJ L . 39.97 6.24 6.99
BR1 BRJ L . 38.82 5.02 7.88
OB1 BRJ M . 22.65 12.23 14.04
CB1 BRJ M . 23.98 12.39 13.61
CB BRJ M . 24.79 13.04 14.70
BR1 BRJ M . 24.77 11.96 16.28
OB1 BRJ N . 3.98 -17.55 50.68
CB1 BRJ N . 5.23 -18.13 50.98
CB BRJ N . 5.97 -18.44 49.69
BR1 BRJ N . 6.24 -16.84 48.70
CA 3CN O . 29.59 11.58 0.01
CB 3CN O . 30.20 12.52 1.06
CC 3CN O . 29.04 13.39 1.57
ND 3CN O . 29.40 14.09 2.88
O1 MES P . 8.46 12.59 30.04
C2 MES P . 8.55 11.92 28.78
C3 MES P . 7.27 11.13 28.50
N4 MES P . 7.03 10.23 29.62
C5 MES P . 6.93 10.91 30.91
C6 MES P . 8.21 11.69 31.12
C7 MES P . 5.93 9.31 29.36
C8 MES P . 6.21 8.01 30.12
S MES P . 4.85 7.48 30.93
O1S MES P . 3.62 7.91 30.24
O2S MES P . 4.86 8.01 32.31
O3S MES P . 4.87 5.99 31.00
OB1 BRJ Q . 27.65 -0.79 -10.15
CB1 BRJ Q . 26.59 -0.35 -10.97
CB BRJ Q . 25.48 0.23 -10.12
BR1 BRJ Q . 24.73 -1.02 -8.87
OB1 BRJ R . 26.18 -2.80 -5.73
CB1 BRJ R . 25.73 -1.66 -5.04
CB BRJ R . 24.61 -2.05 -4.10
BR1 BRJ R . 25.24 -3.34 -2.82
OB1 BRJ S . 10.04 -10.54 2.80
CB1 BRJ S . 8.85 -10.45 2.02
CB BRJ S . 9.09 -9.64 0.76
BR1 BRJ S . 9.66 -7.85 1.18
CA 3CN T . 18.77 -11.16 -10.95
CB 3CN T . 17.40 -10.52 -10.86
CC 3CN T . 16.39 -11.64 -11.07
ND 3CN T . 15.40 -11.67 -9.92
O1 MES U . -4.79 -15.96 14.90
C2 MES U . -3.76 -15.81 15.87
C3 MES U . -3.43 -17.13 16.53
N4 MES U . -4.66 -17.71 17.06
C5 MES U . -5.76 -17.85 16.10
C6 MES U . -6.00 -16.47 15.47
C7 MES U . -4.44 -18.95 17.83
C8 MES U . -5.37 -18.96 19.03
S MES U . -4.53 -18.86 20.45
O1S MES U . -5.42 -18.39 21.54
O2S MES U . -4.01 -20.20 20.81
O3S MES U . -3.39 -17.92 20.31
OB1 BRJ V . 31.24 -22.22 -10.48
CB1 BRJ V . 31.12 -23.40 -11.26
CB BRJ V . 29.79 -24.08 -11.04
BR1 BRJ V . 29.49 -24.61 -9.22
OB1 BRJ W . 30.57 -22.60 -5.55
CB1 BRJ W . 29.19 -22.37 -5.79
CB BRJ W . 28.36 -22.93 -4.66
BR1 BRJ W . 28.81 -22.11 -2.98
OB1 BRJ X . 22.96 -34.93 9.01
CB1 BRJ X . 23.78 -35.15 7.88
CB BRJ X . 22.95 -35.77 6.77
BR1 BRJ X . 21.52 -34.60 6.30
CA 3CN Y . 34.32 -33.79 -3.16
CB 3CN Y . 33.01 -34.56 -3.18
CC 3CN Y . 33.32 -35.99 -2.71
ND 3CN Y . 32.31 -36.44 -1.67
O1 MES Z . 13.46 -41.94 24.65
C2 MES Z . 14.75 -42.46 24.97
C3 MES Z . 14.89 -42.78 26.45
N4 MES Z . 14.53 -41.57 27.19
C5 MES Z . 13.15 -41.17 26.96
C6 MES Z . 13.08 -40.83 25.47
C7 MES Z . 14.97 -41.63 28.58
C8 MES Z . 14.92 -40.22 29.19
S MES Z . 13.73 -40.07 30.33
O1S MES Z . 12.66 -41.08 30.17
O2S MES Z . 14.30 -40.15 31.70
O3S MES Z . 13.12 -38.72 30.20
CL CL AA . 3.67 -7.53 -10.22
OB1 BRJ BA . 49.15 -28.63 1.50
CB1 BRJ BA . 50.24 -28.16 2.25
CB BRJ BA . 50.22 -28.74 3.65
BR1 BRJ BA . 48.62 -28.31 4.63
OB1 BRJ CA . 46.58 -26.08 5.45
CB1 BRJ CA . 45.36 -26.78 5.47
CB BRJ CA . 44.86 -26.89 6.89
BR1 BRJ CA . 44.60 -25.14 7.62
OB1 BRJ DA . 46.10 -29.21 23.86
CB1 BRJ DA . 46.79 -30.40 24.20
CB BRJ DA . 45.80 -31.46 24.65
BR1 BRJ DA . 44.55 -31.87 23.25
CA 3CN EA . 55.88 -26.16 13.26
CB 3CN EA . 56.03 -26.42 14.75
CC 3CN EA . 56.44 -25.09 15.40
ND 3CN EA . 55.79 -24.94 16.76
O1 MES FA . 38.46 -32.36 44.87
C2 MES FA . 39.17 -31.13 44.72
C3 MES FA . 38.56 -30.04 45.59
N4 MES FA . 37.12 -29.94 45.37
C5 MES FA . 36.41 -31.22 45.45
C6 MES FA . 37.09 -32.21 44.52
C7 MES FA . 36.58 -28.82 46.14
C8 MES FA . 35.12 -29.03 46.54
S MES FA . 34.56 -27.66 47.30
O1S MES FA . 33.30 -27.95 48.03
O2S MES FA . 35.58 -27.17 48.26
O3S MES FA . 34.30 -26.61 46.29
CA 3CN GA . 53.67 4.26 16.14
CB 3CN GA . 53.60 3.93 17.62
CC 3CN GA . 52.82 5.03 18.31
ND 3CN GA . 52.88 4.87 19.82
OB1 BRJ HA . 57.68 -8.34 10.60
CB1 BRJ HA . 57.97 -7.01 10.93
CB BRJ HA . 57.77 -6.77 12.42
BR1 BRJ HA . 55.98 -7.12 13.03
OB1 BRJ IA . 51.92 -7.24 11.68
CB1 BRJ IA . 52.39 -8.46 12.22
CB BRJ IA . 52.32 -8.39 13.73
BR1 BRJ IA . 50.50 -8.11 14.28
OB1 BRJ JA . 44.63 -1.10 29.14
CB1 BRJ JA . 45.43 -0.08 29.69
CB BRJ JA . 46.82 -0.11 29.07
BR1 BRJ JA . 47.67 -1.80 29.40
O1 MES KA . 35.55 2.55 47.14
C2 MES KA . 34.87 3.35 46.19
C3 MES KA . 33.49 3.78 46.66
N4 MES KA . 32.77 2.58 47.07
C5 MES KA . 33.47 1.75 48.06
C6 MES KA . 34.80 1.37 47.46
C7 MES KA . 31.39 2.86 47.43
C8 MES KA . 30.54 1.72 46.90
S MES KA . 29.02 1.81 47.59
O1S MES KA . 28.17 0.71 47.08
O2S MES KA . 29.14 1.68 49.06
O3S MES KA . 28.39 3.11 47.25
OB1 BRJ LA . -34.16 42.53 -5.66
CB1 BRJ LA . -34.54 43.47 -6.64
CB BRJ LA . -35.83 43.00 -7.29
BR1 BRJ LA . -35.59 41.29 -8.12
OB1 BRJ MA . -32.72 38.53 -9.69
CB1 BRJ MA . -33.21 37.64 -8.72
CB BRJ MA . -34.41 36.88 -9.28
BR1 BRJ MA . -33.86 35.88 -10.82
OB1 BRJ NA . -46.65 30.94 -23.12
CB1 BRJ NA . -45.47 30.41 -22.56
CB BRJ NA . -45.49 30.58 -21.05
BR1 BRJ NA . -47.01 29.66 -20.36
OB1 BRJ OA . -39.44 -18.27 -31.96
CB1 BRJ OA . -38.38 -18.54 -32.85
CB BRJ OA . -37.97 -17.25 -33.53
BR1 BRJ OA . -37.42 -15.99 -32.20
CA 3CN PA . -38.21 43.67 -19.74
CB 3CN PA . -39.56 43.20 -19.23
CC 3CN PA . -40.50 43.19 -20.44
ND 3CN PA . -41.66 42.22 -20.23
O1 MES QA . -55.08 14.47 -32.95
C2 MES QA . -54.41 15.09 -34.04
C3 MES QA . -54.59 14.28 -35.32
N4 MES QA . -54.14 12.91 -35.11
C5 MES QA . -54.80 12.26 -33.96
C6 MES QA . -54.62 13.14 -32.73
C7 MES QA . -54.15 12.21 -36.39
C8 MES QA . -53.97 10.69 -36.34
S MES QA . -52.38 10.20 -36.17
O1S MES QA . -52.10 9.87 -34.75
O2S MES QA . -52.17 8.98 -36.99
O3S MES QA . -51.44 11.25 -36.63
OB1 BRJ RA . -24.87 47.41 -26.94
CB1 BRJ RA . -23.78 47.32 -27.83
CB BRJ RA . -24.09 46.35 -28.94
BR1 BRJ RA . -24.47 44.57 -28.32
OB1 BRJ SA . -23.83 41.99 -27.04
CB1 BRJ SA . -25.20 41.65 -27.06
CB BRJ SA . -25.33 40.34 -27.78
BR1 BRJ SA . -24.29 39.10 -26.79
OB1 BRJ TA . -23.71 30.18 -43.65
CB1 BRJ TA . -23.44 30.16 -42.27
CB BRJ TA . -24.32 29.13 -41.59
BR1 BRJ TA . -26.14 29.63 -41.88
CA 3CN UA . -15.75 41.11 -36.90
CB 3CN UA . -17.19 40.81 -37.31
CC 3CN UA . -17.23 40.47 -38.81
ND 3CN UA . -16.03 39.62 -39.25
O1 MES VA . -29.22 11.58 -52.79
C2 MES VA . -27.97 11.63 -52.11
C3 MES VA . -27.12 10.41 -52.43
N4 MES VA . -27.92 9.24 -52.13
C5 MES VA . -29.15 9.15 -52.90
C6 MES VA . -29.96 10.39 -52.54
C7 MES VA . -27.18 7.98 -52.10
C8 MES VA . -27.60 7.25 -50.83
S MES VA . -27.43 5.60 -50.96
O1S MES VA . -28.68 5.00 -51.46
O2S MES VA . -27.10 5.03 -49.64
O3S MES VA . -26.32 5.29 -51.90
OB1 BRJ WA . -3.01 38.23 -26.11
CB1 BRJ WA . -1.87 37.82 -26.83
CB BRJ WA . -2.26 36.79 -27.86
BR1 BRJ WA . -3.07 35.19 -27.18
OB1 BRJ XA . -5.54 33.89 -25.85
CB1 BRJ XA . -6.43 33.81 -26.94
CB BRJ XA . -6.32 32.44 -27.56
BR1 BRJ XA . -6.79 31.14 -26.23
OB1 BRJ YA . 0.10 14.47 -30.16
CB1 BRJ YA . -1.12 14.97 -29.68
CB BRJ YA . -2.14 14.98 -30.79
BR1 BRJ YA . -1.54 16.11 -32.22
CA 3CN ZA . 5.70 23.30 -23.88
CB 3CN ZA . 5.83 24.76 -23.40
CC 3CN ZA . 4.69 25.57 -24.04
ND 3CN ZA . 4.39 26.82 -23.19
O1 MES AB . -4.18 -5.05 -35.65
C2 MES AB . -3.92 -5.47 -34.31
C3 MES AB . -4.42 -6.88 -34.05
N4 MES AB . -5.83 -6.94 -34.42
C5 MES AB . -6.09 -6.56 -35.80
C6 MES AB . -5.56 -5.14 -35.99
C7 MES AB . -6.45 -8.21 -34.02
C8 MES AB . -7.93 -7.94 -33.74
S MES AB . -8.68 -9.32 -33.20
O1S MES AB . -9.48 -9.00 -31.99
O2S MES AB . -9.59 -9.86 -34.24
O3S MES AB . -7.67 -10.34 -32.85
OB1 BRJ BB . 0.97 28.41 -6.48
CB1 BRJ BB . 0.55 28.07 -5.18
CB BRJ BB . 0.86 26.61 -4.89
BR1 BRJ BB . -0.02 25.41 -6.10
OB1 BRJ CB . -4.39 25.86 -7.16
CB1 BRJ CB . -3.54 25.52 -8.22
CB BRJ CB . -3.48 24.02 -8.37
BR1 BRJ CB . -5.24 23.34 -8.72
OB1 BRJ DB . -7.40 7.69 -2.21
CB1 BRJ DB . -7.95 7.30 -3.45
CB BRJ DB . -6.94 6.49 -4.23
BR1 BRJ DB . -5.39 7.56 -4.54
CA 3CN EB . -4.27 20.30 3.77
CB 3CN EB . -4.52 19.71 5.15
CC 3CN EB . -5.91 19.07 5.14
ND 3CN EB . -5.90 17.79 4.31
O1 MES FB . -15.75 -13.83 -4.18
C2 MES FB . -15.91 -12.53 -4.76
C3 MES FB . -17.38 -12.16 -4.90
N4 MES FB . -18.08 -13.23 -5.61
C5 MES FB . -17.90 -14.56 -5.05
C6 MES FB . -16.41 -14.83 -4.95
C7 MES FB . -19.48 -12.90 -5.87
C8 MES FB . -19.85 -13.48 -7.23
S MES FB . -21.44 -13.93 -7.24
O1S MES FB . -22.27 -12.84 -6.66
O2S MES FB . -21.61 -15.16 -6.43
O3S MES FB . -21.89 -14.20 -8.63
CA 3CN GB . -33.74 32.43 6.08
CB 3CN GB . -32.87 31.18 6.25
CC 3CN GB . -33.55 30.26 7.26
ND 3CN GB . -34.31 29.13 6.54
OB1 BRJ HB . -18.27 31.35 5.51
CB1 BRJ HB . -18.71 31.99 6.69
CB BRJ HB . -19.11 30.97 7.72
BR1 BRJ HB . -20.53 29.92 6.98
OB1 BRJ IB . -20.71 29.29 2.87
CB1 BRJ IB . -19.92 28.14 3.10
CB BRJ IB . -20.77 26.90 2.93
BR1 BRJ IB . -21.49 26.82 1.16
OB1 BRJ JB . -37.37 17.75 3.70
CB1 BRJ JB . -36.66 17.97 2.51
CB BRJ JB . -36.09 16.64 2.09
BR1 BRJ JB . -34.99 16.14 3.56
O1 MES KB . -48.83 -0.07 -2.87
C2 MES KB . -49.66 1.02 -3.26
C3 MES KB . -50.58 0.61 -4.41
N4 MES KB . -49.77 0.08 -5.51
C5 MES KB . -48.90 -1.02 -5.11
C6 MES KB . -48.03 -0.55 -3.94
C7 MES KB . -50.58 -0.14 -6.71
C8 MES KB . -49.64 -0.34 -7.89
S MES KB . -49.39 -1.95 -8.27
O1S MES KB . -50.06 -2.26 -9.55
O2S MES KB . -49.89 -2.85 -7.21
O3S MES KB . -47.94 -2.15 -8.44
CL CL LB . -18.02 35.19 -4.02
#